data_2IN2
#
_entry.id   2IN2
#
_entity_poly.entity_id   1
_entity_poly.type   'polypeptide(L)'
_entity_poly.pdbx_seq_one_letter_code
;GPNTEFALSLLRKNIMTITTSKGEFTGLGIHDRVCVIPTHAQPGDDVLVNGQKIRVKDKYKLVDPENINLELTVLTLDRN
EKFRDIRGFISEDLEGVDATLVVHSNNFTNTILEVGPVTMAGLINLSSTPTNRMIRYDYATKTGQCGGVLCATGKIFGIH
VGGNGRQGFSAQLKKQYFVEKQ
;
_entity_poly.pdbx_strand_id   A
#
# COMPACT_ATOMS: atom_id res chain seq x y z
N GLY A 1 -0.29 6.76 -19.35
CA GLY A 1 -1.51 6.99 -20.13
C GLY A 1 -2.72 7.09 -19.21
N PRO A 2 -3.74 6.21 -19.36
CA PRO A 2 -4.95 6.25 -18.53
C PRO A 2 -4.65 5.88 -17.08
N ASN A 3 -3.57 5.15 -16.91
CA ASN A 3 -3.09 4.72 -15.61
C ASN A 3 -2.61 5.93 -14.80
N THR A 4 -1.97 6.84 -15.48
CA THR A 4 -1.43 8.03 -14.89
C THR A 4 -2.57 8.97 -14.43
N GLU A 5 -3.58 9.13 -15.28
CA GLU A 5 -4.71 9.98 -14.98
C GLU A 5 -5.54 9.38 -13.84
N PHE A 6 -5.65 8.05 -13.84
CA PHE A 6 -6.34 7.35 -12.76
C PHE A 6 -5.62 7.59 -11.44
N ALA A 7 -4.31 7.52 -11.48
CA ALA A 7 -3.48 7.71 -10.31
C ALA A 7 -3.70 9.09 -9.70
N LEU A 8 -3.86 10.10 -10.54
CA LEU A 8 -4.11 11.46 -10.08
C LEU A 8 -5.52 11.57 -9.48
N SER A 9 -6.44 10.81 -10.02
CA SER A 9 -7.79 10.82 -9.56
C SER A 9 -7.93 10.04 -8.23
N LEU A 10 -7.18 8.95 -8.12
CA LEU A 10 -7.12 8.15 -6.90
C LEU A 10 -6.41 8.96 -5.81
N LEU A 11 -5.43 9.76 -6.24
CA LEU A 11 -4.65 10.63 -5.34
C LEU A 11 -5.54 11.52 -4.50
N ARG A 12 -6.38 12.28 -5.18
CA ARG A 12 -7.25 13.25 -4.53
C ARG A 12 -8.37 12.53 -3.78
N LYS A 13 -8.58 11.29 -4.14
CA LYS A 13 -9.69 10.56 -3.63
C LYS A 13 -9.34 9.81 -2.34
N ASN A 14 -8.40 8.90 -2.41
CA ASN A 14 -8.12 8.02 -1.28
C ASN A 14 -6.68 8.06 -0.82
N ILE A 15 -5.90 8.95 -1.33
CA ILE A 15 -4.51 8.99 -0.95
C ILE A 15 -4.21 10.21 -0.11
N MET A 16 -3.48 10.01 0.97
CA MET A 16 -3.03 11.11 1.79
C MET A 16 -1.66 10.78 2.38
N THR A 17 -1.01 11.77 2.94
CA THR A 17 0.30 11.60 3.49
C THR A 17 0.21 11.25 4.99
N ILE A 18 0.84 10.17 5.39
CA ILE A 18 0.82 9.74 6.77
C ILE A 18 2.23 9.84 7.37
N THR A 19 2.36 10.58 8.45
CA THR A 19 3.62 10.76 9.11
C THR A 19 3.86 9.60 10.10
N THR A 20 4.63 8.64 9.68
CA THR A 20 4.96 7.51 10.51
C THR A 20 6.35 7.73 11.11
N SER A 21 6.91 6.71 11.75
CA SER A 21 8.21 6.83 12.36
C SER A 21 9.31 6.89 11.28
N LYS A 22 9.09 6.18 10.17
CA LYS A 22 10.05 6.18 9.09
C LYS A 22 9.99 7.48 8.29
N GLY A 23 8.85 8.11 8.30
CA GLY A 23 8.69 9.35 7.60
C GLY A 23 7.27 9.53 7.12
N GLU A 24 7.05 10.54 6.32
CA GLU A 24 5.74 10.83 5.79
C GLU A 24 5.54 10.13 4.47
N PHE A 25 4.77 9.05 4.49
CA PHE A 25 4.58 8.20 3.34
C PHE A 25 3.15 8.24 2.83
N THR A 26 2.85 7.34 1.92
CA THR A 26 1.58 7.28 1.28
C THR A 26 0.63 6.34 2.03
N GLY A 27 -0.54 6.84 2.32
CA GLY A 27 -1.55 6.03 2.90
C GLY A 27 -2.68 5.89 1.93
N LEU A 28 -3.08 4.67 1.66
CA LEU A 28 -4.17 4.42 0.74
C LEU A 28 -5.42 4.08 1.51
N GLY A 29 -6.45 4.84 1.28
CA GLY A 29 -7.73 4.53 1.85
C GLY A 29 -8.39 3.45 1.04
N ILE A 30 -8.98 2.50 1.69
CA ILE A 30 -9.64 1.40 1.00
C ILE A 30 -11.13 1.68 0.90
N HIS A 31 -11.74 1.91 2.05
CA HIS A 31 -13.16 2.22 2.13
C HIS A 31 -13.45 2.79 3.48
N ASP A 32 -14.45 3.65 3.56
CA ASP A 32 -14.94 4.22 4.83
C ASP A 32 -13.83 4.99 5.58
N ARG A 33 -13.22 4.35 6.55
CA ARG A 33 -12.12 4.93 7.28
C ARG A 33 -10.96 3.95 7.30
N VAL A 34 -11.10 2.90 6.53
CA VAL A 34 -10.12 1.85 6.47
C VAL A 34 -9.00 2.25 5.52
N CYS A 35 -7.83 2.35 6.05
CA CYS A 35 -6.66 2.71 5.30
C CYS A 35 -5.62 1.59 5.48
N VAL A 36 -4.56 1.65 4.71
CA VAL A 36 -3.53 0.65 4.75
C VAL A 36 -2.14 1.32 4.66
N ILE A 37 -1.18 0.79 5.43
CA ILE A 37 0.18 1.34 5.53
C ILE A 37 1.15 0.14 5.86
N PRO A 38 2.45 0.18 5.44
CA PRO A 38 3.44 -0.86 5.83
C PRO A 38 3.74 -0.87 7.36
N THR A 39 4.25 -1.99 7.85
CA THR A 39 4.47 -2.20 9.28
C THR A 39 5.77 -1.55 9.81
N HIS A 40 6.90 -1.78 9.12
CA HIS A 40 8.23 -1.25 9.57
C HIS A 40 8.31 0.27 9.51
N ALA A 41 7.29 0.88 8.92
CA ALA A 41 7.18 2.33 8.87
C ALA A 41 6.84 2.84 10.27
N GLN A 42 6.27 1.93 11.06
CA GLN A 42 5.86 2.15 12.44
C GLN A 42 4.86 3.29 12.59
N PRO A 43 3.59 2.98 12.39
CA PRO A 43 2.51 3.91 12.62
C PRO A 43 2.04 3.81 14.08
N GLY A 44 1.83 4.92 14.72
CA GLY A 44 1.40 4.91 16.10
C GLY A 44 -0.09 4.71 16.26
N ASP A 45 -0.54 4.75 17.51
CA ASP A 45 -1.97 4.61 17.85
C ASP A 45 -2.67 5.90 17.48
N ASP A 46 -1.89 6.93 17.49
CA ASP A 46 -2.26 8.23 17.02
C ASP A 46 -1.17 8.63 16.08
N VAL A 47 -1.53 9.20 14.99
CA VAL A 47 -0.59 9.47 13.94
C VAL A 47 -0.91 10.83 13.31
N LEU A 48 -0.01 11.36 12.52
CA LEU A 48 -0.26 12.61 11.88
C LEU A 48 -0.67 12.37 10.44
N VAL A 49 -1.90 12.71 10.13
CA VAL A 49 -2.37 12.62 8.78
C VAL A 49 -2.27 14.00 8.17
N ASN A 50 -1.35 14.15 7.24
CA ASN A 50 -1.03 15.45 6.62
C ASN A 50 -0.53 16.45 7.67
N GLY A 51 0.00 15.93 8.76
CA GLY A 51 0.52 16.75 9.82
C GLY A 51 -0.47 16.94 10.95
N GLN A 52 -1.71 16.58 10.69
CA GLN A 52 -2.80 16.72 11.65
C GLN A 52 -2.83 15.51 12.58
N LYS A 53 -2.85 15.74 13.89
CA LYS A 53 -2.96 14.64 14.84
C LYS A 53 -4.29 13.95 14.68
N ILE A 54 -4.26 12.67 14.54
CA ILE A 54 -5.45 11.92 14.41
C ILE A 54 -5.25 10.58 15.12
N ARG A 55 -6.31 10.02 15.62
CA ARG A 55 -6.22 8.79 16.37
C ARG A 55 -6.73 7.63 15.53
N VAL A 56 -6.16 6.48 15.73
CA VAL A 56 -6.55 5.29 15.02
C VAL A 56 -7.57 4.52 15.85
N LYS A 57 -8.67 4.16 15.23
CA LYS A 57 -9.77 3.48 15.88
C LYS A 57 -9.42 2.00 16.00
N ASP A 58 -9.07 1.41 14.88
CA ASP A 58 -8.78 0.00 14.80
C ASP A 58 -7.51 -0.20 14.04
N LYS A 59 -6.67 -1.02 14.58
CA LYS A 59 -5.35 -1.23 14.05
C LYS A 59 -5.11 -2.73 13.87
N TYR A 60 -5.04 -3.14 12.64
CA TYR A 60 -4.84 -4.53 12.32
C TYR A 60 -3.48 -4.74 11.73
N LYS A 61 -2.54 -5.18 12.55
CA LYS A 61 -1.23 -5.52 12.07
C LYS A 61 -1.35 -6.84 11.36
N LEU A 62 -1.35 -6.77 10.06
CA LEU A 62 -1.72 -7.87 9.23
C LEU A 62 -0.52 -8.63 8.72
N VAL A 63 -0.33 -9.76 9.31
CA VAL A 63 0.70 -10.69 8.92
C VAL A 63 0.05 -12.05 8.89
N ASP A 64 0.81 -13.06 8.56
CA ASP A 64 0.28 -14.41 8.57
C ASP A 64 0.29 -14.86 10.03
N PRO A 65 -0.78 -15.53 10.51
CA PRO A 65 -0.90 -16.03 11.89
C PRO A 65 0.39 -16.67 12.44
N GLU A 66 1.12 -17.33 11.57
CA GLU A 66 2.34 -18.05 11.95
C GLU A 66 3.58 -17.14 11.99
N ASN A 67 3.35 -15.83 12.15
CA ASN A 67 4.42 -14.80 12.29
C ASN A 67 5.16 -14.56 10.99
N ILE A 68 4.58 -14.96 9.90
CA ILE A 68 5.16 -14.72 8.61
C ILE A 68 4.74 -13.31 8.16
N ASN A 69 5.68 -12.54 7.70
CA ASN A 69 5.42 -11.12 7.45
C ASN A 69 4.71 -10.85 6.16
N LEU A 70 3.61 -10.15 6.26
CA LEU A 70 2.95 -9.60 5.09
C LEU A 70 3.37 -8.14 4.98
N GLU A 71 3.94 -7.62 6.11
CA GLU A 71 4.51 -6.27 6.20
C GLU A 71 3.41 -5.22 5.93
N LEU A 72 2.20 -5.58 6.28
CA LEU A 72 1.07 -4.78 5.97
C LEU A 72 0.30 -4.46 7.25
N THR A 73 -0.24 -3.30 7.33
CA THR A 73 -1.04 -2.91 8.44
C THR A 73 -2.27 -2.15 7.96
N VAL A 74 -3.42 -2.66 8.32
CA VAL A 74 -4.69 -2.07 7.96
C VAL A 74 -5.19 -1.30 9.16
N LEU A 75 -5.60 -0.09 8.98
CA LEU A 75 -6.02 0.70 10.10
C LEU A 75 -7.24 1.52 9.78
N THR A 76 -8.11 1.61 10.72
CA THR A 76 -9.28 2.41 10.59
C THR A 76 -8.99 3.73 11.29
N LEU A 77 -8.82 4.76 10.51
CA LEU A 77 -8.45 6.07 11.00
C LEU A 77 -9.70 6.84 11.40
N ASP A 78 -9.65 7.62 12.45
CA ASP A 78 -10.86 8.33 12.87
C ASP A 78 -11.05 9.64 12.11
N ARG A 79 -11.57 9.54 10.92
CA ARG A 79 -11.84 10.71 10.11
C ARG A 79 -13.34 10.76 9.80
N ASN A 80 -13.87 11.96 9.77
CA ASN A 80 -15.28 12.22 9.48
C ASN A 80 -15.69 11.78 8.07
N GLU A 81 -15.06 12.33 7.05
CA GLU A 81 -15.35 11.92 5.69
C GLU A 81 -14.81 10.54 5.41
N LYS A 82 -15.49 9.85 4.54
CA LYS A 82 -15.19 8.49 4.22
C LYS A 82 -14.43 8.39 2.93
N PHE A 83 -13.60 7.39 2.84
CA PHE A 83 -12.89 7.09 1.64
C PHE A 83 -13.81 6.32 0.71
N ARG A 84 -13.66 6.55 -0.56
CA ARG A 84 -14.43 5.86 -1.57
C ARG A 84 -13.96 4.41 -1.62
N ASP A 85 -14.88 3.47 -1.55
CA ASP A 85 -14.54 2.04 -1.61
C ASP A 85 -13.88 1.69 -2.93
N ILE A 86 -12.58 1.65 -2.93
CA ILE A 86 -11.84 1.26 -4.10
C ILE A 86 -11.55 -0.24 -4.06
N ARG A 87 -12.37 -0.90 -3.26
CA ARG A 87 -12.26 -2.32 -3.01
C ARG A 87 -12.73 -3.13 -4.20
N GLY A 88 -13.74 -2.63 -4.89
CA GLY A 88 -14.19 -3.28 -6.11
C GLY A 88 -13.24 -2.97 -7.29
N PHE A 89 -12.29 -2.10 -7.01
CA PHE A 89 -11.27 -1.70 -7.97
C PHE A 89 -9.96 -2.39 -7.64
N ILE A 90 -10.01 -3.27 -6.67
CA ILE A 90 -8.86 -4.05 -6.31
C ILE A 90 -8.64 -5.12 -7.36
N SER A 91 -7.43 -5.26 -7.78
CA SER A 91 -7.10 -6.23 -8.73
C SER A 91 -6.28 -7.26 -8.07
N GLU A 92 -6.89 -8.36 -7.73
CA GLU A 92 -6.20 -9.46 -7.14
C GLU A 92 -5.64 -10.38 -8.24
N ASP A 93 -5.88 -9.95 -9.47
CA ASP A 93 -5.28 -10.50 -10.65
C ASP A 93 -4.07 -9.64 -10.87
N LEU A 94 -2.91 -10.20 -10.70
CA LEU A 94 -1.72 -9.40 -10.64
C LEU A 94 -0.77 -9.71 -11.78
N GLU A 95 -0.34 -10.95 -11.82
CA GLU A 95 0.75 -11.37 -12.66
C GLU A 95 0.44 -11.23 -14.14
N GLY A 96 1.29 -10.48 -14.82
CA GLY A 96 1.17 -10.29 -16.24
C GLY A 96 0.61 -8.92 -16.58
N VAL A 97 0.13 -8.23 -15.58
CA VAL A 97 -0.45 -6.93 -15.79
C VAL A 97 0.60 -5.85 -15.52
N ASP A 98 0.58 -4.80 -16.32
CA ASP A 98 1.47 -3.67 -16.14
C ASP A 98 0.97 -2.83 -15.01
N ALA A 99 1.83 -2.53 -14.07
CA ALA A 99 1.44 -1.76 -12.92
C ALA A 99 2.28 -0.52 -12.79
N THR A 100 1.70 0.47 -12.21
CA THR A 100 2.34 1.72 -12.00
C THR A 100 2.48 1.96 -10.49
N LEU A 101 3.63 2.41 -10.08
CA LEU A 101 3.91 2.67 -8.68
C LEU A 101 3.68 4.15 -8.45
N VAL A 102 2.66 4.46 -7.71
CA VAL A 102 2.30 5.82 -7.41
C VAL A 102 2.63 6.13 -5.95
N VAL A 103 3.67 6.86 -5.74
CA VAL A 103 4.08 7.19 -4.40
C VAL A 103 3.86 8.68 -4.11
N HIS A 104 3.22 8.96 -3.00
CA HIS A 104 2.95 10.31 -2.56
C HIS A 104 3.37 10.44 -1.11
N SER A 105 4.55 10.85 -0.94
CA SER A 105 5.14 11.05 0.33
C SER A 105 5.42 12.54 0.46
N ASN A 106 6.05 12.95 1.53
CA ASN A 106 6.43 14.35 1.68
C ASN A 106 7.54 14.67 0.69
N ASN A 107 8.41 13.72 0.49
CA ASN A 107 9.49 13.85 -0.48
C ASN A 107 8.94 13.63 -1.89
N PHE A 108 8.40 12.45 -2.11
CA PHE A 108 7.89 12.05 -3.41
C PHE A 108 6.47 12.54 -3.57
N THR A 109 6.31 13.74 -4.03
CA THR A 109 5.00 14.29 -4.20
C THR A 109 4.33 13.81 -5.48
N ASN A 110 3.64 12.67 -5.35
CA ASN A 110 2.91 12.02 -6.44
C ASN A 110 3.83 11.68 -7.59
N THR A 111 4.66 10.72 -7.35
CA THR A 111 5.55 10.22 -8.32
C THR A 111 4.91 8.98 -8.92
N ILE A 112 4.47 9.12 -10.15
CA ILE A 112 3.82 8.06 -10.86
C ILE A 112 4.84 7.40 -11.76
N LEU A 113 5.35 6.28 -11.32
CA LEU A 113 6.39 5.56 -12.04
C LEU A 113 5.87 4.23 -12.56
N GLU A 114 5.81 4.10 -13.86
CA GLU A 114 5.39 2.86 -14.49
C GLU A 114 6.51 1.84 -14.35
N VAL A 115 6.23 0.72 -13.71
CA VAL A 115 7.28 -0.25 -13.41
C VAL A 115 7.27 -1.44 -14.35
N GLY A 116 6.17 -1.67 -15.01
CA GLY A 116 6.10 -2.77 -15.91
C GLY A 116 5.20 -3.87 -15.42
N PRO A 117 5.38 -5.10 -15.92
CA PRO A 117 4.54 -6.23 -15.57
C PRO A 117 4.90 -6.79 -14.20
N VAL A 118 3.93 -6.90 -13.35
CA VAL A 118 4.13 -7.43 -12.03
C VAL A 118 3.95 -8.95 -12.03
N THR A 119 4.67 -9.63 -11.16
CA THR A 119 4.59 -11.07 -11.04
C THR A 119 4.34 -11.47 -9.58
N MET A 120 3.97 -12.71 -9.35
CA MET A 120 3.70 -13.15 -8.00
C MET A 120 4.89 -13.88 -7.41
N ALA A 121 5.33 -13.46 -6.25
CA ALA A 121 6.42 -14.13 -5.59
C ALA A 121 5.84 -15.25 -4.74
N GLY A 122 4.87 -14.92 -3.92
CA GLY A 122 4.28 -15.89 -3.06
C GLY A 122 4.90 -15.79 -1.70
N LEU A 123 5.45 -16.87 -1.21
CA LEU A 123 6.11 -16.86 0.07
C LEU A 123 7.59 -17.04 -0.16
N ILE A 124 8.33 -16.01 0.11
CA ILE A 124 9.77 -16.01 -0.06
C ILE A 124 10.37 -15.43 1.20
N ASN A 125 11.64 -15.64 1.40
CA ASN A 125 12.28 -15.06 2.54
C ASN A 125 13.18 -13.95 2.07
N LEU A 126 13.27 -12.92 2.84
CA LEU A 126 14.16 -11.85 2.56
C LEU A 126 15.08 -11.72 3.74
N SER A 127 16.28 -12.27 3.57
CA SER A 127 17.33 -12.21 4.58
C SER A 127 16.88 -12.89 5.90
N SER A 128 16.29 -14.08 5.76
CA SER A 128 15.75 -14.91 6.85
C SER A 128 14.37 -14.45 7.31
N THR A 129 13.93 -13.29 6.89
CA THR A 129 12.62 -12.80 7.21
C THR A 129 11.61 -13.40 6.21
N PRO A 130 10.74 -14.31 6.66
CA PRO A 130 9.78 -14.94 5.77
C PRO A 130 8.60 -14.02 5.46
N THR A 131 8.38 -13.80 4.21
CA THR A 131 7.32 -12.95 3.75
C THR A 131 6.33 -13.77 2.92
N ASN A 132 5.04 -13.62 3.19
CA ASN A 132 4.02 -14.42 2.51
C ASN A 132 3.02 -13.52 1.83
N ARG A 133 2.75 -13.84 0.57
CA ARG A 133 1.78 -13.12 -0.27
C ARG A 133 2.34 -11.79 -0.74
N MET A 134 3.55 -11.85 -1.23
CA MET A 134 4.19 -10.70 -1.82
C MET A 134 4.06 -10.73 -3.32
N ILE A 135 3.81 -9.59 -3.87
CA ILE A 135 3.81 -9.39 -5.28
C ILE A 135 5.12 -8.72 -5.64
N ARG A 136 5.80 -9.26 -6.60
CA ARG A 136 7.14 -8.84 -6.90
C ARG A 136 7.28 -8.50 -8.37
N TYR A 137 7.86 -7.38 -8.61
CA TYR A 137 8.16 -6.97 -9.94
C TYR A 137 9.65 -6.77 -10.07
N ASP A 138 10.20 -7.29 -11.13
CA ASP A 138 11.62 -7.20 -11.38
C ASP A 138 11.92 -5.86 -12.01
N TYR A 139 12.30 -4.95 -11.19
CA TYR A 139 12.60 -3.61 -11.59
C TYR A 139 13.53 -3.00 -10.59
N ALA A 140 14.66 -2.52 -11.06
CA ALA A 140 15.61 -1.82 -10.23
C ALA A 140 15.00 -0.54 -9.74
N THR A 141 14.54 -0.57 -8.54
CA THR A 141 13.92 0.57 -7.96
C THR A 141 14.86 1.20 -6.96
N LYS A 142 14.78 2.47 -6.85
CA LYS A 142 15.54 3.21 -5.91
C LYS A 142 14.73 3.22 -4.63
N THR A 143 15.01 2.26 -3.75
CA THR A 143 14.24 2.00 -2.54
C THR A 143 13.88 3.28 -1.73
N GLY A 144 12.69 3.28 -1.15
CA GLY A 144 12.24 4.41 -0.36
C GLY A 144 10.76 4.74 -0.58
N GLN A 145 10.10 3.99 -1.46
CA GLN A 145 8.69 4.23 -1.80
C GLN A 145 7.74 3.43 -0.91
N CYS A 146 8.04 3.35 0.38
CA CYS A 146 7.19 2.61 1.31
C CYS A 146 5.79 3.21 1.36
N GLY A 147 4.81 2.44 0.98
CA GLY A 147 3.45 2.90 0.96
C GLY A 147 3.01 3.26 -0.43
N GLY A 148 3.91 3.06 -1.39
CA GLY A 148 3.63 3.34 -2.77
C GLY A 148 2.47 2.53 -3.30
N VAL A 149 1.49 3.21 -3.80
CA VAL A 149 0.29 2.62 -4.32
C VAL A 149 0.57 1.97 -5.67
N LEU A 150 0.58 0.66 -5.69
CA LEU A 150 0.84 -0.08 -6.89
C LEU A 150 -0.48 -0.29 -7.59
N CYS A 151 -0.72 0.45 -8.63
CA CYS A 151 -2.00 0.43 -9.30
C CYS A 151 -1.91 0.62 -10.79
N ALA A 152 -3.04 0.50 -11.41
CA ALA A 152 -3.25 0.71 -12.80
C ALA A 152 -4.65 1.24 -12.93
N THR A 153 -5.13 1.48 -14.13
CA THR A 153 -6.45 2.03 -14.36
C THR A 153 -7.57 1.13 -13.76
N GLY A 154 -8.08 1.55 -12.61
CA GLY A 154 -9.15 0.84 -11.95
C GLY A 154 -8.67 -0.46 -11.34
N LYS A 155 -7.39 -0.52 -11.01
CA LYS A 155 -6.81 -1.73 -10.46
C LYS A 155 -5.81 -1.43 -9.36
N ILE A 156 -6.17 -1.67 -8.13
CA ILE A 156 -5.21 -1.60 -7.02
C ILE A 156 -4.64 -2.99 -6.84
N PHE A 157 -3.34 -3.13 -6.99
CA PHE A 157 -2.71 -4.43 -6.82
C PHE A 157 -2.24 -4.59 -5.38
N GLY A 158 -1.82 -3.50 -4.81
CA GLY A 158 -1.36 -3.51 -3.48
C GLY A 158 -0.51 -2.32 -3.22
N ILE A 159 0.35 -2.41 -2.25
CA ILE A 159 1.22 -1.30 -1.93
C ILE A 159 2.64 -1.76 -1.72
N HIS A 160 3.55 -0.97 -2.21
CA HIS A 160 4.97 -1.21 -2.11
C HIS A 160 5.37 -1.06 -0.66
N VAL A 161 5.61 -2.17 -0.03
CA VAL A 161 5.95 -2.17 1.36
C VAL A 161 7.42 -1.92 1.58
N GLY A 162 8.24 -2.48 0.71
CA GLY A 162 9.65 -2.32 0.85
C GLY A 162 10.40 -3.07 -0.21
N GLY A 163 10.60 -2.44 -1.33
CA GLY A 163 11.34 -3.05 -2.39
C GLY A 163 12.77 -2.60 -2.33
N ASN A 164 13.65 -3.38 -2.87
CA ASN A 164 15.07 -3.08 -2.82
C ASN A 164 15.72 -3.70 -4.04
N GLY A 165 16.58 -2.94 -4.68
CA GLY A 165 17.27 -3.44 -5.85
C GLY A 165 16.33 -3.69 -7.00
N ARG A 166 16.45 -4.84 -7.63
CA ARG A 166 15.62 -5.22 -8.76
C ARG A 166 14.34 -5.91 -8.32
N GLN A 167 14.11 -5.95 -7.05
CA GLN A 167 12.92 -6.58 -6.55
C GLN A 167 12.05 -5.59 -5.84
N GLY A 168 11.03 -5.15 -6.51
CA GLY A 168 10.08 -4.28 -5.91
C GLY A 168 9.07 -5.11 -5.19
N PHE A 169 9.12 -5.11 -3.87
CA PHE A 169 8.21 -5.89 -3.08
C PHE A 169 7.01 -5.10 -2.67
N SER A 170 5.89 -5.56 -3.11
CA SER A 170 4.65 -5.01 -2.78
C SER A 170 3.84 -6.09 -2.06
N ALA A 171 2.95 -5.70 -1.20
CA ALA A 171 2.10 -6.65 -0.53
C ALA A 171 0.85 -6.83 -1.35
N GLN A 172 0.35 -8.05 -1.41
CA GLN A 172 -0.85 -8.36 -2.17
C GLN A 172 -2.08 -7.97 -1.39
N LEU A 173 -2.70 -6.89 -1.80
CA LEU A 173 -3.91 -6.45 -1.18
C LEU A 173 -5.07 -7.10 -1.88
N LYS A 174 -5.42 -8.26 -1.41
CA LYS A 174 -6.52 -9.02 -1.96
C LYS A 174 -7.77 -8.62 -1.21
N LYS A 175 -8.93 -8.70 -1.86
CA LYS A 175 -10.19 -8.24 -1.27
C LYS A 175 -10.53 -8.99 0.02
N GLN A 176 -10.03 -10.23 0.13
CA GLN A 176 -10.22 -11.09 1.30
C GLN A 176 -9.84 -10.37 2.61
N TYR A 177 -8.81 -9.55 2.56
CA TYR A 177 -8.35 -8.87 3.76
C TYR A 177 -9.27 -7.71 4.14
N PHE A 178 -10.07 -7.28 3.21
CA PHE A 178 -10.89 -6.12 3.43
C PHE A 178 -12.36 -6.50 3.55
N VAL A 179 -12.62 -7.79 3.62
CA VAL A 179 -13.96 -8.28 3.87
C VAL A 179 -14.28 -7.99 5.31
N GLU A 180 -15.23 -7.09 5.52
CA GLU A 180 -15.60 -6.65 6.84
C GLU A 180 -16.04 -7.82 7.73
N LYS A 181 -17.03 -8.57 7.32
CA LYS A 181 -17.46 -9.72 8.09
C LYS A 181 -17.35 -10.98 7.24
N GLN A 182 -16.67 -11.96 7.73
CA GLN A 182 -16.59 -13.22 7.05
C GLN A 182 -17.32 -14.25 7.87
N GLY A 1 -2.50 8.79 -20.59
CA GLY A 1 -2.40 7.36 -20.32
C GLY A 1 -3.42 6.95 -19.29
N PRO A 2 -4.24 5.91 -19.56
CA PRO A 2 -5.28 5.44 -18.63
C PRO A 2 -4.72 5.06 -17.25
N ASN A 3 -3.48 4.56 -17.23
CA ASN A 3 -2.84 4.18 -15.97
C ASN A 3 -2.61 5.42 -15.11
N THR A 4 -2.25 6.51 -15.77
CA THR A 4 -2.05 7.76 -15.12
C THR A 4 -3.40 8.34 -14.69
N GLU A 5 -4.38 8.21 -15.57
CA GLU A 5 -5.72 8.74 -15.36
C GLU A 5 -6.37 8.14 -14.09
N PHE A 6 -6.31 6.82 -13.97
CA PHE A 6 -6.86 6.13 -12.81
C PHE A 6 -6.12 6.53 -11.55
N ALA A 7 -4.81 6.55 -11.65
CA ALA A 7 -3.95 6.86 -10.53
C ALA A 7 -4.12 8.30 -10.05
N LEU A 8 -4.22 9.20 -11.00
CA LEU A 8 -4.31 10.63 -10.73
C LEU A 8 -5.61 10.99 -10.01
N SER A 9 -6.67 10.28 -10.32
CA SER A 9 -7.94 10.48 -9.66
C SER A 9 -7.94 9.81 -8.28
N LEU A 10 -7.46 8.56 -8.24
CA LEU A 10 -7.34 7.77 -7.01
C LEU A 10 -6.49 8.52 -5.98
N LEU A 11 -5.51 9.24 -6.50
CA LEU A 11 -4.55 10.02 -5.75
C LEU A 11 -5.23 11.00 -4.79
N ARG A 12 -6.17 11.77 -5.29
CA ARG A 12 -6.81 12.79 -4.45
C ARG A 12 -7.88 12.17 -3.58
N LYS A 13 -8.36 11.05 -4.01
CA LYS A 13 -9.52 10.44 -3.45
C LYS A 13 -9.20 9.46 -2.31
N ASN A 14 -8.22 8.60 -2.52
CA ASN A 14 -7.92 7.54 -1.54
C ASN A 14 -6.45 7.50 -1.15
N ILE A 15 -5.64 8.42 -1.65
CA ILE A 15 -4.21 8.37 -1.37
C ILE A 15 -3.79 9.60 -0.55
N MET A 16 -2.96 9.38 0.45
CA MET A 16 -2.49 10.46 1.28
C MET A 16 -1.10 10.15 1.84
N THR A 17 -0.47 11.13 2.43
CA THR A 17 0.84 10.99 3.04
C THR A 17 0.69 10.77 4.54
N ILE A 18 1.22 9.69 5.02
CA ILE A 18 1.18 9.38 6.42
C ILE A 18 2.57 9.49 6.99
N THR A 19 2.75 10.42 7.89
CA THR A 19 4.02 10.61 8.52
C THR A 19 4.07 9.72 9.77
N THR A 20 4.79 8.64 9.67
CA THR A 20 4.90 7.70 10.74
C THR A 20 6.08 8.07 11.64
N SER A 21 6.49 7.15 12.51
CA SER A 21 7.63 7.35 13.36
C SER A 21 8.93 7.36 12.52
N LYS A 22 8.87 6.80 11.32
CA LYS A 22 10.04 6.71 10.47
C LYS A 22 10.08 7.83 9.45
N GLY A 23 8.97 8.12 8.80
CA GLY A 23 8.98 9.17 7.82
C GLY A 23 7.65 9.34 7.14
N GLU A 24 7.59 10.27 6.23
CA GLU A 24 6.41 10.52 5.44
C GLU A 24 6.32 9.49 4.34
N PHE A 25 5.39 8.58 4.47
CA PHE A 25 5.19 7.53 3.49
C PHE A 25 3.81 7.68 2.86
N THR A 26 3.44 6.78 1.99
CA THR A 26 2.17 6.86 1.34
C THR A 26 1.20 5.94 2.08
N GLY A 27 0.00 6.39 2.28
CA GLY A 27 -1.00 5.61 2.90
C GLY A 27 -2.16 5.46 1.97
N LEU A 28 -2.77 4.31 1.98
CA LEU A 28 -3.89 4.07 1.12
C LEU A 28 -5.14 3.88 1.94
N GLY A 29 -6.12 4.71 1.69
CA GLY A 29 -7.40 4.58 2.33
C GLY A 29 -8.24 3.64 1.54
N ILE A 30 -8.49 2.48 2.08
CA ILE A 30 -9.20 1.43 1.37
C ILE A 30 -10.68 1.78 1.22
N HIS A 31 -11.30 2.13 2.33
CA HIS A 31 -12.71 2.50 2.32
C HIS A 31 -13.09 3.06 3.66
N ASP A 32 -14.02 4.00 3.66
CA ASP A 32 -14.60 4.63 4.87
C ASP A 32 -13.55 5.35 5.73
N ARG A 33 -12.85 4.59 6.53
CA ARG A 33 -11.79 5.10 7.38
C ARG A 33 -10.70 4.04 7.59
N VAL A 34 -10.78 3.00 6.79
CA VAL A 34 -9.87 1.88 6.86
C VAL A 34 -8.68 2.17 5.97
N CYS A 35 -7.53 2.33 6.58
CA CYS A 35 -6.33 2.64 5.84
C CYS A 35 -5.30 1.54 6.08
N VAL A 36 -4.37 1.37 5.18
CA VAL A 36 -3.36 0.33 5.33
C VAL A 36 -1.97 0.87 4.94
N ILE A 37 -0.94 0.40 5.65
CA ILE A 37 0.44 0.75 5.37
C ILE A 37 1.31 -0.38 5.98
N PRO A 38 2.48 -0.72 5.36
CA PRO A 38 3.39 -1.75 5.90
C PRO A 38 3.76 -1.52 7.37
N THR A 39 3.85 -2.61 8.11
CA THR A 39 4.10 -2.60 9.53
C THR A 39 5.42 -1.88 9.90
N HIS A 40 6.52 -2.20 9.22
CA HIS A 40 7.82 -1.59 9.54
C HIS A 40 7.88 -0.07 9.23
N ALA A 41 6.80 0.49 8.71
CA ALA A 41 6.73 1.93 8.53
C ALA A 41 6.56 2.59 9.88
N GLN A 42 5.99 1.81 10.81
CA GLN A 42 5.78 2.16 12.22
C GLN A 42 4.87 3.37 12.43
N PRO A 43 3.55 3.15 12.40
CA PRO A 43 2.57 4.17 12.71
C PRO A 43 2.34 4.26 14.22
N GLY A 44 2.52 5.44 14.80
CA GLY A 44 2.37 5.58 16.24
C GLY A 44 0.93 5.71 16.70
N ASP A 45 0.66 6.76 17.42
CA ASP A 45 -0.67 7.03 17.97
C ASP A 45 -1.40 7.96 17.04
N ASP A 46 -0.84 9.11 16.87
CA ASP A 46 -1.36 10.10 15.99
C ASP A 46 -0.33 10.50 14.97
N VAL A 47 -0.71 10.39 13.72
CA VAL A 47 0.21 10.61 12.61
C VAL A 47 -0.16 11.83 11.80
N LEU A 48 0.83 12.49 11.24
CA LEU A 48 0.59 13.63 10.38
C LEU A 48 0.19 13.17 8.99
N VAL A 49 -1.08 13.24 8.72
CA VAL A 49 -1.62 12.90 7.42
C VAL A 49 -1.74 14.18 6.58
N ASN A 50 -0.66 14.47 5.86
CA ASN A 50 -0.50 15.68 5.01
C ASN A 50 -0.56 16.99 5.81
N GLY A 51 -0.57 16.89 7.13
CA GLY A 51 -0.62 18.07 7.96
C GLY A 51 -1.47 17.87 9.18
N GLN A 52 -2.51 17.06 9.05
CA GLN A 52 -3.40 16.78 10.16
C GLN A 52 -2.82 15.68 11.03
N LYS A 53 -2.66 15.93 12.30
CA LYS A 53 -2.16 14.95 13.21
C LYS A 53 -3.35 14.15 13.69
N ILE A 54 -3.58 13.04 13.07
CA ILE A 54 -4.77 12.29 13.30
C ILE A 54 -4.53 11.08 14.22
N ARG A 55 -5.40 10.94 15.19
CA ARG A 55 -5.32 9.87 16.17
C ARG A 55 -5.93 8.59 15.61
N VAL A 56 -5.15 7.54 15.55
CA VAL A 56 -5.62 6.27 15.05
C VAL A 56 -6.31 5.52 16.19
N LYS A 57 -7.49 4.98 15.92
CA LYS A 57 -8.26 4.32 16.97
C LYS A 57 -7.73 2.91 17.23
N ASP A 58 -7.52 2.16 16.18
CA ASP A 58 -7.08 0.78 16.32
C ASP A 58 -6.09 0.48 15.21
N LYS A 59 -5.04 -0.22 15.54
CA LYS A 59 -4.05 -0.63 14.58
C LYS A 59 -4.05 -2.15 14.49
N TYR A 60 -4.73 -2.65 13.49
CA TYR A 60 -4.86 -4.08 13.30
C TYR A 60 -3.65 -4.62 12.57
N LYS A 61 -3.06 -5.65 13.09
CA LYS A 61 -1.98 -6.30 12.39
C LYS A 61 -2.58 -7.28 11.42
N LEU A 62 -2.43 -7.01 10.15
CA LEU A 62 -2.99 -7.84 9.15
C LEU A 62 -1.98 -8.90 8.77
N VAL A 63 -2.16 -10.05 9.32
CA VAL A 63 -1.34 -11.18 9.02
C VAL A 63 -2.19 -12.22 8.33
N ASP A 64 -1.60 -12.96 7.45
CA ASP A 64 -2.33 -13.95 6.70
C ASP A 64 -2.54 -15.19 7.57
N PRO A 65 -3.74 -15.83 7.49
CA PRO A 65 -4.07 -17.07 8.26
C PRO A 65 -3.08 -18.24 8.02
N GLU A 66 -2.11 -18.05 7.14
CA GLU A 66 -1.05 -19.03 6.93
C GLU A 66 0.00 -18.87 8.07
N ASN A 67 -0.23 -17.87 8.95
CA ASN A 67 0.60 -17.57 10.18
C ASN A 67 1.89 -16.84 9.81
N ILE A 68 2.01 -16.50 8.57
CA ILE A 68 3.16 -15.80 8.06
C ILE A 68 2.86 -14.30 8.06
N ASN A 69 3.89 -13.47 8.21
CA ASN A 69 3.72 -12.03 8.27
C ASN A 69 3.35 -11.49 6.90
N LEU A 70 2.27 -10.74 6.84
CA LEU A 70 1.85 -10.11 5.60
C LEU A 70 2.46 -8.71 5.53
N GLU A 71 2.99 -8.26 6.68
CA GLU A 71 3.71 -7.00 6.83
C GLU A 71 2.78 -5.77 6.61
N LEU A 72 1.50 -5.96 6.82
CA LEU A 72 0.55 -4.89 6.65
C LEU A 72 -0.15 -4.55 7.95
N THR A 73 -0.26 -3.28 8.22
CA THR A 73 -0.97 -2.81 9.36
C THR A 73 -2.19 -2.02 8.87
N VAL A 74 -3.35 -2.33 9.41
CA VAL A 74 -4.58 -1.66 9.05
C VAL A 74 -4.93 -0.65 10.13
N LEU A 75 -5.01 0.58 9.74
CA LEU A 75 -5.24 1.66 10.66
C LEU A 75 -6.67 2.12 10.59
N THR A 76 -7.32 2.17 11.72
CA THR A 76 -8.61 2.78 11.78
C THR A 76 -8.38 4.26 12.03
N LEU A 77 -8.26 4.98 10.96
CA LEU A 77 -7.93 6.36 11.01
C LEU A 77 -9.22 7.16 11.07
N ASP A 78 -9.35 8.00 12.09
CA ASP A 78 -10.57 8.78 12.29
C ASP A 78 -10.63 9.93 11.28
N ARG A 79 -11.05 9.62 10.10
CA ARG A 79 -11.07 10.57 9.01
C ARG A 79 -12.49 11.11 8.85
N ASN A 80 -12.63 12.42 8.75
CA ASN A 80 -13.94 13.05 8.56
C ASN A 80 -14.41 12.85 7.11
N GLU A 81 -13.45 12.65 6.23
CA GLU A 81 -13.73 12.31 4.86
C GLU A 81 -13.84 10.80 4.72
N LYS A 82 -14.98 10.34 4.30
CA LYS A 82 -15.21 8.94 4.11
C LYS A 82 -14.54 8.50 2.82
N PHE A 83 -13.52 7.68 2.92
CA PHE A 83 -12.84 7.16 1.74
C PHE A 83 -13.79 6.33 0.91
N ARG A 84 -13.72 6.49 -0.38
CA ARG A 84 -14.60 5.75 -1.26
C ARG A 84 -14.09 4.32 -1.32
N ASP A 85 -14.99 3.36 -1.38
CA ASP A 85 -14.62 1.95 -1.38
C ASP A 85 -13.89 1.56 -2.65
N ILE A 86 -12.60 1.49 -2.59
CA ILE A 86 -11.86 1.07 -3.76
C ILE A 86 -11.63 -0.44 -3.80
N ARG A 87 -12.46 -1.16 -3.02
CA ARG A 87 -12.33 -2.61 -2.90
C ARG A 87 -12.77 -3.29 -4.18
N GLY A 88 -13.63 -2.61 -4.92
CA GLY A 88 -14.07 -3.12 -6.19
C GLY A 88 -12.99 -3.01 -7.26
N PHE A 89 -12.01 -2.16 -7.02
CA PHE A 89 -10.94 -1.96 -7.97
C PHE A 89 -9.75 -2.86 -7.66
N ILE A 90 -9.76 -3.47 -6.49
CA ILE A 90 -8.69 -4.37 -6.09
C ILE A 90 -8.67 -5.58 -6.99
N SER A 91 -7.58 -5.76 -7.62
CA SER A 91 -7.36 -6.83 -8.49
C SER A 91 -6.44 -7.82 -7.82
N GLU A 92 -6.97 -8.97 -7.50
CA GLU A 92 -6.17 -10.00 -6.87
C GLU A 92 -5.42 -10.80 -7.94
N ASP A 93 -5.77 -10.58 -9.19
CA ASP A 93 -5.07 -11.15 -10.33
C ASP A 93 -3.92 -10.21 -10.62
N LEU A 94 -2.70 -10.70 -10.50
CA LEU A 94 -1.54 -9.81 -10.53
C LEU A 94 -0.61 -10.08 -11.70
N GLU A 95 -0.19 -11.31 -11.83
CA GLU A 95 0.90 -11.68 -12.70
C GLU A 95 0.63 -11.46 -14.19
N GLY A 96 1.37 -10.54 -14.77
CA GLY A 96 1.29 -10.26 -16.18
C GLY A 96 0.42 -9.07 -16.47
N VAL A 97 -0.08 -8.47 -15.43
CA VAL A 97 -0.95 -7.32 -15.57
C VAL A 97 -0.11 -6.03 -15.50
N ASP A 98 -0.68 -4.93 -15.99
CA ASP A 98 -0.03 -3.62 -15.98
C ASP A 98 -0.05 -3.07 -14.58
N ALA A 99 0.88 -2.18 -14.26
CA ALA A 99 0.93 -1.54 -12.97
C ALA A 99 1.72 -0.25 -12.99
N THR A 100 1.35 0.62 -12.12
CA THR A 100 1.94 1.90 -11.92
C THR A 100 1.92 2.20 -10.40
N LEU A 101 3.03 2.66 -9.89
CA LEU A 101 3.22 2.90 -8.49
C LEU A 101 3.02 4.38 -8.20
N VAL A 102 2.07 4.68 -7.38
CA VAL A 102 1.79 6.05 -7.02
C VAL A 102 2.40 6.34 -5.66
N VAL A 103 3.33 7.25 -5.64
CA VAL A 103 3.98 7.61 -4.42
C VAL A 103 3.56 9.03 -4.05
N HIS A 104 3.04 9.18 -2.87
CA HIS A 104 2.62 10.45 -2.37
C HIS A 104 3.24 10.59 -0.99
N SER A 105 4.50 10.94 -0.98
CA SER A 105 5.29 11.03 0.23
C SER A 105 6.19 12.25 0.18
N ASN A 106 7.17 12.32 1.07
CA ASN A 106 8.07 13.47 1.15
C ASN A 106 9.05 13.53 -0.03
N ASN A 107 9.78 12.45 -0.27
CA ASN A 107 10.78 12.41 -1.34
C ASN A 107 10.14 12.48 -2.71
N PHE A 108 9.04 11.81 -2.86
CA PHE A 108 8.27 11.83 -4.07
C PHE A 108 6.87 12.21 -3.75
N THR A 109 6.57 13.47 -3.86
CA THR A 109 5.26 13.94 -3.56
C THR A 109 4.41 13.97 -4.83
N ASN A 110 3.31 13.22 -4.79
CA ASN A 110 2.30 13.24 -5.88
C ASN A 110 2.95 12.76 -7.19
N THR A 111 3.74 11.71 -7.07
CA THR A 111 4.49 11.20 -8.19
C THR A 111 3.91 9.86 -8.67
N ILE A 112 3.42 9.85 -9.89
CA ILE A 112 2.94 8.64 -10.53
C ILE A 112 4.11 7.99 -11.27
N LEU A 113 4.57 6.89 -10.77
CA LEU A 113 5.74 6.20 -11.29
C LEU A 113 5.32 4.91 -12.00
N GLU A 114 5.51 4.84 -13.29
CA GLU A 114 5.12 3.66 -14.07
C GLU A 114 6.00 2.47 -13.78
N VAL A 115 5.42 1.30 -13.82
CA VAL A 115 6.15 0.07 -13.56
C VAL A 115 6.17 -0.79 -14.80
N GLY A 116 5.02 -1.03 -15.38
CA GLY A 116 4.93 -1.88 -16.53
C GLY A 116 4.18 -3.13 -16.19
N PRO A 117 4.78 -4.31 -16.35
CA PRO A 117 4.15 -5.58 -15.97
C PRO A 117 4.61 -6.10 -14.59
N VAL A 118 3.68 -6.55 -13.78
CA VAL A 118 4.02 -7.12 -12.47
C VAL A 118 3.96 -8.63 -12.45
N THR A 119 4.70 -9.23 -11.53
CA THR A 119 4.77 -10.67 -11.40
C THR A 119 4.58 -11.10 -9.92
N MET A 120 4.61 -12.38 -9.63
CA MET A 120 4.34 -12.85 -8.27
C MET A 120 5.58 -13.49 -7.66
N ALA A 121 5.80 -13.24 -6.38
CA ALA A 121 6.90 -13.88 -5.66
C ALA A 121 6.33 -14.96 -4.76
N GLY A 122 5.37 -14.56 -3.94
CA GLY A 122 4.73 -15.49 -3.04
C GLY A 122 5.29 -15.40 -1.65
N LEU A 123 5.86 -16.49 -1.21
CA LEU A 123 6.47 -16.60 0.11
C LEU A 123 7.96 -16.34 0.02
N ILE A 124 8.41 -15.27 0.63
CA ILE A 124 9.81 -14.90 0.62
C ILE A 124 10.23 -14.43 2.00
N ASN A 125 11.50 -14.33 2.22
CA ASN A 125 12.02 -13.79 3.46
C ASN A 125 12.62 -12.45 3.16
N LEU A 126 11.89 -11.43 3.49
CA LEU A 126 12.31 -10.08 3.23
C LEU A 126 12.46 -9.36 4.54
N SER A 127 13.56 -8.62 4.67
CA SER A 127 13.86 -7.83 5.86
C SER A 127 14.03 -8.79 7.06
N SER A 128 14.58 -9.99 6.77
CA SER A 128 14.82 -11.06 7.74
C SER A 128 13.50 -11.57 8.34
N THR A 129 12.40 -11.35 7.64
CA THR A 129 11.11 -11.75 8.11
C THR A 129 10.41 -12.58 7.02
N PRO A 130 9.86 -13.77 7.38
CA PRO A 130 9.06 -14.55 6.46
C PRO A 130 7.78 -13.80 6.10
N THR A 131 7.68 -13.43 4.85
CA THR A 131 6.57 -12.66 4.36
C THR A 131 5.95 -13.36 3.16
N ASN A 132 4.66 -13.53 3.18
CA ASN A 132 3.98 -14.15 2.07
C ASN A 132 3.13 -13.16 1.34
N ARG A 133 2.60 -13.57 0.18
CA ARG A 133 1.69 -12.75 -0.65
C ARG A 133 2.44 -11.56 -1.24
N MET A 134 3.73 -11.70 -1.36
CA MET A 134 4.54 -10.64 -1.91
C MET A 134 4.52 -10.66 -3.43
N ILE A 135 4.22 -9.53 -4.00
CA ILE A 135 4.21 -9.32 -5.43
C ILE A 135 5.54 -8.71 -5.85
N ARG A 136 6.08 -9.20 -6.94
CA ARG A 136 7.44 -8.88 -7.37
C ARG A 136 7.42 -8.15 -8.70
N TYR A 137 8.21 -7.13 -8.80
CA TYR A 137 8.41 -6.43 -10.05
C TYR A 137 9.86 -5.99 -10.17
N ASP A 138 10.41 -6.11 -11.36
CA ASP A 138 11.79 -5.74 -11.59
C ASP A 138 11.85 -4.27 -11.91
N TYR A 139 12.38 -3.52 -11.01
CA TYR A 139 12.48 -2.10 -11.17
C TYR A 139 13.50 -1.63 -10.17
N ALA A 140 14.22 -0.59 -10.49
CA ALA A 140 15.18 -0.04 -9.56
C ALA A 140 14.42 0.73 -8.50
N THR A 141 14.02 0.03 -7.48
CA THR A 141 13.20 0.57 -6.45
C THR A 141 13.98 1.35 -5.43
N LYS A 142 13.52 2.53 -5.18
CA LYS A 142 14.07 3.35 -4.14
C LYS A 142 13.54 2.81 -2.81
N THR A 143 14.42 2.25 -2.03
CA THR A 143 14.06 1.66 -0.77
C THR A 143 13.68 2.75 0.24
N GLY A 144 12.55 2.60 0.87
CA GLY A 144 12.14 3.55 1.86
C GLY A 144 10.74 4.03 1.65
N GLN A 145 10.37 4.22 0.39
CA GLN A 145 9.06 4.75 -0.02
C GLN A 145 7.94 3.72 0.12
N CYS A 146 7.86 3.15 1.29
CA CYS A 146 6.85 2.18 1.63
C CYS A 146 5.46 2.81 1.58
N GLY A 147 4.47 2.02 1.22
CA GLY A 147 3.12 2.49 1.19
C GLY A 147 2.71 3.00 -0.16
N GLY A 148 3.61 2.92 -1.13
CA GLY A 148 3.29 3.35 -2.48
C GLY A 148 2.19 2.50 -3.08
N VAL A 149 1.19 3.12 -3.61
CA VAL A 149 0.04 2.42 -4.17
C VAL A 149 0.38 1.82 -5.51
N LEU A 150 0.48 0.51 -5.52
CA LEU A 150 0.76 -0.20 -6.73
C LEU A 150 -0.58 -0.51 -7.37
N CYS A 151 -0.91 0.27 -8.34
CA CYS A 151 -2.18 0.17 -8.98
C CYS A 151 -1.97 0.05 -10.47
N ALA A 152 -3.03 0.11 -11.23
CA ALA A 152 -2.97 0.00 -12.65
C ALA A 152 -4.19 0.60 -13.24
N THR A 153 -4.40 0.40 -14.51
CA THR A 153 -5.58 0.87 -15.20
C THR A 153 -6.85 0.22 -14.63
N GLY A 154 -7.49 0.94 -13.72
CA GLY A 154 -8.71 0.48 -13.08
C GLY A 154 -8.46 -0.66 -12.10
N LYS A 155 -7.24 -0.76 -11.57
CA LYS A 155 -6.89 -1.87 -10.70
C LYS A 155 -5.99 -1.38 -9.59
N ILE A 156 -6.00 -2.09 -8.46
CA ILE A 156 -5.07 -1.86 -7.36
C ILE A 156 -4.62 -3.23 -6.88
N PHE A 157 -3.32 -3.43 -6.78
CA PHE A 157 -2.79 -4.73 -6.38
C PHE A 157 -2.41 -4.70 -4.92
N GLY A 158 -1.77 -3.64 -4.52
CA GLY A 158 -1.34 -3.53 -3.18
C GLY A 158 -0.49 -2.32 -2.99
N ILE A 159 0.36 -2.35 -2.00
CA ILE A 159 1.21 -1.24 -1.71
C ILE A 159 2.64 -1.70 -1.52
N HIS A 160 3.56 -0.88 -1.99
CA HIS A 160 4.99 -1.12 -1.91
C HIS A 160 5.43 -1.29 -0.47
N VAL A 161 6.10 -2.38 -0.21
CA VAL A 161 6.56 -2.68 1.11
C VAL A 161 8.08 -2.57 1.19
N GLY A 162 8.75 -3.41 0.46
CA GLY A 162 10.17 -3.43 0.53
C GLY A 162 10.80 -3.59 -0.81
N GLY A 163 11.42 -2.55 -1.28
CA GLY A 163 12.14 -2.63 -2.51
C GLY A 163 13.54 -3.03 -2.21
N ASN A 164 13.93 -4.18 -2.66
CA ASN A 164 15.26 -4.67 -2.38
C ASN A 164 16.06 -4.77 -3.63
N GLY A 165 16.86 -3.75 -3.85
CA GLY A 165 17.73 -3.69 -4.98
C GLY A 165 16.97 -3.51 -6.27
N ARG A 166 16.76 -4.59 -6.97
CA ARG A 166 16.16 -4.54 -8.28
C ARG A 166 14.76 -5.14 -8.28
N GLN A 167 14.33 -5.61 -7.12
CA GLN A 167 13.02 -6.18 -7.01
C GLN A 167 12.19 -5.41 -6.03
N GLY A 168 11.10 -4.89 -6.51
CA GLY A 168 10.17 -4.23 -5.67
C GLY A 168 9.19 -5.22 -5.14
N PHE A 169 9.12 -5.34 -3.84
CA PHE A 169 8.19 -6.25 -3.24
C PHE A 169 7.08 -5.48 -2.58
N SER A 170 5.92 -5.71 -3.04
CA SER A 170 4.75 -5.09 -2.50
C SER A 170 3.87 -6.17 -1.90
N ALA A 171 3.02 -5.81 -0.99
CA ALA A 171 2.11 -6.77 -0.42
C ALA A 171 0.79 -6.62 -1.11
N GLN A 172 0.23 -7.73 -1.52
CA GLN A 172 -1.03 -7.71 -2.23
C GLN A 172 -2.20 -7.72 -1.25
N LEU A 173 -2.82 -6.60 -1.06
CA LEU A 173 -3.97 -6.56 -0.21
C LEU A 173 -5.22 -6.92 -0.95
N LYS A 174 -5.40 -8.22 -1.13
CA LYS A 174 -6.57 -8.75 -1.78
C LYS A 174 -7.81 -8.30 -1.04
N LYS A 175 -8.86 -8.06 -1.79
CA LYS A 175 -10.12 -7.57 -1.25
C LYS A 175 -10.68 -8.47 -0.15
N GLN A 176 -10.30 -9.75 -0.20
CA GLN A 176 -10.72 -10.76 0.79
C GLN A 176 -10.29 -10.38 2.23
N TYR A 177 -9.18 -9.65 2.37
CA TYR A 177 -8.66 -9.27 3.69
C TYR A 177 -9.50 -8.17 4.29
N PHE A 178 -10.23 -7.47 3.45
CA PHE A 178 -11.06 -6.38 3.90
C PHE A 178 -12.49 -6.83 3.97
N VAL A 179 -12.67 -8.12 3.85
CA VAL A 179 -13.95 -8.73 4.01
C VAL A 179 -13.99 -9.24 5.44
N GLU A 180 -15.08 -9.00 6.12
CA GLU A 180 -15.18 -9.37 7.52
C GLU A 180 -15.20 -10.89 7.64
N LYS A 181 -15.94 -11.52 6.77
CA LYS A 181 -16.03 -12.96 6.76
C LYS A 181 -15.23 -13.51 5.60
N GLN A 182 -13.97 -13.80 5.84
CA GLN A 182 -13.12 -14.36 4.82
C GLN A 182 -13.27 -15.87 4.88
N GLY A 1 -0.96 7.71 -19.74
CA GLY A 1 -1.76 6.57 -20.19
C GLY A 1 -2.97 6.39 -19.31
N PRO A 2 -3.83 5.39 -19.59
CA PRO A 2 -5.04 5.11 -18.79
C PRO A 2 -4.72 4.86 -17.30
N ASN A 3 -3.57 4.26 -17.04
CA ASN A 3 -3.16 3.98 -15.66
C ASN A 3 -2.85 5.28 -14.95
N THR A 4 -2.20 6.17 -15.66
CA THR A 4 -1.81 7.48 -15.15
C THR A 4 -3.07 8.30 -14.81
N GLU A 5 -4.06 8.20 -15.69
CA GLU A 5 -5.33 8.91 -15.54
C GLU A 5 -6.06 8.41 -14.28
N PHE A 6 -6.00 7.11 -14.05
CA PHE A 6 -6.58 6.50 -12.87
C PHE A 6 -5.86 6.97 -11.62
N ALA A 7 -4.54 7.03 -11.71
CA ALA A 7 -3.69 7.43 -10.61
C ALA A 7 -4.03 8.83 -10.13
N LEU A 8 -4.30 9.72 -11.06
CA LEU A 8 -4.63 11.11 -10.74
C LEU A 8 -5.93 11.22 -9.92
N SER A 9 -6.88 10.37 -10.20
CA SER A 9 -8.13 10.40 -9.47
C SER A 9 -8.02 9.66 -8.14
N LEU A 10 -7.28 8.55 -8.17
CA LEU A 10 -7.01 7.75 -6.97
C LEU A 10 -6.26 8.62 -5.95
N LEU A 11 -5.32 9.40 -6.47
CA LEU A 11 -4.49 10.32 -5.71
C LEU A 11 -5.32 11.27 -4.86
N ARG A 12 -6.26 11.91 -5.51
CA ARG A 12 -7.02 12.99 -4.91
C ARG A 12 -8.00 12.55 -3.82
N LYS A 13 -8.25 11.26 -3.70
CA LYS A 13 -9.17 10.79 -2.67
C LYS A 13 -8.55 9.74 -1.75
N ASN A 14 -7.82 8.83 -2.32
CA ASN A 14 -7.38 7.66 -1.58
C ASN A 14 -5.91 7.67 -1.21
N ILE A 15 -5.12 8.49 -1.87
CA ILE A 15 -3.71 8.50 -1.57
C ILE A 15 -3.41 9.49 -0.45
N MET A 16 -3.17 8.97 0.71
CA MET A 16 -2.94 9.76 1.89
C MET A 16 -1.46 9.75 2.24
N THR A 17 -0.94 10.86 2.65
CA THR A 17 0.44 10.95 3.04
C THR A 17 0.52 10.87 4.55
N ILE A 18 1.14 9.85 5.06
CA ILE A 18 1.19 9.64 6.47
C ILE A 18 2.59 9.84 7.02
N THR A 19 2.73 10.80 7.90
CA THR A 19 3.95 11.03 8.60
C THR A 19 3.97 10.12 9.83
N THR A 20 4.81 9.13 9.78
CA THR A 20 4.98 8.17 10.83
C THR A 20 6.15 8.58 11.72
N SER A 21 6.73 7.61 12.43
CA SER A 21 7.91 7.84 13.24
C SER A 21 9.18 7.73 12.35
N LYS A 22 8.98 7.53 11.05
CA LYS A 22 10.08 7.43 10.11
C LYS A 22 10.05 8.58 9.09
N GLY A 23 8.88 8.95 8.64
CA GLY A 23 8.75 10.03 7.69
C GLY A 23 7.43 9.97 6.99
N GLU A 24 7.36 10.48 5.78
CA GLU A 24 6.13 10.46 5.03
C GLU A 24 6.05 9.24 4.16
N PHE A 25 5.12 8.41 4.44
CA PHE A 25 4.85 7.25 3.66
C PHE A 25 3.48 7.38 3.07
N THR A 26 3.14 6.53 2.17
CA THR A 26 1.86 6.61 1.57
C THR A 26 0.92 5.61 2.23
N GLY A 27 -0.20 6.11 2.65
CA GLY A 27 -1.22 5.30 3.20
C GLY A 27 -2.35 5.27 2.24
N LEU A 28 -2.82 4.12 1.92
CA LEU A 28 -3.86 4.02 0.96
C LEU A 28 -5.19 3.83 1.66
N GLY A 29 -6.07 4.80 1.48
CA GLY A 29 -7.40 4.70 2.03
C GLY A 29 -8.18 3.70 1.23
N ILE A 30 -8.54 2.61 1.84
CA ILE A 30 -9.18 1.52 1.14
C ILE A 30 -10.70 1.66 1.17
N HIS A 31 -11.23 1.87 2.35
CA HIS A 31 -12.67 1.90 2.54
C HIS A 31 -13.02 2.69 3.76
N ASP A 32 -13.82 3.73 3.58
CA ASP A 32 -14.45 4.48 4.69
C ASP A 32 -13.45 5.24 5.56
N ARG A 33 -12.81 4.54 6.46
CA ARG A 33 -11.85 5.11 7.40
C ARG A 33 -10.68 4.14 7.57
N VAL A 34 -10.65 3.15 6.69
CA VAL A 34 -9.61 2.13 6.68
C VAL A 34 -8.49 2.57 5.77
N CYS A 35 -7.35 2.78 6.33
CA CYS A 35 -6.18 3.16 5.57
C CYS A 35 -5.10 2.11 5.81
N VAL A 36 -4.39 1.74 4.78
CA VAL A 36 -3.37 0.71 4.87
C VAL A 36 -1.98 1.29 4.63
N ILE A 37 -1.04 0.89 5.48
CA ILE A 37 0.33 1.33 5.37
C ILE A 37 1.24 0.16 5.85
N PRO A 38 2.44 -0.03 5.26
CA PRO A 38 3.40 -1.06 5.72
C PRO A 38 3.79 -0.88 7.20
N THR A 39 3.88 -1.98 7.93
CA THR A 39 4.18 -1.98 9.35
C THR A 39 5.55 -1.36 9.67
N HIS A 40 6.58 -1.66 8.88
CA HIS A 40 7.93 -1.15 9.14
C HIS A 40 8.05 0.37 8.85
N ALA A 41 6.96 1.00 8.42
CA ALA A 41 6.94 2.44 8.23
C ALA A 41 6.87 3.10 9.59
N GLN A 42 6.51 2.29 10.58
CA GLN A 42 6.44 2.64 12.00
C GLN A 42 5.48 3.75 12.34
N PRO A 43 4.19 3.42 12.48
CA PRO A 43 3.20 4.36 12.95
C PRO A 43 3.18 4.37 14.48
N GLY A 44 2.66 5.42 15.07
CA GLY A 44 2.56 5.46 16.51
C GLY A 44 1.14 5.23 16.96
N ASP A 45 0.73 5.96 17.99
CA ASP A 45 -0.65 5.87 18.50
C ASP A 45 -1.50 6.86 17.74
N ASP A 46 -0.82 7.75 17.07
CA ASP A 46 -1.42 8.76 16.22
C ASP A 46 -0.48 8.95 15.07
N VAL A 47 -1.00 9.34 13.96
CA VAL A 47 -0.21 9.58 12.79
C VAL A 47 -0.61 10.91 12.19
N LEU A 48 0.28 11.54 11.49
CA LEU A 48 -0.05 12.79 10.88
C LEU A 48 -0.29 12.64 9.41
N VAL A 49 -1.54 12.70 9.03
CA VAL A 49 -1.91 12.59 7.63
C VAL A 49 -1.70 13.95 6.98
N ASN A 50 -0.50 14.10 6.41
CA ASN A 50 -0.03 15.32 5.73
C ASN A 50 0.13 16.48 6.75
N GLY A 51 -0.02 16.16 8.01
CA GLY A 51 0.08 17.12 9.06
C GLY A 51 -1.03 16.96 10.08
N GLN A 52 -2.14 16.36 9.67
CA GLN A 52 -3.28 16.14 10.55
C GLN A 52 -2.99 14.99 11.52
N LYS A 53 -2.76 15.33 12.77
CA LYS A 53 -2.57 14.35 13.81
C LYS A 53 -3.87 13.63 14.09
N ILE A 54 -3.98 12.44 13.61
CA ILE A 54 -5.13 11.64 13.83
C ILE A 54 -4.78 10.47 14.72
N ARG A 55 -5.45 10.38 15.83
CA ARG A 55 -5.30 9.27 16.71
C ARG A 55 -6.04 8.11 16.09
N VAL A 56 -5.30 7.13 15.63
CA VAL A 56 -5.88 5.96 15.01
C VAL A 56 -6.66 5.21 16.07
N LYS A 57 -7.88 4.76 15.74
CA LYS A 57 -8.72 4.07 16.70
C LYS A 57 -8.03 2.80 17.14
N ASP A 58 -7.83 1.92 16.20
CA ASP A 58 -7.16 0.68 16.47
C ASP A 58 -6.35 0.33 15.26
N LYS A 59 -5.22 -0.26 15.48
CA LYS A 59 -4.33 -0.65 14.43
C LYS A 59 -4.37 -2.14 14.33
N TYR A 60 -4.92 -2.63 13.27
CA TYR A 60 -5.05 -4.06 13.08
C TYR A 60 -3.90 -4.55 12.23
N LYS A 61 -3.04 -5.33 12.81
CA LYS A 61 -1.96 -5.93 12.06
C LYS A 61 -2.52 -7.08 11.27
N LEU A 62 -2.51 -6.96 9.98
CA LEU A 62 -3.00 -8.02 9.16
C LEU A 62 -1.83 -8.94 8.90
N VAL A 63 -1.73 -9.95 9.70
CA VAL A 63 -0.68 -10.92 9.61
C VAL A 63 -1.32 -12.23 9.19
N ASP A 64 -0.57 -13.04 8.47
CA ASP A 64 -1.04 -14.35 8.04
C ASP A 64 -1.23 -15.23 9.29
N PRO A 65 -2.28 -16.08 9.33
CA PRO A 65 -2.56 -16.98 10.49
C PRO A 65 -1.35 -17.85 10.92
N GLU A 66 -0.42 -18.07 10.02
CA GLU A 66 0.76 -18.87 10.29
C GLU A 66 1.94 -17.95 10.72
N ASN A 67 1.59 -16.69 11.04
CA ASN A 67 2.54 -15.66 11.51
C ASN A 67 3.52 -15.26 10.44
N ILE A 68 3.09 -15.41 9.22
CA ILE A 68 3.90 -15.03 8.10
C ILE A 68 3.64 -13.54 7.84
N ASN A 69 4.68 -12.80 7.57
CA ASN A 69 4.55 -11.36 7.48
C ASN A 69 4.26 -10.90 6.06
N LEU A 70 3.32 -10.00 5.93
CA LEU A 70 3.04 -9.35 4.66
C LEU A 70 3.17 -7.84 4.82
N GLU A 71 3.55 -7.43 6.05
CA GLU A 71 3.84 -6.04 6.43
C GLU A 71 2.60 -5.11 6.28
N LEU A 72 1.43 -5.68 6.32
CA LEU A 72 0.21 -4.92 6.07
C LEU A 72 -0.41 -4.46 7.41
N THR A 73 -0.55 -3.16 7.57
CA THR A 73 -1.17 -2.61 8.76
C THR A 73 -2.47 -1.92 8.37
N VAL A 74 -3.56 -2.28 9.03
CA VAL A 74 -4.83 -1.68 8.77
C VAL A 74 -5.10 -0.61 9.84
N LEU A 75 -5.04 0.63 9.45
CA LEU A 75 -5.27 1.71 10.36
C LEU A 75 -6.71 2.16 10.23
N THR A 76 -7.45 2.05 11.28
CA THR A 76 -8.80 2.52 11.28
C THR A 76 -8.84 3.92 11.92
N LEU A 77 -8.95 4.94 11.10
CA LEU A 77 -8.95 6.30 11.56
C LEU A 77 -10.28 6.68 12.15
N ASP A 78 -10.24 7.43 13.22
CA ASP A 78 -11.43 7.95 13.85
C ASP A 78 -11.76 9.30 13.24
N ARG A 79 -12.42 9.27 12.10
CA ARG A 79 -12.72 10.45 11.31
C ARG A 79 -14.18 10.43 10.88
N ASN A 80 -14.61 11.48 10.24
CA ASN A 80 -15.99 11.59 9.79
C ASN A 80 -16.09 11.46 8.30
N GLU A 81 -15.03 11.86 7.60
CA GLU A 81 -15.00 11.75 6.18
C GLU A 81 -14.91 10.30 5.74
N LYS A 82 -15.81 9.91 4.88
CA LYS A 82 -15.85 8.58 4.38
C LYS A 82 -15.05 8.53 3.10
N PHE A 83 -13.92 7.88 3.14
CA PHE A 83 -13.09 7.74 1.97
C PHE A 83 -13.69 6.76 0.99
N ARG A 84 -13.60 7.11 -0.29
CA ARG A 84 -14.06 6.28 -1.42
C ARG A 84 -13.52 4.87 -1.29
N ASP A 85 -14.37 3.89 -1.26
CA ASP A 85 -13.85 2.56 -1.17
C ASP A 85 -13.43 2.07 -2.54
N ILE A 86 -12.17 1.86 -2.66
CA ILE A 86 -11.57 1.45 -3.92
C ILE A 86 -11.46 -0.07 -4.00
N ARG A 87 -12.33 -0.74 -3.26
CA ARG A 87 -12.32 -2.20 -3.18
C ARG A 87 -12.74 -2.81 -4.50
N GLY A 88 -13.52 -2.07 -5.27
CA GLY A 88 -13.96 -2.53 -6.55
C GLY A 88 -12.87 -2.40 -7.60
N PHE A 89 -11.78 -1.74 -7.25
CA PHE A 89 -10.67 -1.59 -8.16
C PHE A 89 -9.58 -2.58 -7.81
N ILE A 90 -9.75 -3.24 -6.68
CA ILE A 90 -8.78 -4.21 -6.22
C ILE A 90 -8.77 -5.43 -7.15
N SER A 91 -7.61 -5.73 -7.64
CA SER A 91 -7.41 -6.83 -8.50
C SER A 91 -6.55 -7.81 -7.76
N GLU A 92 -7.11 -8.95 -7.45
CA GLU A 92 -6.40 -9.96 -6.70
C GLU A 92 -5.54 -10.81 -7.63
N ASP A 93 -5.88 -10.79 -8.90
CA ASP A 93 -5.03 -11.39 -9.92
C ASP A 93 -4.09 -10.31 -10.38
N LEU A 94 -2.83 -10.58 -10.28
CA LEU A 94 -1.82 -9.57 -10.46
C LEU A 94 -0.99 -9.85 -11.70
N GLU A 95 -0.41 -11.03 -11.70
CA GLU A 95 0.58 -11.46 -12.64
C GLU A 95 0.08 -11.43 -14.06
N GLY A 96 0.83 -10.76 -14.91
CA GLY A 96 0.50 -10.70 -16.31
C GLY A 96 0.18 -9.29 -16.75
N VAL A 97 -0.29 -8.48 -15.84
CA VAL A 97 -0.72 -7.14 -16.14
C VAL A 97 0.43 -6.14 -15.92
N ASP A 98 0.35 -5.01 -16.59
CA ASP A 98 1.31 -3.93 -16.40
C ASP A 98 0.80 -3.05 -15.28
N ALA A 99 1.70 -2.54 -14.48
CA ALA A 99 1.30 -1.71 -13.38
C ALA A 99 2.17 -0.48 -13.24
N THR A 100 1.66 0.47 -12.53
CA THR A 100 2.33 1.69 -12.22
C THR A 100 2.34 1.84 -10.69
N LEU A 101 3.41 2.35 -10.15
CA LEU A 101 3.55 2.53 -8.74
C LEU A 101 3.47 4.01 -8.44
N VAL A 102 2.51 4.39 -7.63
CA VAL A 102 2.32 5.78 -7.29
C VAL A 102 2.55 6.00 -5.81
N VAL A 103 3.61 6.68 -5.48
CA VAL A 103 3.92 6.98 -4.10
C VAL A 103 3.80 8.49 -3.88
N HIS A 104 3.28 8.88 -2.76
CA HIS A 104 3.12 10.27 -2.46
C HIS A 104 3.62 10.55 -1.06
N SER A 105 4.84 10.96 -0.99
CA SER A 105 5.47 11.34 0.21
C SER A 105 5.52 12.87 0.18
N ASN A 106 6.18 13.48 1.11
CA ASN A 106 6.27 14.91 1.07
C ASN A 106 7.47 15.31 0.25
N ASN A 107 8.57 14.63 0.45
CA ASN A 107 9.76 14.87 -0.35
C ASN A 107 9.50 14.36 -1.77
N PHE A 108 9.03 13.15 -1.86
CA PHE A 108 8.70 12.55 -3.13
C PHE A 108 7.20 12.76 -3.38
N THR A 109 6.86 13.95 -3.80
CA THR A 109 5.48 14.33 -3.96
C THR A 109 4.90 13.77 -5.27
N ASN A 110 4.04 12.77 -5.14
CA ASN A 110 3.29 12.19 -6.28
C ASN A 110 4.19 11.63 -7.38
N THR A 111 4.81 10.55 -7.09
CA THR A 111 5.68 9.93 -8.02
C THR A 111 4.94 8.78 -8.71
N ILE A 112 4.59 8.99 -9.97
CA ILE A 112 3.92 7.99 -10.76
C ILE A 112 4.98 7.25 -11.57
N LEU A 113 5.42 6.15 -11.04
CA LEU A 113 6.49 5.39 -11.63
C LEU A 113 5.94 4.15 -12.33
N GLU A 114 6.08 4.10 -13.62
CA GLU A 114 5.61 2.97 -14.38
C GLU A 114 6.65 1.86 -14.29
N VAL A 115 6.42 0.94 -13.36
CA VAL A 115 7.35 -0.15 -13.09
C VAL A 115 7.36 -1.17 -14.23
N GLY A 116 6.21 -1.40 -14.82
CA GLY A 116 6.15 -2.30 -15.92
C GLY A 116 5.36 -3.55 -15.61
N PRO A 117 5.87 -4.73 -15.99
CA PRO A 117 5.18 -6.00 -15.79
C PRO A 117 5.28 -6.49 -14.35
N VAL A 118 4.16 -6.84 -13.78
CA VAL A 118 4.16 -7.35 -12.44
C VAL A 118 3.93 -8.85 -12.43
N THR A 119 4.67 -9.52 -11.59
CA THR A 119 4.63 -10.95 -11.47
C THR A 119 4.28 -11.34 -10.02
N MET A 120 3.56 -12.41 -9.83
CA MET A 120 3.17 -12.80 -8.49
C MET A 120 4.31 -13.58 -7.86
N ALA A 121 4.79 -13.09 -6.73
CA ALA A 121 5.94 -13.70 -6.10
C ALA A 121 5.54 -14.90 -5.26
N GLY A 122 4.37 -14.84 -4.70
CA GLY A 122 3.91 -15.90 -3.85
C GLY A 122 4.37 -15.61 -2.45
N LEU A 123 5.58 -16.04 -2.15
CA LEU A 123 6.20 -15.80 -0.87
C LEU A 123 7.70 -15.78 -1.07
N ILE A 124 8.37 -14.87 -0.41
CA ILE A 124 9.80 -14.69 -0.54
C ILE A 124 10.41 -14.71 0.88
N ASN A 125 11.67 -15.06 1.00
CA ASN A 125 12.31 -15.04 2.28
C ASN A 125 13.25 -13.84 2.35
N LEU A 126 12.94 -12.90 3.20
CA LEU A 126 13.73 -11.71 3.34
C LEU A 126 14.37 -11.65 4.71
N SER A 127 15.54 -12.29 4.83
CA SER A 127 16.34 -12.32 6.05
C SER A 127 15.56 -12.84 7.25
N SER A 128 15.39 -14.17 7.29
CA SER A 128 14.67 -14.90 8.36
C SER A 128 13.13 -14.61 8.37
N THR A 129 12.72 -13.52 7.77
CA THR A 129 11.34 -13.17 7.68
C THR A 129 10.74 -13.70 6.38
N PRO A 130 9.76 -14.59 6.47
CA PRO A 130 9.06 -15.04 5.30
C PRO A 130 7.96 -14.06 4.95
N THR A 131 8.02 -13.52 3.77
CA THR A 131 7.05 -12.59 3.32
C THR A 131 6.14 -13.22 2.28
N ASN A 132 4.96 -13.57 2.71
CA ASN A 132 3.98 -14.23 1.87
C ASN A 132 2.96 -13.20 1.47
N ARG A 133 2.16 -13.52 0.44
CA ARG A 133 1.09 -12.66 -0.04
C ARG A 133 1.67 -11.40 -0.66
N MET A 134 2.79 -11.58 -1.36
CA MET A 134 3.47 -10.47 -1.99
C MET A 134 3.58 -10.62 -3.51
N ILE A 135 3.88 -9.53 -4.14
CA ILE A 135 4.01 -9.42 -5.59
C ILE A 135 5.42 -8.88 -5.90
N ARG A 136 5.96 -9.24 -7.05
CA ARG A 136 7.33 -8.89 -7.42
C ARG A 136 7.39 -8.22 -8.80
N TYR A 137 8.26 -7.26 -8.90
CA TYR A 137 8.63 -6.65 -10.15
C TYR A 137 10.10 -6.30 -10.11
N ASP A 138 10.78 -6.56 -11.19
CA ASP A 138 12.21 -6.33 -11.26
C ASP A 138 12.53 -4.92 -11.67
N TYR A 139 12.93 -4.16 -10.70
CA TYR A 139 13.30 -2.78 -10.81
C TYR A 139 14.10 -2.42 -9.57
N ALA A 140 15.15 -1.66 -9.75
CA ALA A 140 15.96 -1.21 -8.64
C ALA A 140 15.21 -0.14 -7.87
N THR A 141 14.59 -0.56 -6.80
CA THR A 141 13.76 0.26 -5.95
C THR A 141 14.48 1.53 -5.47
N LYS A 142 13.74 2.63 -5.47
CA LYS A 142 14.24 3.89 -5.02
C LYS A 142 13.74 4.11 -3.60
N THR A 143 14.58 4.65 -2.75
CA THR A 143 14.23 4.90 -1.37
C THR A 143 13.08 5.95 -1.29
N GLY A 144 12.13 5.72 -0.39
CA GLY A 144 11.00 6.61 -0.25
C GLY A 144 9.88 6.18 -1.17
N GLN A 145 9.77 4.88 -1.35
CA GLN A 145 8.80 4.32 -2.27
C GLN A 145 7.80 3.46 -1.48
N CYS A 146 8.07 3.28 -0.22
CA CYS A 146 7.27 2.43 0.64
C CYS A 146 5.88 3.04 0.89
N GLY A 147 4.86 2.25 0.66
CA GLY A 147 3.50 2.70 0.84
C GLY A 147 2.85 3.07 -0.47
N GLY A 148 3.63 3.08 -1.53
CA GLY A 148 3.12 3.44 -2.84
C GLY A 148 2.10 2.45 -3.35
N VAL A 149 1.06 2.97 -3.98
CA VAL A 149 0.01 2.14 -4.51
C VAL A 149 0.38 1.61 -5.89
N LEU A 150 0.41 0.31 -5.99
CA LEU A 150 0.69 -0.35 -7.22
C LEU A 150 -0.64 -0.52 -7.92
N CYS A 151 -0.85 0.26 -8.94
CA CYS A 151 -2.11 0.30 -9.59
C CYS A 151 -1.98 0.43 -11.08
N ALA A 152 -3.08 0.24 -11.72
CA ALA A 152 -3.26 0.35 -13.12
C ALA A 152 -4.68 0.82 -13.33
N THR A 153 -5.09 0.99 -14.58
CA THR A 153 -6.43 1.46 -14.90
C THR A 153 -7.52 0.54 -14.30
N GLY A 154 -8.07 1.02 -13.19
CA GLY A 154 -9.13 0.34 -12.50
C GLY A 154 -8.66 -0.91 -11.79
N LYS A 155 -7.36 -1.07 -11.62
CA LYS A 155 -6.80 -2.27 -11.04
C LYS A 155 -5.72 -1.93 -10.02
N ILE A 156 -6.02 -2.13 -8.78
CA ILE A 156 -5.03 -1.95 -7.73
C ILE A 156 -4.58 -3.31 -7.29
N PHE A 157 -3.29 -3.50 -7.31
CA PHE A 157 -2.70 -4.78 -7.00
C PHE A 157 -2.22 -4.83 -5.55
N GLY A 158 -1.77 -3.71 -5.05
CA GLY A 158 -1.33 -3.67 -3.71
C GLY A 158 -0.54 -2.44 -3.39
N ILE A 159 0.23 -2.52 -2.34
CA ILE A 159 1.07 -1.43 -1.89
C ILE A 159 2.51 -1.88 -1.86
N HIS A 160 3.40 -1.04 -2.31
CA HIS A 160 4.81 -1.33 -2.29
C HIS A 160 5.32 -1.34 -0.86
N VAL A 161 5.94 -2.42 -0.49
CA VAL A 161 6.44 -2.57 0.85
C VAL A 161 7.93 -2.21 0.94
N GLY A 162 8.71 -2.70 0.02
CA GLY A 162 10.11 -2.42 0.03
C GLY A 162 10.82 -3.28 -0.97
N GLY A 163 11.96 -2.84 -1.41
CA GLY A 163 12.70 -3.58 -2.39
C GLY A 163 14.13 -3.73 -1.99
N ASN A 164 14.77 -4.75 -2.52
CA ASN A 164 16.15 -5.04 -2.24
C ASN A 164 16.71 -5.82 -3.41
N GLY A 165 17.95 -5.57 -3.72
CA GLY A 165 18.55 -6.19 -4.85
C GLY A 165 18.12 -5.48 -6.10
N ARG A 166 17.53 -6.20 -7.01
CA ARG A 166 17.01 -5.59 -8.23
C ARG A 166 15.52 -5.80 -8.28
N GLN A 167 14.94 -6.20 -7.15
CA GLN A 167 13.54 -6.53 -7.12
C GLN A 167 12.78 -5.69 -6.12
N GLY A 168 11.63 -5.25 -6.54
CA GLY A 168 10.75 -4.51 -5.70
C GLY A 168 9.59 -5.38 -5.32
N PHE A 169 9.29 -5.46 -4.06
CA PHE A 169 8.24 -6.30 -3.58
C PHE A 169 7.10 -5.47 -3.04
N SER A 170 5.92 -5.88 -3.31
CA SER A 170 4.75 -5.19 -2.84
C SER A 170 3.79 -6.18 -2.19
N ALA A 171 2.97 -5.71 -1.28
CA ALA A 171 2.03 -6.57 -0.58
C ALA A 171 0.73 -6.60 -1.35
N GLN A 172 0.13 -7.77 -1.44
CA GLN A 172 -1.11 -7.93 -2.18
C GLN A 172 -2.29 -7.46 -1.37
N LEU A 173 -2.96 -6.45 -1.85
CA LEU A 173 -4.13 -5.98 -1.20
C LEU A 173 -5.32 -6.71 -1.72
N LYS A 174 -5.69 -7.76 -1.04
CA LYS A 174 -6.89 -8.49 -1.42
C LYS A 174 -8.10 -7.82 -0.81
N LYS A 175 -9.18 -7.78 -1.57
CA LYS A 175 -10.42 -7.13 -1.14
C LYS A 175 -11.05 -7.94 -0.02
N GLN A 176 -10.66 -9.21 0.03
CA GLN A 176 -11.09 -10.19 1.01
C GLN A 176 -10.80 -9.75 2.45
N TYR A 177 -9.85 -8.85 2.64
CA TYR A 177 -9.50 -8.39 3.97
C TYR A 177 -10.39 -7.23 4.40
N PHE A 178 -10.95 -6.53 3.42
CA PHE A 178 -11.63 -5.27 3.68
C PHE A 178 -13.14 -5.42 3.58
N VAL A 179 -13.60 -6.62 3.67
CA VAL A 179 -15.02 -6.89 3.66
C VAL A 179 -15.50 -7.12 5.09
N GLU A 180 -16.78 -7.39 5.26
CA GLU A 180 -17.34 -7.59 6.58
C GLU A 180 -17.09 -9.01 7.04
N LYS A 181 -17.17 -9.95 6.12
CA LYS A 181 -16.96 -11.33 6.42
C LYS A 181 -15.50 -11.73 6.22
N GLN A 182 -14.80 -11.92 7.30
CA GLN A 182 -13.45 -12.42 7.23
C GLN A 182 -13.48 -13.86 7.69
N GLY A 1 0.20 6.73 -18.51
CA GLY A 1 -0.91 6.83 -19.48
C GLY A 1 -2.23 7.01 -18.76
N PRO A 2 -3.30 6.26 -19.15
CA PRO A 2 -4.61 6.32 -18.47
C PRO A 2 -4.50 5.86 -17.02
N ASN A 3 -3.53 5.01 -16.77
CA ASN A 3 -3.19 4.56 -15.42
C ASN A 3 -2.75 5.75 -14.54
N THR A 4 -2.04 6.68 -15.14
CA THR A 4 -1.62 7.91 -14.48
C THR A 4 -2.85 8.74 -14.11
N GLU A 5 -3.86 8.74 -14.98
CA GLU A 5 -5.09 9.47 -14.75
C GLU A 5 -5.84 8.86 -13.57
N PHE A 6 -5.91 7.54 -13.56
CA PHE A 6 -6.54 6.80 -12.47
C PHE A 6 -5.85 7.13 -11.15
N ALA A 7 -4.53 7.11 -11.19
CA ALA A 7 -3.70 7.42 -10.04
C ALA A 7 -3.92 8.85 -9.57
N LEU A 8 -3.99 9.77 -10.51
CA LEU A 8 -4.20 11.19 -10.25
C LEU A 8 -5.56 11.40 -9.55
N SER A 9 -6.55 10.64 -9.96
CA SER A 9 -7.87 10.75 -9.39
C SER A 9 -7.91 10.06 -8.01
N LEU A 10 -7.10 9.03 -7.86
CA LEU A 10 -6.99 8.29 -6.61
C LEU A 10 -6.21 9.12 -5.60
N LEU A 11 -5.29 9.93 -6.11
CA LEU A 11 -4.43 10.80 -5.33
C LEU A 11 -5.20 11.66 -4.37
N ARG A 12 -6.13 12.41 -4.91
CA ARG A 12 -6.89 13.37 -4.14
C ARG A 12 -8.06 12.73 -3.39
N LYS A 13 -8.10 11.42 -3.39
CA LYS A 13 -9.13 10.70 -2.69
C LYS A 13 -8.56 9.82 -1.59
N ASN A 14 -7.69 8.90 -1.95
CA ASN A 14 -7.24 7.90 -1.00
C ASN A 14 -5.73 7.88 -0.82
N ILE A 15 -4.99 8.63 -1.61
CA ILE A 15 -3.54 8.63 -1.44
C ILE A 15 -3.20 9.71 -0.44
N MET A 16 -2.91 9.31 0.74
CA MET A 16 -2.65 10.24 1.77
C MET A 16 -1.23 10.13 2.25
N THR A 17 -0.56 11.25 2.23
CA THR A 17 0.78 11.36 2.69
C THR A 17 0.78 11.23 4.23
N ILE A 18 1.05 10.06 4.72
CA ILE A 18 1.02 9.83 6.14
C ILE A 18 2.39 10.10 6.72
N THR A 19 2.47 11.14 7.49
CA THR A 19 3.67 11.45 8.16
C THR A 19 3.71 10.68 9.47
N THR A 20 4.55 9.69 9.51
CA THR A 20 4.70 8.84 10.66
C THR A 20 5.77 9.44 11.58
N SER A 21 6.36 8.62 12.40
CA SER A 21 7.40 9.08 13.28
C SER A 21 8.75 9.02 12.52
N LYS A 22 8.75 8.40 11.34
CA LYS A 22 9.97 8.32 10.54
C LYS A 22 9.96 9.24 9.34
N GLY A 23 8.83 9.39 8.70
CA GLY A 23 8.78 10.25 7.54
C GLY A 23 7.43 10.24 6.90
N GLU A 24 7.37 10.63 5.66
CA GLU A 24 6.12 10.69 4.95
C GLU A 24 6.03 9.47 4.08
N PHE A 25 5.13 8.61 4.39
CA PHE A 25 4.93 7.43 3.62
C PHE A 25 3.59 7.52 2.94
N THR A 26 3.40 6.77 1.89
CA THR A 26 2.18 6.83 1.19
C THR A 26 1.19 5.86 1.85
N GLY A 27 0.13 6.41 2.37
CA GLY A 27 -0.88 5.62 2.96
C GLY A 27 -2.04 5.53 2.03
N LEU A 28 -2.49 4.34 1.79
CA LEU A 28 -3.58 4.14 0.88
C LEU A 28 -4.84 3.83 1.63
N GLY A 29 -5.80 4.69 1.52
CA GLY A 29 -7.10 4.43 2.07
C GLY A 29 -7.78 3.39 1.23
N ILE A 30 -8.42 2.43 1.84
CA ILE A 30 -9.09 1.40 1.09
C ILE A 30 -10.57 1.69 1.05
N HIS A 31 -11.14 1.83 2.21
CA HIS A 31 -12.55 2.09 2.36
C HIS A 31 -12.82 2.35 3.77
N ASP A 32 -14.02 2.84 4.08
CA ASP A 32 -14.40 3.14 5.47
C ASP A 32 -13.28 4.02 6.05
N ARG A 33 -12.86 3.76 7.23
CA ARG A 33 -11.77 4.45 7.83
C ARG A 33 -10.55 3.55 7.82
N VAL A 34 -10.54 2.62 6.88
CA VAL A 34 -9.47 1.64 6.75
C VAL A 34 -8.40 2.15 5.79
N CYS A 35 -7.24 2.41 6.32
CA CYS A 35 -6.10 2.86 5.55
C CYS A 35 -4.95 1.88 5.76
N VAL A 36 -4.23 1.58 4.71
CA VAL A 36 -3.14 0.62 4.76
C VAL A 36 -1.78 1.33 4.63
N ILE A 37 -0.79 0.87 5.40
CA ILE A 37 0.55 1.42 5.39
C ILE A 37 1.54 0.29 5.79
N PRO A 38 2.80 0.27 5.26
CA PRO A 38 3.82 -0.75 5.66
C PRO A 38 4.20 -0.63 7.15
N THR A 39 4.50 -1.75 7.77
CA THR A 39 4.82 -1.79 9.20
C THR A 39 6.11 -1.02 9.54
N HIS A 40 7.11 -1.08 8.66
CA HIS A 40 8.40 -0.40 8.89
C HIS A 40 8.33 1.11 8.66
N ALA A 41 7.14 1.63 8.40
CA ALA A 41 6.95 3.05 8.25
C ALA A 41 6.95 3.70 9.63
N GLN A 42 6.71 2.86 10.64
CA GLN A 42 6.67 3.22 12.06
C GLN A 42 5.66 4.32 12.38
N PRO A 43 4.37 3.95 12.41
CA PRO A 43 3.34 4.87 12.80
C PRO A 43 3.06 4.78 14.30
N GLY A 44 2.37 5.76 14.83
CA GLY A 44 1.99 5.72 16.20
C GLY A 44 0.50 5.60 16.32
N ASP A 45 -0.05 6.11 17.39
CA ASP A 45 -1.49 6.03 17.61
C ASP A 45 -2.21 7.27 17.11
N ASP A 46 -1.45 8.21 16.61
CA ASP A 46 -1.98 9.38 15.94
C ASP A 46 -1.02 9.71 14.82
N VAL A 47 -1.53 9.82 13.65
CA VAL A 47 -0.71 10.03 12.49
C VAL A 47 -1.22 11.21 11.70
N LEU A 48 -0.35 11.81 10.95
CA LEU A 48 -0.76 12.90 10.10
C LEU A 48 -1.11 12.38 8.75
N VAL A 49 -2.37 12.28 8.50
CA VAL A 49 -2.86 11.81 7.25
C VAL A 49 -2.99 13.04 6.34
N ASN A 50 -2.05 13.16 5.39
CA ASN A 50 -2.00 14.29 4.43
C ASN A 50 -1.49 15.58 5.12
N GLY A 51 -1.27 15.50 6.43
CA GLY A 51 -0.88 16.65 7.20
C GLY A 51 -1.92 16.93 8.27
N GLN A 52 -3.03 16.25 8.19
CA GLN A 52 -4.10 16.37 9.14
C GLN A 52 -3.94 15.24 10.14
N LYS A 53 -3.73 15.53 11.41
CA LYS A 53 -3.56 14.44 12.33
C LYS A 53 -4.85 13.78 12.71
N ILE A 54 -4.81 12.50 12.70
CA ILE A 54 -5.91 11.69 13.03
C ILE A 54 -5.45 10.63 14.01
N ARG A 55 -6.28 10.34 14.97
CA ARG A 55 -5.96 9.35 15.93
C ARG A 55 -6.40 8.01 15.38
N VAL A 56 -5.60 7.02 15.60
CA VAL A 56 -5.87 5.70 15.12
C VAL A 56 -6.58 4.94 16.21
N LYS A 57 -7.55 4.15 15.83
CA LYS A 57 -8.29 3.37 16.78
C LYS A 57 -7.47 2.14 17.11
N ASP A 58 -7.37 1.25 16.18
CA ASP A 58 -6.61 0.04 16.37
C ASP A 58 -5.61 -0.06 15.24
N LYS A 59 -4.42 -0.47 15.56
CA LYS A 59 -3.39 -0.64 14.57
C LYS A 59 -3.31 -2.12 14.24
N TYR A 60 -4.05 -2.53 13.25
CA TYR A 60 -4.13 -3.92 12.89
C TYR A 60 -2.94 -4.32 12.09
N LYS A 61 -2.10 -5.11 12.67
CA LYS A 61 -0.97 -5.64 12.00
C LYS A 61 -1.49 -6.76 11.12
N LEU A 62 -1.58 -6.51 9.83
CA LEU A 62 -2.13 -7.48 8.93
C LEU A 62 -1.08 -8.50 8.60
N VAL A 63 -1.04 -9.48 9.43
CA VAL A 63 -0.13 -10.57 9.31
C VAL A 63 -0.93 -11.84 9.16
N ASP A 64 -0.29 -12.86 8.70
CA ASP A 64 -0.90 -14.13 8.56
C ASP A 64 -0.91 -14.79 9.91
N PRO A 65 -2.03 -15.43 10.32
CA PRO A 65 -2.17 -16.07 11.63
C PRO A 65 -1.02 -17.02 12.02
N GLU A 66 -0.31 -17.55 11.01
CA GLU A 66 0.79 -18.48 11.25
C GLU A 66 2.10 -17.73 11.58
N ASN A 67 1.98 -16.44 11.89
CA ASN A 67 3.09 -15.53 12.31
C ASN A 67 3.92 -15.06 11.15
N ILE A 68 3.45 -15.32 9.97
CA ILE A 68 4.10 -14.89 8.78
C ILE A 68 3.62 -13.48 8.47
N ASN A 69 4.54 -12.55 8.43
CA ASN A 69 4.16 -11.15 8.29
C ASN A 69 3.87 -10.81 6.86
N LEU A 70 3.10 -9.78 6.65
CA LEU A 70 2.90 -9.24 5.31
C LEU A 70 3.62 -7.91 5.20
N GLU A 71 4.25 -7.49 6.32
CA GLU A 71 4.99 -6.22 6.42
C GLU A 71 4.00 -5.06 6.20
N LEU A 72 2.77 -5.31 6.58
CA LEU A 72 1.70 -4.45 6.26
C LEU A 72 0.85 -4.21 7.51
N THR A 73 0.37 -3.02 7.66
CA THR A 73 -0.44 -2.66 8.80
C THR A 73 -1.63 -1.80 8.36
N VAL A 74 -2.76 -2.05 8.97
CA VAL A 74 -3.98 -1.36 8.69
C VAL A 74 -4.27 -0.40 9.83
N LEU A 75 -4.39 0.85 9.51
CA LEU A 75 -4.70 1.84 10.49
C LEU A 75 -6.16 2.21 10.36
N THR A 76 -6.93 1.89 11.37
CA THR A 76 -8.31 2.28 11.39
C THR A 76 -8.37 3.67 12.01
N LEU A 77 -8.63 4.64 11.20
CA LEU A 77 -8.61 6.02 11.63
C LEU A 77 -9.91 6.38 12.33
N ASP A 78 -9.83 7.17 13.38
CA ASP A 78 -11.02 7.54 14.14
C ASP A 78 -11.74 8.73 13.51
N ARG A 79 -12.40 8.46 12.41
CA ARG A 79 -13.19 9.45 11.69
C ARG A 79 -14.60 8.93 11.55
N ASN A 80 -15.53 9.79 11.26
CA ASN A 80 -16.89 9.38 10.93
C ASN A 80 -16.96 9.28 9.42
N GLU A 81 -16.48 10.32 8.75
CA GLU A 81 -16.42 10.35 7.29
C GLU A 81 -15.39 9.31 6.83
N LYS A 82 -15.61 8.73 5.68
CA LYS A 82 -14.75 7.69 5.22
C LYS A 82 -14.09 8.06 3.90
N PHE A 83 -13.17 7.23 3.46
CA PHE A 83 -12.49 7.43 2.19
C PHE A 83 -13.37 6.89 1.07
N ARG A 84 -12.89 7.01 -0.15
CA ARG A 84 -13.57 6.45 -1.28
C ARG A 84 -13.37 4.95 -1.23
N ASP A 85 -14.45 4.21 -1.30
CA ASP A 85 -14.38 2.76 -1.20
C ASP A 85 -13.77 2.19 -2.48
N ILE A 86 -12.47 2.05 -2.49
CA ILE A 86 -11.80 1.59 -3.69
C ILE A 86 -11.62 0.07 -3.70
N ARG A 87 -12.42 -0.60 -2.89
CA ARG A 87 -12.33 -2.06 -2.77
C ARG A 87 -12.77 -2.73 -4.06
N GLY A 88 -13.68 -2.07 -4.77
CA GLY A 88 -14.11 -2.54 -6.07
C GLY A 88 -13.00 -2.44 -7.09
N PHE A 89 -12.09 -1.49 -6.88
CA PHE A 89 -10.98 -1.27 -7.79
C PHE A 89 -9.83 -2.19 -7.46
N ILE A 90 -9.93 -2.88 -6.34
CA ILE A 90 -8.93 -3.85 -5.97
C ILE A 90 -8.97 -5.00 -6.95
N SER A 91 -7.84 -5.35 -7.42
CA SER A 91 -7.72 -6.43 -8.27
C SER A 91 -6.73 -7.37 -7.68
N GLU A 92 -7.19 -8.53 -7.25
CA GLU A 92 -6.29 -9.53 -6.78
C GLU A 92 -5.82 -10.38 -7.96
N ASP A 93 -6.25 -9.93 -9.13
CA ASP A 93 -5.79 -10.39 -10.43
C ASP A 93 -4.67 -9.45 -10.83
N LEU A 94 -3.45 -9.96 -10.86
CA LEU A 94 -2.31 -9.09 -11.04
C LEU A 94 -1.21 -9.67 -11.92
N GLU A 95 -1.09 -10.98 -11.92
CA GLU A 95 0.05 -11.64 -12.54
C GLU A 95 0.03 -11.50 -14.06
N GLY A 96 0.87 -10.60 -14.55
CA GLY A 96 0.98 -10.36 -15.97
C GLY A 96 0.37 -9.03 -16.39
N VAL A 97 -0.17 -8.30 -15.42
CA VAL A 97 -0.81 -7.02 -15.71
C VAL A 97 0.22 -5.89 -15.59
N ASP A 98 0.16 -4.95 -16.51
CA ASP A 98 1.05 -3.79 -16.48
C ASP A 98 0.54 -2.78 -15.48
N ALA A 99 1.32 -2.54 -14.47
CA ALA A 99 0.94 -1.67 -13.39
C ALA A 99 1.84 -0.44 -13.32
N THR A 100 1.45 0.46 -12.47
CA THR A 100 2.11 1.70 -12.23
C THR A 100 2.33 1.86 -10.72
N LEU A 101 3.46 2.38 -10.34
CA LEU A 101 3.79 2.60 -8.96
C LEU A 101 3.69 4.08 -8.67
N VAL A 102 2.85 4.43 -7.74
CA VAL A 102 2.65 5.81 -7.36
C VAL A 102 3.14 6.03 -5.94
N VAL A 103 4.24 6.72 -5.81
CA VAL A 103 4.79 7.01 -4.51
C VAL A 103 4.60 8.49 -4.20
N HIS A 104 4.24 8.80 -2.97
CA HIS A 104 4.03 10.16 -2.59
C HIS A 104 4.60 10.41 -1.18
N SER A 105 5.68 11.13 -1.15
CA SER A 105 6.36 11.51 0.06
C SER A 105 6.92 12.93 -0.14
N ASN A 106 7.73 13.47 0.78
CA ASN A 106 8.31 14.80 0.52
C ASN A 106 9.48 14.63 -0.43
N ASN A 107 10.07 13.45 -0.39
CA ASN A 107 11.17 13.08 -1.26
C ASN A 107 10.61 12.85 -2.67
N PHE A 108 9.58 12.04 -2.76
CA PHE A 108 8.97 11.74 -4.01
C PHE A 108 7.55 12.26 -4.00
N THR A 109 7.37 13.51 -4.31
CA THR A 109 6.05 14.07 -4.28
C THR A 109 5.28 13.72 -5.56
N ASN A 110 4.48 12.67 -5.44
CA ASN A 110 3.63 12.15 -6.50
C ASN A 110 4.43 11.72 -7.72
N THR A 111 5.14 10.66 -7.55
CA THR A 111 5.91 10.09 -8.60
C THR A 111 5.13 8.90 -9.15
N ILE A 112 4.60 9.07 -10.34
CA ILE A 112 3.83 8.04 -11.00
C ILE A 112 4.68 7.38 -12.08
N LEU A 113 5.10 6.16 -11.86
CA LEU A 113 5.95 5.47 -12.81
C LEU A 113 5.35 4.14 -13.23
N GLU A 114 5.17 3.97 -14.51
CA GLU A 114 4.67 2.74 -15.07
C GLU A 114 5.77 1.69 -15.03
N VAL A 115 5.67 0.78 -14.08
CA VAL A 115 6.70 -0.23 -13.85
C VAL A 115 6.61 -1.38 -14.86
N GLY A 116 5.43 -1.62 -15.36
CA GLY A 116 5.26 -2.66 -16.33
C GLY A 116 4.54 -3.84 -15.71
N PRO A 117 4.82 -5.06 -16.18
CA PRO A 117 4.13 -6.25 -15.72
C PRO A 117 4.49 -6.63 -14.30
N VAL A 118 3.50 -6.71 -13.46
CA VAL A 118 3.71 -7.15 -12.12
C VAL A 118 3.54 -8.65 -12.04
N THR A 119 4.30 -9.24 -11.18
CA THR A 119 4.33 -10.67 -11.02
C THR A 119 4.15 -11.00 -9.55
N MET A 120 4.00 -12.25 -9.22
CA MET A 120 3.81 -12.63 -7.85
C MET A 120 5.00 -13.45 -7.41
N ALA A 121 5.48 -13.17 -6.22
CA ALA A 121 6.60 -13.91 -5.67
C ALA A 121 6.10 -14.89 -4.63
N GLY A 122 4.98 -14.55 -4.03
CA GLY A 122 4.38 -15.40 -3.05
C GLY A 122 4.88 -15.05 -1.68
N LEU A 123 5.97 -15.67 -1.30
CA LEU A 123 6.59 -15.44 -0.01
C LEU A 123 8.08 -15.22 -0.22
N ILE A 124 8.70 -14.55 0.71
CA ILE A 124 10.14 -14.39 0.72
C ILE A 124 10.62 -14.41 2.16
N ASN A 125 11.59 -15.24 2.45
CA ASN A 125 12.11 -15.33 3.79
C ASN A 125 13.27 -14.36 3.94
N LEU A 126 12.96 -13.21 4.45
CA LEU A 126 13.94 -12.15 4.62
C LEU A 126 14.26 -12.02 6.09
N SER A 127 15.52 -12.17 6.46
CA SER A 127 15.99 -12.05 7.86
C SER A 127 15.16 -12.90 8.84
N SER A 128 14.96 -14.16 8.49
CA SER A 128 14.19 -15.12 9.30
C SER A 128 12.71 -14.70 9.44
N THR A 129 12.26 -13.83 8.60
CA THR A 129 10.90 -13.44 8.58
C THR A 129 10.34 -13.54 7.17
N PRO A 130 9.51 -14.54 6.92
CA PRO A 130 8.87 -14.67 5.65
C PRO A 130 7.69 -13.73 5.55
N THR A 131 7.63 -13.02 4.47
CA THR A 131 6.51 -12.21 4.20
C THR A 131 5.66 -12.89 3.14
N ASN A 132 4.36 -12.93 3.37
CA ASN A 132 3.46 -13.64 2.48
C ASN A 132 2.63 -12.62 1.69
N ARG A 133 2.06 -13.05 0.57
CA ARG A 133 1.27 -12.21 -0.35
C ARG A 133 2.14 -11.15 -0.99
N MET A 134 3.35 -11.55 -1.31
CA MET A 134 4.31 -10.67 -1.93
C MET A 134 4.14 -10.63 -3.43
N ILE A 135 3.85 -9.47 -3.91
CA ILE A 135 3.79 -9.20 -5.31
C ILE A 135 5.11 -8.53 -5.70
N ARG A 136 5.69 -8.93 -6.78
CA ARG A 136 7.01 -8.49 -7.16
C ARG A 136 7.02 -7.94 -8.57
N TYR A 137 7.82 -6.94 -8.79
CA TYR A 137 8.00 -6.37 -10.10
C TYR A 137 9.45 -6.05 -10.37
N ASP A 138 9.77 -5.84 -11.62
CA ASP A 138 11.10 -5.50 -12.07
C ASP A 138 11.24 -3.98 -12.08
N TYR A 139 11.86 -3.46 -11.06
CA TYR A 139 12.09 -2.03 -10.88
C TYR A 139 13.01 -1.81 -9.70
N ALA A 140 14.10 -1.12 -9.95
CA ALA A 140 15.05 -0.77 -8.93
C ALA A 140 14.45 0.28 -8.02
N THR A 141 14.04 -0.16 -6.88
CA THR A 141 13.41 0.68 -5.91
C THR A 141 14.25 0.65 -4.65
N LYS A 142 14.14 1.68 -3.85
CA LYS A 142 14.92 1.78 -2.65
C LYS A 142 14.02 2.04 -1.46
N THR A 143 14.57 1.86 -0.28
CA THR A 143 13.88 2.09 0.94
C THR A 143 13.45 3.57 1.02
N GLY A 144 12.19 3.80 1.31
CA GLY A 144 11.70 5.16 1.34
C GLY A 144 10.59 5.35 0.35
N GLN A 145 10.54 4.46 -0.64
CA GLN A 145 9.47 4.48 -1.64
C GLN A 145 8.35 3.54 -1.18
N CYS A 146 8.31 3.34 0.10
CA CYS A 146 7.41 2.43 0.75
C CYS A 146 6.03 3.06 0.87
N GLY A 147 5.02 2.26 0.61
CA GLY A 147 3.67 2.74 0.67
C GLY A 147 3.16 3.12 -0.69
N GLY A 148 4.01 2.94 -1.69
CA GLY A 148 3.66 3.28 -3.06
C GLY A 148 2.50 2.46 -3.57
N VAL A 149 1.50 3.14 -4.06
CA VAL A 149 0.30 2.52 -4.58
C VAL A 149 0.61 1.87 -5.91
N LEU A 150 0.54 0.57 -5.92
CA LEU A 150 0.77 -0.18 -7.10
C LEU A 150 -0.58 -0.45 -7.74
N CYS A 151 -0.84 0.24 -8.82
CA CYS A 151 -2.12 0.17 -9.44
C CYS A 151 -2.02 0.31 -10.94
N ALA A 152 -3.06 -0.07 -11.59
CA ALA A 152 -3.22 0.08 -13.01
C ALA A 152 -4.54 0.77 -13.19
N THR A 153 -4.93 1.07 -14.41
CA THR A 153 -6.17 1.76 -14.63
C THR A 153 -7.38 0.89 -14.17
N GLY A 154 -7.98 1.30 -13.08
CA GLY A 154 -9.14 0.61 -12.55
C GLY A 154 -8.79 -0.60 -11.69
N LYS A 155 -7.50 -0.84 -11.50
CA LYS A 155 -7.06 -2.01 -10.75
C LYS A 155 -5.93 -1.68 -9.77
N ILE A 156 -6.23 -1.69 -8.50
CA ILE A 156 -5.21 -1.50 -7.48
C ILE A 156 -4.81 -2.86 -6.97
N PHE A 157 -3.52 -3.11 -6.92
CA PHE A 157 -3.03 -4.41 -6.53
C PHE A 157 -2.53 -4.40 -5.10
N GLY A 158 -2.01 -3.28 -4.68
CA GLY A 158 -1.54 -3.16 -3.34
C GLY A 158 -0.57 -2.04 -3.20
N ILE A 159 0.30 -2.11 -2.22
CA ILE A 159 1.28 -1.07 -1.99
C ILE A 159 2.67 -1.67 -1.80
N HIS A 160 3.66 -0.92 -2.22
CA HIS A 160 5.05 -1.31 -2.10
C HIS A 160 5.50 -1.32 -0.65
N VAL A 161 6.14 -2.40 -0.24
CA VAL A 161 6.66 -2.48 1.09
C VAL A 161 8.18 -2.31 1.09
N GLY A 162 8.88 -3.18 0.41
CA GLY A 162 10.32 -3.09 0.40
C GLY A 162 10.87 -3.77 -0.81
N GLY A 163 11.91 -3.22 -1.36
CA GLY A 163 12.49 -3.78 -2.54
C GLY A 163 13.97 -3.91 -2.42
N ASN A 164 14.49 -4.96 -2.99
CA ASN A 164 15.90 -5.24 -2.99
C ASN A 164 16.40 -5.31 -4.41
N GLY A 165 17.12 -4.28 -4.80
CA GLY A 165 17.62 -4.18 -6.14
C GLY A 165 16.51 -3.84 -7.10
N ARG A 166 16.43 -4.59 -8.18
CA ARG A 166 15.39 -4.38 -9.17
C ARG A 166 14.16 -5.23 -8.85
N GLN A 167 14.15 -5.82 -7.70
CA GLN A 167 13.03 -6.62 -7.32
C GLN A 167 12.29 -5.96 -6.20
N GLY A 168 11.28 -5.23 -6.57
CA GLY A 168 10.47 -4.55 -5.63
C GLY A 168 9.36 -5.42 -5.16
N PHE A 169 9.28 -5.62 -3.86
CA PHE A 169 8.26 -6.44 -3.30
C PHE A 169 7.21 -5.58 -2.66
N SER A 170 6.02 -5.82 -3.03
CA SER A 170 4.91 -5.11 -2.54
C SER A 170 3.93 -6.10 -1.96
N ALA A 171 2.97 -5.64 -1.21
CA ALA A 171 1.99 -6.52 -0.64
C ALA A 171 0.73 -6.46 -1.46
N GLN A 172 0.21 -7.61 -1.85
CA GLN A 172 -1.00 -7.65 -2.63
C GLN A 172 -2.21 -7.61 -1.70
N LEU A 173 -2.96 -6.56 -1.83
CA LEU A 173 -4.13 -6.36 -1.04
C LEU A 173 -5.31 -7.03 -1.70
N LYS A 174 -5.56 -8.25 -1.31
CA LYS A 174 -6.71 -8.98 -1.82
C LYS A 174 -7.96 -8.41 -1.19
N LYS A 175 -9.05 -8.41 -1.93
CA LYS A 175 -10.30 -7.88 -1.43
C LYS A 175 -10.94 -8.83 -0.42
N GLN A 176 -10.33 -10.00 -0.29
CA GLN A 176 -10.72 -11.02 0.68
C GLN A 176 -10.53 -10.48 2.11
N TYR A 177 -9.52 -9.62 2.30
CA TYR A 177 -9.22 -9.03 3.61
C TYR A 177 -10.22 -7.97 3.96
N PHE A 178 -10.78 -7.35 2.96
CA PHE A 178 -11.60 -6.18 3.14
C PHE A 178 -13.07 -6.47 3.06
N VAL A 179 -13.40 -7.71 2.86
CA VAL A 179 -14.78 -8.07 2.90
C VAL A 179 -15.08 -8.52 4.32
N GLU A 180 -16.21 -8.08 4.86
CA GLU A 180 -16.54 -8.37 6.24
C GLU A 180 -16.76 -9.87 6.46
N LYS A 181 -17.51 -10.47 5.58
CA LYS A 181 -17.77 -11.89 5.66
C LYS A 181 -17.27 -12.58 4.42
N GLN A 182 -16.83 -13.78 4.57
CA GLN A 182 -16.50 -14.60 3.45
C GLN A 182 -17.48 -15.73 3.42
N GLY A 1 -1.73 9.13 -19.18
CA GLY A 1 -2.49 8.02 -19.75
C GLY A 1 -3.55 7.55 -18.78
N PRO A 2 -4.26 6.45 -19.10
CA PRO A 2 -5.36 5.93 -18.28
C PRO A 2 -4.93 5.50 -16.88
N ASN A 3 -3.68 5.08 -16.73
CA ASN A 3 -3.17 4.68 -15.42
C ASN A 3 -2.89 5.90 -14.60
N THR A 4 -2.35 6.91 -15.27
CA THR A 4 -2.02 8.17 -14.65
C THR A 4 -3.27 8.83 -14.10
N GLU A 5 -4.34 8.84 -14.90
CA GLU A 5 -5.60 9.43 -14.50
C GLU A 5 -6.16 8.74 -13.27
N PHE A 6 -6.21 7.42 -13.30
CA PHE A 6 -6.76 6.64 -12.20
C PHE A 6 -6.01 6.92 -10.91
N ALA A 7 -4.68 6.91 -11.00
CA ALA A 7 -3.82 7.18 -9.86
C ALA A 7 -4.04 8.59 -9.33
N LEU A 8 -4.31 9.52 -10.23
CA LEU A 8 -4.53 10.90 -9.88
C LEU A 8 -5.89 11.08 -9.16
N SER A 9 -6.92 10.41 -9.65
CA SER A 9 -8.22 10.47 -9.02
C SER A 9 -8.23 9.72 -7.68
N LEU A 10 -7.44 8.65 -7.61
CA LEU A 10 -7.27 7.85 -6.41
C LEU A 10 -6.55 8.68 -5.35
N LEU A 11 -5.56 9.44 -5.82
CA LEU A 11 -4.71 10.31 -5.01
C LEU A 11 -5.53 11.26 -4.17
N ARG A 12 -6.44 11.93 -4.84
CA ARG A 12 -7.21 13.02 -4.26
C ARG A 12 -8.28 12.55 -3.26
N LYS A 13 -8.42 11.27 -3.10
CA LYS A 13 -9.42 10.75 -2.19
C LYS A 13 -8.86 9.78 -1.17
N ASN A 14 -8.08 8.83 -1.61
CA ASN A 14 -7.65 7.78 -0.70
C ASN A 14 -6.17 7.73 -0.43
N ILE A 15 -5.37 8.48 -1.18
CA ILE A 15 -3.93 8.41 -0.95
C ILE A 15 -3.51 9.58 -0.10
N MET A 16 -3.02 9.30 1.09
CA MET A 16 -2.66 10.34 2.04
C MET A 16 -1.24 10.13 2.53
N THR A 17 -0.53 11.21 2.80
CA THR A 17 0.81 11.13 3.36
C THR A 17 0.70 10.85 4.86
N ILE A 18 1.45 9.91 5.35
CA ILE A 18 1.43 9.60 6.75
C ILE A 18 2.84 9.66 7.31
N THR A 19 3.09 10.64 8.13
CA THR A 19 4.35 10.75 8.80
C THR A 19 4.38 9.75 9.97
N THR A 20 5.08 8.68 9.75
CA THR A 20 5.23 7.63 10.71
C THR A 20 6.51 7.86 11.50
N SER A 21 6.93 6.88 12.26
CA SER A 21 8.14 6.99 13.03
C SER A 21 9.38 6.94 12.12
N LYS A 22 9.19 6.50 10.88
CA LYS A 22 10.30 6.42 9.95
C LYS A 22 10.20 7.45 8.83
N GLY A 23 9.27 8.37 8.93
CA GLY A 23 9.19 9.42 7.95
C GLY A 23 7.87 9.45 7.21
N GLU A 24 7.87 10.13 6.08
CA GLU A 24 6.67 10.32 5.29
C GLU A 24 6.43 9.17 4.33
N PHE A 25 5.55 8.33 4.72
CA PHE A 25 5.12 7.25 3.87
C PHE A 25 3.74 7.61 3.41
N THR A 26 3.11 6.79 2.65
CA THR A 26 1.80 7.10 2.24
C THR A 26 0.90 5.94 2.55
N GLY A 27 -0.28 6.25 3.02
CA GLY A 27 -1.23 5.26 3.37
C GLY A 27 -2.36 5.30 2.43
N LEU A 28 -2.80 4.15 2.03
CA LEU A 28 -3.88 4.05 1.09
C LEU A 28 -5.15 3.71 1.81
N GLY A 29 -6.11 4.58 1.72
CA GLY A 29 -7.42 4.31 2.23
C GLY A 29 -8.06 3.27 1.35
N ILE A 30 -8.63 2.27 1.93
CA ILE A 30 -9.24 1.21 1.16
C ILE A 30 -10.74 1.40 1.11
N HIS A 31 -11.33 1.55 2.26
CA HIS A 31 -12.76 1.70 2.35
C HIS A 31 -13.11 2.28 3.69
N ASP A 32 -14.19 3.00 3.74
CA ASP A 32 -14.76 3.62 4.94
C ASP A 32 -13.73 4.51 5.70
N ARG A 33 -13.01 3.93 6.68
CA ARG A 33 -11.89 4.62 7.37
C ARG A 33 -10.66 3.71 7.43
N VAL A 34 -10.77 2.59 6.75
CA VAL A 34 -9.75 1.56 6.71
C VAL A 34 -8.64 1.98 5.78
N CYS A 35 -7.49 2.23 6.33
CA CYS A 35 -6.34 2.64 5.57
C CYS A 35 -5.22 1.65 5.81
N VAL A 36 -4.45 1.35 4.79
CA VAL A 36 -3.39 0.39 4.92
C VAL A 36 -2.03 1.05 4.69
N ILE A 37 -1.05 0.64 5.46
CA ILE A 37 0.30 1.16 5.38
C ILE A 37 1.26 0.07 5.91
N PRO A 38 2.53 -0.02 5.41
CA PRO A 38 3.52 -0.99 5.94
C PRO A 38 3.87 -0.74 7.42
N THR A 39 4.12 -1.81 8.15
CA THR A 39 4.41 -1.73 9.57
C THR A 39 5.90 -1.50 9.85
N HIS A 40 6.75 -1.61 8.83
CA HIS A 40 8.17 -1.29 9.04
C HIS A 40 8.38 0.24 9.02
N ALA A 41 7.29 0.95 8.77
CA ALA A 41 7.28 2.39 8.83
C ALA A 41 6.95 2.83 10.26
N GLN A 42 6.20 1.96 10.94
CA GLN A 42 5.73 2.17 12.30
C GLN A 42 4.83 3.39 12.47
N PRO A 43 3.53 3.22 12.26
CA PRO A 43 2.56 4.26 12.51
C PRO A 43 2.24 4.27 14.01
N GLY A 44 1.93 5.44 14.53
CA GLY A 44 1.65 5.55 15.94
C GLY A 44 0.18 5.52 16.25
N ASP A 45 -0.17 6.06 17.39
CA ASP A 45 -1.55 6.13 17.85
C ASP A 45 -2.21 7.33 17.19
N ASP A 46 -1.40 8.32 16.93
CA ASP A 46 -1.79 9.54 16.26
C ASP A 46 -0.66 9.91 15.31
N VAL A 47 -1.01 10.29 14.11
CA VAL A 47 -0.03 10.54 13.06
C VAL A 47 -0.34 11.81 12.29
N LEU A 48 0.67 12.37 11.66
CA LEU A 48 0.51 13.53 10.84
C LEU A 48 0.21 13.09 9.42
N VAL A 49 -0.99 13.31 9.01
CA VAL A 49 -1.44 12.97 7.69
C VAL A 49 -1.38 14.20 6.81
N ASN A 50 -0.21 14.39 6.21
CA ASN A 50 0.07 15.50 5.27
C ASN A 50 -0.05 16.86 6.02
N GLY A 51 0.04 16.78 7.34
CA GLY A 51 -0.08 17.95 8.17
C GLY A 51 -1.11 17.78 9.25
N GLN A 52 -2.22 17.13 8.94
CA GLN A 52 -3.31 16.95 9.88
C GLN A 52 -3.01 15.79 10.80
N LYS A 53 -2.95 16.04 12.08
CA LYS A 53 -2.73 15.01 13.01
C LYS A 53 -4.05 14.30 13.27
N ILE A 54 -4.14 13.10 12.81
CA ILE A 54 -5.32 12.31 12.99
C ILE A 54 -5.02 11.30 14.09
N ARG A 55 -6.02 10.89 14.82
CA ARG A 55 -5.79 9.85 15.73
C ARG A 55 -6.30 8.57 15.10
N VAL A 56 -5.57 7.52 15.26
CA VAL A 56 -5.98 6.25 14.78
C VAL A 56 -6.80 5.61 15.88
N LYS A 57 -8.00 5.22 15.54
CA LYS A 57 -8.91 4.61 16.48
C LYS A 57 -8.42 3.22 16.83
N ASP A 58 -8.17 2.43 15.81
CA ASP A 58 -7.74 1.06 15.98
C ASP A 58 -6.67 0.72 15.00
N LYS A 59 -5.69 0.02 15.48
CA LYS A 59 -4.58 -0.39 14.68
C LYS A 59 -4.59 -1.90 14.59
N TYR A 60 -4.84 -2.41 13.44
CA TYR A 60 -4.87 -3.85 13.28
C TYR A 60 -3.67 -4.29 12.46
N LYS A 61 -2.76 -4.98 13.09
CA LYS A 61 -1.66 -5.57 12.37
C LYS A 61 -2.17 -6.82 11.69
N LEU A 62 -2.16 -6.82 10.39
CA LEU A 62 -2.65 -7.93 9.65
C LEU A 62 -1.52 -8.90 9.40
N VAL A 63 -1.50 -9.93 10.18
CA VAL A 63 -0.51 -10.98 10.10
C VAL A 63 -1.27 -12.27 9.89
N ASP A 64 -0.76 -13.16 9.06
CA ASP A 64 -1.47 -14.39 8.82
C ASP A 64 -1.16 -15.36 9.95
N PRO A 65 -2.20 -15.99 10.54
CA PRO A 65 -2.09 -16.82 11.76
C PRO A 65 -1.21 -18.09 11.63
N GLU A 66 -0.57 -18.28 10.49
CA GLU A 66 0.34 -19.39 10.32
C GLU A 66 1.77 -18.93 10.69
N ASN A 67 1.84 -17.77 11.37
CA ASN A 67 3.09 -17.12 11.83
C ASN A 67 3.84 -16.57 10.62
N ILE A 68 3.08 -16.02 9.71
CA ILE A 68 3.63 -15.45 8.52
C ILE A 68 3.26 -13.97 8.47
N ASN A 69 4.28 -13.14 8.40
CA ASN A 69 4.10 -11.69 8.37
C ASN A 69 3.36 -11.29 7.12
N LEU A 70 2.61 -10.23 7.17
CA LEU A 70 1.95 -9.77 5.99
C LEU A 70 2.27 -8.30 5.73
N GLU A 71 2.92 -7.65 6.71
CA GLU A 71 3.41 -6.24 6.61
C GLU A 71 2.26 -5.18 6.66
N LEU A 72 1.05 -5.62 6.37
CA LEU A 72 -0.12 -4.76 6.34
C LEU A 72 -0.54 -4.27 7.72
N THR A 73 -0.52 -2.98 7.89
CA THR A 73 -1.06 -2.36 9.05
C THR A 73 -2.35 -1.68 8.65
N VAL A 74 -3.43 -2.18 9.18
CA VAL A 74 -4.72 -1.64 8.91
C VAL A 74 -5.05 -0.61 9.97
N LEU A 75 -4.97 0.62 9.59
CA LEU A 75 -5.24 1.71 10.48
C LEU A 75 -6.64 2.19 10.26
N THR A 76 -7.40 2.21 11.29
CA THR A 76 -8.69 2.79 11.23
C THR A 76 -8.58 4.20 11.78
N LEU A 77 -8.39 5.14 10.88
CA LEU A 77 -8.25 6.55 11.25
C LEU A 77 -9.58 7.07 11.69
N ASP A 78 -9.62 7.84 12.75
CA ASP A 78 -10.89 8.39 13.14
C ASP A 78 -11.15 9.66 12.36
N ARG A 79 -11.53 9.44 11.14
CA ARG A 79 -11.85 10.45 10.20
C ARG A 79 -13.36 10.53 10.13
N ASN A 80 -13.89 11.74 10.28
CA ASN A 80 -15.34 11.95 10.31
C ASN A 80 -15.98 11.60 8.99
N GLU A 81 -15.45 12.15 7.92
CA GLU A 81 -15.90 11.83 6.60
C GLU A 81 -15.41 10.44 6.19
N LYS A 82 -16.05 9.88 5.23
CA LYS A 82 -15.78 8.54 4.79
C LYS A 82 -14.90 8.55 3.54
N PHE A 83 -14.00 7.60 3.46
CA PHE A 83 -13.16 7.43 2.30
C PHE A 83 -13.92 6.69 1.22
N ARG A 84 -13.44 6.77 0.02
CA ARG A 84 -14.07 6.15 -1.10
C ARG A 84 -13.73 4.66 -1.05
N ASP A 85 -14.71 3.82 -1.20
CA ASP A 85 -14.46 2.40 -1.11
C ASP A 85 -13.87 1.90 -2.41
N ILE A 86 -12.57 1.80 -2.48
CA ILE A 86 -11.89 1.38 -3.70
C ILE A 86 -11.60 -0.12 -3.63
N ARG A 87 -12.34 -0.77 -2.78
CA ARG A 87 -12.15 -2.20 -2.49
C ARG A 87 -12.45 -3.08 -3.72
N GLY A 88 -13.32 -2.60 -4.58
CA GLY A 88 -13.66 -3.32 -5.80
C GLY A 88 -12.64 -3.10 -6.91
N PHE A 89 -11.68 -2.21 -6.68
CA PHE A 89 -10.63 -1.96 -7.67
C PHE A 89 -9.40 -2.76 -7.36
N ILE A 90 -9.46 -3.49 -6.27
CA ILE A 90 -8.40 -4.35 -5.88
C ILE A 90 -8.33 -5.55 -6.82
N SER A 91 -7.22 -5.68 -7.46
CA SER A 91 -6.99 -6.76 -8.34
C SER A 91 -6.00 -7.70 -7.71
N GLU A 92 -6.47 -8.83 -7.23
CA GLU A 92 -5.58 -9.80 -6.65
C GLU A 92 -4.88 -10.63 -7.74
N ASP A 93 -5.40 -10.52 -8.98
CA ASP A 93 -4.72 -11.05 -10.14
C ASP A 93 -3.63 -10.07 -10.50
N LEU A 94 -2.41 -10.51 -10.47
CA LEU A 94 -1.29 -9.63 -10.57
C LEU A 94 -0.51 -9.84 -11.86
N GLU A 95 0.06 -11.03 -11.98
CA GLU A 95 1.07 -11.35 -12.97
C GLU A 95 0.67 -11.07 -14.41
N GLY A 96 1.52 -10.32 -15.07
CA GLY A 96 1.32 -10.02 -16.46
C GLY A 96 1.08 -8.55 -16.71
N VAL A 97 0.35 -7.91 -15.82
CA VAL A 97 -0.01 -6.51 -16.02
C VAL A 97 1.16 -5.60 -15.67
N ASP A 98 1.35 -4.58 -16.48
CA ASP A 98 2.35 -3.56 -16.25
C ASP A 98 1.80 -2.58 -15.26
N ALA A 99 2.24 -2.71 -14.04
CA ALA A 99 1.74 -1.88 -12.99
C ALA A 99 2.40 -0.52 -13.00
N THR A 100 1.80 0.39 -12.32
CA THR A 100 2.25 1.73 -12.19
C THR A 100 2.27 2.06 -10.68
N LEU A 101 3.27 2.75 -10.24
CA LEU A 101 3.42 3.02 -8.83
C LEU A 101 3.24 4.51 -8.59
N VAL A 102 2.33 4.85 -7.71
CA VAL A 102 2.09 6.23 -7.35
C VAL A 102 2.39 6.48 -5.86
N VAL A 103 3.28 7.39 -5.59
CA VAL A 103 3.66 7.71 -4.23
C VAL A 103 3.17 9.13 -3.87
N HIS A 104 2.67 9.30 -2.66
CA HIS A 104 2.25 10.59 -2.15
C HIS A 104 2.94 10.88 -0.82
N SER A 105 4.15 11.29 -0.92
CA SER A 105 4.96 11.63 0.20
C SER A 105 5.28 13.13 0.07
N ASN A 106 6.06 13.65 0.98
CA ASN A 106 6.38 15.07 0.98
C ASN A 106 7.31 15.41 -0.18
N ASN A 107 8.32 14.61 -0.36
CA ASN A 107 9.23 14.77 -1.48
C ASN A 107 8.65 14.16 -2.73
N PHE A 108 8.16 12.95 -2.60
CA PHE A 108 7.55 12.26 -3.71
C PHE A 108 6.07 12.58 -3.77
N THR A 109 5.74 13.75 -4.25
CA THR A 109 4.38 14.19 -4.33
C THR A 109 3.81 13.87 -5.70
N ASN A 110 3.03 12.79 -5.75
CA ASN A 110 2.40 12.29 -6.96
C ASN A 110 3.45 11.84 -7.95
N THR A 111 4.18 10.88 -7.55
CA THR A 111 5.16 10.29 -8.37
C THR A 111 4.56 9.06 -9.00
N ILE A 112 4.07 9.22 -10.21
CA ILE A 112 3.43 8.14 -10.93
C ILE A 112 4.42 7.59 -11.93
N LEU A 113 5.07 6.53 -11.56
CA LEU A 113 6.07 5.93 -12.43
C LEU A 113 5.66 4.51 -12.72
N GLU A 114 5.80 4.12 -13.96
CA GLU A 114 5.46 2.78 -14.37
C GLU A 114 6.44 1.80 -13.75
N VAL A 115 5.96 0.64 -13.44
CA VAL A 115 6.77 -0.39 -12.86
C VAL A 115 7.12 -1.41 -13.91
N GLY A 116 6.12 -1.90 -14.58
CA GLY A 116 6.32 -2.91 -15.56
C GLY A 116 5.55 -4.14 -15.20
N PRO A 117 5.78 -5.27 -15.87
CA PRO A 117 5.05 -6.51 -15.62
C PRO A 117 5.32 -7.07 -14.22
N VAL A 118 4.29 -7.13 -13.43
CA VAL A 118 4.42 -7.65 -12.10
C VAL A 118 4.23 -9.16 -12.08
N THR A 119 4.80 -9.81 -11.08
CA THR A 119 4.74 -11.24 -10.93
C THR A 119 4.44 -11.59 -9.47
N MET A 120 4.15 -12.83 -9.19
CA MET A 120 3.88 -13.24 -7.82
C MET A 120 5.21 -13.63 -7.17
N ALA A 121 5.35 -13.30 -5.89
CA ALA A 121 6.58 -13.60 -5.18
C ALA A 121 6.46 -14.90 -4.42
N GLY A 122 5.31 -15.12 -3.85
CA GLY A 122 5.11 -16.27 -3.04
C GLY A 122 5.25 -15.90 -1.59
N LEU A 123 6.28 -16.37 -0.95
CA LEU A 123 6.49 -16.02 0.43
C LEU A 123 7.95 -15.67 0.67
N ILE A 124 8.15 -14.43 0.95
CA ILE A 124 9.47 -13.85 1.17
C ILE A 124 9.24 -12.51 1.88
N ASN A 125 10.24 -12.02 2.59
CA ASN A 125 10.17 -10.71 3.25
C ASN A 125 11.58 -10.22 3.53
N LEU A 126 12.22 -10.75 4.56
CA LEU A 126 13.60 -10.43 4.84
C LEU A 126 14.16 -11.49 5.75
N SER A 127 15.47 -11.74 5.68
CA SER A 127 16.21 -12.68 6.57
C SER A 127 15.54 -14.07 6.68
N SER A 128 14.94 -14.51 5.58
CA SER A 128 14.19 -15.75 5.53
C SER A 128 13.03 -15.71 6.52
N THR A 129 12.17 -14.76 6.30
CA THR A 129 10.98 -14.59 7.04
C THR A 129 10.02 -14.14 5.97
N PRO A 130 8.85 -14.75 5.83
CA PRO A 130 7.99 -14.49 4.71
C PRO A 130 6.81 -13.54 4.95
N THR A 131 6.45 -12.84 3.88
CA THR A 131 5.21 -12.16 3.79
C THR A 131 4.24 -13.14 3.11
N ASN A 132 3.07 -13.31 3.69
CA ASN A 132 2.08 -14.28 3.22
C ASN A 132 1.52 -13.93 1.84
N ARG A 133 2.09 -14.57 0.81
CA ARG A 133 1.65 -14.39 -0.56
C ARG A 133 1.83 -12.96 -1.00
N MET A 134 3.05 -12.69 -1.37
CA MET A 134 3.54 -11.37 -1.68
C MET A 134 3.68 -11.21 -3.21
N ILE A 135 3.92 -9.97 -3.66
CA ILE A 135 4.09 -9.66 -5.08
C ILE A 135 5.51 -9.11 -5.32
N ARG A 136 6.10 -9.49 -6.44
CA ARG A 136 7.47 -9.15 -6.79
C ARG A 136 7.54 -8.74 -8.25
N TYR A 137 8.42 -7.83 -8.56
CA TYR A 137 8.58 -7.37 -9.91
C TYR A 137 10.01 -6.91 -10.17
N ASP A 138 10.39 -6.86 -11.42
CA ASP A 138 11.69 -6.38 -11.81
C ASP A 138 11.60 -4.87 -11.88
N TYR A 139 12.29 -4.20 -10.99
CA TYR A 139 12.18 -2.76 -10.88
C TYR A 139 13.32 -2.23 -10.06
N ALA A 140 14.03 -1.29 -10.62
CA ALA A 140 15.10 -0.63 -9.92
C ALA A 140 14.50 0.21 -8.80
N THR A 141 14.59 -0.30 -7.61
CA THR A 141 13.98 0.27 -6.45
C THR A 141 14.80 1.46 -5.91
N LYS A 142 14.09 2.49 -5.50
CA LYS A 142 14.67 3.62 -4.85
C LYS A 142 14.20 3.61 -3.41
N THR A 143 14.94 4.19 -2.55
CA THR A 143 14.53 4.27 -1.19
C THR A 143 13.65 5.53 -1.01
N GLY A 144 12.58 5.40 -0.26
CA GLY A 144 11.73 6.53 -0.02
C GLY A 144 10.38 6.42 -0.70
N GLN A 145 10.25 5.47 -1.62
CA GLN A 145 9.00 5.31 -2.38
C GLN A 145 8.11 4.24 -1.74
N CYS A 146 8.54 3.76 -0.60
CA CYS A 146 7.80 2.78 0.17
C CYS A 146 6.45 3.35 0.62
N GLY A 147 5.44 2.54 0.48
CA GLY A 147 4.10 2.93 0.80
C GLY A 147 3.31 3.24 -0.45
N GLY A 148 4.03 3.39 -1.56
CA GLY A 148 3.44 3.72 -2.84
C GLY A 148 2.40 2.74 -3.31
N VAL A 149 1.35 3.24 -3.90
CA VAL A 149 0.25 2.44 -4.39
C VAL A 149 0.60 1.85 -5.73
N LEU A 150 0.70 0.56 -5.75
CA LEU A 150 0.99 -0.19 -6.93
C LEU A 150 -0.33 -0.47 -7.60
N CYS A 151 -0.59 0.22 -8.67
CA CYS A 151 -1.86 0.15 -9.31
C CYS A 151 -1.72 0.16 -10.83
N ALA A 152 -2.81 0.27 -11.50
CA ALA A 152 -2.90 0.39 -12.94
C ALA A 152 -4.22 1.05 -13.20
N THR A 153 -4.63 1.17 -14.44
CA THR A 153 -5.89 1.81 -14.73
C THR A 153 -7.09 0.91 -14.27
N GLY A 154 -7.62 1.26 -13.12
CA GLY A 154 -8.77 0.58 -12.57
C GLY A 154 -8.39 -0.65 -11.78
N LYS A 155 -7.13 -0.79 -11.47
CA LYS A 155 -6.64 -1.94 -10.73
C LYS A 155 -5.65 -1.49 -9.68
N ILE A 156 -5.71 -2.08 -8.53
CA ILE A 156 -4.74 -1.85 -7.47
C ILE A 156 -4.21 -3.19 -7.04
N PHE A 157 -2.91 -3.34 -7.10
CA PHE A 157 -2.26 -4.60 -6.80
C PHE A 157 -1.78 -4.63 -5.35
N GLY A 158 -1.33 -3.49 -4.86
CA GLY A 158 -0.88 -3.45 -3.52
C GLY A 158 -0.06 -2.23 -3.21
N ILE A 159 0.79 -2.34 -2.22
CA ILE A 159 1.64 -1.23 -1.79
C ILE A 159 3.11 -1.63 -1.80
N HIS A 160 3.94 -0.76 -2.36
CA HIS A 160 5.39 -0.97 -2.46
C HIS A 160 6.02 -0.95 -1.08
N VAL A 161 6.79 -1.96 -0.76
CA VAL A 161 7.42 -2.02 0.54
C VAL A 161 8.91 -1.79 0.46
N GLY A 162 9.45 -1.90 -0.73
CA GLY A 162 10.85 -1.69 -0.95
C GLY A 162 11.38 -2.75 -1.85
N GLY A 163 12.66 -2.95 -1.83
CA GLY A 163 13.26 -3.96 -2.65
C GLY A 163 14.74 -3.96 -2.50
N ASN A 164 15.39 -4.78 -3.26
CA ASN A 164 16.83 -4.88 -3.20
C ASN A 164 17.36 -5.23 -4.57
N GLY A 165 18.51 -4.71 -4.89
CA GLY A 165 19.11 -4.97 -6.17
C GLY A 165 18.25 -4.46 -7.31
N ARG A 166 17.69 -5.37 -8.06
CA ARG A 166 16.87 -5.02 -9.19
C ARG A 166 15.45 -5.56 -9.04
N GLN A 167 15.14 -6.12 -7.88
CA GLN A 167 13.82 -6.66 -7.64
C GLN A 167 13.07 -5.81 -6.65
N GLY A 168 11.87 -5.44 -7.00
CA GLY A 168 11.05 -4.66 -6.14
C GLY A 168 9.97 -5.52 -5.56
N PHE A 169 9.64 -5.30 -4.33
CA PHE A 169 8.66 -6.08 -3.64
C PHE A 169 7.55 -5.21 -3.11
N SER A 170 6.37 -5.74 -3.15
CA SER A 170 5.20 -5.07 -2.66
C SER A 170 4.34 -6.05 -1.91
N ALA A 171 3.50 -5.56 -1.08
CA ALA A 171 2.56 -6.39 -0.40
C ALA A 171 1.26 -6.32 -1.18
N GLN A 172 0.82 -7.46 -1.68
CA GLN A 172 -0.39 -7.47 -2.48
C GLN A 172 -1.62 -7.34 -1.62
N LEU A 173 -2.38 -6.35 -1.89
CA LEU A 173 -3.57 -6.10 -1.19
C LEU A 173 -4.64 -6.93 -1.81
N LYS A 174 -4.95 -8.04 -1.21
CA LYS A 174 -6.02 -8.86 -1.69
C LYS A 174 -7.29 -8.38 -1.03
N LYS A 175 -8.39 -8.29 -1.77
CA LYS A 175 -9.64 -7.81 -1.17
C LYS A 175 -10.17 -8.83 -0.18
N GLN A 176 -9.61 -10.03 -0.27
CA GLN A 176 -9.96 -11.16 0.55
C GLN A 176 -9.69 -10.86 2.04
N TYR A 177 -8.80 -9.90 2.31
CA TYR A 177 -8.51 -9.51 3.68
C TYR A 177 -9.53 -8.48 4.14
N PHE A 178 -9.95 -7.66 3.20
CA PHE A 178 -10.75 -6.49 3.48
C PHE A 178 -12.24 -6.78 3.41
N VAL A 179 -12.55 -8.02 3.20
CA VAL A 179 -13.91 -8.46 3.21
C VAL A 179 -14.06 -9.45 4.35
N GLU A 180 -14.85 -9.09 5.31
CA GLU A 180 -15.07 -9.93 6.48
C GLU A 180 -16.24 -10.85 6.22
N LYS A 181 -17.15 -10.38 5.42
CA LYS A 181 -18.35 -11.12 5.13
C LYS A 181 -18.14 -11.91 3.85
N GLN A 182 -17.56 -13.07 3.99
CA GLN A 182 -17.28 -13.93 2.89
C GLN A 182 -18.05 -15.21 3.03
N GLY A 1 -1.16 9.29 -19.86
CA GLY A 1 -1.00 7.94 -19.34
C GLY A 1 -2.29 7.46 -18.72
N PRO A 2 -2.78 6.26 -19.12
CA PRO A 2 -4.06 5.74 -18.63
C PRO A 2 -4.05 5.51 -17.12
N ASN A 3 -2.92 5.06 -16.62
CA ASN A 3 -2.81 4.76 -15.20
C ASN A 3 -2.60 6.03 -14.45
N THR A 4 -1.92 6.97 -15.11
CA THR A 4 -1.66 8.28 -14.59
C THR A 4 -2.99 9.00 -14.33
N GLU A 5 -3.89 8.89 -15.31
CA GLU A 5 -5.25 9.45 -15.24
C GLU A 5 -5.95 8.92 -13.98
N PHE A 6 -5.92 7.61 -13.81
CA PHE A 6 -6.53 6.92 -12.68
C PHE A 6 -5.88 7.35 -11.36
N ALA A 7 -4.56 7.40 -11.36
CA ALA A 7 -3.78 7.73 -10.19
C ALA A 7 -4.07 9.13 -9.68
N LEU A 8 -4.35 10.06 -10.59
CA LEU A 8 -4.68 11.44 -10.21
C LEU A 8 -5.95 11.45 -9.35
N SER A 9 -6.96 10.74 -9.83
CA SER A 9 -8.23 10.64 -9.16
C SER A 9 -8.07 9.90 -7.82
N LEU A 10 -7.42 8.74 -7.87
CA LEU A 10 -7.21 7.87 -6.71
C LEU A 10 -6.47 8.62 -5.59
N LEU A 11 -5.42 9.34 -5.96
CA LEU A 11 -4.58 10.04 -5.01
C LEU A 11 -5.33 11.14 -4.28
N ARG A 12 -6.10 11.91 -5.00
CA ARG A 12 -6.80 13.03 -4.41
C ARG A 12 -8.01 12.58 -3.61
N LYS A 13 -8.35 11.33 -3.71
CA LYS A 13 -9.46 10.80 -2.96
C LYS A 13 -8.97 10.05 -1.72
N ASN A 14 -8.27 8.94 -1.95
CA ASN A 14 -7.96 8.01 -0.87
C ASN A 14 -6.51 7.99 -0.45
N ILE A 15 -5.65 8.70 -1.13
CA ILE A 15 -4.25 8.63 -0.78
C ILE A 15 -3.85 9.77 0.16
N MET A 16 -3.02 9.46 1.14
CA MET A 16 -2.52 10.40 2.13
C MET A 16 -1.05 10.09 2.41
N THR A 17 -0.37 11.04 3.00
CA THR A 17 1.00 10.85 3.44
C THR A 17 1.00 10.65 4.95
N ILE A 18 1.48 9.52 5.38
CA ILE A 18 1.52 9.21 6.78
C ILE A 18 2.94 9.20 7.29
N THR A 19 3.26 10.13 8.12
CA THR A 19 4.54 10.18 8.74
C THR A 19 4.56 9.20 9.91
N THR A 20 5.26 8.13 9.73
CA THR A 20 5.40 7.13 10.76
C THR A 20 6.72 7.35 11.49
N SER A 21 7.13 6.38 12.28
CA SER A 21 8.39 6.47 13.01
C SER A 21 9.57 6.18 12.07
N LYS A 22 9.25 5.83 10.83
CA LYS A 22 10.26 5.53 9.87
C LYS A 22 10.39 6.66 8.85
N GLY A 23 9.27 7.21 8.40
CA GLY A 23 9.34 8.29 7.45
C GLY A 23 8.00 8.59 6.83
N GLU A 24 8.03 9.27 5.69
CA GLU A 24 6.84 9.67 4.95
C GLU A 24 6.34 8.50 4.11
N PHE A 25 5.39 7.76 4.63
CA PHE A 25 4.83 6.62 3.93
C PHE A 25 3.53 7.00 3.27
N THR A 26 3.12 6.26 2.30
CA THR A 26 1.89 6.53 1.65
C THR A 26 0.78 5.68 2.28
N GLY A 27 -0.28 6.33 2.67
CA GLY A 27 -1.39 5.65 3.25
C GLY A 27 -2.50 5.58 2.27
N LEU A 28 -2.92 4.39 1.97
CA LEU A 28 -3.97 4.18 1.00
C LEU A 28 -5.26 3.85 1.69
N GLY A 29 -6.21 4.74 1.59
CA GLY A 29 -7.54 4.49 2.12
C GLY A 29 -8.24 3.50 1.24
N ILE A 30 -8.88 2.53 1.83
CA ILE A 30 -9.57 1.50 1.09
C ILE A 30 -11.07 1.77 1.06
N HIS A 31 -11.62 2.06 2.23
CA HIS A 31 -13.04 2.34 2.40
C HIS A 31 -13.27 2.93 3.77
N ASP A 32 -14.14 3.92 3.84
CA ASP A 32 -14.59 4.53 5.09
C ASP A 32 -13.45 5.16 5.88
N ARG A 33 -12.86 4.42 6.79
CA ARG A 33 -11.77 4.92 7.59
C ARG A 33 -10.62 3.92 7.59
N VAL A 34 -10.79 2.89 6.78
CA VAL A 34 -9.83 1.82 6.67
C VAL A 34 -8.75 2.19 5.67
N CYS A 35 -7.54 2.28 6.14
CA CYS A 35 -6.40 2.59 5.31
C CYS A 35 -5.36 1.49 5.49
N VAL A 36 -4.50 1.33 4.54
CA VAL A 36 -3.43 0.36 4.65
C VAL A 36 -2.07 1.01 4.63
N ILE A 37 -1.16 0.45 5.40
CA ILE A 37 0.20 0.92 5.49
C ILE A 37 1.08 -0.22 6.05
N PRO A 38 2.32 -0.40 5.53
CA PRO A 38 3.25 -1.44 6.03
C PRO A 38 3.56 -1.32 7.53
N THR A 39 3.51 -2.44 8.21
CA THR A 39 3.70 -2.55 9.65
C THR A 39 5.11 -2.12 10.10
N HIS A 40 6.12 -2.39 9.26
CA HIS A 40 7.53 -2.09 9.62
C HIS A 40 7.80 -0.60 9.80
N ALA A 41 6.86 0.23 9.39
CA ALA A 41 7.00 1.66 9.52
C ALA A 41 6.78 2.07 10.97
N GLN A 42 6.03 1.23 11.68
CA GLN A 42 5.64 1.43 13.07
C GLN A 42 4.97 2.77 13.30
N PRO A 43 3.66 2.83 13.06
CA PRO A 43 2.91 4.02 13.30
C PRO A 43 2.47 4.12 14.76
N GLY A 44 2.30 5.31 15.24
CA GLY A 44 1.85 5.49 16.60
C GLY A 44 0.35 5.45 16.70
N ASP A 45 -0.18 5.94 17.79
CA ASP A 45 -1.64 5.96 17.99
C ASP A 45 -2.21 7.27 17.53
N ASP A 46 -1.38 8.01 16.88
CA ASP A 46 -1.69 9.29 16.27
C ASP A 46 -0.62 9.53 15.25
N VAL A 47 -1.02 9.76 14.04
CA VAL A 47 -0.06 9.92 12.96
C VAL A 47 -0.25 11.22 12.24
N LEU A 48 0.83 11.75 11.72
CA LEU A 48 0.77 12.96 10.94
C LEU A 48 0.45 12.63 9.49
N VAL A 49 -0.70 13.06 9.05
CA VAL A 49 -1.14 12.92 7.70
C VAL A 49 -0.97 14.23 6.99
N ASN A 50 0.08 14.31 6.19
CA ASN A 50 0.38 15.50 5.36
C ASN A 50 0.56 16.75 6.23
N GLY A 51 0.93 16.53 7.50
CA GLY A 51 1.14 17.61 8.44
C GLY A 51 0.00 17.72 9.46
N GLN A 52 -1.04 16.95 9.27
CA GLN A 52 -2.21 16.97 10.16
C GLN A 52 -2.23 15.70 11.01
N LYS A 53 -2.16 15.86 12.31
CA LYS A 53 -2.17 14.74 13.20
C LYS A 53 -3.57 14.14 13.28
N ILE A 54 -3.65 12.88 13.00
CA ILE A 54 -4.88 12.17 13.06
C ILE A 54 -4.72 11.03 14.10
N ARG A 55 -5.59 11.03 15.10
CA ARG A 55 -5.60 10.00 16.13
C ARG A 55 -6.12 8.66 15.59
N VAL A 56 -5.32 7.64 15.77
CA VAL A 56 -5.60 6.32 15.24
C VAL A 56 -6.51 5.55 16.22
N LYS A 57 -7.45 4.81 15.66
CA LYS A 57 -8.35 4.00 16.47
C LYS A 57 -7.86 2.57 16.49
N ASP A 58 -7.97 1.92 15.36
CA ASP A 58 -7.66 0.52 15.24
C ASP A 58 -6.50 0.36 14.32
N LYS A 59 -5.66 -0.58 14.61
CA LYS A 59 -4.51 -0.87 13.80
C LYS A 59 -4.23 -2.37 13.85
N TYR A 60 -4.71 -3.07 12.85
CA TYR A 60 -4.58 -4.52 12.82
C TYR A 60 -3.53 -4.91 11.81
N LYS A 61 -2.72 -5.87 12.12
CA LYS A 61 -1.78 -6.37 11.16
C LYS A 61 -2.33 -7.61 10.53
N LEU A 62 -2.33 -7.63 9.23
CA LEU A 62 -2.76 -8.77 8.51
C LEU A 62 -1.65 -9.77 8.50
N VAL A 63 -1.85 -10.82 9.20
CA VAL A 63 -0.91 -11.88 9.29
C VAL A 63 -1.54 -13.08 8.62
N ASP A 64 -0.83 -13.69 7.71
CA ASP A 64 -1.36 -14.80 6.94
C ASP A 64 -1.62 -15.99 7.83
N PRO A 65 -2.69 -16.77 7.56
CA PRO A 65 -3.03 -17.99 8.31
C PRO A 65 -1.86 -18.97 8.55
N GLU A 66 -0.77 -18.84 7.79
CA GLU A 66 0.40 -19.71 8.00
C GLU A 66 1.31 -19.17 9.14
N ASN A 67 0.85 -18.07 9.79
CA ASN A 67 1.59 -17.36 10.88
C ASN A 67 2.75 -16.56 10.28
N ILE A 68 2.66 -16.33 9.00
CA ILE A 68 3.68 -15.60 8.30
C ILE A 68 3.16 -14.17 8.13
N ASN A 69 4.00 -13.21 8.37
CA ASN A 69 3.58 -11.81 8.33
C ASN A 69 3.37 -11.35 6.92
N LEU A 70 2.44 -10.44 6.74
CA LEU A 70 2.25 -9.79 5.46
C LEU A 70 2.85 -8.40 5.54
N GLU A 71 3.13 -7.99 6.79
CA GLU A 71 3.68 -6.68 7.15
C GLU A 71 2.70 -5.59 6.69
N LEU A 72 1.44 -5.91 6.70
CA LEU A 72 0.42 -5.04 6.22
C LEU A 72 -0.51 -4.65 7.36
N THR A 73 -0.62 -3.37 7.62
CA THR A 73 -1.44 -2.89 8.70
C THR A 73 -2.72 -2.28 8.15
N VAL A 74 -3.82 -2.68 8.71
CA VAL A 74 -5.09 -2.10 8.45
C VAL A 74 -5.28 -1.01 9.49
N LEU A 75 -5.03 0.18 9.07
CA LEU A 75 -5.03 1.33 9.93
C LEU A 75 -6.38 2.01 9.84
N THR A 76 -7.09 2.03 10.93
CA THR A 76 -8.38 2.66 10.97
C THR A 76 -8.27 4.00 11.68
N LEU A 77 -8.39 5.02 10.93
CA LEU A 77 -8.23 6.36 11.41
C LEU A 77 -9.57 6.95 11.80
N ASP A 78 -9.55 7.89 12.72
CA ASP A 78 -10.74 8.64 13.05
C ASP A 78 -10.79 9.81 12.10
N ARG A 79 -11.26 9.52 10.93
CA ARG A 79 -11.24 10.42 9.81
C ARG A 79 -12.66 10.67 9.40
N ASN A 80 -13.14 11.89 9.54
CA ASN A 80 -14.51 12.20 9.15
C ASN A 80 -14.66 12.44 7.67
N GLU A 81 -13.56 12.53 7.00
CA GLU A 81 -13.55 12.54 5.58
C GLU A 81 -13.40 11.09 5.17
N LYS A 82 -14.53 10.39 5.05
CA LYS A 82 -14.47 8.97 4.84
C LYS A 82 -14.15 8.63 3.40
N PHE A 83 -13.33 7.65 3.24
CA PHE A 83 -12.80 7.26 1.96
C PHE A 83 -13.79 6.49 1.12
N ARG A 84 -13.67 6.69 -0.16
CA ARG A 84 -14.45 5.97 -1.14
C ARG A 84 -13.98 4.53 -1.18
N ASP A 85 -14.88 3.58 -1.30
CA ASP A 85 -14.47 2.22 -1.47
C ASP A 85 -13.87 2.04 -2.85
N ILE A 86 -12.59 1.90 -2.88
CA ILE A 86 -11.88 1.64 -4.13
C ILE A 86 -11.73 0.12 -4.27
N ARG A 87 -12.62 -0.57 -3.57
CA ARG A 87 -12.62 -2.01 -3.44
C ARG A 87 -12.89 -2.67 -4.79
N GLY A 88 -13.66 -2.01 -5.63
CA GLY A 88 -13.98 -2.53 -6.94
C GLY A 88 -12.82 -2.36 -7.92
N PHE A 89 -11.85 -1.55 -7.55
CA PHE A 89 -10.69 -1.34 -8.40
C PHE A 89 -9.60 -2.34 -8.07
N ILE A 90 -9.78 -3.04 -6.98
CA ILE A 90 -8.84 -4.04 -6.55
C ILE A 90 -8.78 -5.21 -7.53
N SER A 91 -7.59 -5.61 -7.87
CA SER A 91 -7.38 -6.70 -8.76
C SER A 91 -6.73 -7.81 -7.96
N GLU A 92 -7.47 -8.88 -7.73
CA GLU A 92 -6.96 -9.99 -6.95
C GLU A 92 -6.22 -10.98 -7.85
N ASP A 93 -6.10 -10.60 -9.09
CA ASP A 93 -5.31 -11.31 -10.08
C ASP A 93 -4.19 -10.36 -10.44
N LEU A 94 -2.95 -10.75 -10.20
CA LEU A 94 -1.85 -9.80 -10.31
C LEU A 94 -0.80 -10.18 -11.35
N GLU A 95 -0.34 -11.41 -11.28
CA GLU A 95 0.79 -11.89 -12.09
C GLU A 95 0.59 -11.72 -13.60
N GLY A 96 1.59 -11.13 -14.25
CA GLY A 96 1.61 -11.04 -15.69
C GLY A 96 0.97 -9.77 -16.21
N VAL A 97 0.47 -8.97 -15.33
CA VAL A 97 -0.16 -7.72 -15.70
C VAL A 97 0.85 -6.59 -15.43
N ASP A 98 0.72 -5.46 -16.11
CA ASP A 98 1.64 -4.36 -15.87
C ASP A 98 1.04 -3.38 -14.88
N ALA A 99 1.90 -2.74 -14.09
CA ALA A 99 1.46 -1.85 -13.05
C ALA A 99 2.28 -0.57 -12.96
N THR A 100 1.74 0.37 -12.23
CA THR A 100 2.34 1.65 -11.98
C THR A 100 2.47 1.84 -10.47
N LEU A 101 3.57 2.39 -10.04
CA LEU A 101 3.76 2.67 -8.64
C LEU A 101 3.47 4.13 -8.40
N VAL A 102 2.47 4.39 -7.61
CA VAL A 102 2.08 5.74 -7.30
C VAL A 102 2.35 6.00 -5.83
N VAL A 103 3.28 6.85 -5.57
CA VAL A 103 3.65 7.19 -4.22
C VAL A 103 3.28 8.65 -3.92
N HIS A 104 2.84 8.89 -2.70
CA HIS A 104 2.46 10.21 -2.25
C HIS A 104 3.01 10.43 -0.86
N SER A 105 4.09 11.13 -0.79
CA SER A 105 4.72 11.47 0.42
C SER A 105 5.10 12.93 0.31
N ASN A 106 5.66 13.52 1.36
CA ASN A 106 6.08 14.92 1.27
C ASN A 106 7.23 15.05 0.27
N ASN A 107 8.03 13.99 0.17
CA ASN A 107 9.15 13.94 -0.75
C ASN A 107 8.64 13.67 -2.16
N PHE A 108 7.83 12.65 -2.29
CA PHE A 108 7.32 12.27 -3.57
C PHE A 108 5.84 12.62 -3.65
N THR A 109 5.54 13.85 -3.93
CA THR A 109 4.18 14.28 -4.07
C THR A 109 3.65 13.99 -5.46
N ASN A 110 2.93 12.88 -5.58
CA ASN A 110 2.35 12.42 -6.84
C ASN A 110 3.43 11.97 -7.79
N THR A 111 4.03 10.89 -7.47
CA THR A 111 4.99 10.29 -8.31
C THR A 111 4.37 9.04 -8.89
N ILE A 112 4.05 9.12 -10.15
CA ILE A 112 3.39 8.09 -10.88
C ILE A 112 4.38 7.46 -11.82
N LEU A 113 4.88 6.32 -11.46
CA LEU A 113 5.93 5.69 -12.23
C LEU A 113 5.53 4.29 -12.68
N GLU A 114 5.38 4.11 -13.97
CA GLU A 114 5.08 2.81 -14.52
C GLU A 114 6.32 1.95 -14.48
N VAL A 115 6.20 0.82 -13.84
CA VAL A 115 7.34 -0.06 -13.68
C VAL A 115 7.41 -1.07 -14.82
N GLY A 116 6.28 -1.60 -15.18
CA GLY A 116 6.20 -2.60 -16.20
C GLY A 116 5.40 -3.77 -15.70
N PRO A 117 5.65 -4.99 -16.21
CA PRO A 117 4.94 -6.20 -15.79
C PRO A 117 5.33 -6.63 -14.38
N VAL A 118 4.38 -7.15 -13.65
CA VAL A 118 4.62 -7.63 -12.32
C VAL A 118 4.62 -9.16 -12.27
N THR A 119 5.55 -9.72 -11.53
CA THR A 119 5.68 -11.14 -11.39
C THR A 119 5.29 -11.57 -9.98
N MET A 120 5.25 -12.84 -9.72
CA MET A 120 4.83 -13.29 -8.42
C MET A 120 5.99 -13.89 -7.66
N ALA A 121 6.15 -13.50 -6.42
CA ALA A 121 7.22 -14.03 -5.59
C ALA A 121 6.66 -15.10 -4.69
N GLY A 122 5.53 -14.82 -4.10
CA GLY A 122 4.91 -15.75 -3.20
C GLY A 122 5.22 -15.36 -1.78
N LEU A 123 6.40 -15.71 -1.34
CA LEU A 123 6.84 -15.42 0.01
C LEU A 123 8.34 -15.20 -0.03
N ILE A 124 8.86 -14.47 0.92
CA ILE A 124 10.28 -14.20 0.96
C ILE A 124 10.68 -13.70 2.35
N ASN A 125 11.91 -13.94 2.74
CA ASN A 125 12.45 -13.40 3.96
C ASN A 125 12.83 -11.97 3.67
N LEU A 126 11.93 -11.06 3.97
CA LEU A 126 12.11 -9.68 3.65
C LEU A 126 12.73 -8.99 4.85
N SER A 127 14.04 -8.82 4.78
CA SER A 127 14.84 -8.19 5.83
C SER A 127 14.62 -8.82 7.22
N SER A 128 15.05 -10.08 7.33
CA SER A 128 14.95 -10.89 8.56
C SER A 128 13.48 -11.14 8.99
N THR A 129 12.55 -10.76 8.15
CA THR A 129 11.16 -10.86 8.46
C THR A 129 10.47 -11.76 7.41
N PRO A 130 10.14 -13.02 7.78
CA PRO A 130 9.43 -13.91 6.88
C PRO A 130 8.07 -13.32 6.51
N THR A 131 7.94 -12.92 5.27
CA THR A 131 6.75 -12.29 4.77
C THR A 131 6.16 -13.12 3.62
N ASN A 132 4.85 -13.26 3.60
CA ASN A 132 4.17 -14.06 2.58
C ASN A 132 3.22 -13.18 1.81
N ARG A 133 2.70 -13.71 0.70
CA ARG A 133 1.69 -13.08 -0.15
C ARG A 133 2.28 -11.82 -0.80
N MET A 134 3.52 -11.95 -1.26
CA MET A 134 4.20 -10.82 -1.84
C MET A 134 4.36 -10.97 -3.35
N ILE A 135 4.19 -9.85 -4.00
CA ILE A 135 4.32 -9.72 -5.43
C ILE A 135 5.67 -9.01 -5.72
N ARG A 136 6.31 -9.35 -6.82
CA ARG A 136 7.65 -8.84 -7.11
C ARG A 136 7.68 -8.26 -8.50
N TYR A 137 8.31 -7.13 -8.65
CA TYR A 137 8.52 -6.57 -9.97
C TYR A 137 9.97 -6.17 -10.12
N ASP A 138 10.57 -6.57 -11.22
CA ASP A 138 11.96 -6.26 -11.50
C ASP A 138 12.07 -4.86 -12.04
N TYR A 139 12.38 -3.95 -11.19
CA TYR A 139 12.51 -2.57 -11.53
C TYR A 139 13.41 -1.91 -10.50
N ALA A 140 14.36 -1.11 -10.96
CA ALA A 140 15.26 -0.41 -10.07
C ALA A 140 14.52 0.70 -9.38
N THR A 141 14.29 0.53 -8.11
CA THR A 141 13.55 1.49 -7.35
C THR A 141 14.20 1.65 -5.98
N LYS A 142 13.75 2.63 -5.23
CA LYS A 142 14.25 2.90 -3.91
C LYS A 142 13.17 2.65 -2.89
N THR A 143 13.54 2.12 -1.74
CA THR A 143 12.59 1.91 -0.69
C THR A 143 12.37 3.25 0.04
N GLY A 144 11.34 3.32 0.83
CA GLY A 144 10.98 4.59 1.47
C GLY A 144 9.77 5.17 0.77
N GLN A 145 9.53 4.66 -0.41
CA GLN A 145 8.36 4.97 -1.23
C GLN A 145 7.32 3.89 -0.92
N CYS A 146 7.43 3.40 0.27
CA CYS A 146 6.68 2.32 0.79
C CYS A 146 5.28 2.80 1.13
N GLY A 147 4.31 1.97 0.86
CA GLY A 147 2.94 2.35 1.03
C GLY A 147 2.38 2.89 -0.27
N GLY A 148 3.25 3.00 -1.27
CA GLY A 148 2.85 3.47 -2.57
C GLY A 148 1.96 2.45 -3.26
N VAL A 149 0.88 2.90 -3.83
CA VAL A 149 -0.07 2.04 -4.45
C VAL A 149 0.43 1.53 -5.81
N LEU A 150 0.55 0.24 -5.90
CA LEU A 150 0.93 -0.41 -7.11
C LEU A 150 -0.36 -0.71 -7.83
N CYS A 151 -0.66 0.07 -8.81
CA CYS A 151 -1.92 -0.02 -9.47
C CYS A 151 -1.81 0.34 -10.93
N ALA A 152 -2.89 0.17 -11.59
CA ALA A 152 -3.08 0.53 -12.95
C ALA A 152 -4.50 1.02 -13.04
N THR A 153 -4.90 1.57 -14.17
CA THR A 153 -6.23 2.09 -14.30
C THR A 153 -7.30 0.97 -14.17
N GLY A 154 -7.92 0.94 -13.02
CA GLY A 154 -8.96 -0.03 -12.75
C GLY A 154 -8.41 -1.29 -12.12
N LYS A 155 -7.12 -1.31 -11.78
CA LYS A 155 -6.51 -2.49 -11.18
C LYS A 155 -5.52 -2.11 -10.08
N ILE A 156 -5.91 -2.26 -8.85
CA ILE A 156 -4.99 -2.07 -7.74
C ILE A 156 -4.48 -3.44 -7.33
N PHE A 157 -3.18 -3.58 -7.33
CA PHE A 157 -2.54 -4.85 -7.04
C PHE A 157 -2.12 -4.90 -5.58
N GLY A 158 -1.58 -3.82 -5.10
CA GLY A 158 -1.17 -3.76 -3.74
C GLY A 158 -0.40 -2.51 -3.44
N ILE A 159 0.40 -2.54 -2.42
CA ILE A 159 1.23 -1.40 -2.06
C ILE A 159 2.66 -1.84 -1.90
N HIS A 160 3.57 -0.97 -2.27
CA HIS A 160 5.01 -1.20 -2.19
C HIS A 160 5.41 -1.39 -0.74
N VAL A 161 6.12 -2.46 -0.45
CA VAL A 161 6.55 -2.73 0.91
C VAL A 161 8.08 -2.72 1.01
N GLY A 162 8.74 -3.41 0.11
CA GLY A 162 10.18 -3.48 0.22
C GLY A 162 10.87 -3.25 -1.09
N GLY A 163 11.50 -2.12 -1.22
CA GLY A 163 12.23 -1.82 -2.43
C GLY A 163 13.68 -2.17 -2.27
N ASN A 164 14.10 -3.22 -2.93
CA ASN A 164 15.48 -3.67 -2.81
C ASN A 164 16.14 -3.64 -4.17
N GLY A 165 16.76 -2.52 -4.48
CA GLY A 165 17.50 -2.36 -5.72
C GLY A 165 16.64 -2.56 -6.95
N ARG A 166 16.83 -3.69 -7.63
CA ARG A 166 16.08 -4.00 -8.84
C ARG A 166 14.85 -4.83 -8.56
N GLN A 167 14.53 -5.04 -7.31
CA GLN A 167 13.34 -5.77 -6.98
C GLN A 167 12.41 -4.94 -6.12
N GLY A 168 11.27 -4.66 -6.66
CA GLY A 168 10.26 -4.00 -5.91
C GLY A 168 9.30 -5.02 -5.36
N PHE A 169 9.24 -5.15 -4.06
CA PHE A 169 8.36 -6.08 -3.42
C PHE A 169 7.14 -5.38 -2.89
N SER A 170 6.01 -5.88 -3.23
CA SER A 170 4.75 -5.32 -2.85
C SER A 170 3.89 -6.40 -2.18
N ALA A 171 2.94 -6.00 -1.37
CA ALA A 171 2.03 -6.92 -0.73
C ALA A 171 0.71 -6.90 -1.49
N GLN A 172 0.10 -8.05 -1.66
CA GLN A 172 -1.12 -8.15 -2.44
C GLN A 172 -2.31 -7.64 -1.65
N LEU A 173 -2.97 -6.66 -2.17
CA LEU A 173 -4.16 -6.17 -1.53
C LEU A 173 -5.37 -6.84 -2.11
N LYS A 174 -5.70 -7.99 -1.61
CA LYS A 174 -6.90 -8.65 -2.07
C LYS A 174 -8.10 -8.10 -1.32
N LYS A 175 -9.24 -7.98 -1.99
CA LYS A 175 -10.41 -7.39 -1.37
C LYS A 175 -11.02 -8.35 -0.36
N GLN A 176 -10.60 -9.60 -0.44
CA GLN A 176 -11.01 -10.64 0.50
C GLN A 176 -10.46 -10.33 1.92
N TYR A 177 -9.46 -9.48 2.01
CA TYR A 177 -8.94 -9.07 3.31
C TYR A 177 -9.83 -8.00 3.91
N PHE A 178 -10.52 -7.29 3.04
CA PHE A 178 -11.33 -6.15 3.43
C PHE A 178 -12.78 -6.53 3.49
N VAL A 179 -13.01 -7.60 4.17
CA VAL A 179 -14.35 -8.07 4.44
C VAL A 179 -14.67 -7.73 5.89
N GLU A 180 -15.89 -7.88 6.29
CA GLU A 180 -16.26 -7.59 7.65
C GLU A 180 -15.95 -8.81 8.52
N LYS A 181 -16.47 -9.95 8.13
CA LYS A 181 -16.20 -11.18 8.82
C LYS A 181 -15.57 -12.17 7.87
N GLN A 182 -14.66 -12.96 8.37
CA GLN A 182 -13.95 -13.92 7.57
C GLN A 182 -14.58 -15.28 7.71
N GLY A 1 -1.56 7.96 -19.39
CA GLY A 1 -2.40 6.89 -19.90
C GLY A 1 -3.59 6.68 -19.00
N PRO A 2 -4.46 5.69 -19.30
CA PRO A 2 -5.63 5.36 -18.47
C PRO A 2 -5.23 5.03 -17.01
N ASN A 3 -4.04 4.47 -16.86
CA ASN A 3 -3.46 4.18 -15.55
C ASN A 3 -3.22 5.48 -14.77
N THR A 4 -2.72 6.49 -15.48
CA THR A 4 -2.46 7.80 -14.92
C THR A 4 -3.79 8.44 -14.47
N GLU A 5 -4.81 8.25 -15.29
CA GLU A 5 -6.15 8.79 -15.04
C GLU A 5 -6.74 8.16 -13.77
N PHE A 6 -6.59 6.85 -13.63
CA PHE A 6 -7.03 6.16 -12.45
C PHE A 6 -6.26 6.64 -11.24
N ALA A 7 -4.95 6.74 -11.39
CA ALA A 7 -4.04 7.18 -10.35
C ALA A 7 -4.46 8.53 -9.77
N LEU A 8 -4.70 9.50 -10.64
CA LEU A 8 -5.06 10.85 -10.21
C LEU A 8 -6.41 10.88 -9.49
N SER A 9 -7.33 10.05 -9.93
CA SER A 9 -8.65 9.99 -9.34
C SER A 9 -8.60 9.33 -7.94
N LEU A 10 -7.82 8.26 -7.84
CA LEU A 10 -7.59 7.53 -6.60
C LEU A 10 -6.82 8.43 -5.62
N LEU A 11 -5.86 9.17 -6.17
CA LEU A 11 -4.96 10.04 -5.45
C LEU A 11 -5.71 11.05 -4.61
N ARG A 12 -6.63 11.74 -5.24
CA ARG A 12 -7.36 12.80 -4.56
C ARG A 12 -8.55 12.28 -3.74
N LYS A 13 -8.57 10.98 -3.49
CA LYS A 13 -9.58 10.39 -2.65
C LYS A 13 -8.98 9.62 -1.49
N ASN A 14 -8.14 8.66 -1.81
CA ASN A 14 -7.65 7.74 -0.78
C ASN A 14 -6.14 7.78 -0.58
N ILE A 15 -5.43 8.55 -1.37
CA ILE A 15 -3.98 8.60 -1.22
C ILE A 15 -3.60 9.81 -0.37
N MET A 16 -2.92 9.57 0.72
CA MET A 16 -2.57 10.62 1.64
C MET A 16 -1.16 10.42 2.20
N THR A 17 -0.52 11.50 2.59
CA THR A 17 0.80 11.45 3.18
C THR A 17 0.69 11.21 4.68
N ILE A 18 1.10 10.06 5.13
CA ILE A 18 1.04 9.76 6.54
C ILE A 18 2.41 9.84 7.16
N THR A 19 2.58 10.81 8.03
CA THR A 19 3.80 10.98 8.75
C THR A 19 3.83 9.94 9.85
N THR A 20 4.66 8.96 9.68
CA THR A 20 4.85 7.92 10.64
C THR A 20 5.92 8.35 11.66
N SER A 21 6.66 7.39 12.20
CA SER A 21 7.72 7.66 13.14
C SER A 21 8.74 8.68 12.60
N LYS A 22 9.09 8.55 11.33
CA LYS A 22 10.01 9.48 10.71
C LYS A 22 9.50 10.03 9.41
N GLY A 23 9.25 9.17 8.46
CA GLY A 23 8.92 9.64 7.14
C GLY A 23 7.44 9.67 6.84
N GLU A 24 7.09 10.47 5.87
CA GLU A 24 5.74 10.50 5.36
C GLU A 24 5.63 9.46 4.29
N PHE A 25 4.88 8.45 4.54
CA PHE A 25 4.69 7.39 3.59
C PHE A 25 3.31 7.52 2.99
N THR A 26 3.01 6.71 2.02
CA THR A 26 1.75 6.80 1.39
C THR A 26 0.74 5.96 2.15
N GLY A 27 -0.22 6.62 2.72
CA GLY A 27 -1.28 5.96 3.38
C GLY A 27 -2.37 5.73 2.42
N LEU A 28 -2.58 4.50 2.07
CA LEU A 28 -3.60 4.17 1.12
C LEU A 28 -4.87 3.81 1.84
N GLY A 29 -5.85 4.68 1.75
CA GLY A 29 -7.15 4.41 2.31
C GLY A 29 -7.80 3.30 1.54
N ILE A 30 -8.35 2.34 2.21
CA ILE A 30 -8.95 1.21 1.54
C ILE A 30 -10.46 1.24 1.69
N HIS A 31 -10.93 1.30 2.91
CA HIS A 31 -12.34 1.20 3.22
C HIS A 31 -12.67 1.91 4.50
N ASP A 32 -13.60 2.86 4.45
CA ASP A 32 -14.20 3.48 5.63
C ASP A 32 -13.19 4.33 6.43
N ARG A 33 -12.47 3.72 7.31
CA ARG A 33 -11.48 4.42 8.12
C ARG A 33 -10.17 3.63 8.12
N VAL A 34 -10.12 2.66 7.25
CA VAL A 34 -8.99 1.79 7.10
C VAL A 34 -8.03 2.32 6.06
N CYS A 35 -6.81 2.52 6.45
CA CYS A 35 -5.74 2.87 5.57
C CYS A 35 -4.61 1.87 5.81
N VAL A 36 -3.85 1.56 4.81
CA VAL A 36 -2.79 0.61 4.97
C VAL A 36 -1.43 1.30 4.98
N ILE A 37 -0.63 0.94 5.98
CA ILE A 37 0.71 1.45 6.17
C ILE A 37 1.65 0.25 6.40
N PRO A 38 2.83 0.22 5.78
CA PRO A 38 3.82 -0.86 6.01
C PRO A 38 4.28 -0.90 7.47
N THR A 39 4.48 -2.09 8.00
CA THR A 39 4.86 -2.25 9.39
C THR A 39 6.21 -1.59 9.70
N HIS A 40 7.20 -1.84 8.86
CA HIS A 40 8.56 -1.27 9.00
C HIS A 40 8.58 0.27 8.93
N ALA A 41 7.48 0.86 8.46
CA ALA A 41 7.37 2.30 8.40
C ALA A 41 7.16 2.85 9.79
N GLN A 42 6.61 1.99 10.66
CA GLN A 42 6.36 2.29 12.06
C GLN A 42 5.45 3.48 12.29
N PRO A 43 4.14 3.27 12.31
CA PRO A 43 3.19 4.31 12.64
C PRO A 43 3.07 4.43 14.16
N GLY A 44 2.79 5.62 14.64
CA GLY A 44 2.64 5.82 16.06
C GLY A 44 1.20 5.70 16.49
N ASP A 45 0.87 6.29 17.61
CA ASP A 45 -0.50 6.23 18.11
C ASP A 45 -1.31 7.40 17.57
N ASP A 46 -0.61 8.39 17.11
CA ASP A 46 -1.20 9.50 16.38
C ASP A 46 -0.30 9.78 15.22
N VAL A 47 -0.89 9.88 14.08
CA VAL A 47 -0.15 10.08 12.86
C VAL A 47 -0.54 11.40 12.27
N LEU A 48 0.24 11.89 11.35
CA LEU A 48 -0.10 13.13 10.71
C LEU A 48 -0.41 12.89 9.26
N VAL A 49 -1.67 13.06 8.91
CA VAL A 49 -2.11 12.91 7.55
C VAL A 49 -1.97 14.26 6.86
N ASN A 50 -0.85 14.43 6.20
CA ASN A 50 -0.44 15.68 5.55
C ASN A 50 -0.54 16.81 6.56
N GLY A 51 0.25 16.70 7.61
CA GLY A 51 0.27 17.70 8.64
C GLY A 51 -0.78 17.51 9.72
N GLN A 52 -1.95 17.01 9.34
CA GLN A 52 -3.07 16.85 10.27
C GLN A 52 -2.82 15.71 11.25
N LYS A 53 -2.57 16.05 12.51
CA LYS A 53 -2.42 15.07 13.55
C LYS A 53 -3.76 14.40 13.81
N ILE A 54 -3.78 13.11 13.69
CA ILE A 54 -4.98 12.34 13.87
C ILE A 54 -4.65 11.11 14.74
N ARG A 55 -5.42 10.93 15.80
CA ARG A 55 -5.20 9.83 16.73
C ARG A 55 -5.75 8.53 16.16
N VAL A 56 -4.93 7.51 16.14
CA VAL A 56 -5.29 6.22 15.58
C VAL A 56 -6.33 5.51 16.45
N LYS A 57 -7.27 4.87 15.82
CA LYS A 57 -8.33 4.16 16.50
C LYS A 57 -7.90 2.72 16.78
N ASP A 58 -7.60 2.01 15.72
CA ASP A 58 -7.23 0.60 15.81
C ASP A 58 -6.05 0.32 14.93
N LYS A 59 -5.26 -0.66 15.34
CA LYS A 59 -4.08 -1.04 14.59
C LYS A 59 -4.07 -2.55 14.47
N TYR A 60 -4.34 -3.07 13.30
CA TYR A 60 -4.34 -4.51 13.10
C TYR A 60 -3.26 -4.86 12.10
N LYS A 61 -2.38 -5.75 12.42
CA LYS A 61 -1.36 -6.14 11.47
C LYS A 61 -2.00 -7.08 10.45
N LEU A 62 -1.75 -6.84 9.19
CA LEU A 62 -2.36 -7.63 8.16
C LEU A 62 -1.47 -8.79 7.82
N VAL A 63 -1.86 -9.93 8.29
CA VAL A 63 -1.14 -11.14 8.05
C VAL A 63 -2.04 -12.10 7.31
N ASP A 64 -1.46 -13.06 6.68
CA ASP A 64 -2.22 -14.10 6.02
C ASP A 64 -2.52 -15.14 7.10
N PRO A 65 -3.68 -15.85 7.02
CA PRO A 65 -4.05 -16.94 7.99
C PRO A 65 -2.93 -17.98 8.32
N GLU A 66 -1.85 -18.00 7.56
CA GLU A 66 -0.68 -18.84 7.85
C GLU A 66 0.17 -18.22 8.98
N ASN A 67 -0.26 -17.03 9.44
CA ASN A 67 0.38 -16.23 10.51
C ASN A 67 1.62 -15.56 9.99
N ILE A 68 1.74 -15.60 8.69
CA ILE A 68 2.83 -15.00 7.99
C ILE A 68 2.44 -13.58 7.64
N ASN A 69 3.34 -12.66 7.87
CA ASN A 69 3.05 -11.25 7.74
C ASN A 69 3.10 -10.80 6.27
N LEU A 70 2.27 -9.83 5.93
CA LEU A 70 2.26 -9.28 4.59
C LEU A 70 3.05 -7.99 4.60
N GLU A 71 3.46 -7.56 5.81
CA GLU A 71 4.26 -6.35 6.07
C GLU A 71 3.36 -5.10 5.95
N LEU A 72 2.08 -5.36 6.00
CA LEU A 72 1.06 -4.35 5.90
C LEU A 72 0.35 -4.22 7.23
N THR A 73 0.11 -3.03 7.65
CA THR A 73 -0.61 -2.79 8.86
C THR A 73 -1.91 -2.06 8.51
N VAL A 74 -3.00 -2.57 9.01
CA VAL A 74 -4.30 -1.99 8.83
C VAL A 74 -4.45 -0.91 9.88
N LEU A 75 -4.27 0.30 9.46
CA LEU A 75 -4.28 1.42 10.33
C LEU A 75 -5.66 2.05 10.24
N THR A 76 -6.40 1.96 11.31
CA THR A 76 -7.73 2.51 11.35
C THR A 76 -7.69 3.92 11.94
N LEU A 77 -7.96 4.90 11.11
CA LEU A 77 -7.96 6.30 11.50
C LEU A 77 -9.30 6.70 12.05
N ASP A 78 -9.31 7.53 13.06
CA ASP A 78 -10.53 8.13 13.53
C ASP A 78 -10.73 9.40 12.74
N ARG A 79 -11.36 9.26 11.61
CA ARG A 79 -11.57 10.38 10.73
C ARG A 79 -13.06 10.51 10.49
N ASN A 80 -13.58 11.72 10.62
CA ASN A 80 -15.01 11.97 10.45
C ASN A 80 -15.43 11.78 9.00
N GLU A 81 -14.55 12.13 8.10
CA GLU A 81 -14.78 11.89 6.69
C GLU A 81 -14.31 10.48 6.36
N LYS A 82 -15.23 9.55 6.20
CA LYS A 82 -14.87 8.19 5.91
C LYS A 82 -14.52 8.04 4.44
N PHE A 83 -13.54 7.23 4.19
CA PHE A 83 -12.96 7.10 2.90
C PHE A 83 -13.73 6.15 2.00
N ARG A 84 -13.74 6.50 0.73
CA ARG A 84 -14.32 5.72 -0.34
C ARG A 84 -13.69 4.35 -0.35
N ASP A 85 -14.45 3.33 -0.18
CA ASP A 85 -13.88 2.02 -0.28
C ASP A 85 -13.61 1.69 -1.72
N ILE A 86 -12.36 1.50 -2.01
CA ILE A 86 -11.89 1.21 -3.35
C ILE A 86 -11.71 -0.30 -3.51
N ARG A 87 -12.51 -1.03 -2.75
CA ARG A 87 -12.42 -2.51 -2.68
C ARG A 87 -12.67 -3.13 -4.06
N GLY A 88 -13.58 -2.52 -4.81
CA GLY A 88 -13.92 -3.01 -6.13
C GLY A 88 -12.85 -2.76 -7.17
N PHE A 89 -11.82 -2.02 -6.81
CA PHE A 89 -10.75 -1.75 -7.75
C PHE A 89 -9.59 -2.70 -7.54
N ILE A 90 -9.64 -3.45 -6.45
CA ILE A 90 -8.59 -4.41 -6.16
C ILE A 90 -8.61 -5.54 -7.18
N SER A 91 -7.50 -5.72 -7.82
CA SER A 91 -7.36 -6.74 -8.78
C SER A 91 -6.64 -7.91 -8.17
N GLU A 92 -7.32 -9.01 -8.10
CA GLU A 92 -6.76 -10.26 -7.62
C GLU A 92 -5.78 -10.81 -8.64
N ASP A 93 -6.04 -10.52 -9.91
CA ASP A 93 -5.15 -10.89 -10.97
C ASP A 93 -4.00 -9.91 -11.00
N LEU A 94 -2.84 -10.41 -10.73
CA LEU A 94 -1.67 -9.59 -10.61
C LEU A 94 -0.78 -9.76 -11.82
N GLU A 95 -0.35 -10.99 -11.98
CA GLU A 95 0.62 -11.36 -12.96
C GLU A 95 0.10 -11.23 -14.37
N GLY A 96 0.88 -10.58 -15.21
CA GLY A 96 0.51 -10.38 -16.58
C GLY A 96 0.07 -8.97 -16.85
N VAL A 97 -0.35 -8.29 -15.82
CA VAL A 97 -0.80 -6.93 -15.94
C VAL A 97 0.39 -6.02 -15.69
N ASP A 98 0.42 -4.88 -16.34
CA ASP A 98 1.47 -3.93 -16.15
C ASP A 98 1.06 -2.92 -15.09
N ALA A 99 1.90 -2.79 -14.10
CA ALA A 99 1.59 -1.99 -12.94
C ALA A 99 2.27 -0.63 -12.98
N THR A 100 1.65 0.29 -12.29
CA THR A 100 2.08 1.62 -12.13
C THR A 100 2.12 1.93 -10.62
N LEU A 101 3.24 2.37 -10.15
CA LEU A 101 3.42 2.69 -8.76
C LEU A 101 3.17 4.17 -8.56
N VAL A 102 2.19 4.49 -7.76
CA VAL A 102 1.88 5.86 -7.46
C VAL A 102 2.22 6.11 -6.00
N VAL A 103 3.20 6.92 -5.80
CA VAL A 103 3.66 7.20 -4.47
C VAL A 103 3.43 8.67 -4.09
N HIS A 104 2.95 8.88 -2.91
CA HIS A 104 2.71 10.17 -2.37
C HIS A 104 3.37 10.20 -1.01
N SER A 105 4.62 10.50 -1.03
CA SER A 105 5.47 10.47 0.11
C SER A 105 6.24 11.78 0.17
N ASN A 106 6.99 11.94 1.24
CA ASN A 106 7.84 13.08 1.42
C ASN A 106 9.00 12.98 0.46
N ASN A 107 9.38 11.74 0.16
CA ASN A 107 10.47 11.45 -0.75
C ASN A 107 10.08 11.82 -2.17
N PHE A 108 8.94 11.30 -2.57
CA PHE A 108 8.39 11.54 -3.88
C PHE A 108 6.90 11.77 -3.77
N THR A 109 6.47 12.92 -4.19
CA THR A 109 5.09 13.31 -4.04
C THR A 109 4.37 13.30 -5.40
N ASN A 110 3.41 12.36 -5.55
CA ASN A 110 2.53 12.23 -6.73
C ASN A 110 3.29 11.65 -7.90
N THR A 111 4.29 10.89 -7.60
CA THR A 111 5.10 10.29 -8.60
C THR A 111 4.39 9.05 -9.16
N ILE A 112 4.08 9.09 -10.43
CA ILE A 112 3.44 8.02 -11.11
C ILE A 112 4.50 7.27 -11.92
N LEU A 113 4.96 6.19 -11.37
CA LEU A 113 6.02 5.42 -11.95
C LEU A 113 5.46 4.18 -12.64
N GLU A 114 5.53 4.15 -13.92
CA GLU A 114 5.05 3.03 -14.67
C GLU A 114 6.13 1.95 -14.67
N VAL A 115 5.86 0.89 -13.94
CA VAL A 115 6.84 -0.15 -13.70
C VAL A 115 6.89 -1.12 -14.86
N GLY A 116 5.75 -1.64 -15.21
CA GLY A 116 5.68 -2.60 -16.26
C GLY A 116 5.01 -3.87 -15.77
N PRO A 117 5.14 -4.98 -16.51
CA PRO A 117 4.51 -6.26 -16.14
C PRO A 117 5.05 -6.82 -14.83
N VAL A 118 4.13 -7.30 -14.01
CA VAL A 118 4.47 -7.86 -12.72
C VAL A 118 4.24 -9.37 -12.70
N THR A 119 4.86 -10.04 -11.75
CA THR A 119 4.74 -11.48 -11.58
C THR A 119 4.75 -11.78 -10.07
N MET A 120 4.25 -12.93 -9.70
CA MET A 120 4.22 -13.32 -8.31
C MET A 120 5.50 -14.04 -7.92
N ALA A 121 6.11 -13.63 -6.83
CA ALA A 121 7.33 -14.25 -6.38
C ALA A 121 6.98 -15.39 -5.44
N GLY A 122 6.16 -15.09 -4.48
CA GLY A 122 5.78 -16.06 -3.52
C GLY A 122 6.06 -15.57 -2.13
N LEU A 123 7.11 -16.07 -1.54
CA LEU A 123 7.46 -15.71 -0.19
C LEU A 123 8.89 -15.22 -0.10
N ILE A 124 9.19 -14.47 0.92
CA ILE A 124 10.53 -13.97 1.17
C ILE A 124 10.63 -13.54 2.64
N ASN A 125 11.72 -13.87 3.26
CA ASN A 125 11.97 -13.45 4.63
C ASN A 125 13.14 -12.47 4.66
N LEU A 126 12.85 -11.25 5.00
CA LEU A 126 13.85 -10.21 5.05
C LEU A 126 13.71 -9.44 6.34
N SER A 127 14.85 -9.10 6.96
CA SER A 127 14.87 -8.38 8.25
C SER A 127 14.18 -9.27 9.31
N SER A 128 14.31 -10.58 9.10
CA SER A 128 13.70 -11.67 9.88
C SER A 128 12.17 -11.66 9.82
N THR A 129 11.63 -10.85 8.95
CA THR A 129 10.22 -10.77 8.77
C THR A 129 9.81 -11.67 7.59
N PRO A 130 9.15 -12.81 7.86
CA PRO A 130 8.67 -13.68 6.82
C PRO A 130 7.44 -13.10 6.17
N THR A 131 7.57 -12.71 4.95
CA THR A 131 6.49 -12.16 4.20
C THR A 131 6.10 -13.13 3.09
N ASN A 132 4.82 -13.23 2.81
CA ASN A 132 4.34 -14.16 1.81
C ASN A 132 3.25 -13.51 0.99
N ARG A 133 2.99 -14.06 -0.22
CA ARG A 133 2.01 -13.57 -1.20
C ARG A 133 2.58 -12.33 -1.90
N MET A 134 3.89 -12.28 -1.94
CA MET A 134 4.61 -11.15 -2.49
C MET A 134 4.66 -11.14 -4.00
N ILE A 135 4.33 -10.00 -4.53
CA ILE A 135 4.38 -9.72 -5.93
C ILE A 135 5.67 -8.99 -6.23
N ARG A 136 6.35 -9.36 -7.28
CA ARG A 136 7.67 -8.83 -7.56
C ARG A 136 7.73 -8.15 -8.91
N TYR A 137 8.46 -7.09 -8.95
CA TYR A 137 8.76 -6.35 -10.15
C TYR A 137 10.23 -6.05 -10.18
N ASP A 138 10.84 -6.14 -11.32
CA ASP A 138 12.26 -5.91 -11.42
C ASP A 138 12.50 -4.47 -11.82
N TYR A 139 12.91 -3.70 -10.86
CA TYR A 139 13.16 -2.30 -10.99
C TYR A 139 14.10 -1.91 -9.87
N ALA A 140 15.01 -1.00 -10.13
CA ALA A 140 15.93 -0.51 -9.12
C ALA A 140 15.15 0.24 -8.04
N THR A 141 14.91 -0.43 -6.95
CA THR A 141 14.06 0.05 -5.88
C THR A 141 14.58 1.30 -5.16
N LYS A 142 13.66 1.97 -4.49
CA LYS A 142 13.95 3.13 -3.68
C LYS A 142 13.23 2.94 -2.35
N THR A 143 13.89 3.27 -1.29
CA THR A 143 13.34 3.17 0.02
C THR A 143 12.51 4.44 0.30
N GLY A 144 11.49 4.36 1.14
CA GLY A 144 10.69 5.54 1.43
C GLY A 144 9.48 5.63 0.52
N GLN A 145 9.45 4.74 -0.47
CA GLN A 145 8.35 4.66 -1.43
C GLN A 145 7.32 3.67 -0.92
N CYS A 146 7.60 3.18 0.26
CA CYS A 146 6.81 2.21 0.94
C CYS A 146 5.43 2.78 1.22
N GLY A 147 4.42 2.07 0.82
CA GLY A 147 3.08 2.55 0.99
C GLY A 147 2.52 3.05 -0.30
N GLY A 148 3.38 3.21 -1.31
CA GLY A 148 2.93 3.63 -2.61
C GLY A 148 2.05 2.58 -3.24
N VAL A 149 0.98 3.00 -3.85
CA VAL A 149 0.03 2.07 -4.42
C VAL A 149 0.54 1.50 -5.74
N LEU A 150 0.59 0.20 -5.80
CA LEU A 150 0.94 -0.49 -6.99
C LEU A 150 -0.36 -0.78 -7.68
N CYS A 151 -0.67 0.01 -8.65
CA CYS A 151 -1.93 -0.05 -9.30
C CYS A 151 -1.76 -0.21 -10.79
N ALA A 152 -2.84 -0.15 -11.49
CA ALA A 152 -2.88 -0.25 -12.92
C ALA A 152 -4.14 0.46 -13.34
N THR A 153 -4.45 0.44 -14.62
CA THR A 153 -5.66 1.07 -15.12
C THR A 153 -6.93 0.41 -14.51
N GLY A 154 -7.47 1.08 -13.49
CA GLY A 154 -8.68 0.61 -12.83
C GLY A 154 -8.44 -0.63 -11.98
N LYS A 155 -7.20 -0.84 -11.60
CA LYS A 155 -6.81 -2.00 -10.81
C LYS A 155 -5.81 -1.60 -9.74
N ILE A 156 -5.85 -2.28 -8.62
CA ILE A 156 -4.91 -2.10 -7.53
C ILE A 156 -4.43 -3.47 -7.09
N PHE A 157 -3.12 -3.66 -7.05
CA PHE A 157 -2.54 -4.93 -6.69
C PHE A 157 -2.17 -4.92 -5.22
N GLY A 158 -1.47 -3.90 -4.83
CA GLY A 158 -1.05 -3.77 -3.47
C GLY A 158 -0.26 -2.54 -3.26
N ILE A 159 0.63 -2.56 -2.30
CA ILE A 159 1.47 -1.40 -2.04
C ILE A 159 2.92 -1.79 -2.05
N HIS A 160 3.77 -0.84 -2.38
CA HIS A 160 5.21 -1.03 -2.40
C HIS A 160 5.67 -1.30 -0.97
N VAL A 161 6.24 -2.45 -0.77
CA VAL A 161 6.76 -2.81 0.51
C VAL A 161 8.21 -2.41 0.56
N GLY A 162 9.00 -2.98 -0.30
CA GLY A 162 10.38 -2.69 -0.31
C GLY A 162 11.10 -3.57 -1.28
N GLY A 163 12.25 -4.01 -0.90
CA GLY A 163 13.05 -4.82 -1.76
C GLY A 163 14.38 -4.16 -1.97
N ASN A 164 15.41 -4.94 -1.94
CA ASN A 164 16.75 -4.42 -2.09
C ASN A 164 17.31 -4.85 -3.42
N GLY A 165 17.83 -3.90 -4.15
CA GLY A 165 18.41 -4.21 -5.43
C GLY A 165 17.44 -3.93 -6.55
N ARG A 166 17.20 -4.92 -7.38
CA ARG A 166 16.28 -4.74 -8.51
C ARG A 166 14.97 -5.44 -8.25
N GLN A 167 14.88 -6.19 -7.19
CA GLN A 167 13.66 -6.87 -6.92
C GLN A 167 12.80 -6.11 -5.97
N GLY A 168 11.77 -5.52 -6.50
CA GLY A 168 10.83 -4.82 -5.71
C GLY A 168 9.73 -5.73 -5.30
N PHE A 169 9.40 -5.70 -4.04
CA PHE A 169 8.40 -6.55 -3.50
C PHE A 169 7.24 -5.74 -2.99
N SER A 170 6.10 -6.10 -3.44
CA SER A 170 4.88 -5.51 -3.06
C SER A 170 4.02 -6.61 -2.45
N ALA A 171 3.11 -6.25 -1.60
CA ALA A 171 2.23 -7.22 -1.02
C ALA A 171 0.86 -7.03 -1.60
N GLN A 172 0.25 -8.12 -1.97
CA GLN A 172 -1.06 -8.11 -2.58
C GLN A 172 -2.14 -7.91 -1.53
N LEU A 173 -2.85 -6.85 -1.61
CA LEU A 173 -3.92 -6.63 -0.69
C LEU A 173 -5.26 -7.00 -1.29
N LYS A 174 -5.48 -8.30 -1.37
CA LYS A 174 -6.72 -8.84 -1.90
C LYS A 174 -7.95 -8.37 -1.12
N LYS A 175 -9.05 -8.16 -1.84
CA LYS A 175 -10.33 -7.66 -1.29
C LYS A 175 -10.88 -8.62 -0.24
N GLN A 176 -10.41 -9.85 -0.31
CA GLN A 176 -10.74 -10.92 0.61
C GLN A 176 -10.35 -10.54 2.06
N TYR A 177 -9.32 -9.72 2.20
CA TYR A 177 -8.86 -9.28 3.51
C TYR A 177 -9.71 -8.13 4.03
N PHE A 178 -10.58 -7.58 3.20
CA PHE A 178 -11.37 -6.42 3.56
C PHE A 178 -12.85 -6.68 3.29
N VAL A 179 -13.23 -7.95 3.37
CA VAL A 179 -14.60 -8.37 3.14
C VAL A 179 -15.60 -7.66 4.06
N GLU A 180 -16.81 -7.49 3.57
CA GLU A 180 -17.86 -6.77 4.27
C GLU A 180 -18.52 -7.68 5.31
N LYS A 181 -18.41 -8.96 5.07
CA LYS A 181 -18.92 -9.93 5.97
C LYS A 181 -17.81 -10.82 6.47
N GLN A 182 -17.40 -10.61 7.68
CA GLN A 182 -16.42 -11.44 8.32
C GLN A 182 -16.77 -11.47 9.76
N GLY A 1 -3.43 9.71 -19.59
CA GLY A 1 -4.24 8.66 -20.20
C GLY A 1 -4.69 7.67 -19.17
N PRO A 2 -5.12 6.46 -19.60
CA PRO A 2 -5.71 5.40 -18.73
C PRO A 2 -5.07 5.25 -17.33
N ASN A 3 -3.80 4.87 -17.27
CA ASN A 3 -3.16 4.59 -15.98
C ASN A 3 -2.98 5.86 -15.15
N THR A 4 -2.70 6.97 -15.82
CA THR A 4 -2.49 8.23 -15.15
C THR A 4 -3.84 8.78 -14.62
N GLU A 5 -4.90 8.51 -15.36
CA GLU A 5 -6.26 8.94 -15.00
C GLU A 5 -6.65 8.30 -13.68
N PHE A 6 -6.43 7.00 -13.58
CA PHE A 6 -6.74 6.28 -12.36
C PHE A 6 -5.88 6.78 -11.22
N ALA A 7 -4.59 6.89 -11.49
CA ALA A 7 -3.62 7.32 -10.51
C ALA A 7 -3.95 8.70 -9.95
N LEU A 8 -4.22 9.63 -10.85
CA LEU A 8 -4.51 11.03 -10.48
C LEU A 8 -5.81 11.12 -9.69
N SER A 9 -6.79 10.32 -10.05
CA SER A 9 -8.07 10.33 -9.37
C SER A 9 -7.94 9.71 -7.97
N LEU A 10 -7.22 8.59 -7.91
CA LEU A 10 -7.00 7.86 -6.66
C LEU A 10 -6.15 8.71 -5.71
N LEU A 11 -5.21 9.42 -6.31
CA LEU A 11 -4.25 10.27 -5.63
C LEU A 11 -4.92 11.24 -4.68
N ARG A 12 -5.82 12.02 -5.20
CA ARG A 12 -6.47 13.09 -4.46
C ARG A 12 -7.57 12.60 -3.54
N LYS A 13 -7.71 11.31 -3.40
CA LYS A 13 -8.82 10.76 -2.63
C LYS A 13 -8.36 9.71 -1.64
N ASN A 14 -7.61 8.76 -2.10
CA ASN A 14 -7.23 7.61 -1.28
C ASN A 14 -5.74 7.50 -1.06
N ILE A 15 -4.96 8.42 -1.59
CA ILE A 15 -3.53 8.36 -1.44
C ILE A 15 -3.04 9.53 -0.58
N MET A 16 -2.67 9.25 0.64
CA MET A 16 -2.25 10.29 1.55
C MET A 16 -0.86 10.02 2.07
N THR A 17 -0.21 11.05 2.56
CA THR A 17 1.07 10.92 3.20
C THR A 17 0.85 10.69 4.70
N ILE A 18 1.36 9.60 5.20
CA ILE A 18 1.23 9.29 6.60
C ILE A 18 2.57 9.48 7.28
N THR A 19 2.56 10.30 8.29
CA THR A 19 3.72 10.57 9.09
C THR A 19 3.93 9.42 10.09
N THR A 20 4.81 8.54 9.75
CA THR A 20 5.10 7.43 10.60
C THR A 20 6.37 7.75 11.39
N SER A 21 6.85 6.79 12.13
CA SER A 21 8.03 6.97 12.92
C SER A 21 9.27 7.08 11.99
N LYS A 22 9.24 6.35 10.88
CA LYS A 22 10.37 6.32 9.94
C LYS A 22 10.32 7.48 8.95
N GLY A 23 9.26 8.24 8.98
CA GLY A 23 9.14 9.37 8.10
C GLY A 23 7.79 9.43 7.44
N GLU A 24 7.71 10.18 6.38
CA GLU A 24 6.47 10.34 5.67
C GLU A 24 6.38 9.37 4.52
N PHE A 25 5.49 8.43 4.64
CA PHE A 25 5.28 7.41 3.63
C PHE A 25 3.88 7.53 3.07
N THR A 26 3.52 6.68 2.16
CA THR A 26 2.24 6.76 1.57
C THR A 26 1.29 5.77 2.25
N GLY A 27 0.09 6.22 2.51
CA GLY A 27 -0.91 5.40 3.09
C GLY A 27 -2.08 5.33 2.17
N LEU A 28 -2.49 4.13 1.85
CA LEU A 28 -3.57 3.94 0.94
C LEU A 28 -4.86 3.71 1.71
N GLY A 29 -5.81 4.57 1.49
CA GLY A 29 -7.10 4.43 2.10
C GLY A 29 -7.93 3.47 1.29
N ILE A 30 -8.39 2.41 1.90
CA ILE A 30 -9.14 1.39 1.19
C ILE A 30 -10.60 1.79 1.13
N HIS A 31 -11.17 2.05 2.28
CA HIS A 31 -12.55 2.47 2.36
C HIS A 31 -12.80 3.06 3.71
N ASP A 32 -13.80 3.91 3.81
CA ASP A 32 -14.26 4.54 5.07
C ASP A 32 -13.16 5.25 5.84
N ARG A 33 -12.53 4.50 6.70
CA ARG A 33 -11.53 4.98 7.62
C ARG A 33 -10.39 3.95 7.69
N VAL A 34 -10.44 3.00 6.78
CA VAL A 34 -9.51 1.91 6.73
C VAL A 34 -8.40 2.26 5.77
N CYS A 35 -7.21 2.40 6.28
CA CYS A 35 -6.05 2.69 5.47
C CYS A 35 -4.97 1.65 5.72
N VAL A 36 -4.08 1.45 4.79
CA VAL A 36 -3.02 0.48 4.96
C VAL A 36 -1.67 1.18 4.96
N ILE A 37 -0.83 0.79 5.88
CA ILE A 37 0.51 1.33 6.02
C ILE A 37 1.42 0.14 6.41
N PRO A 38 2.73 0.11 6.03
CA PRO A 38 3.65 -0.97 6.46
C PRO A 38 4.11 -0.82 7.92
N THR A 39 4.30 -1.96 8.61
CA THR A 39 4.74 -1.94 10.01
C THR A 39 6.21 -1.59 10.19
N HIS A 40 7.01 -1.70 9.14
CA HIS A 40 8.41 -1.31 9.25
C HIS A 40 8.56 0.21 9.30
N ALA A 41 7.53 0.90 8.80
CA ALA A 41 7.48 2.36 8.82
C ALA A 41 7.08 2.84 10.21
N GLN A 42 6.35 1.96 10.90
CA GLN A 42 5.91 2.15 12.27
C GLN A 42 4.95 3.34 12.43
N PRO A 43 3.64 3.09 12.30
CA PRO A 43 2.65 4.13 12.51
C PRO A 43 2.40 4.34 14.02
N GLY A 44 2.00 5.53 14.39
CA GLY A 44 1.82 5.81 15.79
C GLY A 44 0.38 5.79 16.22
N ASP A 45 0.10 6.46 17.31
CA ASP A 45 -1.23 6.50 17.91
C ASP A 45 -2.11 7.52 17.22
N ASP A 46 -1.50 8.58 16.78
CA ASP A 46 -2.16 9.60 16.01
C ASP A 46 -1.21 9.98 14.92
N VAL A 47 -1.70 10.16 13.75
CA VAL A 47 -0.85 10.43 12.62
C VAL A 47 -1.30 11.66 11.88
N LEU A 48 -0.35 12.38 11.38
CA LEU A 48 -0.61 13.51 10.54
C LEU A 48 -0.79 12.96 9.14
N VAL A 49 -2.01 12.84 8.72
CA VAL A 49 -2.33 12.28 7.44
C VAL A 49 -2.54 13.39 6.41
N ASN A 50 -1.47 13.69 5.70
CA ASN A 50 -1.41 14.70 4.62
C ASN A 50 -1.86 16.10 5.12
N GLY A 51 -1.77 16.31 6.41
CA GLY A 51 -2.11 17.57 6.99
C GLY A 51 -2.85 17.40 8.30
N GLN A 52 -3.85 16.57 8.27
CA GLN A 52 -4.71 16.39 9.41
C GLN A 52 -4.16 15.37 10.41
N LYS A 53 -3.91 15.81 11.62
CA LYS A 53 -3.50 14.90 12.68
C LYS A 53 -4.73 14.19 13.21
N ILE A 54 -4.84 12.93 12.88
CA ILE A 54 -6.00 12.12 13.22
C ILE A 54 -5.63 11.05 14.24
N ARG A 55 -6.53 10.77 15.14
CA ARG A 55 -6.35 9.71 16.10
C ARG A 55 -6.64 8.37 15.46
N VAL A 56 -5.76 7.45 15.67
CA VAL A 56 -5.91 6.12 15.16
C VAL A 56 -6.64 5.29 16.19
N LYS A 57 -7.72 4.68 15.76
CA LYS A 57 -8.56 3.90 16.62
C LYS A 57 -7.96 2.54 16.86
N ASP A 58 -7.74 1.81 15.80
CA ASP A 58 -7.25 0.46 15.91
C ASP A 58 -6.17 0.26 14.86
N LYS A 59 -5.36 -0.71 15.06
CA LYS A 59 -4.20 -0.99 14.25
C LYS A 59 -4.08 -2.49 14.09
N TYR A 60 -4.51 -3.01 12.97
CA TYR A 60 -4.48 -4.44 12.76
C TYR A 60 -3.24 -4.81 11.97
N LYS A 61 -2.33 -5.52 12.58
CA LYS A 61 -1.19 -6.01 11.85
C LYS A 61 -1.68 -7.27 11.19
N LEU A 62 -1.81 -7.26 9.88
CA LEU A 62 -2.38 -8.38 9.19
C LEU A 62 -1.35 -9.49 9.13
N VAL A 63 -1.55 -10.47 9.95
CA VAL A 63 -0.70 -11.62 10.02
C VAL A 63 -1.51 -12.84 9.62
N ASP A 64 -0.95 -13.66 8.78
CA ASP A 64 -1.59 -14.89 8.32
C ASP A 64 -1.59 -15.88 9.49
N PRO A 65 -2.64 -16.73 9.64
CA PRO A 65 -2.75 -17.72 10.73
C PRO A 65 -1.50 -18.62 10.95
N GLU A 66 -0.64 -18.73 9.93
CA GLU A 66 0.59 -19.52 10.07
C GLU A 66 1.73 -18.67 10.67
N ASN A 67 1.38 -17.47 11.13
CA ASN A 67 2.28 -16.49 11.76
C ASN A 67 3.21 -15.88 10.70
N ILE A 68 2.72 -15.88 9.50
CA ILE A 68 3.43 -15.33 8.38
C ILE A 68 2.92 -13.92 8.13
N ASN A 69 3.81 -12.97 8.06
CA ASN A 69 3.41 -11.58 7.87
C ASN A 69 3.31 -11.24 6.41
N LEU A 70 2.52 -10.25 6.11
CA LEU A 70 2.43 -9.73 4.76
C LEU A 70 2.53 -8.21 4.74
N GLU A 71 3.06 -7.69 5.86
CA GLU A 71 3.42 -6.25 6.09
C GLU A 71 2.20 -5.30 6.22
N LEU A 72 1.05 -5.72 5.72
CA LEU A 72 -0.19 -4.93 5.82
C LEU A 72 -0.54 -4.59 7.25
N THR A 73 -0.60 -3.32 7.53
CA THR A 73 -1.07 -2.86 8.77
C THR A 73 -2.30 -2.02 8.48
N VAL A 74 -3.43 -2.50 8.91
CA VAL A 74 -4.67 -1.84 8.70
C VAL A 74 -4.82 -0.78 9.76
N LEU A 75 -4.64 0.43 9.34
CA LEU A 75 -4.69 1.56 10.20
C LEU A 75 -6.11 2.09 10.17
N THR A 76 -6.79 2.00 11.27
CA THR A 76 -8.15 2.45 11.34
C THR A 76 -8.21 3.85 11.95
N LEU A 77 -8.46 4.83 11.12
CA LEU A 77 -8.55 6.22 11.55
C LEU A 77 -9.91 6.45 12.18
N ASP A 78 -9.95 7.20 13.26
CA ASP A 78 -11.23 7.50 13.87
C ASP A 78 -11.79 8.75 13.26
N ARG A 79 -12.64 8.59 12.30
CA ARG A 79 -13.21 9.70 11.58
C ARG A 79 -14.54 9.37 10.96
N ASN A 80 -15.34 10.39 10.83
CA ASN A 80 -16.65 10.32 10.21
C ASN A 80 -16.54 10.54 8.71
N GLU A 81 -15.37 11.00 8.31
CA GLU A 81 -15.03 11.20 6.91
C GLU A 81 -14.78 9.86 6.28
N LYS A 82 -15.36 9.65 5.14
CA LYS A 82 -15.30 8.41 4.43
C LYS A 82 -14.42 8.53 3.20
N PHE A 83 -13.40 7.73 3.14
CA PHE A 83 -12.62 7.62 1.93
C PHE A 83 -13.42 6.78 0.97
N ARG A 84 -13.36 7.09 -0.31
CA ARG A 84 -14.08 6.34 -1.31
C ARG A 84 -13.62 4.89 -1.29
N ASP A 85 -14.56 3.99 -1.27
CA ASP A 85 -14.30 2.56 -1.23
C ASP A 85 -13.60 2.12 -2.50
N ILE A 86 -12.32 2.01 -2.49
CA ILE A 86 -11.60 1.54 -3.65
C ILE A 86 -11.38 0.04 -3.57
N ARG A 87 -12.18 -0.57 -2.72
CA ARG A 87 -12.13 -2.00 -2.45
C ARG A 87 -12.47 -2.80 -3.71
N GLY A 88 -13.33 -2.22 -4.53
CA GLY A 88 -13.74 -2.86 -5.75
C GLY A 88 -12.77 -2.60 -6.90
N PHE A 89 -11.68 -1.91 -6.63
CA PHE A 89 -10.66 -1.69 -7.63
C PHE A 89 -9.47 -2.58 -7.40
N ILE A 90 -9.46 -3.27 -6.27
CA ILE A 90 -8.40 -4.20 -5.97
C ILE A 90 -8.51 -5.36 -6.93
N SER A 91 -7.43 -5.66 -7.55
CA SER A 91 -7.41 -6.70 -8.49
C SER A 91 -6.95 -7.96 -7.79
N GLU A 92 -7.88 -8.88 -7.58
CA GLU A 92 -7.60 -10.18 -6.95
C GLU A 92 -6.63 -11.00 -7.80
N ASP A 93 -6.60 -10.68 -9.07
CA ASP A 93 -5.66 -11.24 -10.01
C ASP A 93 -4.64 -10.16 -10.28
N LEU A 94 -3.44 -10.34 -9.83
CA LEU A 94 -2.44 -9.30 -9.90
C LEU A 94 -1.44 -9.54 -11.02
N GLU A 95 -0.88 -10.73 -11.04
CA GLU A 95 0.20 -11.05 -11.95
C GLU A 95 -0.22 -11.03 -13.42
N GLY A 96 0.63 -10.47 -14.25
CA GLY A 96 0.39 -10.45 -15.67
C GLY A 96 -0.01 -9.09 -16.22
N VAL A 97 0.05 -8.08 -15.39
CA VAL A 97 -0.32 -6.73 -15.84
C VAL A 97 0.86 -5.78 -15.64
N ASP A 98 0.94 -4.76 -16.48
CA ASP A 98 1.94 -3.71 -16.35
C ASP A 98 1.43 -2.73 -15.32
N ALA A 99 2.16 -2.49 -14.28
CA ALA A 99 1.69 -1.67 -13.21
C ALA A 99 2.49 -0.39 -13.05
N THR A 100 1.88 0.56 -12.39
CA THR A 100 2.44 1.82 -12.09
C THR A 100 2.43 2.04 -10.56
N LEU A 101 3.52 2.53 -10.03
CA LEU A 101 3.66 2.79 -8.63
C LEU A 101 3.45 4.29 -8.41
N VAL A 102 2.54 4.62 -7.54
CA VAL A 102 2.25 6.01 -7.24
C VAL A 102 2.64 6.29 -5.80
N VAL A 103 3.58 7.20 -5.63
CA VAL A 103 4.07 7.55 -4.31
C VAL A 103 3.67 8.98 -3.98
N HIS A 104 3.26 9.19 -2.76
CA HIS A 104 2.82 10.49 -2.29
C HIS A 104 3.42 10.69 -0.89
N SER A 105 4.58 11.32 -0.85
CA SER A 105 5.32 11.47 0.38
C SER A 105 5.94 12.88 0.48
N ASN A 106 6.82 13.08 1.48
CA ASN A 106 7.47 14.39 1.74
C ASN A 106 8.22 14.93 0.53
N ASN A 107 9.18 14.16 0.06
CA ASN A 107 10.02 14.56 -1.06
C ASN A 107 9.44 14.07 -2.36
N PHE A 108 8.87 12.90 -2.33
CA PHE A 108 8.35 12.31 -3.54
C PHE A 108 6.86 12.55 -3.62
N THR A 109 6.51 13.68 -4.12
CA THR A 109 5.14 14.09 -4.26
C THR A 109 4.57 13.74 -5.62
N ASN A 110 3.66 12.79 -5.63
CA ASN A 110 2.88 12.40 -6.80
C ASN A 110 3.76 11.79 -7.86
N THR A 111 4.73 11.05 -7.44
CA THR A 111 5.63 10.44 -8.35
C THR A 111 5.00 9.19 -8.94
N ILE A 112 4.39 9.36 -10.09
CA ILE A 112 3.80 8.28 -10.85
C ILE A 112 4.94 7.60 -11.60
N LEU A 113 5.34 6.47 -11.12
CA LEU A 113 6.45 5.75 -11.68
C LEU A 113 5.98 4.41 -12.20
N GLU A 114 6.04 4.20 -13.48
CA GLU A 114 5.64 2.90 -13.99
C GLU A 114 6.75 1.89 -13.75
N VAL A 115 6.39 0.67 -13.45
CA VAL A 115 7.40 -0.33 -13.13
C VAL A 115 7.48 -1.39 -14.19
N GLY A 116 6.37 -1.69 -14.82
CA GLY A 116 6.36 -2.69 -15.84
C GLY A 116 5.50 -3.85 -15.45
N PRO A 117 5.77 -5.04 -16.00
CA PRO A 117 4.97 -6.23 -15.74
C PRO A 117 5.17 -6.75 -14.33
N VAL A 118 4.09 -6.88 -13.61
CA VAL A 118 4.16 -7.40 -12.29
C VAL A 118 3.82 -8.89 -12.27
N THR A 119 4.63 -9.63 -11.56
CA THR A 119 4.47 -11.05 -11.42
C THR A 119 4.50 -11.39 -9.94
N MET A 120 4.06 -12.56 -9.56
CA MET A 120 4.00 -12.88 -8.14
C MET A 120 5.34 -13.40 -7.68
N ALA A 121 5.81 -12.89 -6.54
CA ALA A 121 7.06 -13.34 -5.98
C ALA A 121 6.83 -14.62 -5.21
N GLY A 122 5.69 -14.64 -4.56
CA GLY A 122 5.33 -15.74 -3.73
C GLY A 122 5.53 -15.32 -2.32
N LEU A 123 6.60 -15.77 -1.72
CA LEU A 123 6.95 -15.38 -0.40
C LEU A 123 8.41 -15.09 -0.36
N ILE A 124 8.80 -14.20 0.50
CA ILE A 124 10.19 -13.87 0.69
C ILE A 124 10.45 -13.86 2.18
N ASN A 125 11.68 -13.73 2.57
CA ASN A 125 11.99 -13.64 3.97
C ASN A 125 12.60 -12.30 4.25
N LEU A 126 12.21 -11.71 5.33
CA LEU A 126 12.77 -10.46 5.75
C LEU A 126 13.22 -10.65 7.18
N SER A 127 14.53 -10.59 7.38
CA SER A 127 15.16 -10.79 8.68
C SER A 127 14.85 -12.22 9.18
N SER A 128 14.81 -13.15 8.22
CA SER A 128 14.54 -14.58 8.43
C SER A 128 13.07 -14.83 8.83
N THR A 129 12.26 -13.81 8.73
CA THR A 129 10.86 -13.92 8.99
C THR A 129 10.16 -14.06 7.64
N PRO A 130 9.46 -15.18 7.42
CA PRO A 130 8.74 -15.41 6.18
C PRO A 130 7.57 -14.44 6.01
N THR A 131 7.55 -13.78 4.89
CA THR A 131 6.50 -12.91 4.56
C THR A 131 5.92 -13.35 3.20
N ASN A 132 4.67 -13.71 3.19
CA ASN A 132 4.05 -14.32 2.02
C ASN A 132 3.12 -13.34 1.36
N ARG A 133 2.88 -13.57 0.07
CA ARG A 133 1.99 -12.79 -0.76
C ARG A 133 2.59 -11.46 -1.12
N MET A 134 3.75 -11.59 -1.73
CA MET A 134 4.51 -10.47 -2.23
C MET A 134 4.54 -10.55 -3.74
N ILE A 135 4.48 -9.42 -4.35
CA ILE A 135 4.49 -9.30 -5.78
C ILE A 135 5.86 -8.74 -6.21
N ARG A 136 6.39 -9.23 -7.33
CA ARG A 136 7.72 -8.91 -7.77
C ARG A 136 7.68 -8.23 -9.13
N TYR A 137 8.39 -7.16 -9.25
CA TYR A 137 8.58 -6.48 -10.51
C TYR A 137 10.02 -6.09 -10.67
N ASP A 138 10.57 -6.35 -11.83
CA ASP A 138 11.96 -6.04 -12.07
C ASP A 138 12.11 -4.62 -12.56
N TYR A 139 12.31 -3.75 -11.61
CA TYR A 139 12.55 -2.36 -11.81
C TYR A 139 13.24 -1.89 -10.56
N ALA A 140 14.27 -1.09 -10.71
CA ALA A 140 15.02 -0.61 -9.58
C ALA A 140 14.28 0.49 -8.83
N THR A 141 13.46 0.06 -7.91
CA THR A 141 12.73 0.93 -7.06
C THR A 141 13.50 1.13 -5.77
N LYS A 142 13.20 2.16 -5.05
CA LYS A 142 13.95 2.47 -3.87
C LYS A 142 13.10 2.42 -2.62
N THR A 143 13.66 1.82 -1.60
CA THR A 143 13.05 1.76 -0.30
C THR A 143 12.88 3.18 0.23
N GLY A 144 11.67 3.50 0.58
CA GLY A 144 11.32 4.86 0.94
C GLY A 144 10.06 5.24 0.22
N GLN A 145 9.74 4.46 -0.79
CA GLN A 145 8.50 4.62 -1.54
C GLN A 145 7.49 3.63 -0.98
N CYS A 146 7.79 3.16 0.21
CA CYS A 146 7.01 2.18 0.91
C CYS A 146 5.63 2.73 1.21
N GLY A 147 4.63 1.96 0.90
CA GLY A 147 3.28 2.40 1.08
C GLY A 147 2.73 3.00 -0.19
N GLY A 148 3.56 3.05 -1.22
CA GLY A 148 3.10 3.54 -2.50
C GLY A 148 2.20 2.53 -3.15
N VAL A 149 1.14 2.99 -3.75
CA VAL A 149 0.17 2.11 -4.36
C VAL A 149 0.64 1.61 -5.73
N LEU A 150 0.68 0.32 -5.85
CA LEU A 150 0.99 -0.33 -7.08
C LEU A 150 -0.32 -0.56 -7.78
N CYS A 151 -0.56 0.17 -8.82
CA CYS A 151 -1.83 0.12 -9.47
C CYS A 151 -1.68 0.20 -10.99
N ALA A 152 -2.78 0.12 -11.65
CA ALA A 152 -2.90 0.24 -13.08
C ALA A 152 -4.30 0.74 -13.31
N THR A 153 -4.68 0.96 -14.56
CA THR A 153 -5.99 1.47 -14.93
C THR A 153 -7.13 0.59 -14.33
N GLY A 154 -7.73 1.08 -13.24
CA GLY A 154 -8.82 0.39 -12.56
C GLY A 154 -8.35 -0.88 -11.88
N LYS A 155 -7.08 -0.96 -11.56
CA LYS A 155 -6.51 -2.15 -10.93
C LYS A 155 -5.58 -1.74 -9.80
N ILE A 156 -5.87 -2.12 -8.60
CA ILE A 156 -4.91 -1.93 -7.51
C ILE A 156 -4.36 -3.28 -7.15
N PHE A 157 -3.07 -3.37 -7.09
CA PHE A 157 -2.41 -4.63 -6.81
C PHE A 157 -1.91 -4.69 -5.37
N GLY A 158 -1.29 -3.63 -4.94
CA GLY A 158 -0.80 -3.63 -3.61
C GLY A 158 -0.05 -2.38 -3.27
N ILE A 159 0.80 -2.46 -2.28
CA ILE A 159 1.61 -1.34 -1.85
C ILE A 159 3.07 -1.74 -1.82
N HIS A 160 3.93 -0.84 -2.22
CA HIS A 160 5.36 -1.05 -2.24
C HIS A 160 5.89 -1.28 -0.82
N VAL A 161 6.67 -2.33 -0.65
CA VAL A 161 7.24 -2.65 0.64
C VAL A 161 8.69 -2.20 0.69
N GLY A 162 9.44 -2.55 -0.32
CA GLY A 162 10.82 -2.16 -0.35
C GLY A 162 11.46 -2.51 -1.65
N GLY A 163 12.57 -1.86 -1.92
CA GLY A 163 13.29 -2.11 -3.13
C GLY A 163 14.53 -2.88 -2.82
N ASN A 164 14.76 -3.94 -3.52
CA ASN A 164 15.94 -4.75 -3.28
C ASN A 164 16.66 -4.93 -4.60
N GLY A 165 17.63 -4.09 -4.82
CA GLY A 165 18.36 -4.12 -6.06
C GLY A 165 17.48 -3.65 -7.19
N ARG A 166 17.33 -4.46 -8.21
CA ARG A 166 16.47 -4.10 -9.32
C ARG A 166 15.14 -4.83 -9.23
N GLN A 167 14.80 -5.29 -8.04
CA GLN A 167 13.53 -5.92 -7.82
C GLN A 167 12.77 -5.20 -6.74
N GLY A 168 11.59 -4.79 -7.07
CA GLY A 168 10.75 -4.15 -6.12
C GLY A 168 9.71 -5.11 -5.62
N PHE A 169 9.57 -5.17 -4.32
CA PHE A 169 8.61 -6.07 -3.73
C PHE A 169 7.46 -5.29 -3.16
N SER A 170 6.28 -5.74 -3.43
CA SER A 170 5.11 -5.10 -2.94
C SER A 170 4.18 -6.12 -2.31
N ALA A 171 3.41 -5.69 -1.34
CA ALA A 171 2.53 -6.58 -0.63
C ALA A 171 1.20 -6.63 -1.33
N GLN A 172 0.68 -7.81 -1.46
CA GLN A 172 -0.58 -8.01 -2.15
C GLN A 172 -1.75 -7.75 -1.21
N LEU A 173 -2.29 -6.54 -1.25
CA LEU A 173 -3.44 -6.23 -0.43
C LEU A 173 -4.75 -6.68 -1.06
N LYS A 174 -4.98 -7.96 -0.98
CA LYS A 174 -6.11 -8.59 -1.60
C LYS A 174 -7.40 -8.31 -0.82
N LYS A 175 -8.51 -8.35 -1.55
CA LYS A 175 -9.85 -8.00 -1.04
C LYS A 175 -10.27 -8.89 0.13
N GLN A 176 -9.68 -10.06 0.18
CA GLN A 176 -9.94 -11.08 1.19
C GLN A 176 -9.65 -10.58 2.62
N TYR A 177 -8.82 -9.55 2.74
CA TYR A 177 -8.44 -9.04 4.04
C TYR A 177 -9.29 -7.85 4.44
N PHE A 178 -10.07 -7.34 3.52
CA PHE A 178 -10.86 -6.15 3.76
C PHE A 178 -12.34 -6.48 3.80
N VAL A 179 -12.62 -7.74 3.99
CA VAL A 179 -13.99 -8.20 4.08
C VAL A 179 -14.53 -7.85 5.46
N GLU A 180 -15.56 -7.02 5.48
CA GLU A 180 -16.20 -6.60 6.73
C GLU A 180 -16.99 -7.76 7.32
N LYS A 181 -17.62 -8.53 6.46
CA LYS A 181 -18.40 -9.68 6.87
C LYS A 181 -17.48 -10.89 6.98
N GLN A 182 -16.78 -10.97 8.07
CA GLN A 182 -15.83 -12.03 8.28
C GLN A 182 -16.07 -12.63 9.65
N GLY A 1 -0.77 8.64 -19.91
CA GLY A 1 -1.84 7.93 -20.61
C GLY A 1 -2.89 7.42 -19.65
N PRO A 2 -3.51 6.26 -19.95
CA PRO A 2 -4.61 5.69 -19.14
C PRO A 2 -4.25 5.48 -17.67
N ASN A 3 -3.06 4.95 -17.41
CA ASN A 3 -2.67 4.67 -16.03
C ASN A 3 -2.45 5.95 -15.25
N THR A 4 -2.03 6.99 -15.96
CA THR A 4 -1.73 8.27 -15.38
C THR A 4 -3.03 8.95 -14.93
N GLU A 5 -4.04 8.83 -15.77
CA GLU A 5 -5.36 9.37 -15.52
C GLU A 5 -5.94 8.76 -14.26
N PHE A 6 -5.90 7.43 -14.18
CA PHE A 6 -6.42 6.73 -13.02
C PHE A 6 -5.60 7.06 -11.78
N ALA A 7 -4.27 7.10 -11.94
CA ALA A 7 -3.36 7.38 -10.85
C ALA A 7 -3.67 8.74 -10.23
N LEU A 8 -3.84 9.74 -11.08
CA LEU A 8 -4.13 11.09 -10.64
C LEU A 8 -5.49 11.15 -9.92
N SER A 9 -6.44 10.41 -10.45
CA SER A 9 -7.78 10.37 -9.89
C SER A 9 -7.79 9.67 -8.52
N LEU A 10 -7.08 8.55 -8.43
CA LEU A 10 -6.96 7.78 -7.21
C LEU A 10 -6.16 8.57 -6.17
N LEU A 11 -5.13 9.27 -6.64
CA LEU A 11 -4.24 10.07 -5.81
C LEU A 11 -5.05 11.09 -5.02
N ARG A 12 -5.94 11.78 -5.71
CA ARG A 12 -6.77 12.83 -5.12
C ARG A 12 -7.95 12.25 -4.34
N LYS A 13 -7.91 10.99 -4.04
CA LYS A 13 -8.94 10.34 -3.29
C LYS A 13 -8.38 9.58 -2.11
N ASN A 14 -7.61 8.56 -2.38
CA ASN A 14 -7.21 7.64 -1.32
C ASN A 14 -5.73 7.63 -1.05
N ILE A 15 -4.98 8.47 -1.70
CA ILE A 15 -3.55 8.53 -1.45
C ILE A 15 -3.28 9.49 -0.29
N MET A 16 -2.78 8.93 0.79
CA MET A 16 -2.58 9.65 2.02
C MET A 16 -1.09 9.77 2.31
N THR A 17 -0.63 10.93 2.68
CA THR A 17 0.72 11.06 3.17
C THR A 17 0.69 10.92 4.69
N ILE A 18 1.08 9.78 5.18
CA ILE A 18 1.00 9.51 6.59
C ILE A 18 2.36 9.67 7.24
N THR A 19 2.44 10.54 8.19
CA THR A 19 3.63 10.73 8.93
C THR A 19 3.63 9.76 10.11
N THR A 20 4.46 8.78 10.01
CA THR A 20 4.61 7.77 11.02
C THR A 20 5.88 8.04 11.83
N SER A 21 6.29 7.06 12.60
CA SER A 21 7.49 7.13 13.38
C SER A 21 8.72 7.19 12.46
N LYS A 22 8.71 6.38 11.43
CA LYS A 22 9.88 6.23 10.59
C LYS A 22 9.94 7.21 9.43
N GLY A 23 8.87 7.93 9.17
CA GLY A 23 8.91 8.91 8.13
C GLY A 23 7.56 9.24 7.57
N GLU A 24 7.55 9.91 6.46
CA GLU A 24 6.33 10.29 5.80
C GLU A 24 6.17 9.45 4.57
N PHE A 25 5.29 8.50 4.67
CA PHE A 25 5.09 7.52 3.64
C PHE A 25 3.72 7.68 3.04
N THR A 26 3.45 6.92 2.02
CA THR A 26 2.18 6.95 1.40
C THR A 26 1.33 5.84 2.03
N GLY A 27 0.10 6.16 2.32
CA GLY A 27 -0.81 5.21 2.82
C GLY A 27 -1.99 5.15 1.91
N LEU A 28 -2.55 4.00 1.75
CA LEU A 28 -3.66 3.85 0.87
C LEU A 28 -4.94 3.72 1.65
N GLY A 29 -5.84 4.63 1.44
CA GLY A 29 -7.13 4.52 2.04
C GLY A 29 -7.93 3.48 1.32
N ILE A 30 -8.68 2.69 2.04
CA ILE A 30 -9.48 1.67 1.43
C ILE A 30 -10.92 2.18 1.33
N HIS A 31 -11.42 2.68 2.45
CA HIS A 31 -12.74 3.30 2.55
C HIS A 31 -12.90 3.86 3.94
N ASP A 32 -13.75 4.87 4.06
CA ASP A 32 -14.11 5.51 5.34
C ASP A 32 -12.89 5.93 6.16
N ARG A 33 -12.49 5.05 7.07
CA ARG A 33 -11.41 5.33 7.99
C ARG A 33 -10.37 4.21 7.93
N VAL A 34 -10.57 3.31 7.00
CA VAL A 34 -9.70 2.15 6.85
C VAL A 34 -8.61 2.48 5.86
N CYS A 35 -7.37 2.45 6.29
CA CYS A 35 -6.24 2.71 5.42
C CYS A 35 -5.19 1.62 5.65
N VAL A 36 -4.30 1.44 4.71
CA VAL A 36 -3.24 0.44 4.84
C VAL A 36 -1.88 1.08 4.70
N ILE A 37 -0.92 0.55 5.43
CA ILE A 37 0.45 1.05 5.41
C ILE A 37 1.38 -0.09 5.91
N PRO A 38 2.64 -0.20 5.40
CA PRO A 38 3.61 -1.23 5.84
C PRO A 38 3.93 -1.13 7.34
N THR A 39 4.07 -2.27 7.98
CA THR A 39 4.29 -2.37 9.42
C THR A 39 5.59 -1.66 9.88
N HIS A 40 6.65 -1.73 9.08
CA HIS A 40 7.95 -1.11 9.44
C HIS A 40 7.94 0.42 9.38
N ALA A 41 6.82 1.01 8.98
CA ALA A 41 6.68 2.44 8.99
C ALA A 41 6.44 2.90 10.43
N GLN A 42 5.82 2.01 11.20
CA GLN A 42 5.49 2.21 12.61
C GLN A 42 4.57 3.41 12.82
N PRO A 43 3.26 3.20 12.78
CA PRO A 43 2.30 4.25 13.01
C PRO A 43 2.15 4.52 14.51
N GLY A 44 1.74 5.71 14.85
CA GLY A 44 1.61 6.07 16.24
C GLY A 44 0.19 5.97 16.71
N ASP A 45 -0.09 6.54 17.86
CA ASP A 45 -1.44 6.54 18.45
C ASP A 45 -2.25 7.65 17.81
N ASP A 46 -1.53 8.56 17.24
CA ASP A 46 -2.02 9.71 16.53
C ASP A 46 -1.00 9.94 15.44
N VAL A 47 -1.42 10.43 14.33
CA VAL A 47 -0.54 10.68 13.22
C VAL A 47 -0.98 11.95 12.54
N LEU A 48 -0.37 12.24 11.43
CA LEU A 48 -0.77 13.33 10.63
C LEU A 48 -0.72 12.93 9.19
N VAL A 49 -1.82 13.15 8.53
CA VAL A 49 -1.97 12.81 7.16
C VAL A 49 -2.15 14.06 6.33
N ASN A 50 -1.20 14.31 5.45
CA ASN A 50 -1.17 15.50 4.57
C ASN A 50 -1.00 16.76 5.42
N GLY A 51 -0.52 16.56 6.63
CA GLY A 51 -0.34 17.63 7.56
C GLY A 51 -1.46 17.70 8.58
N GLN A 52 -2.56 17.01 8.30
CA GLN A 52 -3.74 17.03 9.18
C GLN A 52 -3.52 16.13 10.36
N LYS A 53 -3.61 16.68 11.55
CA LYS A 53 -3.51 15.90 12.77
C LYS A 53 -4.72 14.99 12.89
N ILE A 54 -4.49 13.71 13.06
CA ILE A 54 -5.55 12.75 13.17
C ILE A 54 -5.17 11.63 14.12
N ARG A 55 -6.08 11.31 14.99
CA ARG A 55 -5.85 10.26 15.93
C ARG A 55 -6.21 8.93 15.33
N VAL A 56 -5.47 7.94 15.71
CA VAL A 56 -5.66 6.60 15.24
C VAL A 56 -6.52 5.87 16.26
N LYS A 57 -7.31 4.95 15.83
CA LYS A 57 -8.09 4.17 16.74
C LYS A 57 -7.38 2.86 16.99
N ASP A 58 -7.13 2.14 15.92
CA ASP A 58 -6.51 0.83 16.03
C ASP A 58 -5.54 0.66 14.88
N LYS A 59 -4.72 -0.34 14.98
CA LYS A 59 -3.72 -0.67 14.00
C LYS A 59 -3.72 -2.17 13.89
N TYR A 60 -4.43 -2.69 12.93
CA TYR A 60 -4.53 -4.12 12.78
C TYR A 60 -3.33 -4.63 12.06
N LYS A 61 -2.52 -5.36 12.75
CA LYS A 61 -1.42 -6.00 12.12
C LYS A 61 -1.95 -7.17 11.35
N LEU A 62 -2.02 -7.00 10.06
CA LEU A 62 -2.53 -8.02 9.21
C LEU A 62 -1.40 -8.99 9.01
N VAL A 63 -1.47 -10.07 9.71
CA VAL A 63 -0.47 -11.08 9.68
C VAL A 63 -1.05 -12.29 8.94
N ASP A 64 -0.22 -13.12 8.38
CA ASP A 64 -0.69 -14.29 7.67
C ASP A 64 -1.22 -15.30 8.68
N PRO A 65 -2.37 -15.95 8.37
CA PRO A 65 -2.98 -16.99 9.22
C PRO A 65 -1.99 -18.08 9.70
N GLU A 66 -0.95 -18.34 8.93
CA GLU A 66 0.01 -19.36 9.29
C GLU A 66 1.19 -18.78 10.07
N ASN A 67 1.00 -17.55 10.60
CA ASN A 67 2.00 -16.83 11.42
C ASN A 67 3.17 -16.33 10.60
N ILE A 68 2.96 -16.23 9.32
CA ILE A 68 3.97 -15.73 8.43
C ILE A 68 3.85 -14.21 8.36
N ASN A 69 4.96 -13.51 8.14
CA ASN A 69 4.92 -12.05 8.08
C ASN A 69 4.18 -11.61 6.83
N LEU A 70 3.43 -10.56 6.95
CA LEU A 70 2.70 -10.02 5.84
C LEU A 70 3.21 -8.60 5.58
N GLU A 71 3.66 -7.96 6.68
CA GLU A 71 4.28 -6.62 6.67
C GLU A 71 3.23 -5.53 6.34
N LEU A 72 1.96 -5.88 6.48
CA LEU A 72 0.87 -4.98 6.17
C LEU A 72 0.11 -4.66 7.45
N THR A 73 -0.21 -3.41 7.64
CA THR A 73 -0.97 -3.01 8.77
C THR A 73 -2.17 -2.16 8.32
N VAL A 74 -3.34 -2.51 8.82
CA VAL A 74 -4.54 -1.78 8.53
C VAL A 74 -4.69 -0.71 9.59
N LEU A 75 -4.50 0.48 9.17
CA LEU A 75 -4.51 1.62 10.03
C LEU A 75 -5.93 2.17 10.07
N THR A 76 -6.49 2.23 11.25
CA THR A 76 -7.82 2.73 11.39
C THR A 76 -7.79 4.15 11.98
N LEU A 77 -8.07 5.11 11.14
CA LEU A 77 -8.13 6.51 11.54
C LEU A 77 -9.48 6.80 12.13
N ASP A 78 -9.62 7.93 12.75
CA ASP A 78 -10.92 8.36 13.18
C ASP A 78 -11.50 9.24 12.08
N ARG A 79 -12.19 8.63 11.16
CA ARG A 79 -12.77 9.34 10.04
C ARG A 79 -14.21 9.01 9.90
N ASN A 80 -15.05 9.99 10.07
CA ASN A 80 -16.48 9.81 9.82
C ASN A 80 -16.71 9.95 8.33
N GLU A 81 -15.86 10.74 7.73
CA GLU A 81 -15.92 11.08 6.34
C GLU A 81 -15.57 9.88 5.48
N LYS A 82 -16.27 9.74 4.40
CA LYS A 82 -16.10 8.62 3.52
C LYS A 82 -15.10 8.85 2.43
N PHE A 83 -13.95 8.26 2.59
CA PHE A 83 -13.05 8.19 1.48
C PHE A 83 -13.55 7.09 0.57
N ARG A 84 -13.37 7.28 -0.72
CA ARG A 84 -13.94 6.40 -1.73
C ARG A 84 -13.47 4.96 -1.58
N ASP A 85 -14.41 4.08 -1.51
CA ASP A 85 -14.17 2.68 -1.36
C ASP A 85 -13.54 2.08 -2.62
N ILE A 86 -12.27 1.86 -2.58
CA ILE A 86 -11.58 1.31 -3.73
C ILE A 86 -11.48 -0.21 -3.68
N ARG A 87 -12.41 -0.79 -2.92
CA ARG A 87 -12.44 -2.23 -2.66
C ARG A 87 -12.64 -3.02 -3.96
N GLY A 88 -13.50 -2.52 -4.81
CA GLY A 88 -13.80 -3.18 -6.07
C GLY A 88 -12.75 -2.90 -7.14
N PHE A 89 -11.76 -2.10 -6.79
CA PHE A 89 -10.65 -1.83 -7.69
C PHE A 89 -9.47 -2.70 -7.32
N ILE A 90 -9.55 -3.31 -6.14
CA ILE A 90 -8.52 -4.21 -5.69
C ILE A 90 -8.47 -5.41 -6.59
N SER A 91 -7.36 -5.64 -7.15
CA SER A 91 -7.16 -6.74 -7.99
C SER A 91 -6.00 -7.54 -7.43
N GLU A 92 -6.33 -8.56 -6.67
CA GLU A 92 -5.33 -9.39 -6.10
C GLU A 92 -4.88 -10.40 -7.14
N ASP A 93 -5.68 -10.52 -8.19
CA ASP A 93 -5.34 -11.30 -9.35
C ASP A 93 -4.59 -10.35 -10.24
N LEU A 94 -3.29 -10.38 -10.14
CA LEU A 94 -2.46 -9.31 -10.63
C LEU A 94 -1.36 -9.68 -11.60
N GLU A 95 -0.95 -10.91 -11.60
CA GLU A 95 0.22 -11.26 -12.39
C GLU A 95 -0.01 -11.18 -13.90
N GLY A 96 0.93 -10.56 -14.57
CA GLY A 96 0.87 -10.42 -16.00
C GLY A 96 0.43 -9.05 -16.41
N VAL A 97 -0.08 -8.29 -15.48
CA VAL A 97 -0.54 -6.94 -15.75
C VAL A 97 0.60 -5.99 -15.44
N ASP A 98 0.60 -4.83 -16.02
CA ASP A 98 1.62 -3.87 -15.74
C ASP A 98 1.11 -2.91 -14.69
N ALA A 99 2.00 -2.41 -13.87
CA ALA A 99 1.60 -1.56 -12.80
C ALA A 99 2.40 -0.28 -12.75
N THR A 100 1.83 0.68 -12.10
CA THR A 100 2.39 1.94 -11.89
C THR A 100 2.41 2.19 -10.37
N LEU A 101 3.53 2.62 -9.88
CA LEU A 101 3.70 2.89 -8.49
C LEU A 101 3.45 4.37 -8.24
N VAL A 102 2.42 4.66 -7.48
CA VAL A 102 2.07 6.03 -7.17
C VAL A 102 2.47 6.35 -5.74
N VAL A 103 3.47 7.16 -5.61
CA VAL A 103 3.95 7.57 -4.30
C VAL A 103 3.69 9.07 -4.14
N HIS A 104 3.15 9.43 -3.02
CA HIS A 104 2.89 10.80 -2.71
C HIS A 104 3.18 11.03 -1.26
N SER A 105 4.36 11.44 -1.03
CA SER A 105 4.82 11.73 0.27
C SER A 105 5.26 13.20 0.29
N ASN A 106 5.73 13.69 1.41
CA ASN A 106 6.06 15.11 1.50
C ASN A 106 7.38 15.42 0.79
N ASN A 107 8.32 14.49 0.90
CA ASN A 107 9.62 14.65 0.24
C ASN A 107 9.56 14.12 -1.18
N PHE A 108 8.61 13.23 -1.42
CA PHE A 108 8.41 12.61 -2.72
C PHE A 108 6.99 12.84 -3.18
N THR A 109 6.71 14.02 -3.62
CA THR A 109 5.39 14.41 -4.00
C THR A 109 5.11 14.08 -5.48
N ASN A 110 3.99 13.41 -5.72
CA ASN A 110 3.47 13.05 -7.04
C ASN A 110 4.45 12.24 -7.86
N THR A 111 4.67 11.04 -7.43
CA THR A 111 5.55 10.16 -8.10
C THR A 111 4.73 9.07 -8.79
N ILE A 112 4.52 9.23 -10.08
CA ILE A 112 3.86 8.22 -10.87
C ILE A 112 4.95 7.46 -11.62
N LEU A 113 5.34 6.35 -11.06
CA LEU A 113 6.45 5.57 -11.58
C LEU A 113 5.94 4.27 -12.19
N GLU A 114 5.94 4.19 -13.48
CA GLU A 114 5.51 2.98 -14.18
C GLU A 114 6.60 1.92 -14.05
N VAL A 115 6.29 0.83 -13.37
CA VAL A 115 7.29 -0.19 -13.08
C VAL A 115 7.29 -1.31 -14.10
N GLY A 116 6.22 -1.43 -14.84
CA GLY A 116 6.14 -2.44 -15.85
C GLY A 116 5.33 -3.63 -15.39
N PRO A 117 5.50 -4.81 -16.04
CA PRO A 117 4.76 -6.02 -15.70
C PRO A 117 5.07 -6.54 -14.31
N VAL A 118 4.04 -6.87 -13.58
CA VAL A 118 4.17 -7.39 -12.24
C VAL A 118 3.76 -8.85 -12.20
N THR A 119 4.21 -9.57 -11.19
CA THR A 119 3.86 -10.94 -11.04
C THR A 119 3.65 -11.26 -9.56
N MET A 120 3.07 -12.39 -9.28
CA MET A 120 2.81 -12.79 -7.91
C MET A 120 4.04 -13.51 -7.38
N ALA A 121 4.50 -13.08 -6.24
CA ALA A 121 5.69 -13.65 -5.66
C ALA A 121 5.35 -14.81 -4.75
N GLY A 122 4.15 -14.77 -4.22
CA GLY A 122 3.71 -15.80 -3.33
C GLY A 122 4.25 -15.54 -1.95
N LEU A 123 5.21 -16.32 -1.56
CA LEU A 123 5.83 -16.16 -0.28
C LEU A 123 7.31 -15.99 -0.50
N ILE A 124 7.81 -14.83 -0.13
CA ILE A 124 9.20 -14.51 -0.29
C ILE A 124 9.91 -14.60 1.04
N ASN A 125 10.91 -15.42 1.12
CA ASN A 125 11.70 -15.51 2.31
C ASN A 125 13.06 -14.88 2.12
N LEU A 126 13.10 -13.59 2.33
CA LEU A 126 14.32 -12.85 2.17
C LEU A 126 14.94 -12.68 3.54
N SER A 127 16.24 -12.93 3.63
CA SER A 127 16.97 -12.89 4.89
C SER A 127 16.39 -13.93 5.86
N SER A 128 15.92 -15.03 5.26
CA SER A 128 15.29 -16.16 5.97
C SER A 128 13.98 -15.73 6.66
N THR A 129 13.48 -14.56 6.31
CA THR A 129 12.28 -14.05 6.86
C THR A 129 11.14 -14.22 5.84
N PRO A 130 10.23 -15.16 6.10
CA PRO A 130 9.13 -15.45 5.21
C PRO A 130 8.04 -14.38 5.27
N THR A 131 7.77 -13.79 4.14
CA THR A 131 6.69 -12.86 4.01
C THR A 131 5.75 -13.38 2.92
N ASN A 132 4.51 -13.61 3.28
CA ASN A 132 3.53 -14.21 2.37
C ASN A 132 2.67 -13.13 1.76
N ARG A 133 2.05 -13.45 0.61
CA ARG A 133 1.12 -12.57 -0.09
C ARG A 133 1.80 -11.32 -0.56
N MET A 134 2.77 -11.52 -1.42
CA MET A 134 3.55 -10.47 -1.95
C MET A 134 3.52 -10.48 -3.47
N ILE A 135 3.56 -9.31 -4.04
CA ILE A 135 3.65 -9.12 -5.47
C ILE A 135 5.03 -8.59 -5.80
N ARG A 136 5.64 -9.14 -6.82
CA ARG A 136 7.01 -8.85 -7.16
C ARG A 136 7.13 -8.28 -8.56
N TYR A 137 7.98 -7.31 -8.69
CA TYR A 137 8.35 -6.76 -9.96
C TYR A 137 9.82 -6.45 -9.94
N ASP A 138 10.51 -6.85 -10.97
CA ASP A 138 11.92 -6.63 -11.04
C ASP A 138 12.19 -5.33 -11.77
N TYR A 139 12.07 -4.28 -11.04
CA TYR A 139 12.28 -2.93 -11.46
C TYR A 139 12.89 -2.21 -10.29
N ALA A 140 14.00 -1.57 -10.51
CA ALA A 140 14.70 -0.91 -9.44
C ALA A 140 13.97 0.34 -8.99
N THR A 141 13.37 0.23 -7.84
CA THR A 141 12.69 1.32 -7.21
C THR A 141 13.70 2.06 -6.32
N LYS A 142 13.30 3.16 -5.76
CA LYS A 142 14.20 3.91 -4.92
C LYS A 142 13.68 3.89 -3.51
N THR A 143 14.45 4.40 -2.59
CA THR A 143 14.04 4.43 -1.22
C THR A 143 13.17 5.67 -0.97
N GLY A 144 12.21 5.54 -0.09
CA GLY A 144 11.29 6.62 0.18
C GLY A 144 10.00 6.43 -0.59
N GLN A 145 9.90 5.28 -1.22
CA GLN A 145 8.75 4.93 -2.02
C GLN A 145 7.90 3.90 -1.30
N CYS A 146 8.16 3.75 -0.03
CA CYS A 146 7.43 2.82 0.79
C CYS A 146 6.02 3.33 1.01
N GLY A 147 5.06 2.46 0.77
CA GLY A 147 3.68 2.82 0.90
C GLY A 147 3.10 3.25 -0.42
N GLY A 148 3.91 3.18 -1.46
CA GLY A 148 3.47 3.54 -2.78
C GLY A 148 2.37 2.64 -3.28
N VAL A 149 1.34 3.24 -3.80
CA VAL A 149 0.19 2.52 -4.31
C VAL A 149 0.51 1.94 -5.65
N LEU A 150 0.64 0.65 -5.70
CA LEU A 150 0.93 -0.05 -6.90
C LEU A 150 -0.39 -0.36 -7.57
N CYS A 151 -0.67 0.35 -8.59
CA CYS A 151 -1.94 0.25 -9.26
C CYS A 151 -1.76 0.23 -10.76
N ALA A 152 -2.85 0.10 -11.44
CA ALA A 152 -2.91 0.11 -12.87
C ALA A 152 -4.19 0.82 -13.22
N THR A 153 -4.48 0.94 -14.49
CA THR A 153 -5.68 1.63 -14.93
C THR A 153 -6.95 0.88 -14.47
N GLY A 154 -7.51 1.34 -13.36
CA GLY A 154 -8.74 0.78 -12.83
C GLY A 154 -8.50 -0.39 -11.90
N LYS A 155 -7.25 -0.60 -11.51
CA LYS A 155 -6.90 -1.73 -10.65
C LYS A 155 -5.85 -1.34 -9.65
N ILE A 156 -5.95 -1.86 -8.45
CA ILE A 156 -4.94 -1.67 -7.42
C ILE A 156 -4.44 -3.04 -7.01
N PHE A 157 -3.15 -3.23 -6.95
CA PHE A 157 -2.60 -4.54 -6.66
C PHE A 157 -2.04 -4.60 -5.24
N GLY A 158 -1.50 -3.51 -4.78
CA GLY A 158 -0.96 -3.48 -3.47
C GLY A 158 -0.16 -2.24 -3.21
N ILE A 159 0.70 -2.29 -2.23
CA ILE A 159 1.56 -1.17 -1.88
C ILE A 159 3.00 -1.62 -1.70
N HIS A 160 3.90 -0.85 -2.26
CA HIS A 160 5.33 -1.12 -2.20
C HIS A 160 5.83 -1.03 -0.76
N VAL A 161 6.35 -2.13 -0.25
CA VAL A 161 6.85 -2.15 1.10
C VAL A 161 8.32 -1.78 1.12
N GLY A 162 9.05 -2.21 0.12
CA GLY A 162 10.44 -1.93 0.05
C GLY A 162 11.05 -2.56 -1.16
N GLY A 163 12.22 -2.14 -1.50
CA GLY A 163 12.87 -2.68 -2.64
C GLY A 163 14.26 -3.11 -2.31
N ASN A 164 14.68 -4.17 -2.92
CA ASN A 164 16.01 -4.70 -2.70
C ASN A 164 16.61 -5.00 -4.05
N GLY A 165 17.52 -4.13 -4.48
CA GLY A 165 18.14 -4.26 -5.76
C GLY A 165 17.16 -3.92 -6.86
N ARG A 166 16.73 -4.91 -7.58
CA ARG A 166 15.74 -4.71 -8.63
C ARG A 166 14.40 -5.22 -8.13
N GLN A 167 14.42 -5.90 -7.03
CA GLN A 167 13.23 -6.54 -6.54
C GLN A 167 12.40 -5.58 -5.73
N GLY A 168 11.38 -5.05 -6.37
CA GLY A 168 10.45 -4.21 -5.71
C GLY A 168 9.40 -5.06 -5.09
N PHE A 169 9.37 -5.06 -3.78
CA PHE A 169 8.44 -5.89 -3.08
C PHE A 169 7.23 -5.10 -2.72
N SER A 170 6.11 -5.53 -3.18
CA SER A 170 4.90 -4.91 -2.88
C SER A 170 4.02 -5.91 -2.15
N ALA A 171 3.32 -5.45 -1.15
CA ALA A 171 2.43 -6.30 -0.41
C ALA A 171 1.19 -6.49 -1.26
N GLN A 172 0.74 -7.70 -1.37
CA GLN A 172 -0.43 -7.99 -2.16
C GLN A 172 -1.65 -7.63 -1.34
N LEU A 173 -2.34 -6.61 -1.76
CA LEU A 173 -3.52 -6.20 -1.08
C LEU A 173 -4.66 -7.03 -1.56
N LYS A 174 -4.98 -8.01 -0.79
CA LYS A 174 -6.09 -8.85 -1.07
C LYS A 174 -7.35 -8.25 -0.53
N LYS A 175 -8.41 -8.40 -1.28
CA LYS A 175 -9.70 -7.86 -0.91
C LYS A 175 -10.29 -8.66 0.25
N GLN A 176 -9.76 -9.87 0.42
CA GLN A 176 -10.20 -10.77 1.48
C GLN A 176 -9.65 -10.33 2.84
N TYR A 177 -8.80 -9.32 2.87
CA TYR A 177 -8.32 -8.79 4.15
C TYR A 177 -9.40 -7.95 4.77
N PHE A 178 -10.24 -7.43 3.90
CA PHE A 178 -11.26 -6.50 4.30
C PHE A 178 -12.62 -7.16 4.25
N VAL A 179 -12.64 -8.43 3.91
CA VAL A 179 -13.90 -9.12 3.80
C VAL A 179 -14.41 -9.40 5.22
N GLU A 180 -15.64 -9.07 5.44
CA GLU A 180 -16.26 -9.22 6.72
C GLU A 180 -16.98 -10.54 6.79
N LYS A 181 -17.20 -11.13 5.63
CA LYS A 181 -17.85 -12.42 5.51
C LYS A 181 -16.85 -13.48 5.04
N GLN A 182 -16.49 -14.34 5.94
CA GLN A 182 -15.61 -15.44 5.65
C GLN A 182 -16.32 -16.70 6.02
N GLY A 1 -4.87 10.82 -19.74
CA GLY A 1 -4.03 9.64 -19.65
C GLY A 1 -4.69 8.59 -18.82
N PRO A 2 -4.99 7.39 -19.37
CA PRO A 2 -5.72 6.33 -18.66
C PRO A 2 -5.22 6.03 -17.24
N ASN A 3 -3.96 5.59 -17.12
CA ASN A 3 -3.42 5.18 -15.80
C ASN A 3 -3.20 6.38 -14.92
N THR A 4 -2.67 7.43 -15.49
CA THR A 4 -2.36 8.64 -14.79
C THR A 4 -3.61 9.30 -14.19
N GLU A 5 -4.71 9.29 -14.94
CA GLU A 5 -5.94 9.90 -14.48
C GLU A 5 -6.56 9.06 -13.37
N PHE A 6 -6.44 7.73 -13.49
CA PHE A 6 -6.89 6.83 -12.45
C PHE A 6 -6.11 7.13 -11.18
N ALA A 7 -4.80 7.20 -11.34
CA ALA A 7 -3.87 7.47 -10.27
C ALA A 7 -4.15 8.82 -9.63
N LEU A 8 -4.39 9.84 -10.44
CA LEU A 8 -4.66 11.19 -9.97
C LEU A 8 -5.93 11.21 -9.11
N SER A 9 -6.97 10.54 -9.60
CA SER A 9 -8.24 10.45 -8.92
C SER A 9 -8.06 9.75 -7.56
N LEU A 10 -7.37 8.61 -7.61
CA LEU A 10 -7.08 7.80 -6.45
C LEU A 10 -6.23 8.59 -5.45
N LEU A 11 -5.25 9.32 -6.00
CA LEU A 11 -4.30 10.11 -5.26
C LEU A 11 -4.98 11.12 -4.37
N ARG A 12 -5.76 11.98 -4.98
CA ARG A 12 -6.38 13.08 -4.27
C ARG A 12 -7.57 12.65 -3.41
N LYS A 13 -7.91 11.38 -3.45
CA LYS A 13 -8.99 10.88 -2.64
C LYS A 13 -8.51 9.99 -1.51
N ASN A 14 -7.91 8.87 -1.85
CA ASN A 14 -7.60 7.87 -0.84
C ASN A 14 -6.12 7.74 -0.53
N ILE A 15 -5.28 8.35 -1.30
CA ILE A 15 -3.86 8.25 -1.04
C ILE A 15 -3.43 9.38 -0.14
N MET A 16 -3.12 9.07 1.09
CA MET A 16 -2.77 10.09 2.05
C MET A 16 -1.34 9.94 2.51
N THR A 17 -0.66 11.04 2.66
CA THR A 17 0.68 11.03 3.19
C THR A 17 0.63 10.97 4.71
N ILE A 18 1.19 9.94 5.25
CA ILE A 18 1.23 9.75 6.66
C ILE A 18 2.64 9.96 7.13
N THR A 19 2.87 11.04 7.79
CA THR A 19 4.15 11.31 8.35
C THR A 19 4.25 10.56 9.67
N THR A 20 4.99 9.50 9.63
CA THR A 20 5.15 8.63 10.75
C THR A 20 6.36 9.05 11.57
N SER A 21 6.84 8.16 12.40
CA SER A 21 7.99 8.38 13.21
C SER A 21 9.25 8.13 12.36
N LYS A 22 9.09 7.50 11.21
CA LYS A 22 10.23 7.21 10.36
C LYS A 22 10.35 8.22 9.20
N GLY A 23 9.22 8.68 8.70
CA GLY A 23 9.25 9.64 7.62
C GLY A 23 7.90 9.85 7.01
N GLU A 24 7.86 10.41 5.84
CA GLU A 24 6.60 10.65 5.15
C GLU A 24 6.30 9.47 4.25
N PHE A 25 5.40 8.65 4.67
CA PHE A 25 5.00 7.50 3.90
C PHE A 25 3.63 7.72 3.33
N THR A 26 3.17 6.81 2.56
CA THR A 26 1.90 6.94 1.96
C THR A 26 0.99 5.82 2.44
N GLY A 27 -0.18 6.21 2.84
CA GLY A 27 -1.16 5.29 3.31
C GLY A 27 -2.31 5.26 2.36
N LEU A 28 -2.72 4.08 1.99
CA LEU A 28 -3.77 3.93 1.04
C LEU A 28 -5.08 3.65 1.76
N GLY A 29 -6.01 4.57 1.62
CA GLY A 29 -7.33 4.36 2.15
C GLY A 29 -8.06 3.34 1.32
N ILE A 30 -8.50 2.29 1.93
CA ILE A 30 -9.16 1.21 1.22
C ILE A 30 -10.64 1.52 1.08
N HIS A 31 -11.28 1.72 2.19
CA HIS A 31 -12.68 2.01 2.20
C HIS A 31 -13.04 2.76 3.44
N ASP A 32 -13.86 3.76 3.27
CA ASP A 32 -14.44 4.55 4.36
C ASP A 32 -13.39 5.29 5.18
N ARG A 33 -12.82 4.63 6.16
CA ARG A 33 -11.76 5.22 6.96
C ARG A 33 -10.72 4.15 7.33
N VAL A 34 -10.77 3.07 6.58
CA VAL A 34 -9.84 1.98 6.72
C VAL A 34 -8.69 2.23 5.77
N CYS A 35 -7.54 2.47 6.29
CA CYS A 35 -6.38 2.72 5.46
C CYS A 35 -5.30 1.72 5.79
N VAL A 36 -4.42 1.47 4.87
CA VAL A 36 -3.35 0.54 5.09
C VAL A 36 -2.01 1.22 5.00
N ILE A 37 -1.09 0.76 5.80
CA ILE A 37 0.23 1.32 5.86
C ILE A 37 1.22 0.17 6.17
N PRO A 38 2.44 0.17 5.55
CA PRO A 38 3.45 -0.84 5.87
C PRO A 38 3.86 -0.76 7.35
N THR A 39 4.12 -1.89 7.94
CA THR A 39 4.40 -2.00 9.36
C THR A 39 5.74 -1.30 9.73
N HIS A 40 6.73 -1.48 8.88
CA HIS A 40 8.06 -0.87 9.09
C HIS A 40 8.06 0.66 8.89
N ALA A 41 6.90 1.23 8.53
CA ALA A 41 6.80 2.68 8.34
C ALA A 41 6.86 3.40 9.68
N GLN A 42 6.62 2.63 10.74
CA GLN A 42 6.65 3.09 12.13
C GLN A 42 5.60 4.13 12.45
N PRO A 43 4.34 3.70 12.56
CA PRO A 43 3.26 4.57 12.93
C PRO A 43 3.11 4.61 14.45
N GLY A 44 2.12 5.28 14.92
CA GLY A 44 1.88 5.36 16.33
C GLY A 44 0.42 5.33 16.60
N ASP A 45 0.03 5.78 17.76
CA ASP A 45 -1.38 5.82 18.12
C ASP A 45 -2.01 7.04 17.52
N ASP A 46 -1.18 7.99 17.19
CA ASP A 46 -1.58 9.18 16.48
C ASP A 46 -0.60 9.37 15.36
N VAL A 47 -1.07 9.79 14.24
CA VAL A 47 -0.23 9.98 13.07
C VAL A 47 -0.52 11.34 12.44
N LEU A 48 0.40 11.81 11.65
CA LEU A 48 0.23 13.08 11.00
C LEU A 48 -0.17 12.87 9.54
N VAL A 49 -1.42 13.03 9.24
CA VAL A 49 -1.88 12.92 7.86
C VAL A 49 -1.65 14.26 7.14
N ASN A 50 -0.57 14.30 6.38
CA ASN A 50 -0.06 15.51 5.67
C ASN A 50 0.35 16.59 6.69
N GLY A 51 0.41 16.21 7.95
CA GLY A 51 0.75 17.12 9.01
C GLY A 51 -0.35 17.20 10.05
N GLN A 52 -1.55 16.80 9.68
CA GLN A 52 -2.68 16.84 10.59
C GLN A 52 -2.62 15.68 11.55
N LYS A 53 -2.48 16.00 12.81
CA LYS A 53 -2.41 14.99 13.86
C LYS A 53 -3.76 14.33 14.03
N ILE A 54 -3.84 13.11 13.68
CA ILE A 54 -5.06 12.39 13.80
C ILE A 54 -4.83 11.13 14.60
N ARG A 55 -5.76 10.80 15.44
CA ARG A 55 -5.64 9.67 16.32
C ARG A 55 -6.14 8.41 15.61
N VAL A 56 -5.48 7.32 15.86
CA VAL A 56 -5.83 6.06 15.26
C VAL A 56 -6.67 5.27 16.22
N LYS A 57 -7.76 4.71 15.73
CA LYS A 57 -8.66 3.97 16.57
C LYS A 57 -8.12 2.55 16.79
N ASP A 58 -8.02 1.80 15.72
CA ASP A 58 -7.59 0.42 15.78
C ASP A 58 -6.48 0.19 14.82
N LYS A 59 -5.61 -0.71 15.16
CA LYS A 59 -4.48 -1.06 14.34
C LYS A 59 -4.47 -2.57 14.20
N TYR A 60 -4.62 -3.05 13.02
CA TYR A 60 -4.62 -4.48 12.81
C TYR A 60 -3.40 -4.89 12.06
N LYS A 61 -2.58 -5.69 12.67
CA LYS A 61 -1.42 -6.22 11.99
C LYS A 61 -1.93 -7.31 11.08
N LEU A 62 -1.94 -7.07 9.81
CA LEU A 62 -2.47 -8.02 8.89
C LEU A 62 -1.40 -9.03 8.57
N VAL A 63 -1.49 -10.14 9.23
CA VAL A 63 -0.58 -11.21 9.06
C VAL A 63 -1.38 -12.47 8.79
N ASP A 64 -0.73 -13.43 8.22
CA ASP A 64 -1.33 -14.73 7.96
C ASP A 64 -1.59 -15.42 9.28
N PRO A 65 -2.65 -16.25 9.38
CA PRO A 65 -2.96 -17.10 10.55
C PRO A 65 -1.73 -17.61 11.33
N GLU A 66 -0.69 -18.09 10.63
CA GLU A 66 0.51 -18.64 11.29
C GLU A 66 1.51 -17.54 11.70
N ASN A 67 1.01 -16.33 11.71
CA ASN A 67 1.77 -15.11 12.03
C ASN A 67 2.92 -14.95 11.05
N ILE A 68 2.57 -15.08 9.80
CA ILE A 68 3.50 -14.80 8.75
C ILE A 68 3.16 -13.42 8.31
N ASN A 69 4.13 -12.56 8.28
CA ASN A 69 3.88 -11.17 8.04
C ASN A 69 3.55 -10.90 6.61
N LEU A 70 2.51 -10.13 6.40
CA LEU A 70 2.18 -9.62 5.09
C LEU A 70 2.75 -8.21 5.02
N GLU A 71 3.32 -7.79 6.17
CA GLU A 71 4.00 -6.50 6.37
C GLU A 71 2.98 -5.33 6.35
N LEU A 72 1.72 -5.66 6.30
CA LEU A 72 0.71 -4.66 6.20
C LEU A 72 0.02 -4.43 7.53
N THR A 73 -0.10 -3.20 7.92
CA THR A 73 -0.86 -2.83 9.07
C THR A 73 -2.11 -2.07 8.60
N VAL A 74 -3.27 -2.55 8.99
CA VAL A 74 -4.51 -1.92 8.67
C VAL A 74 -4.77 -0.88 9.75
N LEU A 75 -4.75 0.34 9.34
CA LEU A 75 -4.85 1.45 10.22
C LEU A 75 -6.27 2.01 10.17
N THR A 76 -7.01 1.87 11.23
CA THR A 76 -8.33 2.41 11.29
C THR A 76 -8.22 3.85 11.76
N LEU A 77 -8.28 4.76 10.82
CA LEU A 77 -8.07 6.14 11.09
C LEU A 77 -9.33 6.74 11.68
N ASP A 78 -9.23 7.36 12.84
CA ASP A 78 -10.41 7.93 13.45
C ASP A 78 -10.71 9.28 12.88
N ARG A 79 -11.28 9.27 11.74
CA ARG A 79 -11.72 10.45 11.10
C ARG A 79 -13.08 10.14 10.53
N ASN A 80 -14.01 11.03 10.71
CA ASN A 80 -15.39 10.80 10.30
C ASN A 80 -15.61 11.11 8.83
N GLU A 81 -14.57 11.51 8.16
CA GLU A 81 -14.62 11.71 6.74
C GLU A 81 -14.58 10.36 6.09
N LYS A 82 -15.53 10.09 5.26
CA LYS A 82 -15.65 8.80 4.69
C LYS A 82 -15.14 8.83 3.26
N PHE A 83 -14.01 8.20 3.06
CA PHE A 83 -13.35 8.14 1.77
C PHE A 83 -14.01 7.08 0.90
N ARG A 84 -13.60 7.03 -0.35
CA ARG A 84 -14.19 6.12 -1.32
C ARG A 84 -13.78 4.67 -1.04
N ASP A 85 -14.70 3.76 -1.26
CA ASP A 85 -14.41 2.35 -1.22
C ASP A 85 -13.72 1.98 -2.53
N ILE A 86 -12.42 1.85 -2.51
CA ILE A 86 -11.67 1.50 -3.73
C ILE A 86 -11.38 0.03 -3.73
N ARG A 87 -12.13 -0.65 -2.92
CA ARG A 87 -11.94 -2.04 -2.62
C ARG A 87 -12.27 -2.96 -3.79
N GLY A 88 -13.26 -2.59 -4.56
CA GLY A 88 -13.65 -3.38 -5.72
C GLY A 88 -12.66 -3.24 -6.86
N PHE A 89 -11.78 -2.26 -6.76
CA PHE A 89 -10.76 -2.04 -7.78
C PHE A 89 -9.58 -2.93 -7.53
N ILE A 90 -9.54 -3.54 -6.36
CA ILE A 90 -8.51 -4.48 -6.04
C ILE A 90 -8.64 -5.68 -6.94
N SER A 91 -7.58 -5.95 -7.62
CA SER A 91 -7.52 -7.03 -8.53
C SER A 91 -6.42 -7.94 -8.03
N GLU A 92 -6.81 -9.03 -7.42
CA GLU A 92 -5.85 -9.92 -6.81
C GLU A 92 -5.18 -10.88 -7.81
N ASP A 93 -5.53 -10.76 -9.08
CA ASP A 93 -4.80 -11.44 -10.13
C ASP A 93 -3.70 -10.49 -10.55
N LEU A 94 -2.48 -10.92 -10.42
CA LEU A 94 -1.37 -9.99 -10.51
C LEU A 94 -0.57 -10.14 -11.79
N GLU A 95 -0.19 -11.36 -12.08
CA GLU A 95 0.79 -11.67 -13.10
C GLU A 95 0.41 -11.22 -14.52
N GLY A 96 1.34 -10.50 -15.13
CA GLY A 96 1.23 -10.12 -16.51
C GLY A 96 0.56 -8.80 -16.73
N VAL A 97 0.45 -8.00 -15.71
CA VAL A 97 -0.18 -6.71 -15.87
C VAL A 97 0.81 -5.58 -15.62
N ASP A 98 0.83 -4.61 -16.52
CA ASP A 98 1.62 -3.39 -16.39
C ASP A 98 1.10 -2.55 -15.25
N ALA A 99 1.89 -2.42 -14.22
CA ALA A 99 1.49 -1.66 -13.09
C ALA A 99 2.25 -0.35 -13.00
N THR A 100 1.61 0.61 -12.41
CA THR A 100 2.15 1.90 -12.16
C THR A 100 2.24 2.06 -10.64
N LEU A 101 3.36 2.49 -10.15
CA LEU A 101 3.55 2.70 -8.74
C LEU A 101 3.31 4.16 -8.44
N VAL A 102 2.35 4.43 -7.61
CA VAL A 102 2.00 5.78 -7.27
C VAL A 102 2.32 6.05 -5.80
N VAL A 103 3.30 6.89 -5.59
CA VAL A 103 3.74 7.25 -4.24
C VAL A 103 3.29 8.68 -3.95
N HIS A 104 2.99 8.95 -2.70
CA HIS A 104 2.52 10.25 -2.31
C HIS A 104 3.14 10.67 -0.99
N SER A 105 4.10 11.53 -1.05
CA SER A 105 4.69 12.05 0.16
C SER A 105 4.60 13.56 0.14
N ASN A 106 5.01 14.21 1.20
CA ASN A 106 4.96 15.64 1.25
C ASN A 106 6.14 16.24 0.53
N ASN A 107 7.31 15.66 0.75
CA ASN A 107 8.55 16.09 0.11
C ASN A 107 8.52 15.78 -1.39
N PHE A 108 7.91 14.68 -1.76
CA PHE A 108 7.82 14.29 -3.14
C PHE A 108 6.37 13.87 -3.41
N THR A 109 5.60 14.78 -3.93
CA THR A 109 4.20 14.58 -4.15
C THR A 109 3.93 14.15 -5.59
N ASN A 110 3.08 13.13 -5.75
CA ASN A 110 2.66 12.63 -7.08
C ASN A 110 3.79 11.88 -7.78
N THR A 111 4.10 10.72 -7.27
CA THR A 111 5.06 9.89 -7.92
C THR A 111 4.31 8.87 -8.76
N ILE A 112 4.10 9.17 -10.01
CA ILE A 112 3.45 8.25 -10.90
C ILE A 112 4.49 7.63 -11.81
N LEU A 113 4.94 6.45 -11.46
CA LEU A 113 6.00 5.81 -12.18
C LEU A 113 5.56 4.46 -12.71
N GLU A 114 5.71 4.25 -13.99
CA GLU A 114 5.36 2.98 -14.61
C GLU A 114 6.43 1.97 -14.27
N VAL A 115 6.01 0.80 -13.90
CA VAL A 115 6.94 -0.22 -13.47
C VAL A 115 7.11 -1.29 -14.53
N GLY A 116 6.01 -1.82 -15.00
CA GLY A 116 6.05 -2.89 -15.95
C GLY A 116 5.17 -4.02 -15.48
N PRO A 117 5.34 -5.22 -16.03
CA PRO A 117 4.52 -6.38 -15.66
C PRO A 117 4.90 -6.93 -14.30
N VAL A 118 3.95 -6.99 -13.42
CA VAL A 118 4.17 -7.51 -12.10
C VAL A 118 3.99 -9.03 -12.04
N THR A 119 4.62 -9.65 -11.06
CA THR A 119 4.59 -11.09 -10.87
C THR A 119 4.39 -11.42 -9.38
N MET A 120 3.80 -12.55 -9.08
CA MET A 120 3.54 -12.92 -7.70
C MET A 120 4.73 -13.70 -7.16
N ALA A 121 5.26 -13.26 -6.04
CA ALA A 121 6.41 -13.90 -5.44
C ALA A 121 5.97 -15.00 -4.49
N GLY A 122 4.95 -14.73 -3.71
CA GLY A 122 4.46 -15.71 -2.77
C GLY A 122 5.08 -15.51 -1.41
N LEU A 123 5.64 -16.56 -0.86
CA LEU A 123 6.28 -16.50 0.44
C LEU A 123 7.76 -16.27 0.28
N ILE A 124 8.20 -15.16 0.76
CA ILE A 124 9.60 -14.83 0.71
C ILE A 124 10.16 -14.84 2.10
N ASN A 125 11.42 -15.09 2.21
CA ASN A 125 12.09 -15.05 3.48
C ASN A 125 13.30 -14.16 3.37
N LEU A 126 13.21 -13.03 4.02
CA LEU A 126 14.24 -12.05 3.94
C LEU A 126 14.71 -11.69 5.33
N SER A 127 15.97 -11.93 5.60
CA SER A 127 16.61 -11.67 6.89
C SER A 127 15.82 -12.24 8.09
N SER A 128 15.74 -13.57 8.11
CA SER A 128 15.09 -14.34 9.18
C SER A 128 13.59 -14.04 9.32
N THR A 129 13.03 -13.41 8.32
CA THR A 129 11.65 -12.98 8.40
C THR A 129 10.85 -13.52 7.20
N PRO A 130 9.82 -14.33 7.47
CA PRO A 130 8.94 -14.83 6.43
C PRO A 130 7.82 -13.82 6.15
N THR A 131 7.67 -13.47 4.92
CA THR A 131 6.67 -12.55 4.49
C THR A 131 5.93 -13.19 3.33
N ASN A 132 4.64 -13.44 3.48
CA ASN A 132 3.90 -14.17 2.49
C ASN A 132 3.04 -13.27 1.66
N ARG A 133 2.59 -13.80 0.52
CA ARG A 133 1.75 -13.10 -0.42
C ARG A 133 2.35 -11.80 -0.89
N MET A 134 3.59 -11.90 -1.26
CA MET A 134 4.30 -10.79 -1.79
C MET A 134 4.26 -10.82 -3.29
N ILE A 135 4.25 -9.67 -3.87
CA ILE A 135 4.26 -9.50 -5.29
C ILE A 135 5.54 -8.76 -5.67
N ARG A 136 6.23 -9.23 -6.68
CA ARG A 136 7.46 -8.59 -7.06
C ARG A 136 7.42 -8.18 -8.48
N TYR A 137 8.23 -7.27 -8.78
CA TYR A 137 8.44 -6.82 -10.09
C TYR A 137 9.91 -6.62 -10.28
N ASP A 138 10.37 -6.83 -11.46
CA ASP A 138 11.75 -6.67 -11.76
C ASP A 138 11.98 -5.29 -12.28
N TYR A 139 12.44 -4.46 -11.39
CA TYR A 139 12.69 -3.06 -11.64
C TYR A 139 13.59 -2.55 -10.53
N ALA A 140 14.48 -1.66 -10.85
CA ALA A 140 15.38 -1.09 -9.87
C ALA A 140 14.64 -0.08 -8.99
N THR A 141 14.26 -0.52 -7.83
CA THR A 141 13.55 0.29 -6.87
C THR A 141 14.23 0.12 -5.51
N LYS A 142 13.76 0.81 -4.50
CA LYS A 142 14.36 0.76 -3.20
C LYS A 142 13.38 1.21 -2.13
N THR A 143 13.77 0.98 -0.89
CA THR A 143 13.00 1.37 0.25
C THR A 143 12.89 2.89 0.32
N GLY A 144 11.68 3.36 0.21
CA GLY A 144 11.41 4.77 0.15
C GLY A 144 10.08 4.99 -0.49
N GLN A 145 9.79 4.15 -1.48
CA GLN A 145 8.49 4.18 -2.16
C GLN A 145 7.49 3.30 -1.41
N CYS A 146 7.72 3.13 -0.14
CA CYS A 146 6.95 2.26 0.71
C CYS A 146 5.58 2.85 0.99
N GLY A 147 4.56 2.09 0.73
CA GLY A 147 3.21 2.56 0.94
C GLY A 147 2.64 3.14 -0.34
N GLY A 148 3.39 3.00 -1.42
CA GLY A 148 2.93 3.46 -2.69
C GLY A 148 2.04 2.43 -3.31
N VAL A 149 0.96 2.86 -3.90
CA VAL A 149 -0.01 1.96 -4.49
C VAL A 149 0.50 1.42 -5.81
N LEU A 150 0.49 0.12 -5.91
CA LEU A 150 0.87 -0.55 -7.09
C LEU A 150 -0.42 -0.87 -7.82
N CYS A 151 -0.70 -0.12 -8.85
CA CYS A 151 -1.95 -0.24 -9.52
C CYS A 151 -1.85 -0.02 -11.01
N ALA A 152 -2.84 -0.46 -11.69
CA ALA A 152 -2.99 -0.26 -13.09
C ALA A 152 -4.35 0.38 -13.27
N THR A 153 -4.75 0.59 -14.49
CA THR A 153 -6.01 1.24 -14.80
C THR A 153 -7.21 0.44 -14.23
N GLY A 154 -7.71 0.89 -13.09
CA GLY A 154 -8.85 0.25 -12.46
C GLY A 154 -8.48 -1.03 -11.74
N LYS A 155 -7.19 -1.26 -11.55
CA LYS A 155 -6.74 -2.49 -10.92
C LYS A 155 -5.67 -2.20 -9.87
N ILE A 156 -6.02 -2.35 -8.63
CA ILE A 156 -5.05 -2.19 -7.56
C ILE A 156 -4.56 -3.56 -7.12
N PHE A 157 -3.26 -3.73 -7.05
CA PHE A 157 -2.66 -5.01 -6.70
C PHE A 157 -2.21 -5.02 -5.26
N GLY A 158 -1.78 -3.87 -4.79
CA GLY A 158 -1.35 -3.76 -3.45
C GLY A 158 -0.50 -2.54 -3.28
N ILE A 159 0.41 -2.58 -2.34
CA ILE A 159 1.27 -1.44 -2.09
C ILE A 159 2.70 -1.90 -1.96
N HIS A 160 3.62 -1.06 -2.35
CA HIS A 160 5.04 -1.36 -2.31
C HIS A 160 5.55 -1.41 -0.86
N VAL A 161 6.35 -2.43 -0.60
CA VAL A 161 6.93 -2.64 0.71
C VAL A 161 8.40 -2.22 0.70
N GLY A 162 9.16 -2.83 -0.17
CA GLY A 162 10.56 -2.53 -0.26
C GLY A 162 11.17 -3.30 -1.37
N GLY A 163 12.27 -2.84 -1.85
CA GLY A 163 12.90 -3.50 -2.94
C GLY A 163 14.37 -3.55 -2.72
N ASN A 164 14.96 -4.66 -3.02
CA ASN A 164 16.37 -4.81 -2.85
C ASN A 164 17.08 -4.76 -4.18
N GLY A 165 17.34 -3.57 -4.61
CA GLY A 165 18.05 -3.35 -5.82
C GLY A 165 17.19 -3.49 -7.04
N ARG A 166 17.30 -4.61 -7.71
CA ARG A 166 16.65 -4.81 -8.97
C ARG A 166 15.34 -5.59 -8.84
N GLN A 167 14.99 -5.96 -7.64
CA GLN A 167 13.75 -6.65 -7.40
C GLN A 167 12.92 -5.86 -6.43
N GLY A 168 11.67 -5.65 -6.74
CA GLY A 168 10.85 -4.83 -5.91
C GLY A 168 9.71 -5.60 -5.36
N PHE A 169 9.57 -5.61 -4.06
CA PHE A 169 8.56 -6.39 -3.43
C PHE A 169 7.46 -5.52 -2.85
N SER A 170 6.29 -5.82 -3.25
CA SER A 170 5.13 -5.15 -2.80
C SER A 170 4.23 -6.21 -2.15
N ALA A 171 3.29 -5.80 -1.34
CA ALA A 171 2.42 -6.75 -0.68
C ALA A 171 1.17 -6.93 -1.49
N GLN A 172 0.70 -8.17 -1.59
CA GLN A 172 -0.50 -8.46 -2.32
C GLN A 172 -1.70 -8.21 -1.44
N LEU A 173 -2.36 -7.14 -1.71
CA LEU A 173 -3.53 -6.79 -0.98
C LEU A 173 -4.70 -7.48 -1.61
N LYS A 174 -5.04 -8.63 -1.09
CA LYS A 174 -6.19 -9.34 -1.60
C LYS A 174 -7.42 -8.66 -1.12
N LYS A 175 -8.41 -8.66 -1.95
CA LYS A 175 -9.68 -8.05 -1.68
C LYS A 175 -10.40 -8.91 -0.63
N GLN A 176 -9.96 -10.17 -0.57
CA GLN A 176 -10.41 -11.14 0.42
C GLN A 176 -9.99 -10.74 1.85
N TYR A 177 -9.01 -9.84 2.00
CA TYR A 177 -8.58 -9.41 3.33
C TYR A 177 -9.39 -8.23 3.81
N PHE A 178 -10.10 -7.60 2.91
CA PHE A 178 -10.80 -6.38 3.25
C PHE A 178 -12.29 -6.58 3.27
N VAL A 179 -12.70 -7.82 3.30
CA VAL A 179 -14.09 -8.13 3.39
C VAL A 179 -14.34 -8.93 4.67
N GLU A 180 -15.29 -8.50 5.46
CA GLU A 180 -15.65 -9.19 6.69
C GLU A 180 -16.37 -10.45 6.39
N LYS A 181 -17.50 -10.30 5.81
CA LYS A 181 -18.38 -11.37 5.59
C LYS A 181 -18.08 -12.08 4.30
N GLN A 182 -18.07 -13.38 4.36
CA GLN A 182 -17.94 -14.18 3.20
C GLN A 182 -19.34 -14.65 2.84
N GLY A 1 -2.01 8.31 -19.95
CA GLY A 1 -2.71 7.09 -20.31
C GLY A 1 -3.76 6.77 -19.28
N PRO A 2 -4.53 5.65 -19.47
CA PRO A 2 -5.58 5.25 -18.53
C PRO A 2 -5.02 5.07 -17.11
N ASN A 3 -3.80 4.55 -17.05
CA ASN A 3 -3.07 4.36 -15.80
C ASN A 3 -2.78 5.70 -15.13
N THR A 4 -2.31 6.66 -15.92
CA THR A 4 -1.98 7.98 -15.45
C THR A 4 -3.21 8.66 -14.84
N GLU A 5 -4.31 8.61 -15.56
CA GLU A 5 -5.55 9.22 -15.12
C GLU A 5 -6.12 8.53 -13.89
N PHE A 6 -5.98 7.21 -13.84
CA PHE A 6 -6.45 6.44 -12.69
C PHE A 6 -5.65 6.81 -11.46
N ALA A 7 -4.33 6.82 -11.62
CA ALA A 7 -3.40 7.15 -10.55
C ALA A 7 -3.64 8.55 -10.03
N LEU A 8 -3.86 9.48 -10.95
CA LEU A 8 -4.12 10.86 -10.60
C LEU A 8 -5.45 10.98 -9.83
N SER A 9 -6.49 10.33 -10.34
CA SER A 9 -7.81 10.35 -9.70
C SER A 9 -7.74 9.71 -8.31
N LEU A 10 -6.93 8.68 -8.19
CA LEU A 10 -6.73 7.99 -6.96
C LEU A 10 -6.02 8.92 -5.98
N LEU A 11 -4.93 9.54 -6.46
CA LEU A 11 -4.10 10.48 -5.72
C LEU A 11 -4.94 11.58 -5.08
N ARG A 12 -5.76 12.20 -5.91
CA ARG A 12 -6.58 13.36 -5.57
C ARG A 12 -7.55 13.14 -4.38
N LYS A 13 -7.88 11.91 -4.05
CA LYS A 13 -8.85 11.71 -2.97
C LYS A 13 -8.47 10.57 -2.00
N ASN A 14 -7.77 9.57 -2.48
CA ASN A 14 -7.51 8.38 -1.65
C ASN A 14 -6.09 8.28 -1.16
N ILE A 15 -5.20 9.07 -1.72
CA ILE A 15 -3.81 8.97 -1.33
C ILE A 15 -3.49 9.91 -0.18
N MET A 16 -3.23 9.32 0.95
CA MET A 16 -2.95 10.02 2.18
C MET A 16 -1.47 10.01 2.43
N THR A 17 -0.91 11.13 2.74
CA THR A 17 0.48 11.19 3.12
C THR A 17 0.55 10.93 4.62
N ILE A 18 0.91 9.75 5.02
CA ILE A 18 0.88 9.41 6.42
C ILE A 18 2.25 9.51 7.06
N THR A 19 2.39 10.46 7.92
CA THR A 19 3.57 10.64 8.71
C THR A 19 3.46 9.73 9.93
N THR A 20 4.22 8.69 9.90
CA THR A 20 4.25 7.71 10.95
C THR A 20 5.41 8.01 11.90
N SER A 21 5.74 7.07 12.76
CA SER A 21 6.83 7.24 13.67
C SER A 21 8.17 7.13 12.92
N LYS A 22 8.18 6.48 11.75
CA LYS A 22 9.40 6.34 10.99
C LYS A 22 9.55 7.48 9.97
N GLY A 23 8.50 7.79 9.23
CA GLY A 23 8.63 8.83 8.23
C GLY A 23 7.33 9.19 7.57
N GLU A 24 7.43 9.93 6.50
CA GLU A 24 6.27 10.39 5.76
C GLU A 24 6.09 9.52 4.54
N PHE A 25 5.17 8.60 4.65
CA PHE A 25 4.93 7.62 3.61
C PHE A 25 3.55 7.83 3.04
N THR A 26 3.10 6.90 2.26
CA THR A 26 1.82 6.99 1.70
C THR A 26 0.89 5.93 2.29
N GLY A 27 -0.30 6.34 2.61
CA GLY A 27 -1.31 5.47 3.08
C GLY A 27 -2.46 5.56 2.14
N LEU A 28 -3.10 4.47 1.90
CA LEU A 28 -4.17 4.46 0.95
C LEU A 28 -5.48 4.16 1.64
N GLY A 29 -6.40 5.09 1.57
CA GLY A 29 -7.72 4.88 2.15
C GLY A 29 -8.56 4.05 1.20
N ILE A 30 -9.00 2.88 1.63
CA ILE A 30 -9.68 1.97 0.73
C ILE A 30 -11.19 2.12 0.81
N HIS A 31 -11.72 2.06 2.00
CA HIS A 31 -13.16 2.04 2.18
C HIS A 31 -13.56 2.54 3.55
N ASP A 32 -14.18 3.71 3.60
CA ASP A 32 -14.81 4.27 4.81
C ASP A 32 -13.84 4.51 5.98
N ARG A 33 -13.45 3.45 6.70
CA ARG A 33 -12.54 3.58 7.82
C ARG A 33 -11.26 2.80 7.64
N VAL A 34 -11.15 2.09 6.55
CA VAL A 34 -10.00 1.27 6.35
C VAL A 34 -8.98 1.89 5.40
N CYS A 35 -7.81 2.12 5.93
CA CYS A 35 -6.69 2.64 5.21
C CYS A 35 -5.55 1.62 5.29
N VAL A 36 -4.58 1.78 4.45
CA VAL A 36 -3.47 0.84 4.37
C VAL A 36 -2.16 1.56 4.70
N ILE A 37 -1.32 0.94 5.53
CA ILE A 37 -0.03 1.51 5.90
C ILE A 37 0.97 0.32 6.16
N PRO A 38 2.26 0.44 5.80
CA PRO A 38 3.26 -0.61 6.10
C PRO A 38 3.59 -0.73 7.60
N THR A 39 4.05 -1.91 8.01
CA THR A 39 4.35 -2.18 9.40
C THR A 39 5.67 -1.51 9.87
N HIS A 40 6.74 -1.59 9.05
CA HIS A 40 8.04 -0.96 9.41
C HIS A 40 7.94 0.56 9.52
N ALA A 41 6.86 1.11 9.01
CA ALA A 41 6.62 2.54 9.06
C ALA A 41 6.34 2.97 10.49
N GLN A 42 5.86 2.01 11.30
CA GLN A 42 5.49 2.23 12.69
C GLN A 42 4.32 3.23 12.78
N PRO A 43 3.09 2.73 12.63
CA PRO A 43 1.92 3.57 12.74
C PRO A 43 1.62 3.88 14.20
N GLY A 44 1.60 5.14 14.54
CA GLY A 44 1.35 5.55 15.89
C GLY A 44 -0.12 5.46 16.24
N ASP A 45 -0.48 6.01 17.38
CA ASP A 45 -1.88 6.04 17.80
C ASP A 45 -2.58 7.24 17.20
N ASP A 46 -1.77 8.16 16.70
CA ASP A 46 -2.23 9.31 15.95
C ASP A 46 -1.21 9.56 14.87
N VAL A 47 -1.68 9.85 13.69
CA VAL A 47 -0.82 10.05 12.55
C VAL A 47 -1.10 11.40 11.92
N LEU A 48 -0.15 11.90 11.18
CA LEU A 48 -0.35 13.15 10.49
C LEU A 48 -0.53 12.87 9.03
N VAL A 49 -1.69 13.17 8.50
CA VAL A 49 -1.90 13.06 7.09
C VAL A 49 -1.48 14.38 6.44
N ASN A 50 -0.19 14.41 6.07
CA ASN A 50 0.51 15.59 5.50
C ASN A 50 0.75 16.66 6.59
N GLY A 51 0.11 16.46 7.72
CA GLY A 51 0.21 17.38 8.82
C GLY A 51 -1.07 17.38 9.61
N GLN A 52 -2.17 16.99 8.99
CA GLN A 52 -3.45 16.92 9.67
C GLN A 52 -3.44 15.73 10.61
N LYS A 53 -3.48 15.98 11.88
CA LYS A 53 -3.43 14.95 12.86
C LYS A 53 -4.74 14.23 12.95
N ILE A 54 -4.71 12.96 12.73
CA ILE A 54 -5.88 12.16 12.82
C ILE A 54 -5.57 10.96 13.70
N ARG A 55 -6.52 10.56 14.51
CA ARG A 55 -6.31 9.45 15.42
C ARG A 55 -6.42 8.12 14.70
N VAL A 56 -5.70 7.16 15.18
CA VAL A 56 -5.81 5.82 14.72
C VAL A 56 -6.78 5.12 15.64
N LYS A 57 -7.76 4.52 15.07
CA LYS A 57 -8.83 3.93 15.82
C LYS A 57 -8.49 2.49 16.13
N ASP A 58 -7.98 1.77 15.15
CA ASP A 58 -7.64 0.36 15.33
C ASP A 58 -6.57 -0.02 14.31
N LYS A 59 -5.78 -1.01 14.62
CA LYS A 59 -4.66 -1.42 13.77
C LYS A 59 -4.68 -2.93 13.63
N TYR A 60 -4.66 -3.44 12.43
CA TYR A 60 -4.60 -4.87 12.23
C TYR A 60 -3.40 -5.20 11.39
N LYS A 61 -2.38 -5.78 11.98
CA LYS A 61 -1.22 -6.15 11.19
C LYS A 61 -1.51 -7.46 10.50
N LEU A 62 -1.15 -7.54 9.26
CA LEU A 62 -1.44 -8.72 8.51
C LEU A 62 -0.37 -9.76 8.67
N VAL A 63 -0.41 -10.39 9.79
CA VAL A 63 0.43 -11.48 10.09
C VAL A 63 -0.39 -12.75 10.08
N ASP A 64 -0.03 -13.63 9.20
CA ASP A 64 -0.70 -14.90 8.98
C ASP A 64 -0.59 -15.74 10.26
N PRO A 65 -1.63 -16.52 10.63
CA PRO A 65 -1.66 -17.33 11.87
C PRO A 65 -0.47 -18.29 12.04
N GLU A 66 0.19 -18.61 10.95
CA GLU A 66 1.33 -19.51 10.98
C GLU A 66 2.62 -18.69 11.23
N ASN A 67 2.41 -17.41 11.51
CA ASN A 67 3.46 -16.41 11.76
C ASN A 67 4.25 -16.11 10.52
N ILE A 68 3.54 -15.56 9.57
CA ILE A 68 4.09 -15.16 8.30
C ILE A 68 3.73 -13.67 8.17
N ASN A 69 4.70 -12.83 7.93
CA ASN A 69 4.49 -11.37 7.99
C ASN A 69 4.31 -10.76 6.60
N LEU A 70 3.26 -9.96 6.42
CA LEU A 70 3.01 -9.31 5.12
C LEU A 70 3.60 -7.90 5.09
N GLU A 71 4.09 -7.40 6.25
CA GLU A 71 4.68 -6.05 6.37
C GLU A 71 3.57 -4.98 6.13
N LEU A 72 2.34 -5.39 6.31
CA LEU A 72 1.23 -4.54 6.00
C LEU A 72 0.30 -4.42 7.19
N THR A 73 -0.14 -3.24 7.46
CA THR A 73 -1.02 -2.99 8.53
C THR A 73 -2.29 -2.31 8.04
N VAL A 74 -3.40 -2.89 8.38
CA VAL A 74 -4.68 -2.34 8.09
C VAL A 74 -4.96 -1.28 9.12
N LEU A 75 -5.02 -0.07 8.67
CA LEU A 75 -5.14 1.06 9.53
C LEU A 75 -6.58 1.48 9.57
N THR A 76 -7.19 1.38 10.70
CA THR A 76 -8.51 1.88 10.86
C THR A 76 -8.43 3.29 11.39
N LEU A 77 -8.88 4.19 10.59
CA LEU A 77 -8.80 5.58 10.86
C LEU A 77 -9.99 6.03 11.70
N ASP A 78 -9.75 6.94 12.62
CA ASP A 78 -10.82 7.57 13.38
C ASP A 78 -11.34 8.65 12.46
N ARG A 79 -12.20 8.26 11.56
CA ARG A 79 -12.56 9.11 10.46
C ARG A 79 -13.76 10.00 10.69
N ASN A 80 -13.53 11.28 10.57
CA ASN A 80 -14.59 12.26 10.50
C ASN A 80 -14.87 12.44 9.02
N GLU A 81 -13.80 12.51 8.30
CA GLU A 81 -13.79 12.56 6.87
C GLU A 81 -13.50 11.13 6.40
N LYS A 82 -14.41 10.54 5.70
CA LYS A 82 -14.22 9.17 5.24
C LYS A 82 -13.73 9.16 3.81
N PHE A 83 -13.10 8.08 3.42
CA PHE A 83 -12.52 7.99 2.10
C PHE A 83 -13.35 7.15 1.16
N ARG A 84 -13.31 7.57 -0.11
CA ARG A 84 -14.01 6.96 -1.23
C ARG A 84 -13.64 5.48 -1.36
N ASP A 85 -14.65 4.67 -1.56
CA ASP A 85 -14.49 3.24 -1.65
C ASP A 85 -13.89 2.79 -2.97
N ILE A 86 -12.60 2.60 -2.96
CA ILE A 86 -11.86 2.13 -4.13
C ILE A 86 -11.67 0.62 -4.02
N ARG A 87 -12.54 0.03 -3.25
CA ARG A 87 -12.52 -1.38 -2.89
C ARG A 87 -12.62 -2.27 -4.14
N GLY A 88 -13.43 -1.86 -5.09
CA GLY A 88 -13.64 -2.63 -6.30
C GLY A 88 -12.48 -2.53 -7.27
N PHE A 89 -11.59 -1.61 -7.01
CA PHE A 89 -10.44 -1.44 -7.88
C PHE A 89 -9.33 -2.38 -7.48
N ILE A 90 -9.46 -2.97 -6.31
CA ILE A 90 -8.47 -3.94 -5.85
C ILE A 90 -8.54 -5.17 -6.72
N SER A 91 -7.42 -5.60 -7.18
CA SER A 91 -7.33 -6.73 -7.99
C SER A 91 -6.48 -7.73 -7.27
N GLU A 92 -7.08 -8.83 -6.88
CA GLU A 92 -6.34 -9.88 -6.22
C GLU A 92 -5.52 -10.64 -7.26
N ASP A 93 -5.93 -10.51 -8.52
CA ASP A 93 -5.21 -11.07 -9.63
C ASP A 93 -4.18 -10.06 -10.03
N LEU A 94 -2.95 -10.43 -9.89
CA LEU A 94 -1.86 -9.52 -10.06
C LEU A 94 -1.10 -9.83 -11.34
N GLU A 95 -0.47 -10.99 -11.31
CA GLU A 95 0.51 -11.42 -12.28
C GLU A 95 -0.02 -11.47 -13.71
N GLY A 96 0.78 -10.95 -14.63
CA GLY A 96 0.43 -11.00 -16.03
C GLY A 96 0.15 -9.64 -16.63
N VAL A 97 0.30 -8.60 -15.85
CA VAL A 97 0.05 -7.26 -16.35
C VAL A 97 1.13 -6.34 -15.85
N ASP A 98 1.21 -5.17 -16.41
CA ASP A 98 2.13 -4.20 -15.97
C ASP A 98 1.45 -3.27 -15.00
N ALA A 99 2.21 -2.70 -14.11
CA ALA A 99 1.66 -1.81 -13.13
C ALA A 99 2.45 -0.51 -13.09
N THR A 100 1.79 0.49 -12.61
CA THR A 100 2.34 1.77 -12.44
C THR A 100 2.43 2.04 -10.93
N LEU A 101 3.54 2.53 -10.49
CA LEU A 101 3.75 2.78 -9.10
C LEU A 101 3.58 4.26 -8.83
N VAL A 102 2.63 4.59 -8.01
CA VAL A 102 2.43 5.94 -7.60
C VAL A 102 3.34 6.21 -6.43
N VAL A 103 4.47 6.72 -6.73
CA VAL A 103 5.47 7.02 -5.76
C VAL A 103 5.10 8.33 -5.10
N HIS A 104 4.89 8.29 -3.83
CA HIS A 104 4.46 9.44 -3.09
C HIS A 104 5.04 9.35 -1.68
N SER A 105 5.25 10.49 -1.11
CA SER A 105 5.68 10.68 0.24
C SER A 105 5.57 12.17 0.45
N ASN A 106 5.99 12.69 1.56
CA ASN A 106 5.97 14.15 1.69
C ASN A 106 7.35 14.67 1.26
N ASN A 107 8.26 13.73 1.10
CA ASN A 107 9.61 13.98 0.65
C ASN A 107 9.56 14.28 -0.84
N PHE A 108 8.89 13.41 -1.54
CA PHE A 108 8.70 13.50 -2.96
C PHE A 108 7.25 13.16 -3.31
N THR A 109 6.55 14.15 -3.77
CA THR A 109 5.16 14.03 -4.10
C THR A 109 4.95 13.87 -5.59
N ASN A 110 3.73 13.45 -5.96
CA ASN A 110 3.28 13.31 -7.37
C ASN A 110 4.32 12.66 -8.29
N THR A 111 4.55 11.39 -8.13
CA THR A 111 5.46 10.71 -9.00
C THR A 111 4.82 9.41 -9.52
N ILE A 112 4.18 9.51 -10.67
CA ILE A 112 3.54 8.38 -11.29
C ILE A 112 4.59 7.68 -12.16
N LEU A 113 5.13 6.61 -11.67
CA LEU A 113 6.22 5.95 -12.35
C LEU A 113 5.85 4.52 -12.69
N GLU A 114 5.82 4.23 -13.97
CA GLU A 114 5.52 2.89 -14.42
C GLU A 114 6.72 1.97 -14.18
N VAL A 115 6.46 0.84 -13.57
CA VAL A 115 7.52 -0.07 -13.20
C VAL A 115 7.68 -1.18 -14.22
N GLY A 116 6.58 -1.76 -14.63
CA GLY A 116 6.64 -2.84 -15.57
C GLY A 116 5.78 -3.99 -15.14
N PRO A 117 6.11 -5.22 -15.55
CA PRO A 117 5.30 -6.41 -15.24
C PRO A 117 5.35 -6.82 -13.77
N VAL A 118 4.20 -7.19 -13.25
CA VAL A 118 4.11 -7.67 -11.90
C VAL A 118 3.98 -9.19 -11.85
N THR A 119 4.53 -9.77 -10.83
CA THR A 119 4.56 -11.19 -10.62
C THR A 119 4.10 -11.51 -9.20
N MET A 120 3.57 -12.69 -8.99
CA MET A 120 3.13 -13.05 -7.67
C MET A 120 4.21 -13.87 -6.98
N ALA A 121 4.75 -13.32 -5.91
CA ALA A 121 5.84 -13.95 -5.19
C ALA A 121 5.34 -15.02 -4.24
N GLY A 122 4.31 -14.67 -3.49
CA GLY A 122 3.76 -15.61 -2.57
C GLY A 122 4.49 -15.60 -1.25
N LEU A 123 4.85 -16.76 -0.78
CA LEU A 123 5.58 -16.91 0.46
C LEU A 123 7.06 -16.94 0.19
N ILE A 124 7.70 -15.83 0.40
CA ILE A 124 9.14 -15.71 0.20
C ILE A 124 9.78 -15.36 1.53
N ASN A 125 10.83 -16.04 1.90
CA ASN A 125 11.49 -15.73 3.14
C ASN A 125 12.65 -14.77 2.93
N LEU A 126 12.32 -13.51 2.88
CA LEU A 126 13.29 -12.45 2.67
C LEU A 126 13.99 -12.16 3.97
N SER A 127 15.30 -12.34 3.99
CA SER A 127 16.13 -12.15 5.16
C SER A 127 15.67 -13.16 6.24
N SER A 128 15.22 -14.32 5.74
CA SER A 128 14.70 -15.43 6.53
C SER A 128 13.32 -15.12 7.16
N THR A 129 12.73 -14.00 6.78
CA THR A 129 11.42 -13.64 7.25
C THR A 129 10.41 -14.02 6.16
N PRO A 130 9.56 -15.01 6.39
CA PRO A 130 8.58 -15.42 5.42
C PRO A 130 7.49 -14.35 5.27
N THR A 131 7.38 -13.82 4.08
CA THR A 131 6.43 -12.81 3.80
C THR A 131 5.10 -13.45 3.36
N ASN A 132 4.04 -12.99 3.95
CA ASN A 132 2.71 -13.50 3.72
C ASN A 132 2.10 -13.07 2.39
N ARG A 133 2.49 -13.77 1.32
CA ARG A 133 1.85 -13.64 0.01
C ARG A 133 2.05 -12.23 -0.61
N MET A 134 3.29 -11.91 -0.90
CA MET A 134 3.61 -10.60 -1.49
C MET A 134 3.58 -10.61 -3.00
N ILE A 135 3.55 -9.43 -3.55
CA ILE A 135 3.62 -9.22 -4.97
C ILE A 135 4.98 -8.63 -5.30
N ARG A 136 5.57 -9.09 -6.36
CA ARG A 136 6.89 -8.70 -6.74
C ARG A 136 6.85 -8.13 -8.13
N TYR A 137 7.59 -7.10 -8.37
CA TYR A 137 7.64 -6.54 -9.69
C TYR A 137 9.07 -6.31 -10.09
N ASP A 138 9.32 -6.31 -11.38
CA ASP A 138 10.67 -6.14 -11.89
C ASP A 138 10.96 -4.67 -12.10
N TYR A 139 11.54 -4.06 -11.09
CA TYR A 139 11.97 -2.67 -11.06
C TYR A 139 12.69 -2.42 -9.76
N ALA A 140 13.81 -1.74 -9.83
CA ALA A 140 14.61 -1.45 -8.68
C ALA A 140 14.07 -0.23 -7.94
N THR A 141 13.21 -0.46 -6.99
CA THR A 141 12.66 0.62 -6.19
C THR A 141 13.45 0.73 -4.87
N LYS A 142 13.58 1.92 -4.34
CA LYS A 142 14.31 2.17 -3.11
C LYS A 142 13.33 2.30 -1.95
N THR A 143 13.86 2.37 -0.73
CA THR A 143 13.01 2.59 0.41
C THR A 143 12.70 4.09 0.47
N GLY A 144 11.79 4.49 1.30
CA GLY A 144 11.35 5.88 1.32
C GLY A 144 10.18 6.05 0.37
N GLN A 145 10.23 5.28 -0.71
CA GLN A 145 9.17 5.19 -1.72
C GLN A 145 8.16 4.14 -1.25
N CYS A 146 8.02 4.08 0.05
CA CYS A 146 7.20 3.13 0.72
C CYS A 146 5.80 3.69 0.85
N GLY A 147 4.82 2.86 0.62
CA GLY A 147 3.45 3.29 0.64
C GLY A 147 2.98 3.64 -0.74
N GLY A 148 3.89 3.52 -1.70
CA GLY A 148 3.57 3.81 -3.08
C GLY A 148 2.57 2.84 -3.64
N VAL A 149 1.50 3.35 -4.22
CA VAL A 149 0.43 2.52 -4.73
C VAL A 149 0.80 1.88 -6.05
N LEU A 150 0.89 0.58 -6.05
CA LEU A 150 1.17 -0.19 -7.22
C LEU A 150 -0.17 -0.51 -7.87
N CYS A 151 -0.45 0.13 -8.98
CA CYS A 151 -1.73 -0.01 -9.60
C CYS A 151 -1.66 0.07 -11.11
N ALA A 152 -2.70 -0.39 -11.73
CA ALA A 152 -2.88 -0.32 -13.16
C ALA A 152 -4.25 0.28 -13.36
N THR A 153 -4.69 0.43 -14.59
CA THR A 153 -5.99 1.03 -14.86
C THR A 153 -7.15 0.20 -14.22
N GLY A 154 -7.65 0.73 -13.12
CA GLY A 154 -8.74 0.11 -12.40
C GLY A 154 -8.31 -1.08 -11.58
N LYS A 155 -7.00 -1.22 -11.35
CA LYS A 155 -6.47 -2.35 -10.61
C LYS A 155 -5.43 -1.92 -9.60
N ILE A 156 -5.75 -2.00 -8.35
CA ILE A 156 -4.79 -1.74 -7.30
C ILE A 156 -4.32 -3.07 -6.78
N PHE A 157 -3.02 -3.25 -6.71
CA PHE A 157 -2.45 -4.52 -6.30
C PHE A 157 -1.92 -4.44 -4.87
N GLY A 158 -1.28 -3.34 -4.57
CA GLY A 158 -0.73 -3.19 -3.26
C GLY A 158 0.08 -1.94 -3.16
N ILE A 159 0.78 -1.81 -2.07
CA ILE A 159 1.66 -0.67 -1.88
C ILE A 159 3.07 -1.17 -1.73
N HIS A 160 4.00 -0.43 -2.25
CA HIS A 160 5.40 -0.80 -2.14
C HIS A 160 5.87 -0.63 -0.70
N VAL A 161 6.63 -1.59 -0.22
CA VAL A 161 7.17 -1.51 1.11
C VAL A 161 8.70 -1.50 1.08
N GLY A 162 9.29 -2.38 0.29
CA GLY A 162 10.71 -2.46 0.19
C GLY A 162 11.08 -3.33 -0.96
N GLY A 163 12.22 -3.11 -1.53
CA GLY A 163 12.63 -3.88 -2.65
C GLY A 163 13.99 -4.47 -2.44
N ASN A 164 14.22 -5.57 -3.08
CA ASN A 164 15.50 -6.22 -3.00
C ASN A 164 16.12 -6.22 -4.38
N GLY A 165 16.96 -5.26 -4.59
CA GLY A 165 17.63 -5.10 -5.85
C GLY A 165 16.66 -4.68 -6.92
N ARG A 166 16.54 -5.50 -7.92
CA ARG A 166 15.68 -5.28 -9.06
C ARG A 166 14.24 -5.74 -8.76
N GLN A 167 14.06 -6.40 -7.65
CA GLN A 167 12.77 -6.92 -7.33
C GLN A 167 12.13 -6.16 -6.22
N GLY A 168 11.24 -5.28 -6.59
CA GLY A 168 10.50 -4.54 -5.62
C GLY A 168 9.39 -5.36 -5.05
N PHE A 169 9.23 -5.35 -3.76
CA PHE A 169 8.20 -6.10 -3.11
C PHE A 169 7.11 -5.18 -2.63
N SER A 170 5.93 -5.52 -2.97
CA SER A 170 4.81 -4.79 -2.61
C SER A 170 3.90 -5.67 -1.74
N ALA A 171 3.32 -5.07 -0.74
CA ALA A 171 2.42 -5.77 0.12
C ALA A 171 1.09 -5.87 -0.57
N GLN A 172 0.64 -7.09 -0.77
CA GLN A 172 -0.54 -7.37 -1.55
C GLN A 172 -1.79 -7.09 -0.71
N LEU A 173 -2.49 -6.06 -1.04
CA LEU A 173 -3.68 -5.73 -0.32
C LEU A 173 -4.88 -6.33 -1.02
N LYS A 174 -5.17 -7.53 -0.67
CA LYS A 174 -6.25 -8.27 -1.29
C LYS A 174 -7.57 -7.84 -0.68
N LYS A 175 -8.58 -7.68 -1.53
CA LYS A 175 -9.93 -7.20 -1.16
C LYS A 175 -10.52 -7.99 0.03
N GLN A 176 -10.21 -9.28 0.07
CA GLN A 176 -10.66 -10.19 1.11
C GLN A 176 -10.27 -9.71 2.54
N TYR A 177 -9.19 -8.93 2.65
CA TYR A 177 -8.72 -8.44 3.95
C TYR A 177 -9.50 -7.21 4.40
N PHE A 178 -10.24 -6.61 3.49
CA PHE A 178 -10.93 -5.36 3.78
C PHE A 178 -12.36 -5.54 4.19
N VAL A 179 -12.84 -6.76 4.08
CA VAL A 179 -14.19 -7.04 4.49
C VAL A 179 -14.19 -7.40 5.97
N GLU A 180 -15.35 -7.52 6.55
CA GLU A 180 -15.47 -7.79 7.96
C GLU A 180 -15.14 -9.26 8.26
N LYS A 181 -15.71 -10.16 7.49
CA LYS A 181 -15.55 -11.59 7.73
C LYS A 181 -14.48 -12.23 6.86
N GLN A 182 -13.43 -12.68 7.49
CA GLN A 182 -12.42 -13.48 6.84
C GLN A 182 -12.48 -14.85 7.45
N GLY A 1 -2.07 9.38 -19.33
CA GLY A 1 -2.84 8.24 -19.85
C GLY A 1 -3.97 7.88 -18.94
N PRO A 2 -4.75 6.83 -19.26
CA PRO A 2 -5.90 6.40 -18.44
C PRO A 2 -5.46 5.97 -17.05
N ASN A 3 -4.30 5.32 -16.99
CA ASN A 3 -3.72 4.86 -15.74
C ASN A 3 -3.32 6.06 -14.89
N THR A 4 -2.84 7.09 -15.56
CA THR A 4 -2.43 8.33 -14.93
C THR A 4 -3.64 9.02 -14.28
N GLU A 5 -4.72 9.14 -15.06
CA GLU A 5 -5.94 9.78 -14.59
C GLU A 5 -6.58 8.99 -13.45
N PHE A 6 -6.51 7.66 -13.56
CA PHE A 6 -7.01 6.79 -12.52
C PHE A 6 -6.24 7.02 -11.23
N ALA A 7 -4.92 7.04 -11.34
CA ALA A 7 -4.03 7.23 -10.21
C ALA A 7 -4.28 8.56 -9.53
N LEU A 8 -4.48 9.62 -10.31
CA LEU A 8 -4.74 10.96 -9.76
C LEU A 8 -6.06 10.98 -8.99
N SER A 9 -7.07 10.36 -9.56
CA SER A 9 -8.39 10.31 -8.96
C SER A 9 -8.37 9.48 -7.66
N LEU A 10 -7.50 8.50 -7.64
CA LEU A 10 -7.28 7.64 -6.50
C LEU A 10 -6.51 8.41 -5.42
N LEU A 11 -5.32 8.87 -5.80
CA LEU A 11 -4.36 9.54 -4.95
C LEU A 11 -4.98 10.69 -4.14
N ARG A 12 -5.64 11.59 -4.83
CA ARG A 12 -6.13 12.83 -4.21
C ARG A 12 -7.23 12.62 -3.16
N LYS A 13 -7.68 11.39 -2.98
CA LYS A 13 -8.68 11.09 -1.97
C LYS A 13 -8.26 9.95 -1.07
N ASN A 14 -7.92 8.83 -1.66
CA ASN A 14 -7.67 7.59 -0.92
C ASN A 14 -6.26 7.46 -0.36
N ILE A 15 -5.46 8.49 -0.48
CA ILE A 15 -4.13 8.40 0.07
C ILE A 15 -4.02 9.13 1.37
N MET A 16 -3.59 8.43 2.38
CA MET A 16 -3.30 9.03 3.65
C MET A 16 -1.81 9.18 3.76
N THR A 17 -1.29 10.34 3.44
CA THR A 17 0.11 10.63 3.59
C THR A 17 0.42 10.72 5.08
N ILE A 18 0.83 9.61 5.62
CA ILE A 18 1.03 9.45 7.01
C ILE A 18 2.47 9.73 7.39
N THR A 19 2.66 10.71 8.21
CA THR A 19 3.95 10.95 8.76
C THR A 19 4.07 10.05 9.98
N THR A 20 4.84 9.01 9.84
CA THR A 20 4.99 8.01 10.85
C THR A 20 6.15 8.39 11.76
N SER A 21 6.62 7.42 12.52
CA SER A 21 7.76 7.61 13.38
C SER A 21 9.06 7.53 12.55
N LYS A 22 8.92 7.24 11.25
CA LYS A 22 10.07 7.07 10.40
C LYS A 22 10.08 8.11 9.26
N GLY A 23 8.92 8.51 8.77
CA GLY A 23 8.88 9.52 7.72
C GLY A 23 7.54 9.57 7.02
N GLU A 24 7.55 9.98 5.76
CA GLU A 24 6.32 10.08 4.97
C GLU A 24 6.04 8.74 4.33
N PHE A 25 5.08 8.04 4.86
CA PHE A 25 4.68 6.78 4.33
C PHE A 25 3.20 6.85 4.08
N THR A 26 2.78 6.41 2.96
CA THR A 26 1.44 6.58 2.58
C THR A 26 0.58 5.36 2.86
N GLY A 27 -0.53 5.60 3.49
CA GLY A 27 -1.47 4.58 3.77
C GLY A 27 -2.57 4.63 2.76
N LEU A 28 -2.89 3.52 2.20
CA LEU A 28 -3.91 3.46 1.20
C LEU A 28 -5.26 3.22 1.84
N GLY A 29 -6.12 4.19 1.74
CA GLY A 29 -7.44 4.11 2.27
C GLY A 29 -8.32 3.24 1.42
N ILE A 30 -8.55 2.03 1.88
CA ILE A 30 -9.32 1.05 1.16
C ILE A 30 -10.79 1.45 1.15
N HIS A 31 -11.30 1.82 2.32
CA HIS A 31 -12.68 2.23 2.49
C HIS A 31 -12.90 2.81 3.85
N ASP A 32 -13.89 3.68 3.95
CA ASP A 32 -14.35 4.27 5.21
C ASP A 32 -13.21 4.89 6.05
N ARG A 33 -12.69 4.13 6.99
CA ARG A 33 -11.62 4.59 7.86
C ARG A 33 -10.43 3.65 7.79
N VAL A 34 -10.51 2.68 6.92
CA VAL A 34 -9.50 1.65 6.79
C VAL A 34 -8.43 2.05 5.79
N CYS A 35 -7.23 2.23 6.29
CA CYS A 35 -6.08 2.56 5.46
C CYS A 35 -4.97 1.56 5.77
N VAL A 36 -4.29 1.10 4.75
CA VAL A 36 -3.25 0.11 4.92
C VAL A 36 -1.86 0.69 4.64
N ILE A 37 -0.91 0.32 5.46
CA ILE A 37 0.46 0.82 5.36
C ILE A 37 1.41 -0.28 5.93
N PRO A 38 2.67 -0.39 5.44
CA PRO A 38 3.66 -1.35 6.01
C PRO A 38 3.95 -1.08 7.51
N THR A 39 4.27 -2.13 8.25
CA THR A 39 4.50 -2.02 9.67
C THR A 39 5.92 -1.49 9.96
N HIS A 40 6.88 -1.77 9.08
CA HIS A 40 8.26 -1.28 9.27
C HIS A 40 8.35 0.22 9.00
N ALA A 41 7.24 0.79 8.55
CA ALA A 41 7.15 2.22 8.33
C ALA A 41 7.02 2.93 9.66
N GLN A 42 6.75 2.13 10.70
CA GLN A 42 6.63 2.57 12.08
C GLN A 42 5.42 3.48 12.33
N PRO A 43 4.22 2.89 12.42
CA PRO A 43 3.02 3.64 12.73
C PRO A 43 2.91 3.87 14.24
N GLY A 44 2.24 4.92 14.64
CA GLY A 44 2.08 5.21 16.03
C GLY A 44 0.63 5.13 16.44
N ASP A 45 0.28 5.66 17.59
CA ASP A 45 -1.10 5.67 18.04
C ASP A 45 -1.82 6.84 17.41
N ASP A 46 -1.03 7.78 17.00
CA ASP A 46 -1.46 8.94 16.26
C ASP A 46 -0.39 9.26 15.27
N VAL A 47 -0.78 9.82 14.16
CA VAL A 47 0.11 10.12 13.07
C VAL A 47 -0.31 11.42 12.43
N LEU A 48 0.51 11.95 11.55
CA LEU A 48 0.14 13.16 10.85
C LEU A 48 -0.31 12.81 9.45
N VAL A 49 -1.57 13.04 9.15
CA VAL A 49 -2.04 12.84 7.81
C VAL A 49 -1.95 14.14 7.05
N ASN A 50 -0.89 14.25 6.29
CA ASN A 50 -0.58 15.39 5.43
C ASN A 50 -0.23 16.67 6.25
N GLY A 51 -0.46 16.62 7.56
CA GLY A 51 -0.18 17.73 8.43
C GLY A 51 -1.02 17.72 9.68
N GLN A 52 -2.18 17.08 9.62
CA GLN A 52 -3.07 17.00 10.76
C GLN A 52 -2.77 15.77 11.59
N LYS A 53 -2.66 15.95 12.90
CA LYS A 53 -2.45 14.83 13.79
C LYS A 53 -3.75 14.09 14.00
N ILE A 54 -3.79 12.88 13.56
CA ILE A 54 -4.96 12.09 13.64
C ILE A 54 -4.66 10.85 14.46
N ARG A 55 -5.61 10.41 15.24
CA ARG A 55 -5.42 9.24 16.04
C ARG A 55 -5.82 7.99 15.31
N VAL A 56 -5.05 6.97 15.52
CA VAL A 56 -5.27 5.69 14.94
C VAL A 56 -5.97 4.86 16.00
N LYS A 57 -7.25 4.70 15.84
CA LYS A 57 -8.06 4.00 16.81
C LYS A 57 -7.70 2.53 16.79
N ASP A 58 -7.93 1.91 15.69
CA ASP A 58 -7.66 0.51 15.55
C ASP A 58 -6.51 0.35 14.61
N LYS A 59 -5.64 -0.53 14.93
CA LYS A 59 -4.50 -0.80 14.12
C LYS A 59 -4.14 -2.25 14.22
N TYR A 60 -4.45 -2.97 13.18
CA TYR A 60 -4.28 -4.38 13.16
C TYR A 60 -3.13 -4.74 12.28
N LYS A 61 -2.24 -5.54 12.76
CA LYS A 61 -1.16 -5.97 11.93
C LYS A 61 -1.65 -7.19 11.18
N LEU A 62 -1.47 -7.23 9.90
CA LEU A 62 -1.97 -8.32 9.13
C LEU A 62 -0.98 -9.47 9.19
N VAL A 63 -1.34 -10.44 9.97
CA VAL A 63 -0.59 -11.65 10.09
C VAL A 63 -1.48 -12.82 9.77
N ASP A 64 -0.94 -13.77 9.11
CA ASP A 64 -1.64 -14.95 8.70
C ASP A 64 -1.67 -15.94 9.86
N PRO A 65 -2.78 -16.67 10.06
CA PRO A 65 -2.94 -17.65 11.16
C PRO A 65 -1.87 -18.75 11.20
N GLU A 66 -1.08 -18.87 10.15
CA GLU A 66 -0.01 -19.85 10.09
C GLU A 66 1.34 -19.20 10.43
N ASN A 67 1.28 -18.02 11.08
CA ASN A 67 2.46 -17.26 11.58
C ASN A 67 3.23 -16.59 10.48
N ILE A 68 2.60 -16.43 9.36
CA ILE A 68 3.22 -15.78 8.25
C ILE A 68 2.86 -14.30 8.33
N ASN A 69 3.79 -13.45 8.02
CA ASN A 69 3.56 -12.02 8.17
C ASN A 69 3.16 -11.45 6.80
N LEU A 70 2.40 -10.38 6.79
CA LEU A 70 2.00 -9.74 5.53
C LEU A 70 2.64 -8.39 5.36
N GLU A 71 3.32 -7.91 6.42
CA GLU A 71 3.98 -6.57 6.50
C GLU A 71 2.95 -5.41 6.49
N LEU A 72 1.78 -5.69 6.02
CA LEU A 72 0.72 -4.74 5.93
C LEU A 72 0.04 -4.56 7.29
N THR A 73 -0.17 -3.32 7.66
CA THR A 73 -0.87 -2.98 8.85
C THR A 73 -2.14 -2.21 8.45
N VAL A 74 -3.23 -2.58 9.05
CA VAL A 74 -4.51 -1.96 8.76
C VAL A 74 -4.80 -0.92 9.84
N LEU A 75 -4.74 0.32 9.48
CA LEU A 75 -4.97 1.40 10.41
C LEU A 75 -6.37 1.96 10.20
N THR A 76 -7.09 2.13 11.26
CA THR A 76 -8.38 2.72 11.21
C THR A 76 -8.27 4.09 11.87
N LEU A 77 -8.17 5.10 11.04
CA LEU A 77 -8.03 6.46 11.50
C LEU A 77 -9.40 7.04 11.72
N ASP A 78 -9.49 8.04 12.56
CA ASP A 78 -10.76 8.71 12.75
C ASP A 78 -11.01 9.60 11.54
N ARG A 79 -11.72 9.07 10.57
CA ARG A 79 -12.01 9.81 9.37
C ARG A 79 -13.44 10.25 9.35
N ASN A 80 -13.65 11.52 9.52
CA ASN A 80 -14.98 12.07 9.44
C ASN A 80 -15.31 12.30 7.99
N GLU A 81 -14.27 12.57 7.23
CA GLU A 81 -14.37 12.61 5.81
C GLU A 81 -13.85 11.27 5.32
N LYS A 82 -14.73 10.43 4.86
CA LYS A 82 -14.33 9.11 4.44
C LYS A 82 -14.19 9.02 2.94
N PHE A 83 -13.57 7.96 2.48
CA PHE A 83 -13.28 7.84 1.08
C PHE A 83 -13.90 6.60 0.44
N ARG A 84 -13.84 6.57 -0.88
CA ARG A 84 -14.37 5.51 -1.74
C ARG A 84 -13.78 4.15 -1.40
N ASP A 85 -14.61 3.12 -1.49
CA ASP A 85 -14.15 1.76 -1.35
C ASP A 85 -13.44 1.33 -2.61
N ILE A 86 -12.15 1.45 -2.62
CA ILE A 86 -11.36 1.12 -3.79
C ILE A 86 -11.06 -0.37 -3.83
N ARG A 87 -11.71 -1.09 -2.96
CA ARG A 87 -11.60 -2.53 -2.85
C ARG A 87 -12.19 -3.18 -4.09
N GLY A 88 -13.09 -2.47 -4.72
CA GLY A 88 -13.68 -2.90 -5.96
C GLY A 88 -12.69 -2.87 -7.12
N PHE A 89 -11.53 -2.23 -6.91
CA PHE A 89 -10.50 -2.17 -7.95
C PHE A 89 -9.37 -3.14 -7.62
N ILE A 90 -9.45 -3.78 -6.46
CA ILE A 90 -8.43 -4.73 -6.06
C ILE A 90 -8.38 -5.91 -6.98
N SER A 91 -7.26 -6.09 -7.56
CA SER A 91 -7.05 -7.13 -8.46
C SER A 91 -6.47 -8.31 -7.68
N GLU A 92 -7.22 -9.39 -7.62
CA GLU A 92 -6.73 -10.61 -7.00
C GLU A 92 -5.90 -11.39 -8.02
N ASP A 93 -5.87 -10.85 -9.19
CA ASP A 93 -5.11 -11.32 -10.31
C ASP A 93 -4.03 -10.29 -10.59
N LEU A 94 -2.80 -10.68 -10.39
CA LEU A 94 -1.69 -9.76 -10.42
C LEU A 94 -0.73 -10.07 -11.56
N GLU A 95 -0.27 -11.30 -11.58
CA GLU A 95 0.82 -11.70 -12.43
C GLU A 95 0.43 -11.77 -13.89
N GLY A 96 1.19 -11.09 -14.70
CA GLY A 96 0.94 -11.05 -16.12
C GLY A 96 0.36 -9.73 -16.54
N VAL A 97 0.03 -8.91 -15.57
CA VAL A 97 -0.52 -7.61 -15.85
C VAL A 97 0.58 -6.56 -15.61
N ASP A 98 0.55 -5.49 -16.37
CA ASP A 98 1.53 -4.44 -16.21
C ASP A 98 1.00 -3.44 -15.21
N ALA A 99 1.88 -2.87 -14.44
CA ALA A 99 1.47 -1.98 -13.39
C ALA A 99 2.19 -0.65 -13.41
N THR A 100 1.52 0.30 -12.84
CA THR A 100 2.00 1.63 -12.68
C THR A 100 2.23 1.84 -11.17
N LEU A 101 3.39 2.28 -10.80
CA LEU A 101 3.71 2.47 -9.42
C LEU A 101 3.61 3.93 -9.05
N VAL A 102 2.71 4.24 -8.16
CA VAL A 102 2.56 5.59 -7.72
C VAL A 102 3.38 5.79 -6.47
N VAL A 103 4.57 6.32 -6.62
CA VAL A 103 5.40 6.64 -5.48
C VAL A 103 5.05 8.03 -5.04
N HIS A 104 4.74 8.17 -3.79
CA HIS A 104 4.28 9.42 -3.30
C HIS A 104 4.56 9.57 -1.81
N SER A 105 4.67 10.79 -1.43
CA SER A 105 4.90 11.23 -0.11
C SER A 105 4.31 12.63 -0.06
N ASN A 106 4.66 13.46 0.91
CA ASN A 106 4.10 14.79 0.92
C ASN A 106 4.95 15.68 0.03
N ASN A 107 6.24 15.41 0.04
CA ASN A 107 7.17 16.17 -0.76
C ASN A 107 7.13 15.73 -2.22
N PHE A 108 6.96 14.45 -2.44
CA PHE A 108 6.82 13.95 -3.80
C PHE A 108 5.44 13.38 -3.99
N THR A 109 4.54 14.16 -4.46
CA THR A 109 3.20 13.67 -4.68
C THR A 109 2.93 13.63 -6.19
N ASN A 110 2.07 12.69 -6.61
CA ASN A 110 1.61 12.57 -8.02
C ASN A 110 2.70 12.04 -8.95
N THR A 111 3.70 11.40 -8.36
CA THR A 111 4.75 10.79 -9.12
C THR A 111 4.25 9.43 -9.63
N ILE A 112 3.86 9.41 -10.87
CA ILE A 112 3.30 8.24 -11.48
C ILE A 112 4.34 7.56 -12.36
N LEU A 113 4.97 6.54 -11.81
CA LEU A 113 6.06 5.87 -12.45
C LEU A 113 5.66 4.44 -12.82
N GLU A 114 5.44 4.20 -14.08
CA GLU A 114 5.08 2.87 -14.53
C GLU A 114 6.29 1.95 -14.63
N VAL A 115 6.12 0.72 -14.22
CA VAL A 115 7.22 -0.22 -14.15
C VAL A 115 7.14 -1.29 -15.24
N GLY A 116 5.95 -1.81 -15.48
CA GLY A 116 5.80 -2.85 -16.46
C GLY A 116 5.10 -4.06 -15.87
N PRO A 117 5.27 -5.26 -16.49
CA PRO A 117 4.62 -6.50 -16.04
C PRO A 117 5.08 -6.95 -14.66
N VAL A 118 4.13 -7.17 -13.77
CA VAL A 118 4.45 -7.59 -12.42
C VAL A 118 4.44 -9.12 -12.30
N THR A 119 5.23 -9.60 -11.37
CA THR A 119 5.41 -11.01 -11.12
C THR A 119 5.05 -11.26 -9.65
N MET A 120 4.65 -12.46 -9.30
CA MET A 120 4.40 -12.72 -7.91
C MET A 120 5.64 -13.34 -7.30
N ALA A 121 5.96 -12.95 -6.11
CA ALA A 121 7.11 -13.50 -5.42
C ALA A 121 6.66 -14.68 -4.58
N GLY A 122 5.40 -14.68 -4.24
CA GLY A 122 4.82 -15.75 -3.48
C GLY A 122 5.14 -15.61 -2.02
N LEU A 123 5.74 -16.63 -1.46
CA LEU A 123 6.12 -16.62 -0.08
C LEU A 123 7.63 -16.44 -0.05
N ILE A 124 8.08 -15.29 0.37
CA ILE A 124 9.50 -15.06 0.46
C ILE A 124 9.89 -14.73 1.87
N ASN A 125 11.11 -15.02 2.18
CA ASN A 125 11.65 -14.75 3.49
C ASN A 125 12.52 -13.53 3.43
N LEU A 126 12.11 -12.52 4.11
CA LEU A 126 12.88 -11.30 4.20
C LEU A 126 13.34 -11.15 5.62
N SER A 127 14.53 -11.68 5.90
CA SER A 127 15.16 -11.64 7.22
C SER A 127 14.23 -12.16 8.33
N SER A 128 14.04 -13.48 8.34
CA SER A 128 13.22 -14.21 9.31
C SER A 128 11.76 -13.78 9.28
N THR A 129 11.39 -13.09 8.24
CA THR A 129 10.05 -12.65 8.07
C THR A 129 9.51 -13.23 6.78
N PRO A 130 8.81 -14.35 6.84
CA PRO A 130 8.16 -14.92 5.69
C PRO A 130 6.93 -14.09 5.38
N THR A 131 6.94 -13.45 4.25
CA THR A 131 5.84 -12.63 3.87
C THR A 131 5.00 -13.37 2.83
N ASN A 132 3.73 -13.47 3.14
CA ASN A 132 2.76 -14.18 2.32
C ASN A 132 2.27 -13.33 1.19
N ARG A 133 2.23 -13.90 -0.01
CA ARG A 133 1.57 -13.30 -1.16
C ARG A 133 2.28 -11.99 -1.53
N MET A 134 3.56 -12.05 -1.63
CA MET A 134 4.34 -10.90 -1.95
C MET A 134 4.38 -10.74 -3.48
N ILE A 135 4.34 -9.53 -3.96
CA ILE A 135 4.40 -9.26 -5.38
C ILE A 135 5.73 -8.56 -5.70
N ARG A 136 6.30 -8.85 -6.85
CA ARG A 136 7.61 -8.35 -7.19
C ARG A 136 7.63 -7.77 -8.59
N TYR A 137 8.38 -6.72 -8.74
CA TYR A 137 8.65 -6.13 -10.01
C TYR A 137 10.14 -5.82 -10.09
N ASP A 138 10.81 -6.47 -11.00
CA ASP A 138 12.26 -6.31 -11.20
C ASP A 138 12.49 -4.94 -11.83
N TYR A 139 12.73 -3.98 -10.98
CA TYR A 139 12.93 -2.60 -11.30
C TYR A 139 13.46 -1.96 -10.05
N ALA A 140 14.66 -1.42 -10.12
CA ALA A 140 15.29 -0.76 -8.98
C ALA A 140 14.42 0.39 -8.49
N THR A 141 13.85 0.21 -7.34
CA THR A 141 12.97 1.17 -6.75
C THR A 141 13.55 1.59 -5.40
N LYS A 142 13.25 2.78 -4.93
CA LYS A 142 13.80 3.26 -3.68
C LYS A 142 12.94 2.83 -2.52
N THR A 143 13.53 2.15 -1.58
CA THR A 143 12.85 1.80 -0.38
C THR A 143 12.82 3.04 0.54
N GLY A 144 11.82 3.15 1.38
CA GLY A 144 11.66 4.35 2.18
C GLY A 144 10.50 5.17 1.66
N GLN A 145 10.10 4.84 0.45
CA GLN A 145 8.95 5.45 -0.22
C GLN A 145 7.83 4.41 -0.22
N CYS A 146 7.81 3.67 0.85
CA CYS A 146 6.89 2.58 1.04
C CYS A 146 5.48 3.13 1.25
N GLY A 147 4.50 2.38 0.79
CA GLY A 147 3.14 2.81 0.87
C GLY A 147 2.62 3.27 -0.48
N GLY A 148 3.47 3.14 -1.49
CA GLY A 148 3.08 3.50 -2.83
C GLY A 148 2.07 2.53 -3.40
N VAL A 149 1.17 3.03 -4.21
CA VAL A 149 0.12 2.20 -4.78
C VAL A 149 0.58 1.63 -6.11
N LEU A 150 0.69 0.33 -6.16
CA LEU A 150 0.99 -0.35 -7.37
C LEU A 150 -0.35 -0.64 -8.02
N CYS A 151 -0.67 0.10 -9.05
CA CYS A 151 -1.98 0.02 -9.64
C CYS A 151 -1.90 0.13 -11.15
N ALA A 152 -3.03 0.21 -11.78
CA ALA A 152 -3.17 0.41 -13.21
C ALA A 152 -4.58 0.90 -13.44
N THR A 153 -4.98 1.07 -14.67
CA THR A 153 -6.31 1.56 -14.97
C THR A 153 -7.40 0.56 -14.49
N GLY A 154 -7.97 0.85 -13.33
CA GLY A 154 -8.99 0.01 -12.75
C GLY A 154 -8.41 -1.21 -12.07
N LYS A 155 -7.13 -1.14 -11.74
CA LYS A 155 -6.45 -2.27 -11.12
C LYS A 155 -5.65 -1.76 -9.94
N ILE A 156 -5.71 -2.43 -8.84
CA ILE A 156 -4.83 -2.17 -7.71
C ILE A 156 -4.23 -3.50 -7.30
N PHE A 157 -2.93 -3.58 -7.34
CA PHE A 157 -2.22 -4.82 -7.11
C PHE A 157 -1.73 -4.91 -5.67
N GLY A 158 -1.15 -3.86 -5.18
CA GLY A 158 -0.66 -3.90 -3.85
C GLY A 158 -0.01 -2.62 -3.43
N ILE A 159 0.53 -2.62 -2.25
CA ILE A 159 1.23 -1.47 -1.72
C ILE A 159 2.71 -1.74 -1.66
N HIS A 160 3.47 -0.79 -2.13
CA HIS A 160 4.91 -0.82 -2.15
C HIS A 160 5.46 -1.00 -0.74
N VAL A 161 6.06 -2.13 -0.51
CA VAL A 161 6.64 -2.42 0.77
C VAL A 161 8.06 -1.91 0.81
N GLY A 162 8.78 -2.09 -0.25
CA GLY A 162 10.11 -1.59 -0.28
C GLY A 162 10.89 -2.07 -1.46
N GLY A 163 11.46 -1.13 -2.17
CA GLY A 163 12.36 -1.44 -3.22
C GLY A 163 13.70 -1.79 -2.65
N ASN A 164 13.80 -2.99 -2.19
CA ASN A 164 15.01 -3.44 -1.59
C ASN A 164 15.86 -4.12 -2.63
N GLY A 165 16.66 -3.32 -3.28
CA GLY A 165 17.51 -3.81 -4.33
C GLY A 165 16.93 -3.50 -5.69
N ARG A 166 17.18 -4.38 -6.63
CA ARG A 166 16.77 -4.20 -8.01
C ARG A 166 15.34 -4.68 -8.20
N GLN A 167 14.76 -5.17 -7.17
CA GLN A 167 13.44 -5.69 -7.25
C GLN A 167 12.56 -5.01 -6.24
N GLY A 168 11.49 -4.45 -6.73
CA GLY A 168 10.55 -3.81 -5.88
C GLY A 168 9.60 -4.82 -5.32
N PHE A 169 9.47 -4.84 -4.03
CA PHE A 169 8.61 -5.78 -3.39
C PHE A 169 7.41 -5.05 -2.82
N SER A 170 6.26 -5.52 -3.16
CA SER A 170 5.04 -4.98 -2.66
C SER A 170 4.19 -6.10 -2.08
N ALA A 171 3.26 -5.78 -1.24
CA ALA A 171 2.39 -6.78 -0.64
C ALA A 171 1.08 -6.79 -1.38
N GLN A 172 0.60 -7.97 -1.75
CA GLN A 172 -0.65 -8.09 -2.45
C GLN A 172 -1.80 -7.91 -1.48
N LEU A 173 -2.42 -6.75 -1.52
CA LEU A 173 -3.56 -6.48 -0.67
C LEU A 173 -4.83 -7.09 -1.24
N LYS A 174 -4.88 -8.39 -1.17
CA LYS A 174 -5.97 -9.15 -1.71
C LYS A 174 -7.29 -8.83 -1.02
N LYS A 175 -8.30 -8.77 -1.84
CA LYS A 175 -9.67 -8.38 -1.50
C LYS A 175 -10.21 -9.21 -0.32
N GLN A 176 -9.74 -10.45 -0.22
CA GLN A 176 -10.14 -11.38 0.84
C GLN A 176 -9.77 -10.88 2.24
N TYR A 177 -8.75 -10.04 2.35
CA TYR A 177 -8.35 -9.54 3.66
C TYR A 177 -9.31 -8.44 4.09
N PHE A 178 -10.00 -7.88 3.12
CA PHE A 178 -10.81 -6.69 3.34
C PHE A 178 -12.28 -7.03 3.37
N VAL A 179 -12.59 -8.26 3.64
CA VAL A 179 -13.96 -8.64 3.83
C VAL A 179 -14.38 -8.14 5.22
N GLU A 180 -15.32 -7.22 5.24
CA GLU A 180 -15.79 -6.60 6.48
C GLU A 180 -16.57 -7.61 7.30
N LYS A 181 -17.21 -8.51 6.61
CA LYS A 181 -18.04 -9.53 7.21
C LYS A 181 -17.18 -10.66 7.72
N GLN A 182 -17.33 -10.97 8.97
CA GLN A 182 -16.65 -12.05 9.60
C GLN A 182 -17.65 -12.79 10.44
N GLY A 1 -1.22 9.26 -19.30
CA GLY A 1 -1.61 8.01 -19.96
C GLY A 1 -2.50 7.20 -19.07
N PRO A 2 -3.19 6.17 -19.62
CA PRO A 2 -4.22 5.36 -18.91
C PRO A 2 -3.97 5.09 -17.42
N ASN A 3 -2.81 4.54 -17.08
CA ASN A 3 -2.51 4.20 -15.68
C ASN A 3 -2.29 5.46 -14.86
N THR A 4 -1.62 6.43 -15.46
CA THR A 4 -1.29 7.67 -14.81
C THR A 4 -2.56 8.54 -14.62
N GLU A 5 -3.54 8.39 -15.51
CA GLU A 5 -4.79 9.14 -15.38
C GLU A 5 -5.56 8.62 -14.18
N PHE A 6 -5.59 7.30 -14.04
CA PHE A 6 -6.23 6.67 -12.91
C PHE A 6 -5.50 7.03 -11.64
N ALA A 7 -4.18 6.98 -11.71
CA ALA A 7 -3.30 7.30 -10.61
C ALA A 7 -3.61 8.68 -10.07
N LEU A 8 -3.68 9.66 -10.95
CA LEU A 8 -3.95 11.04 -10.55
C LEU A 8 -5.34 11.18 -9.92
N SER A 9 -6.30 10.46 -10.47
CA SER A 9 -7.67 10.51 -9.99
C SER A 9 -7.80 9.81 -8.62
N LEU A 10 -7.05 8.74 -8.46
CA LEU A 10 -7.03 8.00 -7.22
C LEU A 10 -6.26 8.78 -6.16
N LEU A 11 -5.18 9.41 -6.63
CA LEU A 11 -4.24 10.17 -5.82
C LEU A 11 -4.93 11.17 -4.90
N ARG A 12 -5.74 12.00 -5.50
CA ARG A 12 -6.33 13.17 -4.82
C ARG A 12 -7.44 12.80 -3.80
N LYS A 13 -7.78 11.53 -3.70
CA LYS A 13 -8.84 11.11 -2.79
C LYS A 13 -8.50 9.91 -1.93
N ASN A 14 -7.68 9.03 -2.43
CA ASN A 14 -7.40 7.79 -1.69
C ASN A 14 -5.94 7.60 -1.35
N ILE A 15 -5.05 8.21 -2.11
CA ILE A 15 -3.62 8.05 -1.87
C ILE A 15 -3.15 9.21 -1.02
N MET A 16 -2.88 8.95 0.24
CA MET A 16 -2.52 10.02 1.16
C MET A 16 -1.18 9.79 1.80
N THR A 17 -0.51 10.86 2.11
CA THR A 17 0.75 10.78 2.80
C THR A 17 0.51 10.58 4.29
N ILE A 18 1.07 9.56 4.85
CA ILE A 18 0.96 9.32 6.25
C ILE A 18 2.32 9.48 6.87
N THR A 19 2.47 10.54 7.61
CA THR A 19 3.70 10.81 8.26
C THR A 19 3.69 10.12 9.62
N THR A 20 4.44 9.05 9.68
CA THR A 20 4.59 8.25 10.85
C THR A 20 5.84 8.69 11.62
N SER A 21 6.40 7.79 12.44
CA SER A 21 7.61 8.08 13.15
C SER A 21 8.81 8.00 12.21
N LYS A 22 8.68 7.16 11.18
CA LYS A 22 9.78 6.93 10.27
C LYS A 22 9.87 8.06 9.22
N GLY A 23 8.73 8.53 8.73
CA GLY A 23 8.76 9.61 7.75
C GLY A 23 7.47 9.69 6.98
N GLU A 24 7.52 10.26 5.79
CA GLU A 24 6.34 10.37 4.96
C GLU A 24 6.16 9.12 4.13
N PHE A 25 5.22 8.31 4.51
CA PHE A 25 4.88 7.13 3.78
C PHE A 25 3.58 7.36 3.10
N THR A 26 3.14 6.43 2.33
CA THR A 26 1.91 6.58 1.68
C THR A 26 0.92 5.53 2.17
N GLY A 27 -0.26 5.97 2.45
CA GLY A 27 -1.28 5.10 2.89
C GLY A 27 -2.43 5.17 1.95
N LEU A 28 -3.01 4.04 1.67
CA LEU A 28 -4.11 3.99 0.76
C LEU A 28 -5.40 3.86 1.52
N GLY A 29 -6.25 4.83 1.38
CA GLY A 29 -7.55 4.78 1.98
C GLY A 29 -8.45 3.92 1.15
N ILE A 30 -8.87 2.81 1.70
CA ILE A 30 -9.69 1.86 0.97
C ILE A 30 -11.13 2.36 0.94
N HIS A 31 -11.62 2.71 2.11
CA HIS A 31 -12.95 3.29 2.29
C HIS A 31 -13.07 3.84 3.69
N ASP A 32 -13.79 4.94 3.83
CA ASP A 32 -14.08 5.61 5.12
C ASP A 32 -12.89 5.81 6.03
N ARG A 33 -12.71 4.91 6.96
CA ARG A 33 -11.66 5.04 7.94
C ARG A 33 -10.66 3.91 7.81
N VAL A 34 -10.87 3.08 6.84
CA VAL A 34 -10.03 1.95 6.60
C VAL A 34 -8.94 2.33 5.61
N CYS A 35 -7.76 2.47 6.13
CA CYS A 35 -6.61 2.78 5.32
C CYS A 35 -5.58 1.70 5.53
N VAL A 36 -4.63 1.58 4.66
CA VAL A 36 -3.65 0.55 4.80
C VAL A 36 -2.24 1.12 4.60
N ILE A 37 -1.30 0.63 5.41
CA ILE A 37 0.08 1.10 5.38
C ILE A 37 1.00 -0.06 5.88
N PRO A 38 2.26 -0.17 5.37
CA PRO A 38 3.22 -1.18 5.86
C PRO A 38 3.59 -0.99 7.34
N THR A 39 3.85 -2.09 8.03
CA THR A 39 4.12 -2.10 9.46
C THR A 39 5.40 -1.29 9.83
N HIS A 40 6.47 -1.49 9.06
CA HIS A 40 7.77 -0.82 9.29
C HIS A 40 7.74 0.70 9.10
N ALA A 41 6.59 1.27 8.81
CA ALA A 41 6.45 2.70 8.73
C ALA A 41 6.41 3.26 10.16
N GLN A 42 6.02 2.39 11.09
CA GLN A 42 5.90 2.67 12.52
C GLN A 42 4.81 3.73 12.81
N PRO A 43 3.54 3.32 12.76
CA PRO A 43 2.42 4.20 13.03
C PRO A 43 2.26 4.44 14.53
N GLY A 44 2.18 5.70 14.91
CA GLY A 44 2.04 6.04 16.31
C GLY A 44 0.60 6.05 16.74
N ASP A 45 0.33 6.66 17.87
CA ASP A 45 -1.01 6.73 18.42
C ASP A 45 -1.92 7.59 17.55
N ASP A 46 -1.34 8.59 16.96
CA ASP A 46 -2.02 9.43 16.00
C ASP A 46 -1.03 9.73 14.90
N VAL A 47 -1.50 9.73 13.68
CA VAL A 47 -0.61 9.92 12.53
C VAL A 47 -1.02 11.15 11.74
N LEU A 48 -0.07 11.73 11.05
CA LEU A 48 -0.33 12.92 10.25
C LEU A 48 -0.60 12.57 8.82
N VAL A 49 -1.84 12.64 8.43
CA VAL A 49 -2.23 12.39 7.07
C VAL A 49 -2.15 13.70 6.30
N ASN A 50 -1.00 13.92 5.67
CA ASN A 50 -0.70 15.13 4.86
C ASN A 50 -0.64 16.39 5.77
N GLY A 51 -0.67 16.15 7.07
CA GLY A 51 -0.65 17.23 8.03
C GLY A 51 -1.78 17.09 9.01
N GLN A 52 -2.82 16.38 8.61
CA GLN A 52 -3.97 16.19 9.47
C GLN A 52 -3.67 15.08 10.46
N LYS A 53 -3.47 15.43 11.70
CA LYS A 53 -3.14 14.45 12.70
C LYS A 53 -4.42 13.76 13.16
N ILE A 54 -4.53 12.51 12.81
CA ILE A 54 -5.71 11.74 13.06
C ILE A 54 -5.41 10.64 14.08
N ARG A 55 -6.32 10.49 15.02
CA ARG A 55 -6.22 9.49 16.03
C ARG A 55 -6.40 8.11 15.41
N VAL A 56 -5.53 7.20 15.76
CA VAL A 56 -5.65 5.85 15.31
C VAL A 56 -6.49 5.08 16.31
N LYS A 57 -7.51 4.43 15.81
CA LYS A 57 -8.42 3.66 16.64
C LYS A 57 -7.76 2.33 16.99
N ASP A 58 -7.50 1.54 15.98
CA ASP A 58 -6.91 0.23 16.16
C ASP A 58 -6.04 -0.05 14.98
N LYS A 59 -5.00 -0.81 15.19
CA LYS A 59 -4.09 -1.13 14.14
C LYS A 59 -4.19 -2.61 13.84
N TYR A 60 -4.84 -2.94 12.76
CA TYR A 60 -4.99 -4.32 12.36
C TYR A 60 -3.75 -4.79 11.66
N LYS A 61 -2.87 -5.39 12.40
CA LYS A 61 -1.67 -5.93 11.82
C LYS A 61 -2.04 -7.19 11.09
N LEU A 62 -1.74 -7.25 9.83
CA LEU A 62 -2.11 -8.38 9.06
C LEU A 62 -1.01 -9.41 9.18
N VAL A 63 -1.27 -10.39 9.97
CA VAL A 63 -0.37 -11.49 10.14
C VAL A 63 -1.06 -12.70 9.55
N ASP A 64 -0.34 -13.44 8.75
CA ASP A 64 -0.87 -14.64 8.12
C ASP A 64 -1.31 -15.66 9.13
N PRO A 65 -2.38 -16.41 8.84
CA PRO A 65 -2.86 -17.49 9.73
C PRO A 65 -1.79 -18.58 9.87
N GLU A 66 -0.89 -18.63 8.90
CA GLU A 66 0.24 -19.55 8.90
C GLU A 66 1.42 -18.94 9.69
N ASN A 67 1.14 -17.80 10.34
CA ASN A 67 2.08 -17.06 11.23
C ASN A 67 3.20 -16.39 10.47
N ILE A 68 2.97 -16.15 9.21
CA ILE A 68 3.93 -15.48 8.36
C ILE A 68 3.59 -13.97 8.38
N ASN A 69 4.57 -13.12 8.17
CA ASN A 69 4.34 -11.69 8.21
C ASN A 69 3.86 -11.22 6.85
N LEU A 70 2.89 -10.34 6.83
CA LEU A 70 2.40 -9.76 5.57
C LEU A 70 3.10 -8.39 5.41
N GLU A 71 3.58 -7.87 6.56
CA GLU A 71 4.28 -6.57 6.66
C GLU A 71 3.28 -5.43 6.34
N LEU A 72 2.03 -5.77 6.50
CA LEU A 72 0.95 -4.90 6.16
C LEU A 72 0.11 -4.64 7.40
N THR A 73 -0.38 -3.45 7.53
CA THR A 73 -1.22 -3.10 8.62
C THR A 73 -2.38 -2.22 8.15
N VAL A 74 -3.59 -2.64 8.49
CA VAL A 74 -4.76 -1.88 8.16
C VAL A 74 -4.98 -0.88 9.29
N LEU A 75 -4.77 0.34 8.97
CA LEU A 75 -4.78 1.41 9.90
C LEU A 75 -6.18 1.97 9.98
N THR A 76 -6.80 1.85 11.13
CA THR A 76 -8.11 2.39 11.31
C THR A 76 -8.03 3.80 11.88
N LEU A 77 -8.31 4.75 11.04
CA LEU A 77 -8.31 6.14 11.43
C LEU A 77 -9.64 6.44 12.09
N ASP A 78 -9.66 7.42 12.94
CA ASP A 78 -10.90 7.84 13.53
C ASP A 78 -11.61 8.81 12.58
N ARG A 79 -12.17 8.24 11.53
CA ARG A 79 -12.86 9.00 10.52
C ARG A 79 -14.33 8.64 10.50
N ASN A 80 -15.15 9.64 10.51
CA ASN A 80 -16.58 9.44 10.42
C ASN A 80 -16.98 9.63 8.97
N GLU A 81 -16.36 10.60 8.34
CA GLU A 81 -16.56 10.92 6.93
C GLU A 81 -16.08 9.76 6.07
N LYS A 82 -16.91 9.31 5.17
CA LYS A 82 -16.59 8.16 4.38
C LYS A 82 -15.86 8.55 3.11
N PHE A 83 -14.57 8.35 3.10
CA PHE A 83 -13.80 8.54 1.89
C PHE A 83 -14.13 7.44 0.89
N ARG A 84 -13.91 7.73 -0.39
CA ARG A 84 -14.28 6.88 -1.53
C ARG A 84 -13.83 5.43 -1.37
N ASP A 85 -14.75 4.52 -1.64
CA ASP A 85 -14.53 3.09 -1.53
C ASP A 85 -13.90 2.55 -2.80
N ILE A 86 -12.61 2.41 -2.79
CA ILE A 86 -11.90 1.90 -3.96
C ILE A 86 -11.62 0.42 -3.84
N ARG A 87 -12.42 -0.19 -2.99
CA ARG A 87 -12.25 -1.59 -2.60
C ARG A 87 -12.37 -2.52 -3.83
N GLY A 88 -13.31 -2.22 -4.69
CA GLY A 88 -13.56 -3.05 -5.86
C GLY A 88 -12.55 -2.82 -6.99
N PHE A 89 -11.58 -1.96 -6.77
CA PHE A 89 -10.55 -1.71 -7.76
C PHE A 89 -9.33 -2.56 -7.48
N ILE A 90 -9.32 -3.25 -6.35
CA ILE A 90 -8.23 -4.12 -6.01
C ILE A 90 -8.25 -5.35 -6.88
N SER A 91 -7.29 -5.42 -7.75
CA SER A 91 -7.11 -6.48 -8.64
C SER A 91 -6.12 -7.46 -8.04
N GLU A 92 -6.64 -8.56 -7.60
CA GLU A 92 -5.86 -9.58 -6.93
C GLU A 92 -5.16 -10.47 -7.96
N ASP A 93 -5.59 -10.36 -9.21
CA ASP A 93 -4.94 -11.02 -10.32
C ASP A 93 -3.96 -10.04 -10.92
N LEU A 94 -2.70 -10.38 -10.82
CA LEU A 94 -1.62 -9.45 -11.04
C LEU A 94 -0.79 -9.76 -12.29
N GLU A 95 -0.27 -10.97 -12.32
CA GLU A 95 0.78 -11.38 -13.24
C GLU A 95 0.41 -11.24 -14.72
N GLY A 96 1.08 -10.31 -15.38
CA GLY A 96 0.86 -10.07 -16.78
C GLY A 96 0.37 -8.66 -17.06
N VAL A 97 -0.14 -8.01 -16.04
CA VAL A 97 -0.65 -6.67 -16.21
C VAL A 97 0.44 -5.64 -15.91
N ASP A 98 0.39 -4.52 -16.60
CA ASP A 98 1.37 -3.44 -16.40
C ASP A 98 0.88 -2.53 -15.32
N ALA A 99 1.72 -2.25 -14.37
CA ALA A 99 1.35 -1.41 -13.26
C ALA A 99 2.30 -0.24 -13.11
N THR A 100 1.84 0.75 -12.40
CA THR A 100 2.57 1.95 -12.12
C THR A 100 2.68 2.10 -10.58
N LEU A 101 3.80 2.63 -10.10
CA LEU A 101 4.02 2.80 -8.69
C LEU A 101 3.81 4.28 -8.34
N VAL A 102 2.85 4.56 -7.48
CA VAL A 102 2.49 5.93 -7.14
C VAL A 102 2.59 6.19 -5.63
N VAL A 103 3.24 7.26 -5.27
CA VAL A 103 3.29 7.72 -3.88
C VAL A 103 2.82 9.17 -3.84
N HIS A 104 2.09 9.55 -2.79
CA HIS A 104 1.60 10.92 -2.70
C HIS A 104 2.77 11.83 -2.39
N SER A 105 3.43 11.59 -1.30
CA SER A 105 4.66 12.27 -1.03
C SER A 105 5.47 11.39 -0.14
N ASN A 106 6.49 10.80 -0.70
CA ASN A 106 7.42 10.02 0.07
C ASN A 106 8.68 10.82 0.24
N ASN A 107 9.43 10.90 -0.82
CA ASN A 107 10.66 11.67 -0.87
C ASN A 107 10.35 12.98 -1.56
N PHE A 108 9.35 12.95 -2.42
CA PHE A 108 8.91 14.09 -3.16
C PHE A 108 7.41 13.95 -3.38
N THR A 109 6.73 15.04 -3.60
CA THR A 109 5.30 15.03 -3.77
C THR A 109 4.92 14.71 -5.25
N ASN A 110 4.00 13.78 -5.43
CA ASN A 110 3.46 13.36 -6.74
C ASN A 110 4.49 12.59 -7.55
N THR A 111 4.77 11.38 -7.12
CA THR A 111 5.68 10.54 -7.84
C THR A 111 4.90 9.37 -8.44
N ILE A 112 4.75 9.40 -9.75
CA ILE A 112 4.09 8.35 -10.50
C ILE A 112 5.10 7.75 -11.46
N LEU A 113 5.62 6.60 -11.15
CA LEU A 113 6.60 5.99 -12.01
C LEU A 113 6.15 4.62 -12.45
N GLU A 114 6.11 4.43 -13.75
CA GLU A 114 5.68 3.17 -14.32
C GLU A 114 6.65 2.04 -14.06
N VAL A 115 6.09 0.88 -13.79
CA VAL A 115 6.85 -0.30 -13.52
C VAL A 115 6.86 -1.19 -14.75
N GLY A 116 5.68 -1.54 -15.18
CA GLY A 116 5.54 -2.44 -16.29
C GLY A 116 4.84 -3.70 -15.84
N PRO A 117 5.08 -4.84 -16.49
CA PRO A 117 4.42 -6.11 -16.16
C PRO A 117 4.81 -6.62 -14.77
N VAL A 118 3.83 -6.84 -13.95
CA VAL A 118 4.06 -7.34 -12.60
C VAL A 118 3.86 -8.85 -12.55
N THR A 119 4.47 -9.50 -11.56
CA THR A 119 4.44 -10.94 -11.42
C THR A 119 4.10 -11.36 -9.98
N MET A 120 3.74 -12.61 -9.79
CA MET A 120 3.42 -13.12 -8.46
C MET A 120 4.71 -13.49 -7.71
N ALA A 121 4.79 -13.12 -6.44
CA ALA A 121 5.94 -13.45 -5.62
C ALA A 121 5.64 -14.65 -4.75
N GLY A 122 4.55 -14.57 -4.03
CA GLY A 122 4.18 -15.66 -3.16
C GLY A 122 4.79 -15.48 -1.79
N LEU A 123 5.74 -16.32 -1.46
CA LEU A 123 6.39 -16.27 -0.17
C LEU A 123 7.84 -15.82 -0.36
N ILE A 124 8.18 -14.71 0.22
CA ILE A 124 9.51 -14.17 0.11
C ILE A 124 10.11 -13.97 1.50
N ASN A 125 11.22 -14.60 1.75
CA ASN A 125 11.91 -14.41 3.01
C ASN A 125 13.04 -13.46 2.76
N LEU A 126 12.92 -12.27 3.27
CA LEU A 126 13.88 -11.22 3.06
C LEU A 126 14.28 -10.63 4.39
N SER A 127 15.57 -10.59 4.64
CA SER A 127 16.15 -10.03 5.86
C SER A 127 15.62 -10.81 7.09
N SER A 128 15.68 -12.14 6.97
CA SER A 128 15.25 -13.10 7.99
C SER A 128 13.74 -12.98 8.29
N THR A 129 13.03 -12.27 7.44
CA THR A 129 11.63 -12.03 7.63
C THR A 129 10.83 -12.64 6.49
N PRO A 130 10.08 -13.72 6.76
CA PRO A 130 9.22 -14.33 5.77
C PRO A 130 7.94 -13.50 5.58
N THR A 131 7.71 -13.09 4.37
CA THR A 131 6.55 -12.31 4.02
C THR A 131 5.76 -13.07 2.93
N ASN A 132 4.47 -13.28 3.17
CA ASN A 132 3.64 -14.08 2.24
C ASN A 132 2.62 -13.20 1.53
N ARG A 133 2.12 -13.70 0.37
CA ARG A 133 1.06 -13.06 -0.41
C ARG A 133 1.50 -11.70 -0.91
N MET A 134 2.66 -11.72 -1.51
CA MET A 134 3.29 -10.52 -2.01
C MET A 134 3.38 -10.57 -3.53
N ILE A 135 3.48 -9.41 -4.11
CA ILE A 135 3.65 -9.26 -5.53
C ILE A 135 5.10 -8.82 -5.82
N ARG A 136 5.64 -9.26 -6.94
CA ARG A 136 7.02 -8.99 -7.32
C ARG A 136 7.08 -8.38 -8.69
N TYR A 137 7.96 -7.43 -8.87
CA TYR A 137 8.17 -6.80 -10.15
C TYR A 137 9.60 -6.34 -10.28
N ASP A 138 10.12 -6.34 -11.50
CA ASP A 138 11.49 -5.91 -11.75
C ASP A 138 11.51 -4.40 -11.86
N TYR A 139 12.11 -3.78 -10.89
CA TYR A 139 12.08 -2.34 -10.74
C TYR A 139 13.18 -1.95 -9.77
N ALA A 140 13.78 -0.80 -9.97
CA ALA A 140 14.79 -0.32 -9.05
C ALA A 140 14.13 0.10 -7.74
N THR A 141 14.07 -0.82 -6.83
CA THR A 141 13.39 -0.65 -5.58
C THR A 141 14.28 -0.02 -4.51
N LYS A 142 13.68 0.79 -3.69
CA LYS A 142 14.33 1.45 -2.58
C LYS A 142 13.44 1.33 -1.37
N THR A 143 13.97 0.81 -0.29
CA THR A 143 13.22 0.73 0.91
C THR A 143 13.09 2.14 1.51
N GLY A 144 11.88 2.55 1.74
CA GLY A 144 11.61 3.87 2.20
C GLY A 144 10.39 4.40 1.52
N GLN A 145 10.28 4.13 0.22
CA GLN A 145 9.13 4.53 -0.59
C GLN A 145 8.00 3.51 -0.45
N CYS A 146 7.80 3.09 0.76
CA CYS A 146 6.85 2.09 1.07
C CYS A 146 5.47 2.71 1.20
N GLY A 147 4.47 1.96 0.83
CA GLY A 147 3.13 2.47 0.81
C GLY A 147 2.78 2.96 -0.56
N GLY A 148 3.68 2.70 -1.50
CA GLY A 148 3.47 3.09 -2.87
C GLY A 148 2.37 2.28 -3.49
N VAL A 149 1.35 2.95 -3.93
CA VAL A 149 0.20 2.33 -4.50
C VAL A 149 0.53 1.86 -5.90
N LEU A 150 0.64 0.58 -6.03
CA LEU A 150 0.91 -0.04 -7.28
C LEU A 150 -0.43 -0.20 -7.97
N CYS A 151 -0.66 0.58 -8.97
CA CYS A 151 -1.91 0.62 -9.62
C CYS A 151 -1.79 0.78 -11.12
N ALA A 152 -2.87 0.52 -11.79
CA ALA A 152 -3.00 0.66 -13.21
C ALA A 152 -4.40 1.19 -13.42
N THR A 153 -4.78 1.45 -14.66
CA THR A 153 -6.10 1.98 -14.93
C THR A 153 -7.22 1.02 -14.46
N GLY A 154 -7.82 1.36 -13.32
CA GLY A 154 -8.91 0.61 -12.76
C GLY A 154 -8.45 -0.57 -11.92
N LYS A 155 -7.15 -0.69 -11.71
CA LYS A 155 -6.61 -1.84 -11.01
C LYS A 155 -5.60 -1.43 -9.95
N ILE A 156 -5.81 -1.87 -8.76
CA ILE A 156 -4.85 -1.67 -7.68
C ILE A 156 -4.29 -3.02 -7.31
N PHE A 157 -3.00 -3.17 -7.40
CA PHE A 157 -2.35 -4.45 -7.18
C PHE A 157 -1.82 -4.55 -5.77
N GLY A 158 -1.60 -3.42 -5.15
CA GLY A 158 -1.15 -3.43 -3.81
C GLY A 158 -0.29 -2.25 -3.47
N ILE A 159 0.43 -2.32 -2.38
CA ILE A 159 1.32 -1.25 -1.96
C ILE A 159 2.72 -1.76 -1.69
N HIS A 160 3.69 -1.05 -2.21
CA HIS A 160 5.11 -1.36 -2.11
C HIS A 160 5.59 -1.39 -0.65
N VAL A 161 6.34 -2.44 -0.30
CA VAL A 161 6.88 -2.56 1.05
C VAL A 161 8.40 -2.54 1.03
N GLY A 162 8.98 -2.56 -0.14
CA GLY A 162 10.40 -2.52 -0.26
C GLY A 162 10.93 -3.69 -1.03
N GLY A 163 12.17 -3.99 -0.84
CA GLY A 163 12.82 -5.07 -1.52
C GLY A 163 14.30 -4.84 -1.55
N ASN A 164 15.02 -5.77 -2.11
CA ASN A 164 16.46 -5.65 -2.19
C ASN A 164 16.91 -6.02 -3.58
N GLY A 165 17.53 -5.08 -4.24
CA GLY A 165 18.03 -5.32 -5.57
C GLY A 165 17.13 -4.77 -6.64
N ARG A 166 16.68 -5.62 -7.54
CA ARG A 166 15.88 -5.18 -8.68
C ARG A 166 14.46 -5.72 -8.59
N GLN A 167 14.14 -6.35 -7.50
CA GLN A 167 12.80 -6.86 -7.33
C GLN A 167 12.09 -6.11 -6.24
N GLY A 168 11.07 -5.39 -6.62
CA GLY A 168 10.28 -4.68 -5.68
C GLY A 168 9.14 -5.53 -5.23
N PHE A 169 8.91 -5.59 -3.95
CA PHE A 169 7.87 -6.40 -3.40
C PHE A 169 6.78 -5.52 -2.84
N SER A 170 5.58 -5.88 -3.09
CA SER A 170 4.45 -5.15 -2.60
C SER A 170 3.42 -6.09 -2.04
N ALA A 171 2.62 -5.62 -1.11
CA ALA A 171 1.59 -6.45 -0.50
C ALA A 171 0.40 -6.45 -1.42
N GLN A 172 -0.15 -7.64 -1.68
CA GLN A 172 -1.28 -7.81 -2.63
C GLN A 172 -2.59 -7.13 -2.25
N LEU A 173 -2.69 -6.60 -1.03
CA LEU A 173 -3.91 -5.89 -0.54
C LEU A 173 -5.20 -6.69 -0.79
N LYS A 174 -5.07 -8.02 -0.79
CA LYS A 174 -6.18 -8.97 -0.96
C LYS A 174 -7.42 -8.51 -0.20
N LYS A 175 -8.50 -8.32 -0.95
CA LYS A 175 -9.73 -7.68 -0.47
C LYS A 175 -10.32 -8.30 0.80
N GLN A 176 -10.03 -9.55 1.02
CA GLN A 176 -10.49 -10.28 2.20
C GLN A 176 -9.92 -9.71 3.51
N TYR A 177 -8.87 -8.89 3.45
CA TYR A 177 -8.27 -8.35 4.67
C TYR A 177 -9.16 -7.25 5.28
N PHE A 178 -9.99 -6.65 4.45
CA PHE A 178 -10.75 -5.47 4.85
C PHE A 178 -12.17 -5.82 5.30
N VAL A 179 -12.42 -7.07 5.50
CA VAL A 179 -13.72 -7.50 5.94
C VAL A 179 -13.64 -8.02 7.37
N GLU A 180 -14.56 -7.56 8.21
CA GLU A 180 -14.61 -7.92 9.62
C GLU A 180 -14.99 -9.40 9.77
N LYS A 181 -15.91 -9.85 8.93
CA LYS A 181 -16.30 -11.23 8.93
C LYS A 181 -15.21 -12.04 8.22
N GLN A 182 -14.49 -12.81 8.99
CA GLN A 182 -13.30 -13.51 8.51
C GLN A 182 -13.63 -14.92 8.04
N GLY A 1 -0.36 7.13 -19.29
CA GLY A 1 -1.47 6.60 -20.06
C GLY A 1 -2.71 6.50 -19.19
N PRO A 2 -3.58 5.48 -19.39
CA PRO A 2 -4.79 5.29 -18.57
C PRO A 2 -4.43 5.05 -17.09
N ASN A 3 -3.19 4.60 -16.86
CA ASN A 3 -2.65 4.42 -15.52
C ASN A 3 -2.59 5.76 -14.80
N THR A 4 -2.22 6.81 -15.52
CA THR A 4 -2.09 8.15 -14.99
C THR A 4 -3.48 8.70 -14.65
N GLU A 5 -4.44 8.42 -15.52
CA GLU A 5 -5.82 8.85 -15.39
C GLU A 5 -6.41 8.22 -14.10
N PHE A 6 -6.13 6.94 -13.93
CA PHE A 6 -6.58 6.20 -12.76
C PHE A 6 -5.88 6.73 -11.50
N ALA A 7 -4.55 6.83 -11.57
CA ALA A 7 -3.72 7.26 -10.46
C ALA A 7 -4.12 8.62 -9.95
N LEU A 8 -4.38 9.55 -10.85
CA LEU A 8 -4.75 10.91 -10.49
C LEU A 8 -6.07 10.94 -9.73
N SER A 9 -7.00 10.11 -10.15
CA SER A 9 -8.32 10.06 -9.55
C SER A 9 -8.26 9.35 -8.19
N LEU A 10 -7.38 8.40 -8.08
CA LEU A 10 -7.16 7.66 -6.87
C LEU A 10 -6.43 8.55 -5.85
N LEU A 11 -5.46 9.30 -6.37
CA LEU A 11 -4.57 10.15 -5.61
C LEU A 11 -5.33 11.13 -4.75
N ARG A 12 -6.24 11.86 -5.35
CA ARG A 12 -6.91 12.97 -4.69
C ARG A 12 -7.81 12.57 -3.52
N LYS A 13 -8.02 11.29 -3.31
CA LYS A 13 -8.88 10.87 -2.22
C LYS A 13 -8.23 9.87 -1.29
N ASN A 14 -7.68 8.80 -1.84
CA ASN A 14 -7.21 7.69 -0.99
C ASN A 14 -5.72 7.62 -0.84
N ILE A 15 -5.01 8.48 -1.49
CA ILE A 15 -3.57 8.45 -1.42
C ILE A 15 -3.11 9.73 -0.74
N MET A 16 -2.70 9.64 0.49
CA MET A 16 -2.32 10.84 1.21
C MET A 16 -1.03 10.62 1.98
N THR A 17 -0.31 11.71 2.23
CA THR A 17 0.92 11.66 2.95
C THR A 17 0.69 11.47 4.44
N ILE A 18 1.14 10.37 4.94
CA ILE A 18 1.10 10.14 6.34
C ILE A 18 2.49 10.44 6.87
N THR A 19 2.62 11.59 7.43
CA THR A 19 3.83 12.02 8.02
C THR A 19 3.91 11.42 9.41
N THR A 20 4.71 10.38 9.52
CA THR A 20 4.85 9.66 10.73
C THR A 20 5.97 10.26 11.56
N SER A 21 6.40 9.54 12.57
CA SER A 21 7.47 9.96 13.40
C SER A 21 8.81 9.81 12.63
N LYS A 22 8.83 8.96 11.59
CA LYS A 22 10.06 8.74 10.85
C LYS A 22 10.10 9.51 9.54
N GLY A 23 9.05 9.44 8.74
CA GLY A 23 9.13 10.08 7.45
C GLY A 23 7.78 10.32 6.83
N GLU A 24 7.78 10.46 5.53
CA GLU A 24 6.58 10.77 4.80
C GLU A 24 6.16 9.54 4.02
N PHE A 25 5.29 8.78 4.59
CA PHE A 25 4.86 7.55 3.97
C PHE A 25 3.52 7.78 3.32
N THR A 26 3.18 6.93 2.41
CA THR A 26 1.93 7.07 1.77
C THR A 26 0.93 6.12 2.40
N GLY A 27 -0.15 6.67 2.85
CA GLY A 27 -1.18 5.88 3.41
C GLY A 27 -2.22 5.65 2.40
N LEU A 28 -2.51 4.41 2.13
CA LEU A 28 -3.49 4.09 1.15
C LEU A 28 -4.79 3.72 1.82
N GLY A 29 -5.78 4.55 1.64
CA GLY A 29 -7.09 4.27 2.14
C GLY A 29 -7.76 3.28 1.25
N ILE A 30 -8.39 2.30 1.82
CA ILE A 30 -9.03 1.25 1.03
C ILE A 30 -10.54 1.37 1.08
N HIS A 31 -11.06 1.47 2.28
CA HIS A 31 -12.48 1.51 2.51
C HIS A 31 -12.81 2.39 3.69
N ASP A 32 -13.42 3.53 3.41
CA ASP A 32 -13.98 4.43 4.44
C ASP A 32 -12.97 4.92 5.52
N ARG A 33 -12.70 4.10 6.53
CA ARG A 33 -11.75 4.43 7.61
C ARG A 33 -10.55 3.48 7.63
N VAL A 34 -10.55 2.56 6.67
CA VAL A 34 -9.51 1.55 6.56
C VAL A 34 -8.37 2.07 5.70
N CYS A 35 -7.23 2.22 6.30
CA CYS A 35 -6.03 2.64 5.62
C CYS A 35 -4.95 1.63 5.90
N VAL A 36 -4.09 1.36 4.95
CA VAL A 36 -3.01 0.41 5.16
C VAL A 36 -1.69 1.15 5.24
N ILE A 37 -0.83 0.73 6.15
CA ILE A 37 0.47 1.33 6.31
C ILE A 37 1.46 0.22 6.81
N PRO A 38 2.73 0.23 6.36
CA PRO A 38 3.74 -0.70 6.88
C PRO A 38 4.05 -0.40 8.36
N THR A 39 4.50 -1.41 9.08
CA THR A 39 4.77 -1.26 10.51
C THR A 39 5.97 -0.34 10.72
N HIS A 40 6.98 -0.53 9.89
CA HIS A 40 8.26 0.19 9.97
C HIS A 40 8.16 1.66 9.50
N ALA A 41 6.96 2.19 9.48
CA ALA A 41 6.73 3.56 9.13
C ALA A 41 6.79 4.46 10.38
N GLN A 42 6.54 3.84 11.54
CA GLN A 42 6.53 4.52 12.86
C GLN A 42 5.34 5.50 13.06
N PRO A 43 4.09 4.98 13.13
CA PRO A 43 2.93 5.79 13.47
C PRO A 43 2.60 5.68 14.98
N GLY A 44 2.32 6.80 15.62
CA GLY A 44 2.04 6.80 17.04
C GLY A 44 0.55 6.63 17.35
N ASP A 45 0.10 7.25 18.42
CA ASP A 45 -1.32 7.22 18.85
C ASP A 45 -2.14 8.13 17.93
N ASP A 46 -1.58 9.28 17.66
CA ASP A 46 -2.14 10.19 16.69
C ASP A 46 -1.09 10.47 15.68
N VAL A 47 -1.48 10.53 14.45
CA VAL A 47 -0.54 10.68 13.39
C VAL A 47 -0.91 11.88 12.54
N LEU A 48 0.08 12.48 11.91
CA LEU A 48 -0.13 13.64 11.11
C LEU A 48 -0.37 13.23 9.66
N VAL A 49 -1.49 13.59 9.15
CA VAL A 49 -1.81 13.37 7.76
C VAL A 49 -1.47 14.63 7.02
N ASN A 50 -0.19 14.74 6.64
CA ASN A 50 0.38 15.90 5.92
C ASN A 50 0.48 17.15 6.84
N GLY A 51 -0.12 17.06 7.99
CA GLY A 51 -0.11 18.12 8.94
C GLY A 51 -1.29 18.01 9.87
N GLN A 52 -2.42 17.62 9.34
CA GLN A 52 -3.65 17.47 10.11
C GLN A 52 -3.59 16.15 10.87
N LYS A 53 -3.80 16.17 12.17
CA LYS A 53 -3.65 14.95 12.92
C LYS A 53 -4.95 14.18 13.03
N ILE A 54 -4.82 12.91 13.05
CA ILE A 54 -5.91 12.01 13.24
C ILE A 54 -5.48 11.00 14.29
N ARG A 55 -6.33 10.72 15.23
CA ARG A 55 -6.00 9.76 16.22
C ARG A 55 -6.37 8.37 15.70
N VAL A 56 -5.51 7.41 15.96
CA VAL A 56 -5.71 6.06 15.53
C VAL A 56 -6.71 5.38 16.45
N LYS A 57 -7.61 4.63 15.85
CA LYS A 57 -8.63 3.91 16.58
C LYS A 57 -8.08 2.55 16.98
N ASP A 58 -7.50 1.86 16.02
CA ASP A 58 -6.89 0.54 16.26
C ASP A 58 -5.97 0.19 15.10
N LYS A 59 -4.96 -0.59 15.38
CA LYS A 59 -3.98 -0.97 14.38
C LYS A 59 -4.01 -2.48 14.21
N TYR A 60 -4.65 -2.95 13.18
CA TYR A 60 -4.77 -4.38 12.93
C TYR A 60 -3.53 -4.91 12.25
N LYS A 61 -2.95 -5.91 12.84
CA LYS A 61 -1.82 -6.56 12.26
C LYS A 61 -2.29 -7.61 11.30
N LEU A 62 -1.99 -7.46 10.03
CA LEU A 62 -2.38 -8.46 9.09
C LEU A 62 -1.46 -9.64 9.17
N VAL A 63 -1.99 -10.69 9.69
CA VAL A 63 -1.33 -11.94 9.76
C VAL A 63 -2.25 -12.95 9.12
N ASP A 64 -1.72 -13.73 8.24
CA ASP A 64 -2.54 -14.65 7.48
C ASP A 64 -2.80 -15.89 8.32
N PRO A 65 -4.04 -16.45 8.30
CA PRO A 65 -4.40 -17.70 9.04
C PRO A 65 -3.50 -18.92 8.71
N GLU A 66 -2.70 -18.83 7.64
CA GLU A 66 -1.72 -19.87 7.29
C GLU A 66 -0.44 -19.65 8.14
N ASN A 67 -0.45 -18.57 8.90
CA ASN A 67 0.64 -18.13 9.75
C ASN A 67 1.81 -17.68 8.90
N ILE A 68 1.60 -16.57 8.25
CA ILE A 68 2.56 -15.94 7.39
C ILE A 68 2.43 -14.44 7.61
N ASN A 69 3.53 -13.73 7.55
CA ASN A 69 3.56 -12.29 7.80
C ASN A 69 3.02 -11.52 6.61
N LEU A 70 2.66 -10.28 6.85
CA LEU A 70 2.24 -9.38 5.79
C LEU A 70 2.98 -8.06 5.88
N GLU A 71 3.34 -7.65 7.13
CA GLU A 71 4.02 -6.37 7.43
C GLU A 71 3.04 -5.19 7.22
N LEU A 72 1.83 -5.55 6.93
CA LEU A 72 0.77 -4.65 6.66
C LEU A 72 0.00 -4.43 7.92
N THR A 73 -0.02 -3.22 8.35
CA THR A 73 -0.77 -2.87 9.48
C THR A 73 -1.95 -2.01 9.02
N VAL A 74 -3.13 -2.50 9.24
CA VAL A 74 -4.31 -1.77 8.88
C VAL A 74 -4.57 -0.73 9.92
N LEU A 75 -4.36 0.46 9.52
CA LEU A 75 -4.47 1.58 10.36
C LEU A 75 -5.91 2.03 10.32
N THR A 76 -6.64 1.66 11.32
CA THR A 76 -7.99 2.06 11.42
C THR A 76 -8.03 3.40 12.08
N LEU A 77 -8.28 4.39 11.29
CA LEU A 77 -8.34 5.73 11.76
C LEU A 77 -9.76 6.03 12.16
N ASP A 78 -9.95 7.09 12.88
CA ASP A 78 -11.28 7.49 13.20
C ASP A 78 -11.86 8.17 11.98
N ARG A 79 -13.04 7.74 11.61
CA ARG A 79 -13.69 8.16 10.39
C ARG A 79 -13.91 9.67 10.36
N ASN A 80 -13.05 10.35 9.66
CA ASN A 80 -13.16 11.77 9.44
C ASN A 80 -13.37 11.98 7.97
N GLU A 81 -12.37 11.63 7.20
CA GLU A 81 -12.43 11.66 5.76
C GLU A 81 -12.66 10.26 5.26
N LYS A 82 -13.84 10.00 4.77
CA LYS A 82 -14.18 8.72 4.23
C LYS A 82 -13.41 8.46 2.96
N PHE A 83 -12.58 7.47 2.98
CA PHE A 83 -11.88 7.06 1.80
C PHE A 83 -12.86 6.41 0.83
N ARG A 84 -12.63 6.62 -0.45
CA ARG A 84 -13.44 6.04 -1.50
C ARG A 84 -13.24 4.53 -1.45
N ASP A 85 -14.26 3.78 -1.71
CA ASP A 85 -14.16 2.32 -1.62
C ASP A 85 -13.42 1.76 -2.80
N ILE A 86 -12.12 1.78 -2.75
CA ILE A 86 -11.32 1.30 -3.86
C ILE A 86 -11.04 -0.17 -3.69
N ARG A 87 -11.75 -0.74 -2.74
CA ARG A 87 -11.61 -2.14 -2.38
C ARG A 87 -12.09 -3.01 -3.54
N GLY A 88 -12.96 -2.44 -4.37
CA GLY A 88 -13.45 -3.13 -5.53
C GLY A 88 -12.41 -3.22 -6.63
N PHE A 89 -11.44 -2.30 -6.63
CA PHE A 89 -10.39 -2.27 -7.66
C PHE A 89 -9.24 -3.17 -7.29
N ILE A 90 -9.30 -3.75 -6.10
CA ILE A 90 -8.30 -4.71 -5.68
C ILE A 90 -8.35 -5.87 -6.61
N SER A 91 -7.26 -6.12 -7.21
CA SER A 91 -7.19 -7.10 -8.17
C SER A 91 -6.59 -8.34 -7.56
N GLU A 92 -7.40 -9.35 -7.38
CA GLU A 92 -6.91 -10.60 -6.88
C GLU A 92 -6.08 -11.26 -8.00
N ASP A 93 -6.42 -10.87 -9.23
CA ASP A 93 -5.69 -11.22 -10.44
C ASP A 93 -4.62 -10.16 -10.66
N LEU A 94 -3.38 -10.56 -10.52
CA LEU A 94 -2.29 -9.61 -10.49
C LEU A 94 -1.41 -9.64 -11.72
N GLU A 95 -0.73 -10.73 -11.90
CA GLU A 95 0.40 -10.77 -12.79
C GLU A 95 0.09 -10.79 -14.26
N GLY A 96 1.03 -10.26 -15.01
CA GLY A 96 0.92 -10.16 -16.45
C GLY A 96 0.65 -8.74 -16.86
N VAL A 97 0.22 -7.94 -15.92
CA VAL A 97 -0.11 -6.55 -16.17
C VAL A 97 1.08 -5.65 -15.85
N ASP A 98 1.30 -4.67 -16.69
CA ASP A 98 2.32 -3.64 -16.49
C ASP A 98 1.77 -2.66 -15.46
N ALA A 99 2.44 -2.53 -14.35
CA ALA A 99 1.93 -1.72 -13.27
C ALA A 99 2.73 -0.45 -13.03
N THR A 100 2.13 0.43 -12.31
CA THR A 100 2.66 1.69 -11.94
C THR A 100 2.71 1.81 -10.41
N LEU A 101 3.77 2.39 -9.91
CA LEU A 101 3.90 2.63 -8.51
C LEU A 101 3.72 4.12 -8.28
N VAL A 102 2.76 4.48 -7.47
CA VAL A 102 2.48 5.87 -7.18
C VAL A 102 2.69 6.16 -5.70
N VAL A 103 3.56 7.09 -5.42
CA VAL A 103 3.86 7.49 -4.06
C VAL A 103 3.47 8.97 -3.85
N HIS A 104 2.99 9.30 -2.67
CA HIS A 104 2.56 10.64 -2.37
C HIS A 104 3.08 11.09 -1.01
N SER A 105 4.22 11.67 -1.02
CA SER A 105 4.83 12.23 0.14
C SER A 105 5.02 13.71 -0.12
N ASN A 106 5.74 14.42 0.73
CA ASN A 106 5.93 15.83 0.48
C ASN A 106 7.17 15.96 -0.40
N ASN A 107 8.09 15.04 -0.21
CA ASN A 107 9.27 14.92 -1.05
C ASN A 107 8.90 14.42 -2.43
N PHE A 108 8.15 13.34 -2.47
CA PHE A 108 7.74 12.74 -3.72
C PHE A 108 6.24 12.87 -3.85
N THR A 109 5.82 13.98 -4.38
CA THR A 109 4.43 14.26 -4.49
C THR A 109 3.90 13.86 -5.86
N ASN A 110 3.10 12.79 -5.89
CA ASN A 110 2.42 12.32 -7.12
C ASN A 110 3.41 11.70 -8.07
N THR A 111 4.39 11.05 -7.51
CA THR A 111 5.40 10.40 -8.29
C THR A 111 4.82 9.11 -8.88
N ILE A 112 4.55 9.16 -10.16
CA ILE A 112 3.95 8.08 -10.90
C ILE A 112 5.04 7.38 -11.72
N LEU A 113 5.44 6.21 -11.29
CA LEU A 113 6.49 5.48 -11.97
C LEU A 113 5.99 4.14 -12.49
N GLU A 114 6.04 3.97 -13.78
CA GLU A 114 5.70 2.69 -14.39
C GLU A 114 6.85 1.74 -14.13
N VAL A 115 6.57 0.64 -13.46
CA VAL A 115 7.62 -0.28 -13.07
C VAL A 115 7.77 -1.44 -14.04
N GLY A 116 6.67 -1.88 -14.60
CA GLY A 116 6.72 -2.97 -15.53
C GLY A 116 5.73 -4.04 -15.21
N PRO A 117 5.81 -5.20 -15.88
CA PRO A 117 4.89 -6.31 -15.65
C PRO A 117 5.13 -6.96 -14.31
N VAL A 118 4.12 -6.94 -13.48
CA VAL A 118 4.23 -7.51 -12.18
C VAL A 118 4.01 -9.02 -12.22
N THR A 119 4.61 -9.71 -11.29
CA THR A 119 4.51 -11.14 -11.18
C THR A 119 4.44 -11.54 -9.69
N MET A 120 4.02 -12.74 -9.40
CA MET A 120 3.92 -13.21 -8.04
C MET A 120 5.25 -13.79 -7.58
N ALA A 121 5.67 -13.45 -6.38
CA ALA A 121 6.85 -14.04 -5.79
C ALA A 121 6.43 -15.14 -4.86
N GLY A 122 5.21 -15.01 -4.37
CA GLY A 122 4.66 -15.98 -3.49
C GLY A 122 4.83 -15.54 -2.08
N LEU A 123 5.88 -15.99 -1.47
CA LEU A 123 6.18 -15.63 -0.12
C LEU A 123 7.68 -15.57 0.08
N ILE A 124 8.15 -14.38 0.45
CA ILE A 124 9.56 -14.09 0.71
C ILE A 124 9.66 -12.61 0.99
N ASN A 125 10.58 -12.19 1.84
CA ASN A 125 10.76 -10.78 2.12
C ASN A 125 12.14 -10.46 2.67
N LEU A 126 12.30 -10.58 3.95
CA LEU A 126 13.52 -10.13 4.58
C LEU A 126 14.06 -11.23 5.46
N SER A 127 15.16 -11.84 5.02
CA SER A 127 15.87 -12.91 5.74
C SER A 127 14.95 -13.97 6.36
N SER A 128 14.39 -14.81 5.50
CA SER A 128 13.49 -15.90 5.88
C SER A 128 12.18 -15.39 6.51
N THR A 129 11.77 -14.16 6.19
CA THR A 129 10.51 -13.69 6.72
C THR A 129 9.57 -13.57 5.55
N PRO A 130 8.65 -14.53 5.41
CA PRO A 130 7.77 -14.55 4.29
C PRO A 130 6.53 -13.68 4.47
N THR A 131 6.32 -12.80 3.55
CA THR A 131 5.11 -12.07 3.50
C THR A 131 4.23 -12.72 2.45
N ASN A 132 3.00 -12.99 2.81
CA ASN A 132 2.09 -13.75 1.96
C ASN A 132 1.62 -12.97 0.75
N ARG A 133 1.68 -13.63 -0.40
CA ARG A 133 1.25 -13.09 -1.68
C ARG A 133 2.01 -11.84 -2.02
N MET A 134 3.31 -11.97 -1.92
CA MET A 134 4.18 -10.88 -2.17
C MET A 134 4.34 -10.73 -3.67
N ILE A 135 3.95 -9.61 -4.17
CA ILE A 135 4.01 -9.32 -5.57
C ILE A 135 5.35 -8.67 -5.90
N ARG A 136 5.92 -9.08 -6.98
CA ARG A 136 7.27 -8.75 -7.33
C ARG A 136 7.36 -8.17 -8.74
N TYR A 137 8.29 -7.27 -8.91
CA TYR A 137 8.60 -6.66 -10.19
C TYR A 137 10.08 -6.33 -10.21
N ASP A 138 10.74 -6.61 -11.30
CA ASP A 138 12.16 -6.31 -11.38
C ASP A 138 12.38 -5.01 -12.11
N TYR A 139 12.79 -4.04 -11.35
CA TYR A 139 13.08 -2.70 -11.79
C TYR A 139 13.72 -2.01 -10.61
N ALA A 140 14.81 -1.30 -10.84
CA ALA A 140 15.49 -0.61 -9.76
C ALA A 140 14.63 0.53 -9.22
N THR A 141 13.84 0.21 -8.24
CA THR A 141 12.95 1.13 -7.62
C THR A 141 13.53 1.52 -6.28
N LYS A 142 13.41 2.80 -5.92
CA LYS A 142 13.94 3.29 -4.68
C LYS A 142 13.26 2.64 -3.50
N THR A 143 13.96 1.72 -2.91
CA THR A 143 13.48 0.98 -1.80
C THR A 143 13.51 1.87 -0.56
N GLY A 144 12.36 2.14 0.00
CA GLY A 144 12.29 3.00 1.17
C GLY A 144 11.06 3.85 1.17
N GLN A 145 10.53 4.10 -0.02
CA GLN A 145 9.30 4.89 -0.19
C GLN A 145 8.05 4.00 0.01
N CYS A 146 8.08 3.30 1.12
CA CYS A 146 7.06 2.36 1.49
C CYS A 146 5.69 3.03 1.62
N GLY A 147 4.68 2.36 1.11
CA GLY A 147 3.34 2.88 1.19
C GLY A 147 2.82 3.30 -0.16
N GLY A 148 3.67 3.24 -1.18
CA GLY A 148 3.26 3.58 -2.52
C GLY A 148 2.30 2.55 -3.09
N VAL A 149 1.23 3.00 -3.71
CA VAL A 149 0.23 2.12 -4.29
C VAL A 149 0.73 1.55 -5.61
N LEU A 150 0.68 0.26 -5.70
CA LEU A 150 1.03 -0.43 -6.89
C LEU A 150 -0.25 -0.66 -7.63
N CYS A 151 -0.44 0.05 -8.70
CA CYS A 151 -1.67 0.03 -9.39
C CYS A 151 -1.48 0.15 -10.90
N ALA A 152 -2.55 0.04 -11.60
CA ALA A 152 -2.63 0.21 -13.00
C ALA A 152 -4.05 0.63 -13.29
N THR A 153 -4.40 0.81 -14.53
CA THR A 153 -5.73 1.24 -14.88
C THR A 153 -6.80 0.19 -14.48
N GLY A 154 -7.51 0.47 -13.37
CA GLY A 154 -8.55 -0.41 -12.87
C GLY A 154 -7.97 -1.64 -12.19
N LYS A 155 -6.78 -1.49 -11.69
CA LYS A 155 -6.05 -2.57 -11.06
C LYS A 155 -5.25 -2.05 -9.86
N ILE A 156 -5.59 -2.48 -8.66
CA ILE A 156 -4.72 -2.21 -7.52
C ILE A 156 -4.19 -3.54 -7.04
N PHE A 157 -2.89 -3.63 -6.98
CA PHE A 157 -2.22 -4.86 -6.66
C PHE A 157 -1.80 -4.87 -5.19
N GLY A 158 -1.57 -3.68 -4.65
CA GLY A 158 -1.19 -3.57 -3.28
C GLY A 158 -0.32 -2.36 -3.07
N ILE A 159 0.58 -2.43 -2.11
CA ILE A 159 1.47 -1.32 -1.82
C ILE A 159 2.91 -1.78 -1.71
N HIS A 160 3.81 -0.90 -2.09
CA HIS A 160 5.24 -1.12 -2.01
C HIS A 160 5.67 -1.19 -0.55
N VAL A 161 6.14 -2.33 -0.15
CA VAL A 161 6.60 -2.52 1.23
C VAL A 161 8.11 -2.36 1.25
N GLY A 162 8.75 -2.83 0.21
CA GLY A 162 10.17 -2.74 0.11
C GLY A 162 10.66 -3.36 -1.15
N GLY A 163 11.84 -3.88 -1.11
CA GLY A 163 12.42 -4.50 -2.23
C GLY A 163 13.74 -5.05 -1.86
N ASN A 164 14.27 -5.92 -2.65
CA ASN A 164 15.55 -6.51 -2.39
C ASN A 164 16.26 -6.67 -3.70
N GLY A 165 17.42 -6.07 -3.83
CA GLY A 165 18.12 -6.10 -5.09
C GLY A 165 17.44 -5.18 -6.07
N ARG A 166 17.09 -5.69 -7.23
CA ARG A 166 16.36 -4.88 -8.20
C ARG A 166 14.89 -5.33 -8.20
N GLN A 167 14.59 -6.27 -7.35
CA GLN A 167 13.26 -6.79 -7.26
C GLN A 167 12.48 -6.05 -6.21
N GLY A 168 11.50 -5.32 -6.66
CA GLY A 168 10.64 -4.61 -5.77
C GLY A 168 9.57 -5.52 -5.24
N PHE A 169 9.32 -5.47 -3.95
CA PHE A 169 8.37 -6.34 -3.34
C PHE A 169 7.23 -5.55 -2.74
N SER A 170 6.08 -5.81 -3.21
CA SER A 170 4.91 -5.18 -2.73
C SER A 170 3.98 -6.24 -2.18
N ALA A 171 3.12 -5.88 -1.27
CA ALA A 171 2.25 -6.87 -0.66
C ALA A 171 0.86 -6.75 -1.23
N GLN A 172 0.22 -7.87 -1.37
CA GLN A 172 -1.11 -7.95 -1.93
C GLN A 172 -2.13 -7.61 -0.85
N LEU A 173 -2.86 -6.56 -1.07
CA LEU A 173 -3.89 -6.15 -0.15
C LEU A 173 -5.18 -6.77 -0.62
N LYS A 174 -5.31 -8.05 -0.39
CA LYS A 174 -6.45 -8.80 -0.88
C LYS A 174 -7.72 -8.39 -0.19
N LYS A 175 -8.83 -8.44 -0.94
CA LYS A 175 -10.16 -8.06 -0.44
C LYS A 175 -10.53 -8.90 0.77
N GLN A 176 -10.01 -10.10 0.76
CA GLN A 176 -10.24 -11.10 1.78
C GLN A 176 -9.59 -10.73 3.13
N TYR A 177 -8.76 -9.69 3.15
CA TYR A 177 -8.19 -9.19 4.40
C TYR A 177 -9.07 -8.09 4.98
N PHE A 178 -9.84 -7.46 4.11
CA PHE A 178 -10.65 -6.31 4.50
C PHE A 178 -12.10 -6.70 4.69
N VAL A 179 -12.33 -7.97 4.86
CA VAL A 179 -13.67 -8.48 5.07
C VAL A 179 -14.11 -8.30 6.52
N GLU A 180 -15.38 -8.17 6.69
CA GLU A 180 -15.99 -8.08 7.99
C GLU A 180 -16.30 -9.48 8.47
N LYS A 181 -16.77 -10.29 7.56
CA LYS A 181 -17.15 -11.65 7.87
C LYS A 181 -15.94 -12.57 7.82
N GLN A 182 -15.46 -12.95 8.98
CA GLN A 182 -14.32 -13.84 9.08
C GLN A 182 -14.83 -15.27 9.13
N GLY A 1 -3.01 9.53 -19.86
CA GLY A 1 -2.63 8.14 -19.62
C GLY A 1 -3.66 7.49 -18.74
N PRO A 2 -4.07 6.24 -19.03
CA PRO A 2 -5.14 5.56 -18.28
C PRO A 2 -4.74 5.32 -16.82
N ASN A 3 -3.56 4.77 -16.61
CA ASN A 3 -3.04 4.51 -15.28
C ASN A 3 -2.75 5.81 -14.56
N THR A 4 -2.28 6.78 -15.31
CA THR A 4 -1.97 8.09 -14.80
C THR A 4 -3.25 8.77 -14.26
N GLU A 5 -4.28 8.75 -15.07
CA GLU A 5 -5.57 9.34 -14.77
C GLU A 5 -6.21 8.61 -13.58
N PHE A 6 -6.15 7.28 -13.61
CA PHE A 6 -6.67 6.45 -12.53
C PHE A 6 -5.97 6.81 -11.21
N ALA A 7 -4.65 6.90 -11.27
CA ALA A 7 -3.82 7.23 -10.14
C ALA A 7 -4.15 8.60 -9.61
N LEU A 8 -4.21 9.56 -10.50
CA LEU A 8 -4.47 10.97 -10.17
C LEU A 8 -5.83 11.10 -9.44
N SER A 9 -6.83 10.38 -9.93
CA SER A 9 -8.16 10.38 -9.34
C SER A 9 -8.14 9.78 -7.92
N LEU A 10 -7.42 8.68 -7.78
CA LEU A 10 -7.25 7.96 -6.51
C LEU A 10 -6.46 8.84 -5.54
N LEU A 11 -5.41 9.45 -6.08
CA LEU A 11 -4.44 10.29 -5.37
C LEU A 11 -5.09 11.33 -4.51
N ARG A 12 -5.86 12.18 -5.15
CA ARG A 12 -6.40 13.35 -4.49
C ARG A 12 -7.64 13.00 -3.65
N LYS A 13 -7.90 11.72 -3.45
CA LYS A 13 -9.05 11.34 -2.67
C LYS A 13 -8.64 10.45 -1.49
N ASN A 14 -7.97 9.32 -1.76
CA ASN A 14 -7.66 8.37 -0.69
C ASN A 14 -6.16 8.15 -0.50
N ILE A 15 -5.33 8.87 -1.21
CA ILE A 15 -3.89 8.70 -1.05
C ILE A 15 -3.35 9.81 -0.15
N MET A 16 -3.18 9.47 1.11
CA MET A 16 -2.76 10.40 2.13
C MET A 16 -1.28 10.27 2.46
N THR A 17 -0.66 11.41 2.74
CA THR A 17 0.71 11.44 3.22
C THR A 17 0.66 11.14 4.72
N ILE A 18 1.23 10.05 5.14
CA ILE A 18 1.23 9.74 6.55
C ILE A 18 2.64 9.76 7.09
N THR A 19 2.96 10.75 7.86
CA THR A 19 4.23 10.79 8.51
C THR A 19 4.08 10.10 9.86
N THR A 20 4.73 8.98 9.98
CA THR A 20 4.72 8.17 11.16
C THR A 20 5.90 8.54 12.06
N SER A 21 6.31 7.62 12.92
CA SER A 21 7.45 7.82 13.77
C SER A 21 8.74 7.47 12.99
N LYS A 22 8.57 7.08 11.73
CA LYS A 22 9.70 6.71 10.92
C LYS A 22 9.91 7.72 9.78
N GLY A 23 8.86 8.00 9.03
CA GLY A 23 9.00 8.91 7.92
C GLY A 23 7.68 9.18 7.24
N GLU A 24 7.75 9.65 6.04
CA GLU A 24 6.57 10.00 5.27
C GLU A 24 6.21 8.85 4.36
N PHE A 25 5.19 8.16 4.70
CA PHE A 25 4.74 7.04 3.94
C PHE A 25 3.42 7.37 3.30
N THR A 26 3.00 6.53 2.41
CA THR A 26 1.77 6.72 1.75
C THR A 26 0.71 5.83 2.39
N GLY A 27 -0.35 6.45 2.82
CA GLY A 27 -1.44 5.74 3.41
C GLY A 27 -2.56 5.65 2.43
N LEU A 28 -2.92 4.45 2.08
CA LEU A 28 -3.95 4.26 1.10
C LEU A 28 -5.28 3.96 1.79
N GLY A 29 -6.23 4.87 1.64
CA GLY A 29 -7.55 4.66 2.17
C GLY A 29 -8.29 3.66 1.32
N ILE A 30 -8.57 2.50 1.87
CA ILE A 30 -9.21 1.43 1.14
C ILE A 30 -10.72 1.58 1.17
N HIS A 31 -11.25 1.71 2.37
CA HIS A 31 -12.69 1.83 2.55
C HIS A 31 -13.00 2.39 3.91
N ASP A 32 -14.02 3.25 3.98
CA ASP A 32 -14.51 3.82 5.25
C ASP A 32 -13.43 4.62 6.02
N ARG A 33 -12.69 3.97 6.89
CA ARG A 33 -11.61 4.63 7.63
C ARG A 33 -10.40 3.71 7.64
N VAL A 34 -10.50 2.67 6.85
CA VAL A 34 -9.50 1.65 6.72
C VAL A 34 -8.41 2.12 5.78
N CYS A 35 -7.28 2.40 6.35
CA CYS A 35 -6.15 2.83 5.59
C CYS A 35 -5.10 1.75 5.67
N VAL A 36 -4.36 1.57 4.63
CA VAL A 36 -3.34 0.56 4.60
C VAL A 36 -1.95 1.16 4.55
N ILE A 37 -1.05 0.63 5.38
CA ILE A 37 0.31 1.10 5.47
C ILE A 37 1.18 -0.10 5.99
N PRO A 38 2.45 -0.25 5.54
CA PRO A 38 3.34 -1.34 6.00
C PRO A 38 3.68 -1.24 7.51
N THR A 39 3.92 -2.38 8.12
CA THR A 39 4.21 -2.48 9.56
C THR A 39 5.44 -1.67 9.97
N HIS A 40 6.50 -1.73 9.17
CA HIS A 40 7.75 -1.03 9.50
C HIS A 40 7.66 0.49 9.40
N ALA A 41 6.51 1.00 9.00
CA ALA A 41 6.30 2.42 8.97
C ALA A 41 6.12 2.94 10.39
N GLN A 42 5.53 2.08 11.22
CA GLN A 42 5.26 2.34 12.65
C GLN A 42 4.52 3.66 12.95
N PRO A 43 3.19 3.65 12.83
CA PRO A 43 2.35 4.78 13.21
C PRO A 43 2.13 4.80 14.73
N GLY A 44 2.09 5.98 15.31
CA GLY A 44 1.93 6.08 16.75
C GLY A 44 0.50 6.21 17.19
N ASP A 45 0.25 7.10 18.12
CA ASP A 45 -1.10 7.35 18.63
C ASP A 45 -1.79 8.29 17.68
N ASP A 46 -0.99 9.13 17.09
CA ASP A 46 -1.44 10.09 16.12
C ASP A 46 -0.47 10.08 14.99
N VAL A 47 -0.92 10.44 13.84
CA VAL A 47 -0.09 10.52 12.67
C VAL A 47 -0.30 11.85 11.99
N LEU A 48 0.66 12.24 11.20
CA LEU A 48 0.58 13.48 10.48
C LEU A 48 0.14 13.22 9.06
N VAL A 49 -1.11 13.49 8.78
CA VAL A 49 -1.63 13.38 7.45
C VAL A 49 -1.31 14.66 6.71
N ASN A 50 -0.17 14.64 6.05
CA ASN A 50 0.41 15.77 5.29
C ASN A 50 0.72 16.94 6.26
N GLY A 51 0.75 16.63 7.54
CA GLY A 51 1.03 17.62 8.54
C GLY A 51 -0.08 17.73 9.56
N GLN A 52 -1.25 17.22 9.22
CA GLN A 52 -2.41 17.28 10.10
C GLN A 52 -2.40 16.11 11.08
N LYS A 53 -2.36 16.41 12.36
CA LYS A 53 -2.43 15.39 13.39
C LYS A 53 -3.81 14.80 13.49
N ILE A 54 -3.88 13.53 13.26
CA ILE A 54 -5.10 12.81 13.44
C ILE A 54 -4.76 11.56 14.23
N ARG A 55 -5.61 11.19 15.14
CA ARG A 55 -5.33 10.05 15.96
C ARG A 55 -5.71 8.74 15.28
N VAL A 56 -5.09 7.69 15.74
CA VAL A 56 -5.34 6.36 15.25
C VAL A 56 -6.37 5.70 16.17
N LYS A 57 -7.28 4.96 15.59
CA LYS A 57 -8.30 4.30 16.35
C LYS A 57 -7.83 2.88 16.68
N ASP A 58 -7.46 2.14 15.66
CA ASP A 58 -6.99 0.76 15.86
C ASP A 58 -5.93 0.45 14.83
N LYS A 59 -5.20 -0.60 15.01
CA LYS A 59 -4.11 -0.97 14.15
C LYS A 59 -4.13 -2.47 13.98
N TYR A 60 -4.73 -2.95 12.94
CA TYR A 60 -4.79 -4.37 12.73
C TYR A 60 -3.50 -4.80 12.06
N LYS A 61 -2.59 -5.35 12.83
CA LYS A 61 -1.37 -5.88 12.27
C LYS A 61 -1.73 -7.15 11.52
N LEU A 62 -1.78 -7.03 10.23
CA LEU A 62 -2.26 -8.08 9.40
C LEU A 62 -1.16 -9.06 9.14
N VAL A 63 -1.23 -10.13 9.83
CA VAL A 63 -0.34 -11.22 9.67
C VAL A 63 -1.13 -12.34 9.03
N ASP A 64 -0.53 -13.05 8.10
CA ASP A 64 -1.21 -14.14 7.40
C ASP A 64 -1.65 -15.18 8.43
N PRO A 65 -2.85 -15.81 8.28
CA PRO A 65 -3.38 -16.82 9.22
C PRO A 65 -2.43 -18.02 9.49
N GLU A 66 -1.37 -18.14 8.72
CA GLU A 66 -0.38 -19.19 8.91
C GLU A 66 0.83 -18.64 9.73
N ASN A 67 0.68 -17.41 10.22
CA ASN A 67 1.68 -16.69 11.05
C ASN A 67 2.87 -16.19 10.30
N ILE A 68 2.73 -16.00 9.02
CA ILE A 68 3.80 -15.45 8.24
C ILE A 68 3.52 -13.95 8.09
N ASN A 69 4.56 -13.11 8.17
CA ASN A 69 4.35 -11.67 8.10
C ASN A 69 3.85 -11.25 6.75
N LEU A 70 2.85 -10.41 6.75
CA LEU A 70 2.43 -9.78 5.52
C LEU A 70 3.12 -8.43 5.45
N GLU A 71 3.66 -8.02 6.63
CA GLU A 71 4.40 -6.77 6.85
C GLU A 71 3.47 -5.59 6.54
N LEU A 72 2.20 -5.84 6.73
CA LEU A 72 1.17 -4.93 6.38
C LEU A 72 0.31 -4.68 7.61
N THR A 73 -0.11 -3.48 7.80
CA THR A 73 -0.93 -3.14 8.91
C THR A 73 -2.09 -2.27 8.47
N VAL A 74 -3.27 -2.65 8.87
CA VAL A 74 -4.45 -1.91 8.54
C VAL A 74 -4.63 -0.85 9.59
N LEU A 75 -4.41 0.35 9.19
CA LEU A 75 -4.46 1.47 10.05
C LEU A 75 -5.87 1.99 10.07
N THR A 76 -6.51 1.89 11.18
CA THR A 76 -7.82 2.39 11.31
C THR A 76 -7.73 3.82 11.79
N LEU A 77 -7.83 4.73 10.86
CA LEU A 77 -7.72 6.14 11.10
C LEU A 77 -9.05 6.61 11.67
N ASP A 78 -9.05 7.62 12.49
CA ASP A 78 -10.32 8.10 13.03
C ASP A 78 -11.01 8.97 12.00
N ARG A 79 -11.89 8.37 11.26
CA ARG A 79 -12.58 9.06 10.19
C ARG A 79 -14.05 8.81 10.21
N ASN A 80 -14.79 9.82 10.55
CA ASN A 80 -16.22 9.78 10.36
C ASN A 80 -16.46 10.23 8.93
N GLU A 81 -15.52 11.06 8.47
CA GLU A 81 -15.44 11.49 7.10
C GLU A 81 -14.81 10.33 6.32
N LYS A 82 -15.66 9.47 5.82
CA LYS A 82 -15.25 8.22 5.26
C LYS A 82 -14.69 8.32 3.85
N PHE A 83 -13.80 7.40 3.54
CA PHE A 83 -13.20 7.27 2.23
C PHE A 83 -14.11 6.39 1.37
N ARG A 84 -13.95 6.48 0.07
CA ARG A 84 -14.69 5.64 -0.83
C ARG A 84 -14.00 4.30 -0.91
N ASP A 85 -14.76 3.21 -0.95
CA ASP A 85 -14.15 1.92 -1.02
C ASP A 85 -13.64 1.66 -2.42
N ILE A 86 -12.35 1.72 -2.56
CA ILE A 86 -11.68 1.47 -3.84
C ILE A 86 -11.39 -0.03 -3.98
N ARG A 87 -12.09 -0.78 -3.16
CA ARG A 87 -11.99 -2.22 -3.06
C ARG A 87 -12.42 -2.91 -4.37
N GLY A 88 -13.29 -2.26 -5.12
CA GLY A 88 -13.74 -2.82 -6.38
C GLY A 88 -12.67 -2.74 -7.45
N PHE A 89 -11.67 -1.90 -7.21
CA PHE A 89 -10.58 -1.74 -8.15
C PHE A 89 -9.43 -2.67 -7.80
N ILE A 90 -9.57 -3.39 -6.71
CA ILE A 90 -8.56 -4.32 -6.26
C ILE A 90 -8.43 -5.48 -7.24
N SER A 91 -7.22 -5.82 -7.54
CA SER A 91 -6.95 -6.91 -8.39
C SER A 91 -6.02 -7.82 -7.65
N GLU A 92 -6.57 -8.90 -7.15
CA GLU A 92 -5.79 -9.85 -6.43
C GLU A 92 -5.18 -10.87 -7.36
N ASP A 93 -5.59 -10.80 -8.60
CA ASP A 93 -4.99 -11.53 -9.68
C ASP A 93 -3.97 -10.58 -10.28
N LEU A 94 -2.73 -11.00 -10.33
CA LEU A 94 -1.62 -10.07 -10.57
C LEU A 94 -1.00 -10.14 -11.97
N GLU A 95 -0.27 -11.23 -12.21
CA GLU A 95 0.67 -11.38 -13.33
C GLU A 95 0.12 -11.03 -14.71
N GLY A 96 0.93 -10.33 -15.46
CA GLY A 96 0.61 -10.02 -16.84
C GLY A 96 0.28 -8.58 -17.07
N VAL A 97 0.06 -7.84 -16.01
CA VAL A 97 -0.30 -6.45 -16.16
C VAL A 97 0.85 -5.56 -15.70
N ASP A 98 1.02 -4.44 -16.37
CA ASP A 98 2.01 -3.44 -16.02
C ASP A 98 1.46 -2.58 -14.91
N ALA A 99 2.10 -2.62 -13.79
CA ALA A 99 1.65 -1.87 -12.66
C ALA A 99 2.46 -0.60 -12.52
N THR A 100 1.89 0.34 -11.81
CA THR A 100 2.48 1.62 -11.59
C THR A 100 2.47 1.92 -10.08
N LEU A 101 3.59 2.39 -9.58
CA LEU A 101 3.68 2.80 -8.20
C LEU A 101 3.36 4.26 -8.11
N VAL A 102 2.43 4.58 -7.27
CA VAL A 102 2.06 5.95 -7.02
C VAL A 102 2.33 6.24 -5.56
N VAL A 103 3.35 7.01 -5.32
CA VAL A 103 3.77 7.31 -3.96
C VAL A 103 3.45 8.76 -3.65
N HIS A 104 3.14 9.04 -2.41
CA HIS A 104 2.81 10.37 -2.00
C HIS A 104 3.42 10.64 -0.63
N SER A 105 4.45 11.44 -0.61
CA SER A 105 5.04 11.88 0.61
C SER A 105 5.15 13.40 0.56
N ASN A 106 5.83 14.01 1.50
CA ASN A 106 6.03 15.43 1.47
C ASN A 106 7.30 15.72 0.69
N ASN A 107 8.26 14.83 0.84
CA ASN A 107 9.51 14.88 0.06
C ASN A 107 9.20 14.71 -1.42
N PHE A 108 8.36 13.74 -1.72
CA PHE A 108 7.92 13.53 -3.08
C PHE A 108 6.43 13.33 -3.17
N THR A 109 5.76 14.40 -3.47
CA THR A 109 4.34 14.42 -3.65
C THR A 109 3.99 13.99 -5.08
N ASN A 110 3.17 12.93 -5.17
CA ASN A 110 2.66 12.40 -6.44
C ASN A 110 3.76 11.87 -7.35
N THR A 111 4.31 10.78 -6.96
CA THR A 111 5.31 10.13 -7.73
C THR A 111 4.68 8.93 -8.46
N ILE A 112 4.34 9.13 -9.72
CA ILE A 112 3.79 8.08 -10.54
C ILE A 112 4.91 7.43 -11.32
N LEU A 113 5.22 6.21 -10.98
CA LEU A 113 6.31 5.47 -11.59
C LEU A 113 5.85 4.10 -12.08
N GLU A 114 5.76 3.93 -13.38
CA GLU A 114 5.41 2.66 -13.97
C GLU A 114 6.56 1.68 -13.73
N VAL A 115 6.27 0.55 -13.13
CA VAL A 115 7.32 -0.41 -12.82
C VAL A 115 7.37 -1.52 -13.85
N GLY A 116 6.26 -1.81 -14.47
CA GLY A 116 6.24 -2.82 -15.48
C GLY A 116 5.38 -3.98 -15.09
N PRO A 117 5.50 -5.12 -15.78
CA PRO A 117 4.69 -6.30 -15.54
C PRO A 117 4.98 -6.97 -14.21
N VAL A 118 3.95 -7.23 -13.46
CA VAL A 118 4.08 -7.84 -12.17
C VAL A 118 3.88 -9.34 -12.21
N THR A 119 4.35 -10.02 -11.18
CA THR A 119 4.22 -11.45 -10.99
C THR A 119 4.04 -11.73 -9.48
N MET A 120 3.60 -12.92 -9.13
CA MET A 120 3.38 -13.27 -7.73
C MET A 120 4.67 -13.79 -7.11
N ALA A 121 4.94 -13.38 -5.88
CA ALA A 121 6.14 -13.80 -5.19
C ALA A 121 5.84 -14.85 -4.12
N GLY A 122 4.75 -14.65 -3.42
CA GLY A 122 4.37 -15.59 -2.40
C GLY A 122 5.16 -15.40 -1.13
N LEU A 123 5.98 -16.38 -0.81
CA LEU A 123 6.83 -16.34 0.38
C LEU A 123 8.20 -15.80 0.02
N ILE A 124 8.58 -14.73 0.65
CA ILE A 124 9.86 -14.10 0.44
C ILE A 124 10.50 -13.82 1.80
N ASN A 125 11.76 -14.13 1.93
CA ASN A 125 12.47 -13.79 3.14
C ASN A 125 13.16 -12.48 2.94
N LEU A 126 12.46 -11.42 3.17
CA LEU A 126 12.96 -10.10 2.92
C LEU A 126 13.70 -9.59 4.14
N SER A 127 15.03 -9.57 4.04
CA SER A 127 15.92 -9.09 5.09
C SER A 127 15.77 -9.94 6.37
N SER A 128 15.61 -11.26 6.16
CA SER A 128 15.46 -12.26 7.22
C SER A 128 14.04 -12.21 7.84
N THR A 129 13.15 -11.48 7.24
CA THR A 129 11.79 -11.44 7.69
C THR A 129 10.93 -12.19 6.67
N PRO A 130 10.31 -13.31 7.09
CA PRO A 130 9.48 -14.09 6.20
C PRO A 130 8.16 -13.40 5.91
N THR A 131 8.03 -12.90 4.72
CA THR A 131 6.85 -12.23 4.30
C THR A 131 6.09 -13.08 3.28
N ASN A 132 4.80 -13.17 3.46
CA ASN A 132 3.95 -13.94 2.57
C ASN A 132 3.08 -13.01 1.80
N ARG A 133 2.47 -13.53 0.73
CA ARG A 133 1.48 -12.83 -0.09
C ARG A 133 2.16 -11.65 -0.79
N MET A 134 3.44 -11.80 -1.02
CA MET A 134 4.24 -10.78 -1.65
C MET A 134 4.03 -10.83 -3.17
N ILE A 135 4.17 -9.69 -3.78
CA ILE A 135 4.14 -9.55 -5.22
C ILE A 135 5.53 -9.07 -5.68
N ARG A 136 6.00 -9.57 -6.80
CA ARG A 136 7.36 -9.35 -7.27
C ARG A 136 7.38 -8.82 -8.68
N TYR A 137 8.27 -7.89 -8.91
CA TYR A 137 8.50 -7.32 -10.22
C TYR A 137 9.94 -6.90 -10.36
N ASP A 138 10.48 -7.07 -11.53
CA ASP A 138 11.85 -6.68 -11.84
C ASP A 138 11.88 -5.27 -12.36
N TYR A 139 12.38 -4.40 -11.52
CA TYR A 139 12.54 -3.00 -11.83
C TYR A 139 13.29 -2.39 -10.67
N ALA A 140 14.24 -1.54 -10.94
CA ALA A 140 15.00 -0.93 -9.89
C ALA A 140 14.17 0.12 -9.18
N THR A 141 13.51 -0.31 -8.14
CA THR A 141 12.70 0.52 -7.31
C THR A 141 13.63 1.30 -6.36
N LYS A 142 13.10 2.30 -5.71
CA LYS A 142 13.90 3.13 -4.83
C LYS A 142 13.31 3.08 -3.43
N THR A 143 14.09 3.47 -2.47
CA THR A 143 13.63 3.49 -1.12
C THR A 143 12.74 4.73 -0.89
N GLY A 144 11.84 4.63 0.06
CA GLY A 144 10.95 5.72 0.36
C GLY A 144 9.60 5.52 -0.31
N GLN A 145 9.52 4.53 -1.17
CA GLN A 145 8.30 4.25 -1.91
C GLN A 145 7.40 3.29 -1.14
N CYS A 146 7.83 2.96 0.05
CA CYS A 146 7.09 2.11 0.96
C CYS A 146 5.72 2.75 1.24
N GLY A 147 4.66 2.02 0.93
CA GLY A 147 3.33 2.55 1.11
C GLY A 147 2.71 3.00 -0.20
N GLY A 148 3.54 3.11 -1.23
CA GLY A 148 3.08 3.54 -2.53
C GLY A 148 2.18 2.52 -3.16
N VAL A 149 1.05 2.96 -3.66
CA VAL A 149 0.06 2.09 -4.26
C VAL A 149 0.54 1.53 -5.59
N LEU A 150 0.54 0.24 -5.67
CA LEU A 150 0.91 -0.48 -6.84
C LEU A 150 -0.36 -0.74 -7.59
N CYS A 151 -0.62 0.06 -8.57
CA CYS A 151 -1.87 -0.02 -9.28
C CYS A 151 -1.66 0.19 -10.75
N ALA A 152 -2.57 -0.32 -11.50
CA ALA A 152 -2.62 -0.15 -12.91
C ALA A 152 -3.95 0.50 -13.20
N THR A 153 -4.31 0.65 -14.45
CA THR A 153 -5.53 1.32 -14.82
C THR A 153 -6.81 0.46 -14.50
N GLY A 154 -7.20 0.50 -13.24
CA GLY A 154 -8.37 -0.23 -12.79
C GLY A 154 -8.01 -1.46 -12.01
N LYS A 155 -6.74 -1.61 -11.68
CA LYS A 155 -6.27 -2.75 -10.94
C LYS A 155 -5.27 -2.36 -9.86
N ILE A 156 -5.71 -2.35 -8.62
CA ILE A 156 -4.80 -2.12 -7.50
C ILE A 156 -4.34 -3.47 -6.99
N PHE A 157 -3.05 -3.69 -7.03
CA PHE A 157 -2.50 -4.98 -6.64
C PHE A 157 -2.08 -4.96 -5.18
N GLY A 158 -1.61 -3.81 -4.73
CA GLY A 158 -1.19 -3.67 -3.38
C GLY A 158 -0.39 -2.43 -3.19
N ILE A 159 0.56 -2.47 -2.27
CA ILE A 159 1.44 -1.33 -2.00
C ILE A 159 2.87 -1.81 -1.86
N HIS A 160 3.81 -0.96 -2.25
CA HIS A 160 5.24 -1.28 -2.19
C HIS A 160 5.71 -1.41 -0.74
N VAL A 161 6.45 -2.46 -0.46
CA VAL A 161 6.96 -2.71 0.86
C VAL A 161 8.47 -2.46 0.91
N GLY A 162 9.21 -3.19 0.10
CA GLY A 162 10.65 -3.04 0.09
C GLY A 162 11.24 -3.56 -1.19
N GLY A 163 12.37 -3.04 -1.58
CA GLY A 163 12.99 -3.45 -2.80
C GLY A 163 14.30 -4.11 -2.54
N ASN A 164 14.46 -5.30 -3.04
CA ASN A 164 15.67 -6.04 -2.86
C ASN A 164 16.36 -6.14 -4.21
N GLY A 165 17.30 -5.26 -4.43
CA GLY A 165 17.99 -5.19 -5.69
C GLY A 165 17.07 -4.71 -6.78
N ARG A 166 16.78 -5.59 -7.71
CA ARG A 166 15.88 -5.30 -8.81
C ARG A 166 14.51 -5.87 -8.54
N GLN A 167 14.40 -6.62 -7.47
CA GLN A 167 13.16 -7.24 -7.15
C GLN A 167 12.38 -6.41 -6.16
N GLY A 168 11.40 -5.71 -6.65
CA GLY A 168 10.55 -4.92 -5.81
C GLY A 168 9.48 -5.78 -5.23
N PHE A 169 9.43 -5.86 -3.93
CA PHE A 169 8.46 -6.66 -3.25
C PHE A 169 7.40 -5.78 -2.65
N SER A 170 6.20 -6.04 -3.01
CA SER A 170 5.10 -5.31 -2.51
C SER A 170 4.11 -6.28 -1.87
N ALA A 171 3.18 -5.78 -1.12
CA ALA A 171 2.21 -6.62 -0.46
C ALA A 171 0.94 -6.64 -1.26
N GLN A 172 0.42 -7.83 -1.50
CA GLN A 172 -0.83 -8.00 -2.20
C GLN A 172 -1.96 -7.61 -1.30
N LEU A 173 -2.73 -6.67 -1.71
CA LEU A 173 -3.88 -6.29 -0.97
C LEU A 173 -5.05 -7.02 -1.55
N LYS A 174 -5.24 -8.23 -1.08
CA LYS A 174 -6.27 -9.12 -1.57
C LYS A 174 -7.61 -8.62 -1.07
N LYS A 175 -8.66 -8.79 -1.87
CA LYS A 175 -9.99 -8.30 -1.51
C LYS A 175 -10.49 -9.07 -0.30
N GLN A 176 -9.94 -10.26 -0.15
CA GLN A 176 -10.15 -11.18 0.95
C GLN A 176 -9.99 -10.48 2.31
N TYR A 177 -9.02 -9.57 2.40
CA TYR A 177 -8.74 -8.91 3.67
C TYR A 177 -9.66 -7.72 3.90
N PHE A 178 -10.42 -7.36 2.89
CA PHE A 178 -11.24 -6.16 2.97
C PHE A 178 -12.69 -6.50 2.73
N VAL A 179 -13.04 -7.77 2.87
CA VAL A 179 -14.41 -8.21 2.67
C VAL A 179 -15.35 -7.53 3.66
N GLU A 180 -16.45 -7.09 3.12
CA GLU A 180 -17.43 -6.33 3.84
C GLU A 180 -18.31 -7.27 4.68
N LYS A 181 -18.42 -8.51 4.23
CA LYS A 181 -19.12 -9.52 4.97
C LYS A 181 -18.13 -10.50 5.59
N GLN A 182 -18.20 -10.66 6.88
CA GLN A 182 -17.31 -11.55 7.58
C GLN A 182 -18.10 -12.34 8.58
N GLY A 1 -1.89 7.52 -19.90
CA GLY A 1 -2.93 6.58 -20.31
C GLY A 1 -4.08 6.57 -19.32
N PRO A 2 -5.01 5.60 -19.41
CA PRO A 2 -6.16 5.50 -18.49
C PRO A 2 -5.70 5.25 -17.05
N ASN A 3 -4.54 4.62 -16.93
CA ASN A 3 -3.92 4.33 -15.66
C ASN A 3 -3.50 5.63 -14.97
N THR A 4 -3.09 6.60 -15.78
CA THR A 4 -2.68 7.89 -15.31
C THR A 4 -3.89 8.65 -14.73
N GLU A 5 -5.02 8.58 -15.43
CA GLU A 5 -6.25 9.23 -15.01
C GLU A 5 -6.74 8.62 -13.70
N PHE A 6 -6.68 7.29 -13.62
CA PHE A 6 -7.09 6.59 -12.42
C PHE A 6 -6.25 6.99 -11.23
N ALA A 7 -4.93 7.05 -11.42
CA ALA A 7 -4.00 7.43 -10.36
C ALA A 7 -4.23 8.87 -9.90
N LEU A 8 -4.58 9.73 -10.85
CA LEU A 8 -4.80 11.14 -10.58
C LEU A 8 -6.07 11.32 -9.75
N SER A 9 -7.12 10.61 -10.10
CA SER A 9 -8.37 10.69 -9.38
C SER A 9 -8.28 9.98 -8.01
N LEU A 10 -7.52 8.88 -7.97
CA LEU A 10 -7.26 8.13 -6.74
C LEU A 10 -6.53 9.02 -5.73
N LEU A 11 -5.59 9.82 -6.24
CA LEU A 11 -4.71 10.70 -5.47
C LEU A 11 -5.46 11.57 -4.45
N ARG A 12 -6.35 12.41 -4.93
CA ARG A 12 -7.01 13.41 -4.06
C ARG A 12 -8.17 12.82 -3.26
N LYS A 13 -8.27 11.52 -3.23
CA LYS A 13 -9.35 10.87 -2.52
C LYS A 13 -8.81 9.82 -1.56
N ASN A 14 -8.02 8.92 -2.08
CA ASN A 14 -7.58 7.77 -1.34
C ASN A 14 -6.13 7.84 -0.91
N ILE A 15 -5.41 8.81 -1.41
CA ILE A 15 -4.01 8.95 -1.08
C ILE A 15 -3.79 10.09 -0.10
N MET A 16 -3.14 9.80 1.00
CA MET A 16 -2.82 10.81 1.98
C MET A 16 -1.46 10.55 2.60
N THR A 17 -0.69 11.60 2.72
CA THR A 17 0.61 11.58 3.35
C THR A 17 0.44 11.31 4.86
N ILE A 18 1.22 10.40 5.38
CA ILE A 18 1.16 10.04 6.77
C ILE A 18 2.55 10.13 7.40
N THR A 19 2.71 11.08 8.30
CA THR A 19 3.94 11.20 9.04
C THR A 19 3.95 10.13 10.14
N THR A 20 4.72 9.10 9.93
CA THR A 20 4.82 8.01 10.87
C THR A 20 5.96 8.29 11.86
N SER A 21 6.37 7.27 12.58
CA SER A 21 7.46 7.40 13.50
C SER A 21 8.82 7.23 12.78
N LYS A 22 8.78 6.84 11.52
CA LYS A 22 10.00 6.71 10.77
C LYS A 22 10.12 7.81 9.73
N GLY A 23 9.08 8.06 8.98
CA GLY A 23 9.14 9.08 7.95
C GLY A 23 7.79 9.46 7.44
N GLU A 24 7.75 10.26 6.43
CA GLU A 24 6.49 10.67 5.87
C GLU A 24 6.20 9.83 4.66
N PHE A 25 5.41 8.84 4.87
CA PHE A 25 5.04 7.91 3.84
C PHE A 25 3.63 8.23 3.44
N THR A 26 3.06 7.44 2.61
CA THR A 26 1.71 7.66 2.20
C THR A 26 0.88 6.44 2.46
N GLY A 27 -0.35 6.67 2.81
CA GLY A 27 -1.24 5.61 3.06
C GLY A 27 -2.33 5.61 2.07
N LEU A 28 -2.86 4.46 1.78
CA LEU A 28 -3.94 4.34 0.86
C LEU A 28 -5.20 4.01 1.63
N GLY A 29 -6.17 4.89 1.54
CA GLY A 29 -7.44 4.64 2.15
C GLY A 29 -8.24 3.72 1.27
N ILE A 30 -8.60 2.59 1.79
CA ILE A 30 -9.29 1.59 0.99
C ILE A 30 -10.78 1.91 0.95
N HIS A 31 -11.35 2.14 2.12
CA HIS A 31 -12.76 2.49 2.25
C HIS A 31 -13.03 2.92 3.66
N ASP A 32 -14.10 3.70 3.85
CA ASP A 32 -14.55 4.17 5.18
C ASP A 32 -13.46 4.87 5.97
N ARG A 33 -12.77 4.14 6.79
CA ARG A 33 -11.71 4.65 7.63
C ARG A 33 -10.55 3.65 7.63
N VAL A 34 -10.65 2.69 6.73
CA VAL A 34 -9.70 1.61 6.60
C VAL A 34 -8.58 2.05 5.68
N CYS A 35 -7.41 2.20 6.23
CA CYS A 35 -6.28 2.68 5.46
C CYS A 35 -5.09 1.74 5.64
N VAL A 36 -4.21 1.68 4.68
CA VAL A 36 -3.06 0.79 4.77
C VAL A 36 -1.74 1.55 4.81
N ILE A 37 -0.77 0.98 5.49
CA ILE A 37 0.56 1.54 5.64
C ILE A 37 1.53 0.32 5.86
N PRO A 38 2.81 0.39 5.42
CA PRO A 38 3.78 -0.68 5.70
C PRO A 38 4.12 -0.78 7.20
N THR A 39 4.40 -1.98 7.68
CA THR A 39 4.68 -2.22 9.09
C THR A 39 5.99 -1.53 9.56
N HIS A 40 7.03 -1.60 8.73
CA HIS A 40 8.34 -0.99 9.03
C HIS A 40 8.30 0.53 9.09
N ALA A 41 7.20 1.13 8.63
CA ALA A 41 7.04 2.57 8.66
C ALA A 41 6.83 3.03 10.09
N GLN A 42 6.30 2.12 10.89
CA GLN A 42 6.02 2.34 12.31
C GLN A 42 5.00 3.45 12.54
N PRO A 43 3.71 3.09 12.52
CA PRO A 43 2.66 4.01 12.82
C PRO A 43 2.48 4.15 14.33
N GLY A 44 2.02 5.29 14.76
CA GLY A 44 1.81 5.50 16.16
C GLY A 44 0.34 5.46 16.47
N ASP A 45 -0.02 5.85 17.67
CA ASP A 45 -1.41 5.88 18.07
C ASP A 45 -2.14 7.09 17.52
N ASP A 46 -1.37 8.01 17.02
CA ASP A 46 -1.88 9.15 16.29
C ASP A 46 -0.85 9.52 15.28
N VAL A 47 -1.28 9.84 14.10
CA VAL A 47 -0.37 10.18 13.03
C VAL A 47 -0.81 11.46 12.37
N LEU A 48 0.09 12.08 11.66
CA LEU A 48 -0.23 13.31 10.96
C LEU A 48 -0.62 12.96 9.55
N VAL A 49 -1.89 13.08 9.28
CA VAL A 49 -2.39 12.83 7.98
C VAL A 49 -2.36 14.13 7.15
N ASN A 50 -1.18 14.36 6.58
CA ASN A 50 -0.83 15.55 5.78
C ASN A 50 -0.92 16.82 6.64
N GLY A 51 -0.87 16.64 7.95
CA GLY A 51 -0.90 17.74 8.87
C GLY A 51 -1.86 17.48 10.00
N GLN A 52 -3.05 17.04 9.66
CA GLN A 52 -4.08 16.76 10.65
C GLN A 52 -3.67 15.59 11.51
N LYS A 53 -3.64 15.76 12.80
CA LYS A 53 -3.33 14.66 13.65
C LYS A 53 -4.57 13.81 13.82
N ILE A 54 -4.47 12.57 13.48
CA ILE A 54 -5.57 11.69 13.62
C ILE A 54 -5.18 10.54 14.52
N ARG A 55 -5.96 10.33 15.55
CA ARG A 55 -5.76 9.22 16.40
C ARG A 55 -6.19 7.96 15.69
N VAL A 56 -5.28 7.05 15.60
CA VAL A 56 -5.52 5.81 14.96
C VAL A 56 -5.94 4.86 16.03
N LYS A 57 -7.14 4.37 15.93
CA LYS A 57 -7.69 3.53 16.94
C LYS A 57 -6.98 2.17 16.97
N ASP A 58 -7.23 1.36 15.99
CA ASP A 58 -6.65 0.03 15.95
C ASP A 58 -5.59 -0.06 14.91
N LYS A 59 -4.58 -0.85 15.19
CA LYS A 59 -3.47 -1.04 14.29
C LYS A 59 -3.50 -2.50 13.89
N TYR A 60 -3.95 -2.80 12.73
CA TYR A 60 -4.01 -4.17 12.32
C TYR A 60 -2.73 -4.54 11.64
N LYS A 61 -1.82 -5.09 12.40
CA LYS A 61 -0.59 -5.60 11.84
C LYS A 61 -0.98 -6.84 11.08
N LEU A 62 -1.12 -6.68 9.80
CA LEU A 62 -1.72 -7.66 8.97
C LEU A 62 -0.80 -8.81 8.69
N VAL A 63 -1.13 -9.89 9.31
CA VAL A 63 -0.50 -11.12 9.10
C VAL A 63 -1.51 -12.05 8.49
N ASP A 64 -1.03 -12.97 7.71
CA ASP A 64 -1.87 -13.97 7.10
C ASP A 64 -2.35 -14.87 8.22
N PRO A 65 -3.63 -15.31 8.21
CA PRO A 65 -4.22 -16.13 9.29
C PRO A 65 -3.41 -17.36 9.68
N GLU A 66 -2.53 -17.84 8.80
CA GLU A 66 -1.72 -19.01 9.10
C GLU A 66 -0.41 -18.61 9.82
N ASN A 67 -0.35 -17.34 10.21
CA ASN A 67 0.75 -16.71 10.96
C ASN A 67 1.98 -16.51 10.10
N ILE A 68 1.85 -15.61 9.15
CA ILE A 68 2.91 -15.21 8.24
C ILE A 68 2.71 -13.71 8.02
N ASN A 69 3.77 -12.94 7.82
CA ASN A 69 3.62 -11.46 7.73
C ASN A 69 3.40 -11.01 6.33
N LEU A 70 2.78 -9.85 6.18
CA LEU A 70 2.60 -9.24 4.86
C LEU A 70 3.43 -7.97 4.75
N GLU A 71 3.96 -7.50 5.91
CA GLU A 71 4.72 -6.24 6.01
C GLU A 71 3.75 -5.07 5.76
N LEU A 72 2.49 -5.36 6.05
CA LEU A 72 1.40 -4.49 5.81
C LEU A 72 0.63 -4.27 7.10
N THR A 73 0.16 -3.09 7.32
CA THR A 73 -0.60 -2.75 8.48
C THR A 73 -1.80 -1.90 8.08
N VAL A 74 -2.95 -2.25 8.61
CA VAL A 74 -4.16 -1.52 8.33
C VAL A 74 -4.47 -0.62 9.53
N LEU A 75 -4.63 0.64 9.27
CA LEU A 75 -4.89 1.61 10.31
C LEU A 75 -6.33 2.03 10.26
N THR A 76 -6.92 2.15 11.42
CA THR A 76 -8.26 2.67 11.52
C THR A 76 -8.19 4.15 11.90
N LEU A 77 -8.32 5.01 10.91
CA LEU A 77 -8.29 6.44 11.15
C LEU A 77 -9.65 6.85 11.64
N ASP A 78 -9.75 7.10 12.92
CA ASP A 78 -11.05 7.36 13.51
C ASP A 78 -11.51 8.79 13.31
N ARG A 79 -12.26 8.99 12.26
CA ARG A 79 -12.83 10.29 11.95
C ARG A 79 -14.18 10.07 11.29
N ASN A 80 -14.90 11.15 11.02
CA ASN A 80 -16.23 11.04 10.41
C ASN A 80 -16.16 11.05 8.89
N GLU A 81 -15.08 11.58 8.31
CA GLU A 81 -14.94 11.58 6.88
C GLU A 81 -14.49 10.22 6.39
N LYS A 82 -15.27 9.65 5.51
CA LYS A 82 -15.03 8.35 4.99
C LYS A 82 -14.40 8.40 3.61
N PHE A 83 -13.47 7.51 3.41
CA PHE A 83 -12.72 7.41 2.17
C PHE A 83 -13.56 6.76 1.08
N ARG A 84 -13.18 7.04 -0.15
CA ARG A 84 -13.80 6.47 -1.33
C ARG A 84 -13.55 4.98 -1.34
N ASP A 85 -14.57 4.20 -1.55
CA ASP A 85 -14.44 2.75 -1.56
C ASP A 85 -13.76 2.23 -2.81
N ILE A 86 -12.48 2.06 -2.75
CA ILE A 86 -11.75 1.53 -3.89
C ILE A 86 -11.57 0.03 -3.73
N ARG A 87 -12.43 -0.55 -2.91
CA ARG A 87 -12.33 -1.96 -2.55
C ARG A 87 -12.70 -2.84 -3.76
N GLY A 88 -13.58 -2.34 -4.60
CA GLY A 88 -13.96 -3.06 -5.80
C GLY A 88 -12.95 -2.91 -6.91
N PHE A 89 -11.96 -2.05 -6.69
CA PHE A 89 -10.91 -1.84 -7.67
C PHE A 89 -9.69 -2.66 -7.29
N ILE A 90 -9.78 -3.36 -6.18
CA ILE A 90 -8.71 -4.20 -5.72
C ILE A 90 -8.50 -5.38 -6.66
N SER A 91 -7.34 -5.43 -7.26
CA SER A 91 -7.00 -6.45 -8.18
C SER A 91 -6.10 -7.41 -7.44
N GLU A 92 -6.63 -8.56 -7.15
CA GLU A 92 -5.90 -9.59 -6.45
C GLU A 92 -5.18 -10.45 -7.48
N ASP A 93 -5.48 -10.15 -8.71
CA ASP A 93 -4.88 -10.74 -9.86
C ASP A 93 -3.79 -9.79 -10.26
N LEU A 94 -2.59 -10.26 -10.22
CA LEU A 94 -1.45 -9.40 -10.38
C LEU A 94 -0.67 -9.76 -11.63
N GLU A 95 -0.19 -10.99 -11.64
CA GLU A 95 0.77 -11.45 -12.60
C GLU A 95 0.23 -11.45 -14.01
N GLY A 96 0.90 -10.70 -14.85
CA GLY A 96 0.51 -10.60 -16.23
C GLY A 96 -0.02 -9.22 -16.57
N VAL A 97 -0.46 -8.52 -15.56
CA VAL A 97 -1.00 -7.19 -15.75
C VAL A 97 0.13 -6.17 -15.59
N ASP A 98 0.09 -5.15 -16.42
CA ASP A 98 1.05 -4.06 -16.34
C ASP A 98 0.62 -3.13 -15.24
N ALA A 99 1.49 -2.89 -14.31
CA ALA A 99 1.18 -2.06 -13.20
C ALA A 99 1.94 -0.76 -13.25
N THR A 100 1.42 0.19 -12.56
CA THR A 100 1.99 1.49 -12.46
C THR A 100 2.21 1.82 -10.98
N LEU A 101 3.42 2.13 -10.64
CA LEU A 101 3.75 2.47 -9.30
C LEU A 101 3.71 3.97 -9.15
N VAL A 102 2.83 4.45 -8.35
CA VAL A 102 2.77 5.84 -8.09
C VAL A 102 3.67 6.16 -6.92
N VAL A 103 4.81 6.72 -7.21
CA VAL A 103 5.76 7.09 -6.20
C VAL A 103 5.38 8.45 -5.65
N HIS A 104 5.03 8.48 -4.39
CA HIS A 104 4.57 9.67 -3.74
C HIS A 104 4.88 9.54 -2.24
N SER A 105 4.97 10.67 -1.61
CA SER A 105 5.22 10.83 -0.20
C SER A 105 5.11 12.33 0.03
N ASN A 106 5.78 12.88 1.01
CA ASN A 106 5.80 14.33 1.15
C ASN A 106 6.89 14.89 0.25
N ASN A 107 7.89 14.06 0.00
CA ASN A 107 9.04 14.41 -0.81
C ASN A 107 8.75 14.14 -2.27
N PHE A 108 8.24 12.96 -2.54
CA PHE A 108 7.91 12.57 -3.89
C PHE A 108 6.45 12.88 -4.11
N THR A 109 6.08 13.29 -5.26
CA THR A 109 4.69 13.55 -5.51
C THR A 109 4.37 13.27 -6.96
N ASN A 110 3.37 12.41 -7.17
CA ASN A 110 2.81 12.11 -8.48
C ASN A 110 3.82 11.57 -9.46
N THR A 111 4.81 10.87 -8.96
CA THR A 111 5.75 10.25 -9.83
C THR A 111 5.18 8.90 -10.30
N ILE A 112 4.43 9.00 -11.37
CA ILE A 112 3.78 7.87 -11.98
C ILE A 112 4.80 7.07 -12.77
N LEU A 113 5.23 5.98 -12.19
CA LEU A 113 6.24 5.14 -12.76
C LEU A 113 5.63 3.82 -13.22
N GLU A 114 5.44 3.71 -14.50
CA GLU A 114 4.90 2.50 -15.07
C GLU A 114 6.00 1.44 -15.09
N VAL A 115 5.75 0.31 -14.44
CA VAL A 115 6.79 -0.71 -14.28
C VAL A 115 6.57 -1.90 -15.21
N GLY A 116 5.42 -1.95 -15.84
CA GLY A 116 5.14 -3.03 -16.74
C GLY A 116 4.52 -4.21 -16.03
N PRO A 117 4.68 -5.43 -16.55
CA PRO A 117 4.05 -6.61 -15.99
C PRO A 117 4.63 -6.99 -14.63
N VAL A 118 3.77 -7.11 -13.67
CA VAL A 118 4.16 -7.51 -12.35
C VAL A 118 4.02 -9.02 -12.20
N THR A 119 4.70 -9.57 -11.22
CA THR A 119 4.69 -11.00 -11.01
C THR A 119 4.42 -11.33 -9.54
N MET A 120 3.98 -12.55 -9.29
CA MET A 120 3.71 -12.99 -7.94
C MET A 120 5.00 -13.37 -7.24
N ALA A 121 5.33 -12.67 -6.17
CA ALA A 121 6.50 -13.00 -5.39
C ALA A 121 6.21 -14.23 -4.57
N GLY A 122 5.01 -14.24 -4.01
CA GLY A 122 4.57 -15.36 -3.22
C GLY A 122 4.93 -15.18 -1.78
N LEU A 123 5.98 -15.84 -1.38
CA LEU A 123 6.45 -15.79 -0.03
C LEU A 123 7.93 -15.48 -0.09
N ILE A 124 8.42 -14.75 0.87
CA ILE A 124 9.80 -14.41 0.95
C ILE A 124 10.24 -14.53 2.41
N ASN A 125 11.39 -15.07 2.63
CA ASN A 125 11.88 -15.26 3.98
C ASN A 125 12.87 -14.17 4.30
N LEU A 126 12.53 -13.35 5.24
CA LEU A 126 13.36 -12.26 5.65
C LEU A 126 13.88 -12.50 7.06
N SER A 127 15.02 -13.17 7.15
CA SER A 127 15.68 -13.51 8.42
C SER A 127 14.73 -14.18 9.44
N SER A 128 14.43 -15.45 9.20
CA SER A 128 13.57 -16.28 10.07
C SER A 128 12.10 -15.77 10.08
N THR A 129 11.82 -14.75 9.29
CA THR A 129 10.51 -14.16 9.28
C THR A 129 9.87 -14.36 7.90
N PRO A 130 8.95 -15.32 7.77
CA PRO A 130 8.28 -15.55 6.52
C PRO A 130 7.29 -14.42 6.22
N THR A 131 7.38 -13.88 5.05
CA THR A 131 6.50 -12.86 4.61
C THR A 131 5.78 -13.40 3.36
N ASN A 132 4.50 -13.24 3.31
CA ASN A 132 3.70 -13.80 2.24
C ASN A 132 2.80 -12.71 1.70
N ARG A 133 2.12 -13.00 0.58
CA ARG A 133 1.19 -12.07 -0.09
C ARG A 133 1.98 -10.86 -0.59
N MET A 134 3.13 -11.14 -1.13
CA MET A 134 3.97 -10.11 -1.66
C MET A 134 4.00 -10.20 -3.19
N ILE A 135 4.16 -9.08 -3.83
CA ILE A 135 4.23 -8.97 -5.27
C ILE A 135 5.63 -8.50 -5.67
N ARG A 136 6.11 -8.94 -6.83
CA ARG A 136 7.47 -8.64 -7.27
C ARG A 136 7.47 -8.05 -8.67
N TYR A 137 8.37 -7.13 -8.87
CA TYR A 137 8.67 -6.57 -10.17
C TYR A 137 10.12 -6.19 -10.19
N ASP A 138 10.82 -6.49 -11.25
CA ASP A 138 12.23 -6.19 -11.30
C ASP A 138 12.47 -4.76 -11.72
N TYR A 139 12.55 -3.95 -10.74
CA TYR A 139 12.91 -2.60 -10.86
C TYR A 139 13.44 -2.20 -9.51
N ALA A 140 14.64 -1.67 -9.49
CA ALA A 140 15.27 -1.27 -8.27
C ALA A 140 14.62 0.00 -7.72
N THR A 141 13.62 -0.19 -6.92
CA THR A 141 12.94 0.89 -6.28
C THR A 141 13.75 1.37 -5.07
N LYS A 142 13.36 2.47 -4.50
CA LYS A 142 14.11 3.05 -3.41
C LYS A 142 13.35 2.93 -2.11
N THR A 143 14.08 2.67 -1.05
CA THR A 143 13.52 2.62 0.27
C THR A 143 13.16 4.06 0.66
N GLY A 144 11.94 4.26 1.05
CA GLY A 144 11.46 5.60 1.34
C GLY A 144 10.23 5.87 0.52
N GLN A 145 10.12 5.17 -0.59
CA GLN A 145 8.97 5.23 -1.50
C GLN A 145 7.92 4.23 -1.00
N CYS A 146 7.99 3.93 0.25
CA CYS A 146 7.13 2.97 0.88
C CYS A 146 5.76 3.60 1.07
N GLY A 147 4.75 2.91 0.64
CA GLY A 147 3.43 3.49 0.68
C GLY A 147 3.03 3.97 -0.69
N GLY A 148 3.91 3.75 -1.65
CA GLY A 148 3.61 4.04 -3.02
C GLY A 148 2.57 3.06 -3.51
N VAL A 149 1.60 3.54 -4.22
CA VAL A 149 0.50 2.71 -4.64
C VAL A 149 0.78 2.08 -5.97
N LEU A 150 0.78 0.78 -5.98
CA LEU A 150 0.98 0.03 -7.18
C LEU A 150 -0.40 -0.25 -7.73
N CYS A 151 -0.73 0.42 -8.78
CA CYS A 151 -2.06 0.35 -9.32
C CYS A 151 -2.04 0.37 -10.84
N ALA A 152 -3.20 0.34 -11.40
CA ALA A 152 -3.43 0.42 -12.80
C ALA A 152 -4.87 0.86 -12.97
N THR A 153 -5.35 0.93 -14.18
CA THR A 153 -6.69 1.40 -14.47
C THR A 153 -7.77 0.52 -13.79
N GLY A 154 -8.30 1.02 -12.67
CA GLY A 154 -9.34 0.32 -11.92
C GLY A 154 -8.80 -0.87 -11.18
N LYS A 155 -7.51 -0.84 -10.90
CA LYS A 155 -6.83 -1.97 -10.29
C LYS A 155 -5.82 -1.50 -9.27
N ILE A 156 -6.02 -1.79 -8.01
CA ILE A 156 -4.99 -1.59 -7.02
C ILE A 156 -4.42 -2.96 -6.71
N PHE A 157 -3.12 -3.10 -6.82
CA PHE A 157 -2.46 -4.36 -6.54
C PHE A 157 -1.93 -4.38 -5.13
N GLY A 158 -1.43 -3.25 -4.70
CA GLY A 158 -0.92 -3.13 -3.37
C GLY A 158 -0.09 -1.90 -3.20
N ILE A 159 0.73 -1.90 -2.19
CA ILE A 159 1.60 -0.77 -1.91
C ILE A 159 3.03 -1.22 -1.81
N HIS A 160 3.92 -0.36 -2.26
CA HIS A 160 5.34 -0.62 -2.28
C HIS A 160 5.92 -0.74 -0.87
N VAL A 161 6.69 -1.80 -0.65
CA VAL A 161 7.34 -2.07 0.60
C VAL A 161 8.78 -1.55 0.55
N GLY A 162 9.52 -2.02 -0.42
CA GLY A 162 10.88 -1.60 -0.55
C GLY A 162 11.56 -2.36 -1.64
N GLY A 163 12.68 -1.86 -2.07
CA GLY A 163 13.42 -2.50 -3.09
C GLY A 163 14.53 -3.27 -2.48
N ASN A 164 14.59 -4.53 -2.79
CA ASN A 164 15.63 -5.38 -2.28
C ASN A 164 16.52 -5.76 -3.44
N GLY A 165 17.40 -4.87 -3.75
CA GLY A 165 18.27 -5.05 -4.87
C GLY A 165 17.59 -4.59 -6.13
N ARG A 166 17.50 -5.47 -7.08
CA ARG A 166 16.88 -5.18 -8.37
C ARG A 166 15.39 -5.48 -8.30
N GLN A 167 14.98 -6.18 -7.28
CA GLN A 167 13.59 -6.56 -7.16
C GLN A 167 12.85 -5.62 -6.25
N GLY A 168 11.80 -5.03 -6.77
CA GLY A 168 10.96 -4.20 -5.99
C GLY A 168 9.85 -5.04 -5.43
N PHE A 169 9.74 -5.04 -4.13
CA PHE A 169 8.74 -5.84 -3.48
C PHE A 169 7.65 -4.98 -2.90
N SER A 170 6.43 -5.39 -3.11
CA SER A 170 5.30 -4.67 -2.61
C SER A 170 4.32 -5.65 -1.95
N ALA A 171 3.47 -5.15 -1.10
CA ALA A 171 2.51 -6.00 -0.40
C ALA A 171 1.21 -6.04 -1.18
N GLN A 172 0.59 -7.21 -1.24
CA GLN A 172 -0.65 -7.36 -1.99
C GLN A 172 -1.83 -6.96 -1.17
N LEU A 173 -2.58 -6.07 -1.68
CA LEU A 173 -3.80 -5.68 -1.06
C LEU A 173 -4.89 -6.51 -1.63
N LYS A 174 -5.18 -7.61 -1.00
CA LYS A 174 -6.29 -8.41 -1.43
C LYS A 174 -7.55 -7.90 -0.75
N LYS A 175 -8.70 -8.05 -1.39
CA LYS A 175 -9.92 -7.53 -0.84
C LYS A 175 -10.41 -8.41 0.28
N GLN A 176 -9.83 -9.60 0.33
CA GLN A 176 -10.09 -10.61 1.35
C GLN A 176 -9.79 -10.06 2.77
N TYR A 177 -8.95 -9.04 2.84
CA TYR A 177 -8.58 -8.46 4.13
C TYR A 177 -9.52 -7.33 4.49
N PHE A 178 -10.35 -6.96 3.54
CA PHE A 178 -11.25 -5.84 3.71
C PHE A 178 -12.70 -6.29 3.58
N VAL A 179 -12.90 -7.59 3.57
CA VAL A 179 -14.23 -8.16 3.56
C VAL A 179 -14.60 -8.52 4.98
N GLU A 180 -15.87 -8.67 5.21
CA GLU A 180 -16.36 -8.95 6.54
C GLU A 180 -16.09 -10.41 6.95
N LYS A 181 -16.32 -11.35 6.07
CA LYS A 181 -16.12 -12.76 6.38
C LYS A 181 -15.12 -13.43 5.45
N GLN A 182 -14.36 -14.35 6.01
CA GLN A 182 -13.42 -15.16 5.26
C GLN A 182 -13.88 -16.60 5.26
N GLY A 1 -4.20 9.72 -19.91
CA GLY A 1 -3.84 8.30 -19.94
C GLY A 1 -4.54 7.58 -18.82
N PRO A 2 -5.29 6.49 -19.14
CA PRO A 2 -6.13 5.73 -18.18
C PRO A 2 -5.50 5.51 -16.79
N ASN A 3 -4.32 4.90 -16.75
CA ASN A 3 -3.63 4.61 -15.48
C ASN A 3 -3.35 5.88 -14.68
N THR A 4 -2.78 6.89 -15.32
CA THR A 4 -2.41 8.13 -14.67
C THR A 4 -3.65 8.88 -14.18
N GLU A 5 -4.71 8.86 -14.98
CA GLU A 5 -5.94 9.55 -14.62
C GLU A 5 -6.62 8.86 -13.44
N PHE A 6 -6.63 7.54 -13.46
CA PHE A 6 -7.16 6.76 -12.34
C PHE A 6 -6.33 7.04 -11.11
N ALA A 7 -5.02 7.07 -11.30
CA ALA A 7 -4.07 7.33 -10.23
C ALA A 7 -4.29 8.70 -9.63
N LEU A 8 -4.50 9.71 -10.46
CA LEU A 8 -4.72 11.08 -10.01
C LEU A 8 -6.02 11.20 -9.20
N SER A 9 -7.00 10.40 -9.57
CA SER A 9 -8.25 10.38 -8.86
C SER A 9 -8.03 9.71 -7.51
N LEU A 10 -7.46 8.50 -7.54
CA LEU A 10 -7.13 7.72 -6.36
C LEU A 10 -6.27 8.55 -5.40
N LEU A 11 -5.30 9.23 -5.98
CA LEU A 11 -4.35 10.09 -5.29
C LEU A 11 -5.01 11.10 -4.39
N ARG A 12 -5.86 11.93 -4.95
CA ARG A 12 -6.42 13.02 -4.19
C ARG A 12 -7.67 12.64 -3.43
N LYS A 13 -8.09 11.40 -3.55
CA LYS A 13 -9.30 10.96 -2.92
C LYS A 13 -9.06 9.96 -1.81
N ASN A 14 -8.19 9.01 -2.05
CA ASN A 14 -7.96 7.95 -1.06
C ASN A 14 -6.50 7.88 -0.63
N ILE A 15 -5.68 8.77 -1.11
CA ILE A 15 -4.28 8.74 -0.75
C ILE A 15 -3.91 9.95 0.09
N MET A 16 -3.27 9.71 1.20
CA MET A 16 -2.86 10.76 2.08
C MET A 16 -1.45 10.51 2.59
N THR A 17 -0.84 11.53 3.16
CA THR A 17 0.50 11.44 3.67
C THR A 17 0.44 11.20 5.20
N ILE A 18 0.96 10.08 5.64
CA ILE A 18 0.94 9.77 7.05
C ILE A 18 2.33 9.98 7.65
N THR A 19 2.42 10.84 8.61
CA THR A 19 3.66 11.11 9.27
C THR A 19 3.97 10.03 10.31
N THR A 20 4.85 9.13 9.93
CA THR A 20 5.30 8.08 10.82
C THR A 20 6.73 8.42 11.32
N SER A 21 7.35 7.52 12.04
CA SER A 21 8.67 7.76 12.60
C SER A 21 9.79 7.68 11.54
N LYS A 22 9.66 6.79 10.56
CA LYS A 22 10.71 6.63 9.55
C LYS A 22 10.50 7.52 8.34
N GLY A 23 9.48 8.35 8.38
CA GLY A 23 9.22 9.24 7.29
C GLY A 23 7.75 9.49 7.14
N GLU A 24 7.37 10.19 6.11
CA GLU A 24 6.00 10.45 5.86
C GLU A 24 5.59 9.72 4.61
N PHE A 25 5.07 8.54 4.80
CA PHE A 25 4.80 7.61 3.71
C PHE A 25 3.39 7.74 3.16
N THR A 26 3.08 6.92 2.16
CA THR A 26 1.82 6.96 1.51
C THR A 26 0.81 6.09 2.27
N GLY A 27 -0.28 6.68 2.64
CA GLY A 27 -1.32 5.95 3.26
C GLY A 27 -2.43 5.77 2.29
N LEU A 28 -2.90 4.57 2.15
CA LEU A 28 -3.95 4.29 1.21
C LEU A 28 -5.24 3.97 1.91
N GLY A 29 -6.24 4.77 1.67
CA GLY A 29 -7.54 4.51 2.18
C GLY A 29 -8.25 3.55 1.25
N ILE A 30 -8.70 2.45 1.78
CA ILE A 30 -9.37 1.44 0.98
C ILE A 30 -10.85 1.75 0.89
N HIS A 31 -11.42 2.11 2.03
CA HIS A 31 -12.83 2.46 2.10
C HIS A 31 -13.15 3.01 3.46
N ASP A 32 -14.04 3.99 3.49
CA ASP A 32 -14.54 4.62 4.72
C ASP A 32 -13.43 5.26 5.53
N ARG A 33 -12.82 4.52 6.40
CA ARG A 33 -11.72 5.00 7.19
C ARG A 33 -10.66 3.92 7.33
N VAL A 34 -10.83 2.88 6.54
CA VAL A 34 -9.91 1.75 6.51
C VAL A 34 -8.73 2.13 5.67
N CYS A 35 -7.59 2.24 6.30
CA CYS A 35 -6.38 2.68 5.64
C CYS A 35 -5.28 1.62 5.81
N VAL A 36 -4.36 1.56 4.86
CA VAL A 36 -3.27 0.60 4.92
C VAL A 36 -1.92 1.32 4.78
N ILE A 37 -0.93 0.85 5.52
CA ILE A 37 0.43 1.36 5.46
C ILE A 37 1.33 0.21 5.99
N PRO A 38 2.61 0.08 5.56
CA PRO A 38 3.51 -0.97 6.08
C PRO A 38 3.97 -0.67 7.52
N THR A 39 4.35 -1.71 8.26
CA THR A 39 4.75 -1.57 9.65
C THR A 39 6.10 -0.88 9.74
N HIS A 40 6.97 -1.12 8.76
CA HIS A 40 8.33 -0.57 8.74
C HIS A 40 8.36 0.97 8.59
N ALA A 41 7.20 1.58 8.44
CA ALA A 41 7.07 3.03 8.43
C ALA A 41 7.22 3.54 9.87
N GLN A 42 6.83 2.67 10.80
CA GLN A 42 6.87 2.90 12.24
C GLN A 42 5.84 3.95 12.68
N PRO A 43 4.58 3.54 12.84
CA PRO A 43 3.54 4.40 13.32
C PRO A 43 3.30 4.24 14.83
N GLY A 44 2.49 5.10 15.39
CA GLY A 44 2.16 5.03 16.79
C GLY A 44 0.69 4.83 16.99
N ASP A 45 0.15 5.45 18.03
CA ASP A 45 -1.27 5.35 18.30
C ASP A 45 -2.03 6.48 17.62
N ASP A 46 -1.34 7.57 17.47
CA ASP A 46 -1.87 8.74 16.80
C ASP A 46 -0.76 9.33 15.99
N VAL A 47 -1.08 9.68 14.79
CA VAL A 47 -0.11 10.16 13.82
C VAL A 47 -0.65 11.41 13.15
N LEU A 48 0.04 11.88 12.15
CA LEU A 48 -0.41 13.05 11.44
C LEU A 48 -0.81 12.69 10.04
N VAL A 49 -1.99 13.09 9.65
CA VAL A 49 -2.46 12.90 8.32
C VAL A 49 -2.40 14.24 7.59
N ASN A 50 -1.32 14.41 6.84
CA ASN A 50 -1.04 15.65 6.10
C ASN A 50 -0.97 16.88 7.01
N GLY A 51 -0.75 16.64 8.29
CA GLY A 51 -0.67 17.70 9.25
C GLY A 51 -1.63 17.54 10.39
N GLN A 52 -2.81 17.02 10.10
CA GLN A 52 -3.84 16.86 11.12
C GLN A 52 -3.51 15.71 12.04
N LYS A 53 -3.65 15.93 13.32
CA LYS A 53 -3.38 14.92 14.33
C LYS A 53 -4.52 13.93 14.35
N ILE A 54 -4.25 12.74 13.93
CA ILE A 54 -5.28 11.75 13.79
C ILE A 54 -5.00 10.55 14.66
N ARG A 55 -6.05 10.03 15.26
CA ARG A 55 -5.95 8.89 16.13
C ARG A 55 -6.30 7.62 15.40
N VAL A 56 -5.53 6.59 15.65
CA VAL A 56 -5.72 5.31 15.06
C VAL A 56 -6.44 4.42 16.05
N LYS A 57 -7.68 4.13 15.75
CA LYS A 57 -8.52 3.32 16.59
C LYS A 57 -8.05 1.87 16.59
N ASP A 58 -8.26 1.19 15.49
CA ASP A 58 -7.94 -0.23 15.38
C ASP A 58 -6.68 -0.37 14.58
N LYS A 59 -5.87 -1.29 14.99
CA LYS A 59 -4.62 -1.52 14.35
C LYS A 59 -4.53 -3.00 13.99
N TYR A 60 -4.87 -3.32 12.76
CA TYR A 60 -4.89 -4.71 12.32
C TYR A 60 -3.57 -5.02 11.63
N LYS A 61 -2.74 -5.78 12.24
CA LYS A 61 -1.52 -6.19 11.61
C LYS A 61 -1.73 -7.54 10.95
N LEU A 62 -1.62 -7.55 9.64
CA LEU A 62 -1.78 -8.76 8.88
C LEU A 62 -0.57 -9.65 8.97
N VAL A 63 -0.79 -10.79 9.57
CA VAL A 63 0.18 -11.83 9.67
C VAL A 63 -0.52 -13.13 9.32
N ASP A 64 0.19 -14.02 8.70
CA ASP A 64 -0.36 -15.33 8.34
C ASP A 64 -0.54 -16.13 9.61
N PRO A 65 -1.59 -16.98 9.70
CA PRO A 65 -1.83 -17.85 10.86
C PRO A 65 -0.59 -18.60 11.37
N GLU A 66 0.34 -18.93 10.46
CA GLU A 66 1.54 -19.67 10.83
C GLU A 66 2.62 -18.73 11.39
N ASN A 67 2.26 -17.48 11.55
CA ASN A 67 3.10 -16.40 12.05
C ASN A 67 4.14 -16.02 11.03
N ILE A 68 3.65 -15.44 9.96
CA ILE A 68 4.46 -14.97 8.88
C ILE A 68 4.00 -13.55 8.60
N ASN A 69 4.94 -12.66 8.32
CA ASN A 69 4.58 -11.25 8.13
C ASN A 69 3.91 -11.07 6.80
N LEU A 70 2.87 -10.28 6.76
CA LEU A 70 2.25 -9.92 5.49
C LEU A 70 2.50 -8.45 5.24
N GLU A 71 3.19 -7.82 6.22
CA GLU A 71 3.62 -6.39 6.26
C GLU A 71 2.45 -5.36 6.24
N LEU A 72 1.31 -5.79 5.79
CA LEU A 72 0.16 -4.94 5.71
C LEU A 72 -0.40 -4.63 7.07
N THR A 73 -0.41 -3.38 7.38
CA THR A 73 -0.99 -2.93 8.58
C THR A 73 -2.22 -2.12 8.19
N VAL A 74 -3.37 -2.60 8.57
CA VAL A 74 -4.60 -1.93 8.27
C VAL A 74 -5.05 -1.18 9.49
N LEU A 75 -5.20 0.09 9.34
CA LEU A 75 -5.52 0.93 10.44
C LEU A 75 -6.89 1.50 10.28
N THR A 76 -7.66 1.45 11.32
CA THR A 76 -8.88 2.16 11.35
C THR A 76 -8.55 3.56 11.83
N LEU A 77 -8.12 4.35 10.89
CA LEU A 77 -7.77 5.72 11.11
C LEU A 77 -9.09 6.42 11.19
N ASP A 78 -9.32 7.26 12.17
CA ASP A 78 -10.64 7.87 12.24
C ASP A 78 -10.81 8.97 11.21
N ARG A 79 -11.04 8.57 10.01
CA ARG A 79 -11.30 9.48 8.97
C ARG A 79 -12.80 9.57 8.84
N ASN A 80 -13.34 10.55 9.49
CA ASN A 80 -14.78 10.81 9.51
C ASN A 80 -15.29 11.30 8.15
N GLU A 81 -14.38 11.66 7.26
CA GLU A 81 -14.70 11.89 5.88
C GLU A 81 -14.33 10.63 5.11
N LYS A 82 -15.33 9.83 4.81
CA LYS A 82 -15.15 8.51 4.24
C LYS A 82 -14.47 8.48 2.86
N PHE A 83 -13.55 7.55 2.72
CA PHE A 83 -12.88 7.29 1.47
C PHE A 83 -13.76 6.41 0.58
N ARG A 84 -13.59 6.53 -0.72
CA ARG A 84 -14.33 5.75 -1.68
C ARG A 84 -13.88 4.28 -1.62
N ASP A 85 -14.80 3.37 -1.81
CA ASP A 85 -14.49 1.94 -1.83
C ASP A 85 -13.74 1.55 -3.09
N ILE A 86 -12.46 1.48 -2.99
CA ILE A 86 -11.64 1.09 -4.13
C ILE A 86 -11.43 -0.43 -4.15
N ARG A 87 -12.29 -1.13 -3.43
CA ARG A 87 -12.20 -2.59 -3.25
C ARG A 87 -12.50 -3.33 -4.53
N GLY A 88 -13.35 -2.75 -5.35
CA GLY A 88 -13.72 -3.37 -6.60
C GLY A 88 -12.65 -3.19 -7.66
N PHE A 89 -11.68 -2.36 -7.38
CA PHE A 89 -10.60 -2.12 -8.31
C PHE A 89 -9.40 -2.97 -7.93
N ILE A 90 -9.50 -3.66 -6.82
CA ILE A 90 -8.42 -4.49 -6.33
C ILE A 90 -8.24 -5.72 -7.22
N SER A 91 -7.12 -5.76 -7.89
CA SER A 91 -6.77 -6.84 -8.73
C SER A 91 -5.75 -7.65 -8.00
N GLU A 92 -6.21 -8.65 -7.31
CA GLU A 92 -5.34 -9.50 -6.54
C GLU A 92 -4.88 -10.68 -7.37
N ASP A 93 -5.29 -10.70 -8.62
CA ASP A 93 -4.76 -11.58 -9.61
C ASP A 93 -3.73 -10.75 -10.35
N LEU A 94 -2.48 -11.07 -10.16
CA LEU A 94 -1.40 -10.17 -10.52
C LEU A 94 -0.64 -10.60 -11.77
N GLU A 95 -0.11 -11.82 -11.70
CA GLU A 95 0.84 -12.38 -12.64
C GLU A 95 0.53 -12.08 -14.11
N GLY A 96 1.42 -11.30 -14.72
CA GLY A 96 1.33 -11.03 -16.12
C GLY A 96 0.66 -9.72 -16.44
N VAL A 97 0.00 -9.14 -15.48
CA VAL A 97 -0.74 -7.92 -15.71
C VAL A 97 0.14 -6.69 -15.43
N ASP A 98 -0.03 -5.66 -16.26
CA ASP A 98 0.73 -4.42 -16.16
C ASP A 98 0.25 -3.55 -15.00
N ALA A 99 1.19 -2.84 -14.39
CA ALA A 99 0.92 -1.98 -13.27
C ALA A 99 1.69 -0.65 -13.38
N THR A 100 1.36 0.26 -12.50
CA THR A 100 2.02 1.54 -12.35
C THR A 100 2.23 1.74 -10.82
N LEU A 101 3.26 2.41 -10.42
CA LEU A 101 3.49 2.65 -9.01
C LEU A 101 3.25 4.12 -8.71
N VAL A 102 2.33 4.38 -7.83
CA VAL A 102 1.98 5.74 -7.43
C VAL A 102 2.48 6.01 -6.01
N VAL A 103 3.53 6.77 -5.90
CA VAL A 103 4.09 7.09 -4.61
C VAL A 103 3.75 8.53 -4.25
N HIS A 104 3.19 8.72 -3.08
CA HIS A 104 2.85 10.03 -2.59
C HIS A 104 3.26 10.12 -1.13
N SER A 105 4.46 10.49 -0.93
CA SER A 105 4.96 10.68 0.38
C SER A 105 5.29 12.15 0.49
N ASN A 106 5.92 12.56 1.56
CA ASN A 106 6.28 13.98 1.61
C ASN A 106 7.52 14.16 0.78
N ASN A 107 8.46 13.26 0.96
CA ASN A 107 9.72 13.32 0.24
C ASN A 107 9.53 13.03 -1.25
N PHE A 108 8.72 12.05 -1.59
CA PHE A 108 8.44 11.77 -2.98
C PHE A 108 7.04 12.27 -3.27
N THR A 109 6.94 13.49 -3.73
CA THR A 109 5.66 14.08 -3.95
C THR A 109 5.14 13.78 -5.36
N ASN A 110 4.24 12.81 -5.46
CA ASN A 110 3.55 12.43 -6.71
C ASN A 110 4.46 11.76 -7.70
N THR A 111 4.85 10.57 -7.43
CA THR A 111 5.65 9.83 -8.34
C THR A 111 4.81 8.70 -8.94
N ILE A 112 4.23 8.97 -10.10
CA ILE A 112 3.49 7.96 -10.83
C ILE A 112 4.44 7.35 -11.85
N LEU A 113 5.00 6.25 -11.50
CA LEU A 113 6.03 5.63 -12.28
C LEU A 113 5.54 4.31 -12.84
N GLU A 114 5.59 4.16 -14.14
CA GLU A 114 5.14 2.94 -14.79
C GLU A 114 6.10 1.79 -14.42
N VAL A 115 5.57 0.61 -14.29
CA VAL A 115 6.38 -0.54 -13.97
C VAL A 115 6.19 -1.67 -14.97
N GLY A 116 4.96 -1.88 -15.40
CA GLY A 116 4.70 -2.91 -16.37
C GLY A 116 4.18 -4.16 -15.72
N PRO A 117 4.20 -5.30 -16.44
CA PRO A 117 3.73 -6.60 -15.92
C PRO A 117 4.45 -7.04 -14.65
N VAL A 118 3.67 -7.40 -13.66
CA VAL A 118 4.17 -7.83 -12.36
C VAL A 118 4.06 -9.35 -12.21
N THR A 119 4.77 -9.90 -11.23
CA THR A 119 4.73 -11.31 -10.93
C THR A 119 4.48 -11.51 -9.42
N MET A 120 4.31 -12.72 -8.99
CA MET A 120 4.01 -12.97 -7.59
C MET A 120 5.16 -13.79 -7.01
N ALA A 121 5.68 -13.39 -5.87
CA ALA A 121 6.85 -14.04 -5.30
C ALA A 121 6.44 -15.11 -4.32
N GLY A 122 5.39 -14.86 -3.60
CA GLY A 122 4.93 -15.78 -2.60
C GLY A 122 5.44 -15.37 -1.26
N LEU A 123 6.40 -16.09 -0.78
CA LEU A 123 7.02 -15.78 0.48
C LEU A 123 8.47 -15.43 0.23
N ILE A 124 8.94 -14.43 0.90
CA ILE A 124 10.32 -14.05 0.83
C ILE A 124 10.89 -13.95 2.21
N ASN A 125 12.09 -14.38 2.38
CA ASN A 125 12.77 -14.27 3.63
C ASN A 125 13.74 -13.12 3.55
N LEU A 126 13.39 -12.04 4.19
CA LEU A 126 14.20 -10.83 4.18
C LEU A 126 14.75 -10.61 5.57
N SER A 127 16.06 -10.81 5.73
CA SER A 127 16.74 -10.64 7.01
C SER A 127 16.20 -11.68 8.01
N SER A 128 15.84 -12.84 7.43
CA SER A 128 15.26 -13.98 8.13
C SER A 128 13.81 -13.67 8.60
N THR A 129 13.25 -12.59 8.11
CA THR A 129 11.89 -12.27 8.39
C THR A 129 11.04 -12.76 7.21
N PRO A 130 10.25 -13.82 7.40
CA PRO A 130 9.43 -14.36 6.33
C PRO A 130 8.20 -13.48 6.09
N THR A 131 8.09 -13.00 4.90
CA THR A 131 6.97 -12.19 4.53
C THR A 131 6.23 -12.90 3.38
N ASN A 132 4.93 -13.04 3.52
CA ASN A 132 4.09 -13.77 2.56
C ASN A 132 3.13 -12.79 1.87
N ARG A 133 2.53 -13.26 0.76
CA ARG A 133 1.56 -12.51 -0.06
C ARG A 133 2.28 -11.42 -0.81
N MET A 134 3.53 -11.68 -1.09
CA MET A 134 4.40 -10.74 -1.71
C MET A 134 4.32 -10.79 -3.23
N ILE A 135 4.08 -9.65 -3.79
CA ILE A 135 4.09 -9.45 -5.22
C ILE A 135 5.44 -8.84 -5.58
N ARG A 136 5.97 -9.22 -6.71
CA ARG A 136 7.31 -8.87 -7.07
C ARG A 136 7.37 -8.33 -8.48
N TYR A 137 8.16 -7.33 -8.66
CA TYR A 137 8.44 -6.81 -9.96
C TYR A 137 9.89 -6.42 -10.03
N ASP A 138 10.53 -6.78 -11.10
CA ASP A 138 11.92 -6.44 -11.28
C ASP A 138 12.00 -5.14 -12.07
N TYR A 139 12.54 -4.14 -11.43
CA TYR A 139 12.65 -2.80 -11.94
C TYR A 139 13.44 -2.04 -10.90
N ALA A 140 14.29 -1.11 -11.32
CA ALA A 140 15.08 -0.32 -10.37
C ALA A 140 14.19 0.57 -9.53
N THR A 141 13.83 0.05 -8.40
CA THR A 141 12.96 0.71 -7.50
C THR A 141 13.71 0.85 -6.18
N LYS A 142 13.62 1.96 -5.53
CA LYS A 142 14.34 2.15 -4.30
C LYS A 142 13.42 2.15 -3.11
N THR A 143 13.93 1.74 -1.98
CA THR A 143 13.15 1.70 -0.79
C THR A 143 12.93 3.14 -0.29
N GLY A 144 11.86 3.35 0.44
CA GLY A 144 11.50 4.69 0.84
C GLY A 144 10.26 5.11 0.09
N GLN A 145 9.99 4.37 -0.97
CA GLN A 145 8.78 4.55 -1.78
C GLN A 145 7.71 3.61 -1.21
N CYS A 146 7.90 3.24 0.01
CA CYS A 146 7.06 2.32 0.72
C CYS A 146 5.69 2.95 0.97
N GLY A 147 4.66 2.18 0.73
CA GLY A 147 3.33 2.68 0.89
C GLY A 147 2.79 3.14 -0.42
N GLY A 148 3.63 3.11 -1.46
CA GLY A 148 3.22 3.50 -2.79
C GLY A 148 2.24 2.50 -3.36
N VAL A 149 1.20 2.99 -3.96
CA VAL A 149 0.14 2.17 -4.47
C VAL A 149 0.49 1.62 -5.83
N LEU A 150 0.62 0.32 -5.89
CA LEU A 150 0.90 -0.38 -7.10
C LEU A 150 -0.44 -0.63 -7.77
N CYS A 151 -0.74 0.17 -8.76
CA CYS A 151 -2.04 0.15 -9.35
C CYS A 151 -1.99 0.57 -10.80
N ALA A 152 -3.07 0.37 -11.45
CA ALA A 152 -3.29 0.77 -12.79
C ALA A 152 -4.77 1.06 -12.89
N THR A 153 -5.25 1.42 -14.06
CA THR A 153 -6.64 1.77 -14.23
C THR A 153 -7.59 0.60 -13.86
N GLY A 154 -8.22 0.74 -12.70
CA GLY A 154 -9.16 -0.24 -12.21
C GLY A 154 -8.48 -1.51 -11.74
N LYS A 155 -7.18 -1.42 -11.47
CA LYS A 155 -6.40 -2.58 -11.05
C LYS A 155 -5.40 -2.19 -9.96
N ILE A 156 -5.76 -2.31 -8.71
CA ILE A 156 -4.83 -2.07 -7.62
C ILE A 156 -4.33 -3.41 -7.14
N PHE A 157 -3.05 -3.60 -7.16
CA PHE A 157 -2.45 -4.88 -6.82
C PHE A 157 -2.03 -4.90 -5.36
N GLY A 158 -1.55 -3.76 -4.90
CA GLY A 158 -1.14 -3.66 -3.54
C GLY A 158 -0.32 -2.43 -3.31
N ILE A 159 0.51 -2.46 -2.29
CA ILE A 159 1.36 -1.33 -1.98
C ILE A 159 2.81 -1.78 -1.92
N HIS A 160 3.68 -0.93 -2.35
CA HIS A 160 5.11 -1.20 -2.37
C HIS A 160 5.66 -1.23 -0.93
N VAL A 161 6.42 -2.27 -0.62
CA VAL A 161 6.95 -2.47 0.73
C VAL A 161 8.44 -2.86 0.70
N GLY A 162 9.07 -2.75 -0.45
CA GLY A 162 10.47 -3.13 -0.55
C GLY A 162 11.30 -2.07 -1.19
N GLY A 163 11.91 -2.41 -2.30
CA GLY A 163 12.75 -1.48 -3.01
C GLY A 163 14.19 -1.80 -2.78
N ASN A 164 14.51 -3.04 -2.99
CA ASN A 164 15.84 -3.53 -2.70
C ASN A 164 16.57 -3.74 -4.00
N GLY A 165 17.35 -2.77 -4.39
CA GLY A 165 18.10 -2.85 -5.63
C GLY A 165 17.19 -2.73 -6.84
N ARG A 166 17.01 -3.81 -7.55
CA ARG A 166 16.13 -3.81 -8.71
C ARG A 166 14.90 -4.64 -8.43
N GLN A 167 14.68 -4.95 -7.19
CA GLN A 167 13.54 -5.73 -6.86
C GLN A 167 12.54 -4.93 -6.08
N GLY A 168 11.44 -4.65 -6.71
CA GLY A 168 10.38 -3.96 -6.09
C GLY A 168 9.45 -4.97 -5.48
N PHE A 169 9.41 -4.97 -4.18
CA PHE A 169 8.56 -5.88 -3.48
C PHE A 169 7.34 -5.15 -3.01
N SER A 170 6.23 -5.70 -3.28
CA SER A 170 5.00 -5.12 -2.92
C SER A 170 4.18 -6.20 -2.22
N ALA A 171 3.21 -5.82 -1.44
CA ALA A 171 2.37 -6.78 -0.76
C ALA A 171 0.98 -6.74 -1.34
N GLN A 172 0.40 -7.92 -1.56
CA GLN A 172 -0.93 -8.06 -2.13
C GLN A 172 -2.02 -7.60 -1.20
N LEU A 173 -2.72 -6.59 -1.60
CA LEU A 173 -3.85 -6.12 -0.85
C LEU A 173 -5.08 -6.90 -1.23
N LYS A 174 -5.21 -8.07 -0.66
CA LYS A 174 -6.34 -8.93 -0.93
C LYS A 174 -7.59 -8.27 -0.37
N LYS A 175 -8.65 -8.17 -1.19
CA LYS A 175 -9.88 -7.49 -0.75
C LYS A 175 -10.54 -8.23 0.41
N GLN A 176 -10.12 -9.46 0.60
CA GLN A 176 -10.57 -10.32 1.68
C GLN A 176 -10.30 -9.66 3.05
N TYR A 177 -9.25 -8.85 3.14
CA TYR A 177 -8.90 -8.21 4.40
C TYR A 177 -9.77 -6.98 4.63
N PHE A 178 -10.40 -6.51 3.58
CA PHE A 178 -11.15 -5.26 3.64
C PHE A 178 -12.63 -5.50 3.52
N VAL A 179 -13.01 -6.74 3.38
CA VAL A 179 -14.39 -7.07 3.32
C VAL A 179 -14.87 -7.52 4.69
N GLU A 180 -15.66 -6.66 5.29
CA GLU A 180 -16.16 -6.86 6.62
C GLU A 180 -17.20 -7.93 6.62
N LYS A 181 -18.12 -7.81 5.71
CA LYS A 181 -19.21 -8.69 5.68
C LYS A 181 -19.22 -9.48 4.39
N GLN A 182 -19.05 -10.76 4.54
CA GLN A 182 -19.17 -11.68 3.45
C GLN A 182 -20.59 -12.17 3.41
N GLY A 1 -2.76 9.27 -19.01
CA GLY A 1 -3.39 8.12 -19.66
C GLY A 1 -4.30 7.40 -18.70
N PRO A 2 -4.90 6.26 -19.08
CA PRO A 2 -5.87 5.53 -18.23
C PRO A 2 -5.34 5.27 -16.82
N ASN A 3 -4.12 4.80 -16.72
CA ASN A 3 -3.49 4.53 -15.42
C ASN A 3 -3.20 5.84 -14.69
N THR A 4 -2.77 6.84 -15.43
CA THR A 4 -2.42 8.12 -14.87
C THR A 4 -3.66 8.82 -14.28
N GLU A 5 -4.74 8.82 -15.03
CA GLU A 5 -5.96 9.47 -14.58
C GLU A 5 -6.70 8.65 -13.53
N PHE A 6 -6.54 7.33 -13.58
CA PHE A 6 -7.06 6.48 -12.52
C PHE A 6 -6.34 6.81 -11.24
N ALA A 7 -5.02 6.84 -11.32
CA ALA A 7 -4.17 7.16 -10.20
C ALA A 7 -4.45 8.56 -9.70
N LEU A 8 -4.70 9.48 -10.61
CA LEU A 8 -5.01 10.87 -10.30
C LEU A 8 -6.23 10.98 -9.37
N SER A 9 -7.32 10.34 -9.76
CA SER A 9 -8.56 10.38 -9.00
C SER A 9 -8.39 9.62 -7.66
N LEU A 10 -7.54 8.61 -7.68
CA LEU A 10 -7.22 7.84 -6.50
C LEU A 10 -6.39 8.71 -5.53
N LEU A 11 -5.32 9.25 -6.08
CA LEU A 11 -4.32 10.05 -5.38
C LEU A 11 -4.91 11.21 -4.61
N ARG A 12 -5.69 12.02 -5.30
CA ARG A 12 -6.20 13.27 -4.75
C ARG A 12 -7.11 13.13 -3.52
N LYS A 13 -7.47 11.92 -3.16
CA LYS A 13 -8.29 11.74 -1.99
C LYS A 13 -7.84 10.56 -1.13
N ASN A 14 -7.65 9.42 -1.76
CA ASN A 14 -7.46 8.17 -1.02
C ASN A 14 -6.01 7.87 -0.74
N ILE A 15 -5.11 8.66 -1.31
CA ILE A 15 -3.69 8.49 -1.07
C ILE A 15 -3.20 9.72 -0.36
N MET A 16 -2.78 9.58 0.87
CA MET A 16 -2.38 10.74 1.62
C MET A 16 -1.14 10.44 2.46
N THR A 17 -0.20 11.37 2.47
CA THR A 17 1.04 11.23 3.21
C THR A 17 0.79 11.16 4.72
N ILE A 18 1.45 10.24 5.38
CA ILE A 18 1.34 10.05 6.79
C ILE A 18 2.73 10.03 7.40
N THR A 19 2.96 10.86 8.38
CA THR A 19 4.18 10.83 9.12
C THR A 19 4.02 9.88 10.29
N THR A 20 4.69 8.78 10.21
CA THR A 20 4.67 7.79 11.23
C THR A 20 5.80 8.06 12.21
N SER A 21 6.16 7.08 13.00
CA SER A 21 7.25 7.23 13.90
C SER A 21 8.57 6.95 13.16
N LYS A 22 8.46 6.62 11.88
CA LYS A 22 9.61 6.38 11.06
C LYS A 22 9.81 7.60 10.13
N GLY A 23 8.80 7.96 9.35
CA GLY A 23 8.95 9.07 8.44
C GLY A 23 7.69 9.31 7.65
N GLU A 24 7.81 9.97 6.52
CA GLU A 24 6.67 10.24 5.66
C GLU A 24 6.47 9.14 4.67
N PHE A 25 5.40 8.45 4.82
CA PHE A 25 4.98 7.41 3.90
C PHE A 25 3.62 7.82 3.40
N THR A 26 2.95 6.99 2.68
CA THR A 26 1.65 7.35 2.28
C THR A 26 0.70 6.25 2.62
N GLY A 27 -0.45 6.63 3.11
CA GLY A 27 -1.43 5.68 3.49
C GLY A 27 -2.47 5.56 2.43
N LEU A 28 -3.03 4.40 2.30
CA LEU A 28 -4.04 4.17 1.33
C LEU A 28 -5.37 3.95 2.00
N GLY A 29 -6.31 4.81 1.73
CA GLY A 29 -7.63 4.68 2.26
C GLY A 29 -8.43 3.73 1.41
N ILE A 30 -8.75 2.57 1.95
CA ILE A 30 -9.46 1.54 1.22
C ILE A 30 -10.93 1.91 1.14
N HIS A 31 -11.47 2.31 2.29
CA HIS A 31 -12.86 2.74 2.42
C HIS A 31 -13.13 3.12 3.82
N ASP A 32 -14.19 3.88 4.04
CA ASP A 32 -14.70 4.20 5.38
C ASP A 32 -13.60 4.78 6.31
N ARG A 33 -13.13 3.98 7.25
CA ARG A 33 -12.06 4.39 8.15
C ARG A 33 -10.85 3.47 7.98
N VAL A 34 -10.95 2.58 7.02
CA VAL A 34 -9.94 1.56 6.81
C VAL A 34 -8.81 2.09 5.95
N CYS A 35 -7.69 2.30 6.58
CA CYS A 35 -6.51 2.78 5.90
C CYS A 35 -5.39 1.75 6.05
N VAL A 36 -4.61 1.58 5.01
CA VAL A 36 -3.54 0.59 4.98
C VAL A 36 -2.17 1.24 4.81
N ILE A 37 -1.18 0.71 5.52
CA ILE A 37 0.20 1.13 5.41
C ILE A 37 1.06 -0.07 5.90
N PRO A 38 2.29 -0.28 5.36
CA PRO A 38 3.21 -1.35 5.82
C PRO A 38 3.51 -1.25 7.33
N THR A 39 3.85 -2.37 7.94
CA THR A 39 4.05 -2.39 9.38
C THR A 39 5.42 -1.83 9.76
N HIS A 40 6.42 -1.96 8.87
CA HIS A 40 7.76 -1.42 9.15
C HIS A 40 7.79 0.10 9.06
N ALA A 41 6.67 0.67 8.60
CA ALA A 41 6.54 2.11 8.54
C ALA A 41 6.31 2.64 9.96
N GLN A 42 5.89 1.73 10.84
CA GLN A 42 5.66 1.97 12.26
C GLN A 42 4.73 3.15 12.57
N PRO A 43 3.42 2.95 12.44
CA PRO A 43 2.44 3.94 12.85
C PRO A 43 2.13 3.79 14.34
N GLY A 44 1.86 4.89 15.00
CA GLY A 44 1.58 4.85 16.41
C GLY A 44 0.10 4.91 16.69
N ASP A 45 -0.27 5.59 17.75
CA ASP A 45 -1.67 5.70 18.14
C ASP A 45 -2.29 6.95 17.58
N ASP A 46 -1.45 7.89 17.25
CA ASP A 46 -1.86 9.11 16.60
C ASP A 46 -0.76 9.51 15.66
N VAL A 47 -1.14 9.89 14.48
CA VAL A 47 -0.19 10.18 13.43
C VAL A 47 -0.49 11.52 12.80
N LEU A 48 0.45 12.03 12.05
CA LEU A 48 0.25 13.25 11.33
C LEU A 48 -0.13 12.90 9.93
N VAL A 49 -1.38 13.06 9.62
CA VAL A 49 -1.88 12.77 8.31
C VAL A 49 -1.79 14.02 7.43
N ASN A 50 -0.61 14.19 6.84
CA ASN A 50 -0.25 15.29 5.94
C ASN A 50 -0.23 16.63 6.71
N GLY A 51 -0.22 16.53 8.03
CA GLY A 51 -0.21 17.69 8.88
C GLY A 51 -1.15 17.53 10.05
N GLN A 52 -2.38 17.15 9.77
CA GLN A 52 -3.42 16.98 10.80
C GLN A 52 -3.08 15.84 11.75
N LYS A 53 -3.19 16.08 13.04
CA LYS A 53 -3.03 15.03 14.00
C LYS A 53 -4.30 14.22 14.04
N ILE A 54 -4.20 12.96 13.84
CA ILE A 54 -5.37 12.15 13.89
C ILE A 54 -5.11 10.92 14.76
N ARG A 55 -6.04 10.63 15.61
CA ARG A 55 -5.93 9.49 16.48
C ARG A 55 -6.45 8.26 15.77
N VAL A 56 -5.74 7.19 15.92
CA VAL A 56 -6.14 5.92 15.40
C VAL A 56 -6.99 5.28 16.48
N LYS A 57 -8.18 4.86 16.11
CA LYS A 57 -9.10 4.24 17.02
C LYS A 57 -8.53 2.90 17.49
N ASP A 58 -8.35 2.01 16.55
CA ASP A 58 -7.82 0.72 16.81
C ASP A 58 -7.15 0.24 15.55
N LYS A 59 -6.12 -0.53 15.68
CA LYS A 59 -5.32 -0.93 14.55
C LYS A 59 -5.05 -2.42 14.55
N TYR A 60 -4.86 -2.97 13.37
CA TYR A 60 -4.68 -4.39 13.22
C TYR A 60 -3.40 -4.69 12.46
N LYS A 61 -2.53 -5.46 13.05
CA LYS A 61 -1.42 -6.01 12.30
C LYS A 61 -1.95 -7.21 11.57
N LEU A 62 -2.14 -7.06 10.31
CA LEU A 62 -2.70 -8.10 9.51
C LEU A 62 -1.57 -8.95 9.00
N VAL A 63 -1.52 -10.15 9.50
CA VAL A 63 -0.49 -11.08 9.14
C VAL A 63 -1.10 -12.28 8.46
N ASP A 64 -0.26 -13.20 8.10
CA ASP A 64 -0.70 -14.43 7.51
C ASP A 64 -1.24 -15.34 8.61
N PRO A 65 -2.34 -16.08 8.36
CA PRO A 65 -2.93 -17.02 9.34
C PRO A 65 -1.92 -18.00 9.99
N GLU A 66 -0.84 -18.33 9.29
CA GLU A 66 0.17 -19.28 9.80
C GLU A 66 1.23 -18.53 10.62
N ASN A 67 0.95 -17.26 10.89
CA ASN A 67 1.80 -16.34 11.62
C ASN A 67 3.07 -16.06 10.88
N ILE A 68 2.90 -15.35 9.82
CA ILE A 68 3.98 -14.90 8.96
C ILE A 68 3.65 -13.46 8.62
N ASN A 69 4.65 -12.63 8.47
CA ASN A 69 4.42 -11.22 8.22
C ASN A 69 3.76 -11.02 6.86
N LEU A 70 2.74 -10.21 6.84
CA LEU A 70 2.07 -9.87 5.60
C LEU A 70 2.46 -8.42 5.25
N GLU A 71 3.17 -7.80 6.20
CA GLU A 71 3.69 -6.43 6.10
C GLU A 71 2.52 -5.44 5.97
N LEU A 72 1.41 -5.83 6.54
CA LEU A 72 0.20 -5.09 6.37
C LEU A 72 -0.33 -4.62 7.73
N THR A 73 -0.55 -3.34 7.86
CA THR A 73 -1.18 -2.80 9.03
C THR A 73 -2.42 -2.02 8.62
N VAL A 74 -3.54 -2.42 9.17
CA VAL A 74 -4.81 -1.78 8.91
C VAL A 74 -5.12 -0.85 10.06
N LEU A 75 -5.26 0.40 9.76
CA LEU A 75 -5.54 1.40 10.76
C LEU A 75 -6.98 1.82 10.66
N THR A 76 -7.68 1.79 11.76
CA THR A 76 -8.99 2.37 11.80
C THR A 76 -8.77 3.84 12.12
N LEU A 77 -8.56 4.58 11.08
CA LEU A 77 -8.24 5.96 11.19
C LEU A 77 -9.54 6.72 11.26
N ASP A 78 -9.73 7.43 12.35
CA ASP A 78 -10.98 8.17 12.56
C ASP A 78 -11.16 9.25 11.51
N ARG A 79 -12.00 8.97 10.55
CA ARG A 79 -12.30 9.91 9.50
C ARG A 79 -13.79 10.07 9.46
N ASN A 80 -14.27 11.26 9.69
CA ASN A 80 -15.70 11.52 9.61
C ASN A 80 -16.07 11.62 8.16
N GLU A 81 -15.19 12.22 7.41
CA GLU A 81 -15.32 12.34 6.00
C GLU A 81 -14.49 11.20 5.43
N LYS A 82 -15.20 10.19 4.97
CA LYS A 82 -14.60 8.92 4.62
C LYS A 82 -14.23 8.79 3.14
N PHE A 83 -13.25 7.94 2.90
CA PHE A 83 -12.69 7.69 1.58
C PHE A 83 -13.64 6.85 0.72
N ARG A 84 -13.31 6.74 -0.55
CA ARG A 84 -14.09 5.96 -1.49
C ARG A 84 -13.63 4.53 -1.45
N ASP A 85 -14.56 3.59 -1.60
CA ASP A 85 -14.20 2.18 -1.62
C ASP A 85 -13.48 1.84 -2.89
N ILE A 86 -12.19 1.86 -2.83
CA ILE A 86 -11.36 1.56 -3.98
C ILE A 86 -11.14 0.06 -4.07
N ARG A 87 -11.87 -0.64 -3.24
CA ARG A 87 -11.78 -2.08 -3.12
C ARG A 87 -12.41 -2.72 -4.33
N GLY A 88 -13.37 -2.01 -4.91
CA GLY A 88 -13.99 -2.45 -6.15
C GLY A 88 -13.01 -2.42 -7.32
N PHE A 89 -11.91 -1.68 -7.15
CA PHE A 89 -10.87 -1.59 -8.18
C PHE A 89 -9.71 -2.48 -7.82
N ILE A 90 -9.83 -3.22 -6.75
CA ILE A 90 -8.79 -4.14 -6.36
C ILE A 90 -8.87 -5.36 -7.24
N SER A 91 -7.76 -5.70 -7.83
CA SER A 91 -7.68 -6.83 -8.67
C SER A 91 -7.20 -7.98 -7.84
N GLU A 92 -8.05 -8.96 -7.62
CA GLU A 92 -7.64 -10.12 -6.86
C GLU A 92 -6.81 -11.11 -7.71
N ASP A 93 -6.60 -10.75 -8.95
CA ASP A 93 -5.68 -11.48 -9.83
C ASP A 93 -4.55 -10.52 -10.11
N LEU A 94 -3.33 -10.91 -9.80
CA LEU A 94 -2.23 -9.95 -9.76
C LEU A 94 -1.22 -10.06 -10.91
N GLU A 95 -0.48 -11.17 -10.96
CA GLU A 95 0.69 -11.28 -11.82
C GLU A 95 0.38 -11.33 -13.31
N GLY A 96 1.30 -10.78 -14.09
CA GLY A 96 1.20 -10.80 -15.52
C GLY A 96 0.79 -9.47 -16.08
N VAL A 97 0.25 -8.62 -15.26
CA VAL A 97 -0.25 -7.34 -15.73
C VAL A 97 0.76 -6.22 -15.46
N ASP A 98 0.94 -5.37 -16.46
CA ASP A 98 1.75 -4.14 -16.36
C ASP A 98 1.17 -3.24 -15.28
N ALA A 99 1.98 -2.85 -14.34
CA ALA A 99 1.53 -2.02 -13.26
C ALA A 99 2.29 -0.71 -13.20
N THR A 100 1.70 0.23 -12.53
CA THR A 100 2.23 1.54 -12.31
C THR A 100 2.41 1.73 -10.81
N LEU A 101 3.51 2.31 -10.43
CA LEU A 101 3.74 2.57 -9.05
C LEU A 101 3.50 4.05 -8.80
N VAL A 102 2.58 4.34 -7.93
CA VAL A 102 2.27 5.70 -7.60
C VAL A 102 2.66 6.02 -6.16
N VAL A 103 3.52 6.99 -6.01
CA VAL A 103 4.00 7.37 -4.70
C VAL A 103 3.77 8.87 -4.45
N HIS A 104 3.45 9.18 -3.21
CA HIS A 104 3.23 10.53 -2.78
C HIS A 104 3.70 10.63 -1.33
N SER A 105 4.94 10.97 -1.16
CA SER A 105 5.54 11.06 0.15
C SER A 105 6.63 12.11 0.09
N ASN A 106 7.33 12.31 1.20
CA ASN A 106 8.43 13.28 1.25
C ASN A 106 9.57 12.88 0.33
N ASN A 107 9.71 11.57 0.13
CA ASN A 107 10.77 10.98 -0.72
C ASN A 107 10.68 11.47 -2.16
N PHE A 108 9.45 11.73 -2.62
CA PHE A 108 9.20 12.24 -3.94
C PHE A 108 7.70 12.50 -4.05
N THR A 109 7.32 13.68 -4.45
CA THR A 109 5.94 14.03 -4.57
C THR A 109 5.40 13.78 -5.99
N ASN A 110 4.35 12.97 -6.05
CA ASN A 110 3.58 12.70 -7.27
C ASN A 110 4.35 11.99 -8.36
N THR A 111 4.63 10.74 -8.15
CA THR A 111 5.26 9.95 -9.16
C THR A 111 4.31 8.84 -9.60
N ILE A 112 3.94 8.89 -10.85
CA ILE A 112 3.10 7.88 -11.46
C ILE A 112 3.91 7.25 -12.58
N LEU A 113 4.64 6.21 -12.27
CA LEU A 113 5.53 5.60 -13.23
C LEU A 113 5.29 4.12 -13.38
N GLU A 114 5.21 3.69 -14.61
CA GLU A 114 5.02 2.31 -14.98
C GLU A 114 6.25 1.49 -14.57
N VAL A 115 6.03 0.32 -14.00
CA VAL A 115 7.14 -0.52 -13.55
C VAL A 115 7.23 -1.83 -14.33
N GLY A 116 6.24 -2.09 -15.16
CA GLY A 116 6.24 -3.29 -15.94
C GLY A 116 5.28 -4.33 -15.40
N PRO A 117 5.30 -5.55 -15.93
CA PRO A 117 4.41 -6.62 -15.50
C PRO A 117 4.82 -7.19 -14.15
N VAL A 118 3.94 -7.07 -13.18
CA VAL A 118 4.19 -7.58 -11.85
C VAL A 118 4.14 -9.10 -11.84
N THR A 119 4.96 -9.70 -11.02
CA THR A 119 5.10 -11.13 -10.97
C THR A 119 4.88 -11.62 -9.51
N MET A 120 4.38 -12.83 -9.34
CA MET A 120 4.16 -13.38 -8.01
C MET A 120 5.50 -13.72 -7.37
N ALA A 121 5.67 -13.37 -6.12
CA ALA A 121 6.87 -13.73 -5.42
C ALA A 121 6.57 -14.92 -4.53
N GLY A 122 5.41 -14.88 -3.91
CA GLY A 122 5.01 -15.96 -3.06
C GLY A 122 5.31 -15.66 -1.63
N LEU A 123 6.39 -16.21 -1.13
CA LEU A 123 6.83 -15.98 0.22
C LEU A 123 8.33 -15.79 0.19
N ILE A 124 8.76 -14.65 0.60
CA ILE A 124 10.17 -14.29 0.57
C ILE A 124 10.54 -13.75 1.94
N ASN A 125 11.79 -13.76 2.29
CA ASN A 125 12.19 -13.14 3.53
C ASN A 125 13.07 -11.96 3.22
N LEU A 126 12.58 -10.80 3.55
CA LEU A 126 13.32 -9.59 3.34
C LEU A 126 13.87 -9.15 4.67
N SER A 127 15.20 -9.09 4.76
CA SER A 127 15.89 -8.74 6.00
C SER A 127 15.50 -9.78 7.08
N SER A 128 15.42 -11.05 6.63
CA SER A 128 15.08 -12.22 7.43
C SER A 128 13.64 -12.18 7.96
N THR A 129 12.85 -11.26 7.46
CA THR A 129 11.47 -11.18 7.83
C THR A 129 10.64 -11.79 6.69
N PRO A 130 10.07 -12.98 6.90
CA PRO A 130 9.30 -13.67 5.88
C PRO A 130 7.94 -13.01 5.65
N THR A 131 7.70 -12.65 4.45
CA THR A 131 6.46 -12.08 4.06
C THR A 131 5.75 -13.01 3.08
N ASN A 132 4.53 -13.36 3.39
CA ASN A 132 3.75 -14.25 2.53
C ASN A 132 2.79 -13.42 1.72
N ARG A 133 2.36 -13.95 0.56
CA ARG A 133 1.44 -13.28 -0.38
C ARG A 133 2.16 -12.11 -1.00
N MET A 134 3.42 -12.33 -1.22
CA MET A 134 4.30 -11.31 -1.70
C MET A 134 4.23 -11.22 -3.23
N ILE A 135 4.42 -10.04 -3.74
CA ILE A 135 4.44 -9.79 -5.16
C ILE A 135 5.69 -8.97 -5.47
N ARG A 136 6.32 -9.19 -6.60
CA ARG A 136 7.52 -8.47 -6.93
C ARG A 136 7.58 -8.17 -8.41
N TYR A 137 8.43 -7.29 -8.77
CA TYR A 137 8.62 -6.91 -10.14
C TYR A 137 10.07 -6.57 -10.34
N ASP A 138 10.58 -6.80 -11.52
CA ASP A 138 11.97 -6.50 -11.78
C ASP A 138 12.12 -5.07 -12.27
N TYR A 139 12.59 -4.25 -11.38
CA TYR A 139 12.78 -2.84 -11.58
C TYR A 139 13.61 -2.33 -10.42
N ALA A 140 14.60 -1.51 -10.69
CA ALA A 140 15.42 -0.96 -9.65
C ALA A 140 14.70 0.16 -8.94
N THR A 141 14.01 -0.18 -7.92
CA THR A 141 13.27 0.76 -7.15
C THR A 141 13.99 1.04 -5.84
N LYS A 142 13.64 2.13 -5.22
CA LYS A 142 14.18 2.49 -3.94
C LYS A 142 13.29 1.94 -2.86
N THR A 143 13.68 2.13 -1.64
CA THR A 143 12.87 1.74 -0.52
C THR A 143 12.48 3.02 0.22
N GLY A 144 11.55 2.94 1.15
CA GLY A 144 11.09 4.13 1.85
C GLY A 144 9.87 4.70 1.17
N GLN A 145 9.51 4.10 0.06
CA GLN A 145 8.34 4.48 -0.73
C GLN A 145 7.18 3.58 -0.31
N CYS A 146 7.40 2.95 0.82
CA CYS A 146 6.52 1.99 1.41
C CYS A 146 5.16 2.60 1.67
N GLY A 147 4.16 2.06 1.04
CA GLY A 147 2.84 2.61 1.15
C GLY A 147 2.38 3.16 -0.17
N GLY A 148 3.27 3.09 -1.16
CA GLY A 148 2.93 3.49 -2.50
C GLY A 148 1.99 2.49 -3.12
N VAL A 149 1.13 2.93 -3.98
CA VAL A 149 0.13 2.06 -4.55
C VAL A 149 0.60 1.48 -5.87
N LEU A 150 0.62 0.19 -5.94
CA LEU A 150 0.97 -0.53 -7.12
C LEU A 150 -0.34 -0.85 -7.84
N CYS A 151 -0.60 -0.14 -8.90
CA CYS A 151 -1.88 -0.26 -9.55
C CYS A 151 -1.77 -0.09 -11.06
N ALA A 152 -2.84 -0.36 -11.73
CA ALA A 152 -2.97 -0.20 -13.15
C ALA A 152 -4.36 0.35 -13.37
N THR A 153 -4.72 0.61 -14.62
CA THR A 153 -6.04 1.15 -14.94
C THR A 153 -7.19 0.26 -14.38
N GLY A 154 -7.82 0.75 -13.32
CA GLY A 154 -8.94 0.08 -12.68
C GLY A 154 -8.53 -1.17 -11.93
N LYS A 155 -7.25 -1.28 -11.60
CA LYS A 155 -6.73 -2.46 -10.92
C LYS A 155 -5.66 -2.13 -9.92
N ILE A 156 -5.98 -2.18 -8.67
CA ILE A 156 -4.99 -2.03 -7.63
C ILE A 156 -4.50 -3.42 -7.28
N PHE A 157 -3.20 -3.60 -7.28
CA PHE A 157 -2.61 -4.90 -7.00
C PHE A 157 -2.15 -4.98 -5.57
N GLY A 158 -1.61 -3.90 -5.08
CA GLY A 158 -1.15 -3.88 -3.74
C GLY A 158 -0.38 -2.67 -3.40
N ILE A 159 0.41 -2.76 -2.37
CA ILE A 159 1.21 -1.65 -1.93
C ILE A 159 2.67 -2.00 -1.99
N HIS A 160 3.45 -1.02 -2.33
CA HIS A 160 4.89 -1.14 -2.39
C HIS A 160 5.44 -1.15 -0.98
N VAL A 161 6.31 -2.08 -0.69
CA VAL A 161 6.89 -2.18 0.64
C VAL A 161 8.40 -2.00 0.60
N GLY A 162 8.95 -1.93 -0.59
CA GLY A 162 10.36 -1.71 -0.72
C GLY A 162 10.95 -2.35 -1.94
N GLY A 163 12.20 -2.66 -1.89
CA GLY A 163 12.89 -3.23 -3.00
C GLY A 163 14.33 -3.44 -2.67
N ASN A 164 14.98 -4.29 -3.40
CA ASN A 164 16.39 -4.57 -3.20
C ASN A 164 17.01 -5.08 -4.47
N GLY A 165 17.96 -4.35 -4.98
CA GLY A 165 18.63 -4.74 -6.18
C GLY A 165 17.79 -4.41 -7.39
N ARG A 166 17.38 -5.41 -8.12
CA ARG A 166 16.56 -5.21 -9.29
C ARG A 166 15.17 -5.75 -9.06
N GLN A 167 14.89 -6.13 -7.85
CA GLN A 167 13.59 -6.64 -7.52
C GLN A 167 12.88 -5.70 -6.58
N GLY A 168 11.69 -5.32 -6.97
CA GLY A 168 10.90 -4.46 -6.19
C GLY A 168 9.90 -5.26 -5.45
N PHE A 169 9.68 -4.96 -4.22
CA PHE A 169 8.83 -5.78 -3.40
C PHE A 169 7.55 -5.08 -3.01
N SER A 170 6.46 -5.75 -3.16
CA SER A 170 5.18 -5.25 -2.83
C SER A 170 4.33 -6.36 -2.19
N ALA A 171 3.26 -5.99 -1.54
CA ALA A 171 2.37 -6.95 -0.91
C ALA A 171 1.05 -6.99 -1.65
N GLN A 172 0.50 -8.18 -1.85
CA GLN A 172 -0.75 -8.35 -2.58
C GLN A 172 -1.94 -7.93 -1.74
N LEU A 173 -2.64 -6.91 -2.19
CA LEU A 173 -3.82 -6.48 -1.51
C LEU A 173 -5.01 -7.20 -2.06
N LYS A 174 -5.32 -8.31 -1.49
CA LYS A 174 -6.48 -9.02 -1.91
C LYS A 174 -7.68 -8.54 -1.12
N LYS A 175 -8.70 -8.12 -1.84
CA LYS A 175 -9.97 -7.60 -1.30
C LYS A 175 -10.64 -8.52 -0.27
N GLN A 176 -10.22 -9.78 -0.27
CA GLN A 176 -10.70 -10.79 0.67
C GLN A 176 -10.38 -10.40 2.13
N TYR A 177 -9.32 -9.61 2.31
CA TYR A 177 -8.89 -9.19 3.66
C TYR A 177 -9.75 -8.05 4.19
N PHE A 178 -10.43 -7.36 3.31
CA PHE A 178 -11.10 -6.12 3.69
C PHE A 178 -12.58 -6.29 3.94
N VAL A 179 -13.00 -7.50 4.07
CA VAL A 179 -14.37 -7.77 4.36
C VAL A 179 -14.48 -8.51 5.70
N GLU A 180 -15.30 -8.01 6.59
CA GLU A 180 -15.49 -8.60 7.92
C GLU A 180 -16.50 -9.72 7.90
N LYS A 181 -17.24 -9.80 6.83
CA LYS A 181 -18.16 -10.89 6.62
C LYS A 181 -17.49 -11.92 5.72
N GLN A 182 -17.12 -13.06 6.28
CA GLN A 182 -16.53 -14.13 5.50
C GLN A 182 -17.64 -15.02 4.98
N GLY A 1 -0.78 7.49 -20.15
CA GLY A 1 -1.60 6.33 -20.46
C GLY A 1 -2.87 6.34 -19.62
N PRO A 2 -3.75 5.33 -19.76
CA PRO A 2 -4.98 5.24 -18.96
C PRO A 2 -4.63 5.08 -17.48
N ASN A 3 -3.51 4.41 -17.24
CA ASN A 3 -2.97 4.22 -15.90
C ASN A 3 -2.66 5.55 -15.23
N THR A 4 -2.21 6.51 -16.02
CA THR A 4 -1.85 7.81 -15.53
C THR A 4 -3.14 8.59 -15.10
N GLU A 5 -4.20 8.43 -15.87
CA GLU A 5 -5.47 9.09 -15.60
C GLU A 5 -6.14 8.50 -14.37
N PHE A 6 -6.09 7.18 -14.25
CA PHE A 6 -6.62 6.50 -13.09
C PHE A 6 -5.84 6.92 -11.85
N ALA A 7 -4.53 7.00 -11.99
CA ALA A 7 -3.65 7.40 -10.91
C ALA A 7 -3.99 8.80 -10.44
N LEU A 8 -4.21 9.70 -11.38
CA LEU A 8 -4.51 11.10 -11.09
C LEU A 8 -5.80 11.22 -10.25
N SER A 9 -6.84 10.54 -10.69
CA SER A 9 -8.11 10.62 -10.02
C SER A 9 -8.11 9.89 -8.66
N LEU A 10 -7.41 8.76 -8.59
CA LEU A 10 -7.24 7.98 -7.36
C LEU A 10 -6.44 8.80 -6.35
N LEU A 11 -5.36 9.41 -6.83
CA LEU A 11 -4.40 10.21 -6.05
C LEU A 11 -5.08 11.23 -5.17
N ARG A 12 -5.93 12.02 -5.78
CA ARG A 12 -6.56 13.15 -5.10
C ARG A 12 -7.69 12.75 -4.16
N LYS A 13 -8.01 11.47 -4.10
CA LYS A 13 -9.06 11.01 -3.23
C LYS A 13 -8.54 10.10 -2.14
N ASN A 14 -7.83 9.07 -2.54
CA ASN A 14 -7.46 7.99 -1.65
C ASN A 14 -6.02 8.02 -1.21
N ILE A 15 -5.20 8.77 -1.91
CA ILE A 15 -3.80 8.83 -1.56
C ILE A 15 -3.54 9.90 -0.53
N MET A 16 -3.17 9.46 0.63
CA MET A 16 -2.88 10.34 1.73
C MET A 16 -1.42 10.21 2.07
N THR A 17 -0.85 11.23 2.62
CA THR A 17 0.52 11.17 3.06
C THR A 17 0.50 10.96 4.59
N ILE A 18 1.10 9.90 5.07
CA ILE A 18 1.06 9.60 6.49
C ILE A 18 2.43 9.74 7.14
N THR A 19 2.49 10.57 8.16
CA THR A 19 3.67 10.78 8.92
C THR A 19 3.82 9.64 9.95
N THR A 20 4.69 8.72 9.67
CA THR A 20 4.96 7.64 10.57
C THR A 20 6.27 7.92 11.29
N SER A 21 6.79 6.94 11.99
CA SER A 21 8.02 7.10 12.74
C SER A 21 9.22 7.14 11.79
N LYS A 22 9.05 6.63 10.57
CA LYS A 22 10.12 6.66 9.59
C LYS A 22 9.93 7.79 8.58
N GLY A 23 8.91 8.58 8.77
CA GLY A 23 8.70 9.71 7.90
C GLY A 23 7.35 9.70 7.24
N GLU A 24 7.13 10.65 6.37
CA GLU A 24 5.91 10.77 5.63
C GLU A 24 5.96 9.86 4.41
N PHE A 25 5.10 8.89 4.38
CA PHE A 25 5.00 7.96 3.28
C PHE A 25 3.62 8.00 2.71
N THR A 26 3.33 7.14 1.75
CA THR A 26 2.05 7.15 1.14
C THR A 26 1.14 6.18 1.89
N GLY A 27 -0.02 6.64 2.23
CA GLY A 27 -0.99 5.83 2.89
C GLY A 27 -2.21 5.75 2.04
N LEU A 28 -2.66 4.57 1.79
CA LEU A 28 -3.78 4.40 0.91
C LEU A 28 -5.06 4.18 1.71
N GLY A 29 -6.01 5.06 1.51
CA GLY A 29 -7.31 4.90 2.10
C GLY A 29 -8.10 3.95 1.26
N ILE A 30 -8.44 2.81 1.81
CA ILE A 30 -9.10 1.76 1.04
C ILE A 30 -10.60 1.99 0.98
N HIS A 31 -11.22 2.10 2.14
CA HIS A 31 -12.65 2.25 2.22
C HIS A 31 -13.04 2.77 3.57
N ASP A 32 -14.14 3.50 3.64
CA ASP A 32 -14.72 3.98 4.91
C ASP A 32 -13.71 4.76 5.76
N ARG A 33 -13.12 4.13 6.76
CA ARG A 33 -12.10 4.77 7.60
C ARG A 33 -10.84 3.90 7.64
N VAL A 34 -10.78 2.95 6.73
CA VAL A 34 -9.70 1.98 6.65
C VAL A 34 -8.58 2.46 5.73
N CYS A 35 -7.40 2.66 6.28
CA CYS A 35 -6.23 3.07 5.52
C CYS A 35 -5.09 2.08 5.78
N VAL A 36 -4.22 1.89 4.83
CA VAL A 36 -3.15 0.92 4.98
C VAL A 36 -1.77 1.53 4.64
N ILE A 37 -0.76 1.14 5.41
CA ILE A 37 0.62 1.58 5.21
C ILE A 37 1.57 0.49 5.82
N PRO A 38 2.73 0.18 5.19
CA PRO A 38 3.70 -0.85 5.69
C PRO A 38 4.08 -0.73 7.19
N THR A 39 4.26 -1.89 7.81
CA THR A 39 4.55 -2.01 9.23
C THR A 39 5.92 -1.41 9.60
N HIS A 40 6.91 -1.57 8.73
CA HIS A 40 8.28 -1.08 8.97
C HIS A 40 8.40 0.44 9.08
N ALA A 41 7.31 1.13 8.86
CA ALA A 41 7.28 2.57 8.98
C ALA A 41 6.94 2.96 10.42
N GLN A 42 6.38 2.00 11.16
CA GLN A 42 5.92 2.16 12.54
C GLN A 42 4.91 3.30 12.71
N PRO A 43 3.64 3.03 12.49
CA PRO A 43 2.61 4.00 12.73
C PRO A 43 2.24 4.04 14.21
N GLY A 44 2.26 5.22 14.80
CA GLY A 44 1.93 5.36 16.19
C GLY A 44 0.43 5.32 16.43
N ASP A 45 0.03 5.52 17.69
CA ASP A 45 -1.39 5.50 18.05
C ASP A 45 -2.11 6.66 17.44
N ASP A 46 -1.45 7.79 17.38
CA ASP A 46 -1.99 8.95 16.74
C ASP A 46 -0.96 9.52 15.79
N VAL A 47 -1.29 9.46 14.54
CA VAL A 47 -0.40 9.86 13.48
C VAL A 47 -0.83 11.15 12.84
N LEU A 48 -0.04 11.63 11.91
CA LEU A 48 -0.36 12.82 11.19
C LEU A 48 -0.61 12.45 9.75
N VAL A 49 -1.81 12.58 9.32
CA VAL A 49 -2.12 12.30 7.96
C VAL A 49 -2.10 13.60 7.18
N ASN A 50 -0.92 13.92 6.68
CA ASN A 50 -0.62 15.12 5.89
C ASN A 50 -0.93 16.37 6.71
N GLY A 51 -0.77 16.24 8.01
CA GLY A 51 -1.00 17.33 8.91
C GLY A 51 -2.13 17.05 9.86
N GLN A 52 -3.13 16.32 9.39
CA GLN A 52 -4.30 15.98 10.17
C GLN A 52 -3.96 14.98 11.26
N LYS A 53 -4.15 15.37 12.49
CA LYS A 53 -3.91 14.49 13.62
C LYS A 53 -5.04 13.51 13.71
N ILE A 54 -4.73 12.26 13.87
CA ILE A 54 -5.75 11.27 13.99
C ILE A 54 -5.26 10.08 14.79
N ARG A 55 -6.07 9.65 15.73
CA ARG A 55 -5.74 8.50 16.48
C ARG A 55 -6.34 7.29 15.78
N VAL A 56 -5.56 6.27 15.69
CA VAL A 56 -5.95 5.03 15.12
C VAL A 56 -6.77 4.30 16.15
N LYS A 57 -7.99 4.01 15.83
CA LYS A 57 -8.88 3.37 16.74
C LYS A 57 -8.60 1.88 16.70
N ASP A 58 -8.88 1.27 15.58
CA ASP A 58 -8.70 -0.16 15.42
C ASP A 58 -7.44 -0.41 14.63
N LYS A 59 -6.59 -1.23 15.14
CA LYS A 59 -5.36 -1.55 14.48
C LYS A 59 -5.45 -2.93 13.90
N TYR A 60 -5.34 -3.04 12.62
CA TYR A 60 -5.34 -4.31 11.99
C TYR A 60 -4.00 -4.54 11.36
N LYS A 61 -3.15 -5.20 12.09
CA LYS A 61 -1.83 -5.52 11.61
C LYS A 61 -1.93 -6.66 10.62
N LEU A 62 -1.53 -6.41 9.42
CA LEU A 62 -1.63 -7.41 8.41
C LEU A 62 -0.45 -8.31 8.36
N VAL A 63 -0.52 -9.27 9.20
CA VAL A 63 0.37 -10.35 9.29
C VAL A 63 -0.50 -11.55 9.48
N ASP A 64 -0.10 -12.65 8.99
CA ASP A 64 -0.88 -13.84 9.08
C ASP A 64 -0.63 -14.49 10.42
N PRO A 65 -1.69 -14.95 11.12
CA PRO A 65 -1.60 -15.63 12.43
C PRO A 65 -0.53 -16.75 12.50
N GLU A 66 -0.19 -17.35 11.35
CA GLU A 66 0.83 -18.40 11.33
C GLU A 66 2.26 -17.80 11.31
N ASN A 67 2.34 -16.50 11.67
CA ASN A 67 3.60 -15.73 11.82
C ASN A 67 4.22 -15.36 10.50
N ILE A 68 3.42 -15.43 9.49
CA ILE A 68 3.84 -15.07 8.17
C ILE A 68 3.42 -13.62 7.94
N ASN A 69 4.36 -12.78 7.68
CA ASN A 69 4.10 -11.34 7.57
C ASN A 69 3.49 -10.99 6.22
N LEU A 70 2.78 -9.88 6.19
CA LEU A 70 2.34 -9.27 4.93
C LEU A 70 2.91 -7.86 4.88
N GLU A 71 3.47 -7.44 6.04
CA GLU A 71 4.18 -6.16 6.22
C GLU A 71 3.24 -4.94 6.05
N LEU A 72 1.96 -5.16 6.17
CA LEU A 72 1.01 -4.07 6.02
C LEU A 72 0.34 -3.77 7.33
N THR A 73 0.06 -2.54 7.57
CA THR A 73 -0.64 -2.15 8.76
C THR A 73 -1.89 -1.38 8.35
N VAL A 74 -3.01 -1.91 8.70
CA VAL A 74 -4.27 -1.28 8.44
C VAL A 74 -4.68 -0.49 9.64
N LEU A 75 -4.80 0.77 9.45
CA LEU A 75 -5.13 1.68 10.49
C LEU A 75 -6.55 2.11 10.29
N THR A 76 -7.35 1.92 11.28
CA THR A 76 -8.70 2.32 11.22
C THR A 76 -8.81 3.68 11.92
N LEU A 77 -8.80 4.71 11.12
CA LEU A 77 -8.82 6.09 11.61
C LEU A 77 -10.16 6.42 12.19
N ASP A 78 -10.18 7.07 13.32
CA ASP A 78 -11.44 7.47 13.90
C ASP A 78 -11.92 8.78 13.29
N ARG A 79 -12.36 8.67 12.09
CA ARG A 79 -12.83 9.78 11.32
C ARG A 79 -14.20 9.51 10.78
N ASN A 80 -15.08 10.47 10.97
CA ASN A 80 -16.41 10.43 10.39
C ASN A 80 -16.27 10.84 8.93
N GLU A 81 -15.18 11.52 8.65
CA GLU A 81 -14.77 11.91 7.32
C GLU A 81 -14.22 10.68 6.62
N LYS A 82 -14.95 10.19 5.65
CA LYS A 82 -14.61 8.94 5.00
C LYS A 82 -14.05 9.15 3.61
N PHE A 83 -13.55 8.07 3.06
CA PHE A 83 -12.94 8.07 1.74
C PHE A 83 -13.78 7.24 0.77
N ARG A 84 -13.45 7.34 -0.50
CA ARG A 84 -14.09 6.55 -1.55
C ARG A 84 -13.60 5.13 -1.45
N ASP A 85 -14.50 4.18 -1.36
CA ASP A 85 -14.10 2.79 -1.30
C ASP A 85 -13.61 2.30 -2.66
N ILE A 86 -12.34 2.16 -2.78
CA ILE A 86 -11.72 1.67 -4.00
C ILE A 86 -11.50 0.17 -3.91
N ARG A 87 -12.28 -0.43 -3.02
CA ARG A 87 -12.19 -1.85 -2.68
C ARG A 87 -12.51 -2.76 -3.90
N GLY A 88 -13.40 -2.28 -4.74
CA GLY A 88 -13.79 -3.03 -5.91
C GLY A 88 -12.82 -2.89 -7.08
N PHE A 89 -11.76 -2.11 -6.90
CA PHE A 89 -10.76 -1.93 -7.96
C PHE A 89 -9.52 -2.73 -7.67
N ILE A 90 -9.52 -3.42 -6.54
CA ILE A 90 -8.40 -4.23 -6.14
C ILE A 90 -8.28 -5.44 -7.05
N SER A 91 -7.13 -5.60 -7.59
CA SER A 91 -6.85 -6.67 -8.46
C SER A 91 -6.03 -7.67 -7.70
N GLU A 92 -6.65 -8.78 -7.37
CA GLU A 92 -5.95 -9.84 -6.68
C GLU A 92 -5.28 -10.74 -7.72
N ASP A 93 -5.55 -10.42 -8.97
CA ASP A 93 -4.95 -11.05 -10.12
C ASP A 93 -3.76 -10.19 -10.50
N LEU A 94 -2.57 -10.72 -10.40
CA LEU A 94 -1.39 -9.88 -10.53
C LEU A 94 -0.59 -10.13 -11.80
N GLU A 95 -0.07 -11.34 -11.90
CA GLU A 95 0.91 -11.70 -12.91
C GLU A 95 0.43 -11.47 -14.34
N GLY A 96 1.19 -10.67 -15.05
CA GLY A 96 0.89 -10.44 -16.45
C GLY A 96 0.44 -9.01 -16.75
N VAL A 97 0.20 -8.24 -15.72
CA VAL A 97 -0.24 -6.87 -15.93
C VAL A 97 0.86 -5.88 -15.57
N ASP A 98 0.94 -4.79 -16.31
CA ASP A 98 1.92 -3.75 -16.06
C ASP A 98 1.36 -2.79 -15.06
N ALA A 99 2.10 -2.54 -14.01
CA ALA A 99 1.63 -1.69 -12.96
C ALA A 99 2.41 -0.40 -12.89
N THR A 100 1.82 0.56 -12.26
CA THR A 100 2.37 1.84 -12.05
C THR A 100 2.42 2.10 -10.55
N LEU A 101 3.47 2.64 -10.08
CA LEU A 101 3.65 2.90 -8.70
C LEU A 101 3.44 4.39 -8.46
N VAL A 102 2.36 4.71 -7.81
CA VAL A 102 1.99 6.07 -7.54
C VAL A 102 2.26 6.39 -6.09
N VAL A 103 3.16 7.30 -5.86
CA VAL A 103 3.53 7.67 -4.51
C VAL A 103 3.30 9.16 -4.26
N HIS A 104 3.04 9.49 -3.02
CA HIS A 104 2.91 10.85 -2.59
C HIS A 104 3.38 10.89 -1.14
N SER A 105 4.66 10.69 -1.01
CA SER A 105 5.33 10.63 0.25
C SER A 105 5.89 12.04 0.57
N ASN A 106 6.99 12.12 1.31
CA ASN A 106 7.58 13.40 1.63
C ASN A 106 8.24 14.01 0.40
N ASN A 107 9.31 13.38 -0.07
CA ASN A 107 10.06 13.90 -1.24
C ASN A 107 9.39 13.54 -2.54
N PHE A 108 8.85 12.36 -2.63
CA PHE A 108 8.18 11.94 -3.84
C PHE A 108 6.72 12.33 -3.81
N THR A 109 6.45 13.54 -4.23
CA THR A 109 5.10 14.05 -4.26
C THR A 109 4.50 13.90 -5.65
N ASN A 110 3.43 13.10 -5.76
CA ASN A 110 2.69 12.93 -7.04
C ASN A 110 3.61 12.27 -8.07
N THR A 111 4.34 11.29 -7.63
CA THR A 111 5.24 10.61 -8.50
C THR A 111 4.54 9.36 -9.06
N ILE A 112 4.18 9.44 -10.31
CA ILE A 112 3.57 8.34 -11.02
C ILE A 112 4.69 7.65 -11.81
N LEU A 113 5.20 6.57 -11.27
CA LEU A 113 6.32 5.88 -11.87
C LEU A 113 5.91 4.49 -12.32
N GLU A 114 6.09 4.20 -13.58
CA GLU A 114 5.69 2.91 -14.13
C GLU A 114 6.78 1.88 -13.87
N VAL A 115 6.40 0.70 -13.39
CA VAL A 115 7.38 -0.31 -13.03
C VAL A 115 7.41 -1.48 -14.01
N GLY A 116 6.41 -1.60 -14.83
CA GLY A 116 6.38 -2.65 -15.80
C GLY A 116 5.50 -3.81 -15.37
N PRO A 117 5.68 -5.00 -15.94
CA PRO A 117 4.86 -6.18 -15.66
C PRO A 117 5.13 -6.76 -14.27
N VAL A 118 4.08 -6.92 -13.52
CA VAL A 118 4.17 -7.46 -12.19
C VAL A 118 3.88 -8.96 -12.18
N THR A 119 4.37 -9.60 -11.16
CA THR A 119 4.20 -11.01 -10.92
C THR A 119 3.96 -11.23 -9.44
N MET A 120 3.64 -12.43 -9.05
CA MET A 120 3.38 -12.73 -7.67
C MET A 120 4.70 -13.18 -7.04
N ALA A 121 5.09 -12.60 -5.92
CA ALA A 121 6.37 -12.87 -5.30
C ALA A 121 6.33 -14.11 -4.45
N GLY A 122 5.24 -14.28 -3.78
CA GLY A 122 5.12 -15.38 -2.88
C GLY A 122 5.74 -15.07 -1.57
N LEU A 123 6.92 -15.61 -1.36
CA LEU A 123 7.63 -15.45 -0.13
C LEU A 123 8.88 -14.62 -0.30
N ILE A 124 9.03 -13.70 0.59
CA ILE A 124 10.25 -12.97 0.77
C ILE A 124 10.59 -13.12 2.24
N ASN A 125 11.79 -13.51 2.54
CA ASN A 125 12.13 -13.82 3.90
C ASN A 125 13.12 -12.84 4.46
N LEU A 126 12.77 -12.28 5.58
CA LEU A 126 13.64 -11.36 6.29
C LEU A 126 14.11 -12.04 7.54
N SER A 127 15.29 -12.61 7.48
CA SER A 127 15.91 -13.34 8.58
C SER A 127 15.00 -14.48 9.08
N SER A 128 14.79 -15.47 8.20
CA SER A 128 13.97 -16.67 8.45
C SER A 128 12.46 -16.32 8.65
N THR A 129 12.13 -15.05 8.65
CA THR A 129 10.78 -14.63 8.87
C THR A 129 10.11 -14.41 7.51
N PRO A 130 9.12 -15.23 7.20
CA PRO A 130 8.47 -15.20 5.92
C PRO A 130 7.42 -14.10 5.79
N THR A 131 7.41 -13.47 4.67
CA THR A 131 6.40 -12.52 4.31
C THR A 131 5.76 -13.08 3.03
N ASN A 132 4.48 -13.42 3.08
CA ASN A 132 3.81 -14.08 1.95
C ASN A 132 2.73 -13.18 1.37
N ARG A 133 2.29 -13.51 0.13
CA ARG A 133 1.22 -12.81 -0.61
C ARG A 133 1.74 -11.46 -1.11
N MET A 134 3.03 -11.45 -1.33
CA MET A 134 3.74 -10.29 -1.82
C MET A 134 3.73 -10.29 -3.34
N ILE A 135 3.92 -9.13 -3.91
CA ILE A 135 3.94 -8.97 -5.35
C ILE A 135 5.34 -8.49 -5.81
N ARG A 136 5.80 -9.06 -6.90
CA ARG A 136 7.16 -8.90 -7.40
C ARG A 136 7.20 -8.23 -8.77
N TYR A 137 8.15 -7.35 -8.95
CA TYR A 137 8.43 -6.76 -10.24
C TYR A 137 9.91 -6.42 -10.33
N ASP A 138 10.46 -6.50 -11.52
CA ASP A 138 11.88 -6.18 -11.72
C ASP A 138 12.01 -4.73 -12.13
N TYR A 139 12.40 -3.93 -11.21
CA TYR A 139 12.61 -2.52 -11.39
C TYR A 139 13.34 -2.04 -10.17
N ALA A 140 14.47 -1.42 -10.37
CA ALA A 140 15.26 -0.91 -9.29
C ALA A 140 14.57 0.30 -8.67
N THR A 141 13.83 0.03 -7.65
CA THR A 141 13.07 1.03 -6.94
C THR A 141 13.99 1.81 -5.98
N LYS A 142 13.45 2.80 -5.33
CA LYS A 142 14.20 3.64 -4.41
C LYS A 142 13.56 3.53 -3.04
N THR A 143 14.33 3.80 -2.01
CA THR A 143 13.78 3.84 -0.69
C THR A 143 13.00 5.15 -0.53
N GLY A 144 11.70 5.05 -0.37
CA GLY A 144 10.87 6.22 -0.28
C GLY A 144 9.53 5.98 -0.94
N GLN A 145 9.45 4.92 -1.73
CA GLN A 145 8.19 4.52 -2.37
C GLN A 145 7.31 3.71 -1.42
N CYS A 146 7.69 3.69 -0.15
CA CYS A 146 6.97 2.96 0.87
C CYS A 146 5.51 3.45 0.94
N GLY A 147 4.60 2.53 0.76
CA GLY A 147 3.20 2.86 0.81
C GLY A 147 2.68 3.33 -0.53
N GLY A 148 3.48 3.18 -1.56
CA GLY A 148 3.09 3.60 -2.88
C GLY A 148 2.06 2.70 -3.48
N VAL A 149 1.08 3.29 -4.10
CA VAL A 149 -0.03 2.55 -4.68
C VAL A 149 0.38 1.95 -6.01
N LEU A 150 0.56 0.66 -5.99
CA LEU A 150 0.92 -0.07 -7.16
C LEU A 150 -0.37 -0.43 -7.87
N CYS A 151 -0.65 0.28 -8.91
CA CYS A 151 -1.90 0.14 -9.59
C CYS A 151 -1.75 0.39 -11.08
N ALA A 152 -2.76 0.06 -11.81
CA ALA A 152 -2.87 0.30 -13.20
C ALA A 152 -4.29 0.76 -13.43
N THR A 153 -4.70 0.96 -14.66
CA THR A 153 -6.03 1.50 -14.94
C THR A 153 -7.16 0.54 -14.46
N GLY A 154 -7.72 0.89 -13.30
CA GLY A 154 -8.79 0.13 -12.69
C GLY A 154 -8.27 -1.10 -11.97
N LYS A 155 -6.98 -1.18 -11.81
CA LYS A 155 -6.36 -2.38 -11.24
C LYS A 155 -5.43 -1.98 -10.10
N ILE A 156 -5.87 -2.07 -8.87
CA ILE A 156 -4.98 -1.78 -7.75
C ILE A 156 -4.47 -3.08 -7.20
N PHE A 157 -3.18 -3.28 -7.26
CA PHE A 157 -2.59 -4.54 -6.84
C PHE A 157 -2.23 -4.49 -5.37
N GLY A 158 -1.73 -3.37 -4.94
CA GLY A 158 -1.36 -3.22 -3.58
C GLY A 158 -0.49 -2.04 -3.38
N ILE A 159 0.33 -2.07 -2.37
CA ILE A 159 1.20 -0.96 -2.09
C ILE A 159 2.64 -1.44 -1.92
N HIS A 160 3.56 -0.62 -2.34
CA HIS A 160 4.98 -0.92 -2.27
C HIS A 160 5.48 -0.94 -0.84
N VAL A 161 6.23 -1.95 -0.54
CA VAL A 161 6.82 -2.11 0.75
C VAL A 161 8.27 -1.65 0.68
N GLY A 162 9.09 -2.42 0.02
CA GLY A 162 10.48 -2.11 -0.07
C GLY A 162 11.16 -3.04 -1.02
N GLY A 163 11.85 -2.48 -1.96
CA GLY A 163 12.55 -3.27 -2.92
C GLY A 163 13.97 -3.50 -2.53
N ASN A 164 14.51 -4.58 -2.99
CA ASN A 164 15.86 -4.94 -2.68
C ASN A 164 16.57 -5.31 -3.95
N GLY A 165 17.34 -4.39 -4.46
CA GLY A 165 18.07 -4.60 -5.68
C GLY A 165 17.21 -4.29 -6.87
N ARG A 166 17.04 -5.26 -7.72
CA ARG A 166 16.22 -5.11 -8.90
C ARG A 166 14.80 -5.53 -8.61
N GLN A 167 14.60 -6.17 -7.50
CA GLN A 167 13.30 -6.69 -7.20
C GLN A 167 12.55 -5.76 -6.27
N GLY A 168 11.52 -5.17 -6.80
CA GLY A 168 10.68 -4.33 -6.02
C GLY A 168 9.61 -5.16 -5.38
N PHE A 169 9.57 -5.16 -4.07
CA PHE A 169 8.62 -5.97 -3.36
C PHE A 169 7.51 -5.12 -2.79
N SER A 170 6.34 -5.36 -3.26
CA SER A 170 5.17 -4.72 -2.79
C SER A 170 4.25 -5.78 -2.19
N ALA A 171 3.23 -5.39 -1.47
CA ALA A 171 2.35 -6.37 -0.85
C ALA A 171 0.98 -6.33 -1.51
N GLN A 172 0.37 -7.49 -1.67
CA GLN A 172 -0.92 -7.57 -2.31
C GLN A 172 -1.98 -7.53 -1.23
N LEU A 173 -2.68 -6.44 -1.18
CA LEU A 173 -3.73 -6.28 -0.23
C LEU A 173 -5.04 -6.92 -0.74
N LYS A 174 -5.20 -8.17 -0.39
CA LYS A 174 -6.33 -8.95 -0.84
C LYS A 174 -7.66 -8.41 -0.32
N LYS A 175 -8.68 -8.59 -1.12
CA LYS A 175 -10.01 -8.09 -0.83
C LYS A 175 -10.62 -8.78 0.38
N GLN A 176 -10.12 -9.97 0.67
CA GLN A 176 -10.58 -10.78 1.80
C GLN A 176 -10.21 -10.16 3.15
N TYR A 177 -9.38 -9.13 3.13
CA TYR A 177 -9.04 -8.42 4.36
C TYR A 177 -9.96 -7.23 4.53
N PHE A 178 -10.55 -6.81 3.43
CA PHE A 178 -11.35 -5.61 3.42
C PHE A 178 -12.82 -5.92 3.39
N VAL A 179 -13.14 -7.18 3.38
CA VAL A 179 -14.49 -7.64 3.46
C VAL A 179 -14.62 -8.40 4.76
N GLU A 180 -15.58 -8.04 5.57
CA GLU A 180 -15.76 -8.64 6.88
C GLU A 180 -16.10 -10.13 6.77
N LYS A 181 -16.94 -10.47 5.82
CA LYS A 181 -17.34 -11.86 5.62
C LYS A 181 -16.29 -12.55 4.79
N GLN A 182 -15.68 -13.57 5.34
CA GLN A 182 -14.63 -14.26 4.64
C GLN A 182 -15.10 -15.68 4.35
N GLY A 1 -0.75 6.58 -19.18
CA GLY A 1 -1.94 6.07 -19.87
C GLY A 1 -3.08 5.91 -18.90
N PRO A 2 -4.08 5.04 -19.22
CA PRO A 2 -5.24 4.76 -18.34
C PRO A 2 -4.84 4.42 -16.89
N ASN A 3 -3.71 3.75 -16.72
CA ASN A 3 -3.17 3.42 -15.38
C ASN A 3 -2.88 4.68 -14.60
N THR A 4 -2.07 5.54 -15.20
CA THR A 4 -1.66 6.80 -14.63
C THR A 4 -2.90 7.68 -14.36
N GLU A 5 -3.85 7.60 -15.28
CA GLU A 5 -5.13 8.30 -15.20
C GLU A 5 -5.88 7.92 -13.92
N PHE A 6 -6.09 6.61 -13.74
CA PHE A 6 -6.77 6.08 -12.56
C PHE A 6 -6.02 6.48 -11.31
N ALA A 7 -4.72 6.30 -11.34
CA ALA A 7 -3.84 6.61 -10.24
C ALA A 7 -3.91 8.09 -9.84
N LEU A 8 -4.08 8.96 -10.83
CA LEU A 8 -4.13 10.39 -10.60
C LEU A 8 -5.45 10.78 -9.90
N SER A 9 -6.54 10.13 -10.28
CA SER A 9 -7.84 10.41 -9.67
C SER A 9 -7.86 9.81 -8.24
N LEU A 10 -7.17 8.69 -8.10
CA LEU A 10 -7.03 8.01 -6.81
C LEU A 10 -6.18 8.85 -5.86
N LEU A 11 -5.11 9.41 -6.41
CA LEU A 11 -4.14 10.22 -5.72
C LEU A 11 -4.79 11.30 -4.88
N ARG A 12 -5.62 12.10 -5.52
CA ARG A 12 -6.22 13.26 -4.88
C ARG A 12 -7.41 12.88 -4.00
N LYS A 13 -7.57 11.62 -3.72
CA LYS A 13 -8.68 11.19 -2.91
C LYS A 13 -8.21 10.29 -1.74
N ASN A 14 -7.66 9.13 -2.06
CA ASN A 14 -7.32 8.14 -1.02
C ASN A 14 -5.85 8.08 -0.71
N ILE A 15 -5.05 8.84 -1.42
CA ILE A 15 -3.63 8.81 -1.18
C ILE A 15 -3.25 10.01 -0.32
N MET A 16 -2.44 9.78 0.69
CA MET A 16 -2.10 10.81 1.66
C MET A 16 -0.74 10.52 2.30
N THR A 17 0.01 11.56 2.61
CA THR A 17 1.31 11.40 3.23
C THR A 17 1.09 11.18 4.72
N ILE A 18 1.49 10.06 5.21
CA ILE A 18 1.36 9.80 6.60
C ILE A 18 2.71 9.89 7.28
N THR A 19 2.82 10.85 8.14
CA THR A 19 4.00 11.10 8.89
C THR A 19 4.00 10.17 10.08
N THR A 20 4.69 9.08 9.95
CA THR A 20 4.77 8.10 10.98
C THR A 20 5.97 8.39 11.85
N SER A 21 6.30 7.49 12.71
CA SER A 21 7.42 7.67 13.57
C SER A 21 8.73 7.30 12.86
N LYS A 22 8.62 6.61 11.72
CA LYS A 22 9.81 6.17 10.99
C LYS A 22 10.12 7.15 9.85
N GLY A 23 9.12 7.88 9.39
CA GLY A 23 9.32 8.84 8.32
C GLY A 23 8.00 9.27 7.75
N GLU A 24 8.00 9.69 6.51
CA GLU A 24 6.77 10.08 5.85
C GLU A 24 6.55 9.19 4.66
N PHE A 25 5.53 8.39 4.73
CA PHE A 25 5.22 7.43 3.71
C PHE A 25 3.82 7.74 3.20
N THR A 26 3.27 6.93 2.36
CA THR A 26 1.96 7.20 1.91
C THR A 26 1.01 6.14 2.41
N GLY A 27 -0.12 6.59 2.85
CA GLY A 27 -1.11 5.71 3.33
C GLY A 27 -2.21 5.64 2.35
N LEU A 28 -2.69 4.46 2.11
CA LEU A 28 -3.77 4.27 1.20
C LEU A 28 -5.04 4.00 1.96
N GLY A 29 -6.01 4.86 1.79
CA GLY A 29 -7.30 4.64 2.36
C GLY A 29 -8.00 3.58 1.55
N ILE A 30 -8.56 2.60 2.19
CA ILE A 30 -9.20 1.53 1.47
C ILE A 30 -10.68 1.78 1.35
N HIS A 31 -11.33 1.91 2.47
CA HIS A 31 -12.76 2.17 2.50
C HIS A 31 -13.14 2.69 3.86
N ASP A 32 -14.13 3.55 3.89
CA ASP A 32 -14.65 4.18 5.12
C ASP A 32 -13.52 4.90 5.88
N ARG A 33 -12.93 4.23 6.85
CA ARG A 33 -11.87 4.81 7.63
C ARG A 33 -10.71 3.80 7.73
N VAL A 34 -10.80 2.76 6.94
CA VAL A 34 -9.82 1.69 6.93
C VAL A 34 -8.67 2.10 6.00
N CYS A 35 -7.48 2.22 6.55
CA CYS A 35 -6.32 2.65 5.77
C CYS A 35 -5.14 1.71 6.02
N VAL A 36 -4.32 1.51 5.00
CA VAL A 36 -3.18 0.59 5.11
C VAL A 36 -1.84 1.33 5.13
N ILE A 37 -0.98 0.92 6.05
CA ILE A 37 0.38 1.43 6.23
C ILE A 37 1.30 0.23 6.50
N PRO A 38 2.54 0.22 5.96
CA PRO A 38 3.51 -0.84 6.26
C PRO A 38 3.81 -0.94 7.77
N THR A 39 4.06 -2.13 8.23
CA THR A 39 4.30 -2.40 9.62
C THR A 39 5.67 -1.82 10.03
N HIS A 40 6.61 -1.85 9.08
CA HIS A 40 7.94 -1.29 9.31
C HIS A 40 7.93 0.25 9.23
N ALA A 41 6.79 0.82 8.88
CA ALA A 41 6.67 2.27 8.77
C ALA A 41 6.42 2.89 10.12
N GLN A 42 6.03 2.05 11.08
CA GLN A 42 5.81 2.44 12.50
C GLN A 42 4.75 3.55 12.65
N PRO A 43 3.47 3.18 12.65
CA PRO A 43 2.38 4.12 12.82
C PRO A 43 2.12 4.42 14.31
N GLY A 44 1.09 5.18 14.59
CA GLY A 44 0.79 5.53 15.95
C GLY A 44 -0.69 5.44 16.21
N ASP A 45 -1.09 5.72 17.44
CA ASP A 45 -2.53 5.70 17.80
C ASP A 45 -3.18 7.00 17.41
N ASP A 46 -2.37 7.98 17.19
CA ASP A 46 -2.76 9.22 16.59
C ASP A 46 -1.62 9.58 15.71
N VAL A 47 -1.87 10.01 14.53
CA VAL A 47 -0.81 10.18 13.58
C VAL A 47 -1.02 11.43 12.74
N LEU A 48 0.07 12.02 12.32
CA LEU A 48 0.07 13.20 11.48
C LEU A 48 -0.05 12.82 10.04
N VAL A 49 -1.14 13.12 9.44
CA VAL A 49 -1.30 12.88 8.03
C VAL A 49 -0.95 14.15 7.28
N ASN A 50 0.36 14.32 7.08
CA ASN A 50 0.97 15.45 6.35
C ASN A 50 0.82 16.78 7.15
N GLY A 51 0.17 16.69 8.29
CA GLY A 51 -0.06 17.82 9.13
C GLY A 51 -1.34 17.67 9.93
N GLN A 52 -2.33 17.03 9.34
CA GLN A 52 -3.58 16.80 10.06
C GLN A 52 -3.40 15.61 10.97
N LYS A 53 -3.39 15.80 12.28
CA LYS A 53 -3.33 14.63 13.11
C LYS A 53 -4.69 14.01 13.18
N ILE A 54 -4.72 12.74 13.08
CA ILE A 54 -5.93 12.00 13.09
C ILE A 54 -5.80 10.89 14.13
N ARG A 55 -6.91 10.48 14.71
CA ARG A 55 -6.90 9.44 15.72
C ARG A 55 -7.10 8.09 15.07
N VAL A 56 -6.44 7.09 15.58
CA VAL A 56 -6.59 5.74 15.10
C VAL A 56 -7.32 4.93 16.17
N LYS A 57 -8.34 4.22 15.77
CA LYS A 57 -9.10 3.38 16.69
C LYS A 57 -8.36 2.09 17.01
N ASP A 58 -8.44 1.13 16.10
CA ASP A 58 -7.77 -0.14 16.31
C ASP A 58 -6.68 -0.27 15.29
N LYS A 59 -5.58 -0.80 15.69
CA LYS A 59 -4.46 -0.99 14.82
C LYS A 59 -4.37 -2.44 14.46
N TYR A 60 -4.97 -2.80 13.36
CA TYR A 60 -5.00 -4.16 12.92
C TYR A 60 -3.70 -4.50 12.24
N LYS A 61 -2.78 -5.04 12.99
CA LYS A 61 -1.53 -5.47 12.40
C LYS A 61 -1.84 -6.77 11.68
N LEU A 62 -2.11 -6.67 10.42
CA LEU A 62 -2.57 -7.77 9.66
C LEU A 62 -1.38 -8.55 9.15
N VAL A 63 -1.16 -9.65 9.80
CA VAL A 63 -0.12 -10.55 9.43
C VAL A 63 -0.75 -11.89 9.16
N ASP A 64 0.04 -12.85 8.80
CA ASP A 64 -0.47 -14.17 8.55
C ASP A 64 -0.67 -14.83 9.89
N PRO A 65 -1.76 -15.59 10.08
CA PRO A 65 -2.05 -16.31 11.33
C PRO A 65 -0.90 -17.22 11.83
N GLU A 66 0.01 -17.62 10.93
CA GLU A 66 1.16 -18.44 11.31
C GLU A 66 2.29 -17.52 11.83
N ASN A 67 1.97 -16.23 11.95
CA ASN A 67 2.89 -15.17 12.43
C ASN A 67 3.87 -14.74 11.38
N ILE A 68 3.63 -15.16 10.17
CA ILE A 68 4.42 -14.76 9.05
C ILE A 68 4.00 -13.35 8.68
N ASN A 69 4.92 -12.54 8.23
CA ASN A 69 4.64 -11.16 7.96
C ASN A 69 3.75 -10.99 6.76
N LEU A 70 2.87 -10.02 6.85
CA LEU A 70 2.07 -9.62 5.71
C LEU A 70 2.41 -8.18 5.39
N GLU A 71 3.04 -7.52 6.39
CA GLU A 71 3.55 -6.14 6.31
C GLU A 71 2.43 -5.08 6.38
N LEU A 72 1.21 -5.47 6.17
CA LEU A 72 0.07 -4.55 6.18
C LEU A 72 -0.41 -4.25 7.60
N THR A 73 -0.24 -3.01 8.03
CA THR A 73 -0.87 -2.58 9.23
C THR A 73 -2.10 -1.81 8.80
N VAL A 74 -3.24 -2.30 9.17
CA VAL A 74 -4.47 -1.68 8.81
C VAL A 74 -4.91 -0.79 9.96
N LEU A 75 -4.80 0.47 9.77
CA LEU A 75 -5.13 1.42 10.77
C LEU A 75 -6.57 1.82 10.61
N THR A 76 -7.29 1.82 11.68
CA THR A 76 -8.61 2.35 11.65
C THR A 76 -8.47 3.85 11.85
N LEU A 77 -8.13 4.52 10.77
CA LEU A 77 -7.87 5.93 10.78
C LEU A 77 -9.22 6.61 10.89
N ASP A 78 -9.53 7.09 12.07
CA ASP A 78 -10.88 7.54 12.35
C ASP A 78 -11.20 8.85 11.69
N ARG A 79 -11.61 8.76 10.46
CA ARG A 79 -12.00 9.88 9.65
C ARG A 79 -13.51 9.99 9.64
N ASN A 80 -14.01 11.13 10.01
CA ASN A 80 -15.45 11.39 9.92
C ASN A 80 -15.78 11.59 8.47
N GLU A 81 -14.83 12.20 7.77
CA GLU A 81 -14.88 12.37 6.35
C GLU A 81 -14.17 11.19 5.73
N LYS A 82 -14.95 10.21 5.37
CA LYS A 82 -14.46 8.93 4.91
C LYS A 82 -13.89 8.97 3.49
N PHE A 83 -13.10 7.98 3.18
CA PHE A 83 -12.46 7.88 1.88
C PHE A 83 -13.32 7.09 0.91
N ARG A 84 -12.89 7.08 -0.33
CA ARG A 84 -13.56 6.37 -1.40
C ARG A 84 -13.31 4.88 -1.23
N ASP A 85 -14.32 4.07 -1.42
CA ASP A 85 -14.13 2.63 -1.35
C ASP A 85 -13.35 2.16 -2.55
N ILE A 86 -12.08 2.02 -2.41
CA ILE A 86 -11.28 1.54 -3.51
C ILE A 86 -11.11 0.05 -3.41
N ARG A 87 -11.94 -0.50 -2.55
CA ARG A 87 -11.96 -1.91 -2.25
C ARG A 87 -12.61 -2.66 -3.40
N GLY A 88 -13.54 -1.97 -4.05
CA GLY A 88 -14.16 -2.50 -5.23
C GLY A 88 -13.24 -2.45 -6.45
N PHE A 89 -12.07 -1.84 -6.30
CA PHE A 89 -11.11 -1.76 -7.40
C PHE A 89 -9.90 -2.63 -7.12
N ILE A 90 -9.93 -3.36 -6.02
CA ILE A 90 -8.82 -4.23 -5.69
C ILE A 90 -8.83 -5.45 -6.59
N SER A 91 -7.70 -5.66 -7.21
CA SER A 91 -7.51 -6.79 -8.05
C SER A 91 -6.43 -7.62 -7.39
N GLU A 92 -6.81 -8.72 -6.82
CA GLU A 92 -5.85 -9.59 -6.21
C GLU A 92 -5.29 -10.58 -7.22
N ASP A 93 -5.85 -10.57 -8.41
CA ASP A 93 -5.27 -11.28 -9.53
C ASP A 93 -4.24 -10.34 -10.13
N LEU A 94 -3.00 -10.65 -9.89
CA LEU A 94 -1.92 -9.71 -10.09
C LEU A 94 -1.15 -9.91 -11.39
N GLU A 95 -0.67 -11.13 -11.59
CA GLU A 95 0.32 -11.43 -12.63
C GLU A 95 -0.12 -11.10 -14.06
N GLY A 96 0.78 -10.48 -14.79
CA GLY A 96 0.57 -10.21 -16.17
C GLY A 96 0.31 -8.75 -16.46
N VAL A 97 -0.44 -8.12 -15.60
CA VAL A 97 -0.86 -6.74 -15.81
C VAL A 97 0.31 -5.76 -15.61
N ASP A 98 0.34 -4.71 -16.41
CA ASP A 98 1.32 -3.65 -16.26
C ASP A 98 0.89 -2.76 -15.14
N ALA A 99 1.71 -2.64 -14.15
CA ALA A 99 1.36 -1.88 -13.00
C ALA A 99 2.06 -0.55 -12.99
N THR A 100 1.47 0.35 -12.30
CA THR A 100 1.96 1.66 -12.14
C THR A 100 2.04 1.98 -10.66
N LEU A 101 3.15 2.49 -10.25
CA LEU A 101 3.40 2.76 -8.87
C LEU A 101 3.24 4.24 -8.60
N VAL A 102 2.42 4.55 -7.62
CA VAL A 102 2.25 5.90 -7.20
C VAL A 102 3.19 6.16 -6.04
N VAL A 103 4.19 6.91 -6.31
CA VAL A 103 5.20 7.24 -5.36
C VAL A 103 4.82 8.57 -4.70
N HIS A 104 4.42 8.48 -3.45
CA HIS A 104 3.96 9.62 -2.69
C HIS A 104 4.63 9.59 -1.31
N SER A 105 5.29 10.67 -0.97
CA SER A 105 6.02 10.83 0.25
C SER A 105 6.53 12.28 0.28
N ASN A 106 7.31 12.61 1.27
CA ASN A 106 7.89 13.93 1.42
C ASN A 106 9.20 13.98 0.65
N ASN A 107 9.70 12.81 0.29
CA ASN A 107 10.93 12.69 -0.49
C ASN A 107 10.61 12.57 -1.97
N PHE A 108 9.44 12.10 -2.27
CA PHE A 108 8.97 11.94 -3.64
C PHE A 108 7.49 12.24 -3.63
N THR A 109 7.11 13.38 -4.08
CA THR A 109 5.74 13.77 -3.96
C THR A 109 4.97 13.68 -5.29
N ASN A 110 4.03 12.72 -5.35
CA ASN A 110 3.03 12.62 -6.45
C ASN A 110 3.64 12.15 -7.76
N THR A 111 4.63 11.32 -7.66
CA THR A 111 5.31 10.79 -8.81
C THR A 111 4.67 9.45 -9.21
N ILE A 112 3.97 9.43 -10.32
CA ILE A 112 3.34 8.21 -10.80
C ILE A 112 4.23 7.64 -11.92
N LEU A 113 4.62 6.40 -11.79
CA LEU A 113 5.49 5.80 -12.78
C LEU A 113 5.09 4.37 -13.06
N GLU A 114 4.93 4.03 -14.33
CA GLU A 114 4.66 2.66 -14.71
C GLU A 114 5.90 1.81 -14.46
N VAL A 115 5.73 0.64 -13.89
CA VAL A 115 6.87 -0.20 -13.52
C VAL A 115 7.00 -1.41 -14.43
N GLY A 116 5.94 -1.76 -15.11
CA GLY A 116 5.97 -2.89 -15.99
C GLY A 116 5.02 -3.97 -15.54
N PRO A 117 5.00 -5.12 -16.23
CA PRO A 117 4.15 -6.23 -15.87
C PRO A 117 4.59 -6.87 -14.56
N VAL A 118 3.66 -7.03 -13.66
CA VAL A 118 3.94 -7.60 -12.37
C VAL A 118 3.62 -9.08 -12.33
N THR A 119 4.11 -9.75 -11.31
CA THR A 119 3.82 -11.13 -11.10
C THR A 119 3.83 -11.39 -9.60
N MET A 120 3.14 -12.41 -9.15
CA MET A 120 3.02 -12.67 -7.74
C MET A 120 4.15 -13.59 -7.32
N ALA A 121 4.78 -13.28 -6.21
CA ALA A 121 5.89 -14.07 -5.72
C ALA A 121 5.39 -15.09 -4.71
N GLY A 122 4.33 -14.74 -4.04
CA GLY A 122 3.77 -15.60 -3.04
C GLY A 122 4.33 -15.23 -1.71
N LEU A 123 5.46 -15.79 -1.38
CA LEU A 123 6.14 -15.48 -0.15
C LEU A 123 7.62 -15.36 -0.44
N ILE A 124 8.21 -14.32 0.06
CA ILE A 124 9.60 -14.03 -0.18
C ILE A 124 10.27 -13.72 1.15
N ASN A 125 11.57 -13.89 1.23
CA ASN A 125 12.30 -13.63 2.45
C ASN A 125 13.09 -12.36 2.28
N LEU A 126 12.76 -11.37 3.05
CA LEU A 126 13.45 -10.12 3.02
C LEU A 126 14.38 -10.09 4.20
N SER A 127 15.60 -10.55 3.98
CA SER A 127 16.64 -10.60 5.00
C SER A 127 16.17 -11.34 6.26
N SER A 128 16.04 -12.67 6.15
CA SER A 128 15.61 -13.54 7.26
C SER A 128 14.18 -13.21 7.74
N THR A 129 13.43 -12.47 6.95
CA THR A 129 12.10 -12.11 7.29
C THR A 129 11.12 -12.62 6.24
N PRO A 130 10.32 -13.66 6.57
CA PRO A 130 9.34 -14.20 5.65
C PRO A 130 8.05 -13.36 5.62
N THR A 131 7.64 -13.01 4.44
CA THR A 131 6.45 -12.22 4.25
C THR A 131 5.59 -12.91 3.16
N ASN A 132 4.30 -13.09 3.43
CA ASN A 132 3.37 -13.75 2.50
C ASN A 132 2.57 -12.71 1.73
N ARG A 133 1.96 -13.13 0.60
CA ARG A 133 1.12 -12.27 -0.27
C ARG A 133 1.97 -11.21 -0.95
N MET A 134 3.17 -11.58 -1.28
CA MET A 134 4.10 -10.67 -1.88
C MET A 134 4.07 -10.75 -3.40
N ILE A 135 4.17 -9.61 -4.00
CA ILE A 135 4.18 -9.44 -5.44
C ILE A 135 5.54 -8.85 -5.86
N ARG A 136 6.06 -9.33 -6.95
CA ARG A 136 7.41 -9.00 -7.40
C ARG A 136 7.39 -8.36 -8.78
N TYR A 137 8.28 -7.40 -8.99
CA TYR A 137 8.49 -6.79 -10.30
C TYR A 137 9.91 -6.27 -10.44
N ASP A 138 10.38 -6.22 -11.66
CA ASP A 138 11.72 -5.79 -11.99
C ASP A 138 11.73 -4.28 -12.22
N TYR A 139 12.26 -3.57 -11.25
CA TYR A 139 12.33 -2.12 -11.24
C TYR A 139 13.16 -1.70 -10.04
N ALA A 140 14.09 -0.79 -10.25
CA ALA A 140 14.93 -0.30 -9.18
C ALA A 140 14.16 0.69 -8.36
N THR A 141 13.68 0.22 -7.24
CA THR A 141 12.88 1.01 -6.36
C THR A 141 13.73 1.93 -5.50
N LYS A 142 13.27 3.14 -5.34
CA LYS A 142 13.95 4.12 -4.54
C LYS A 142 13.37 4.07 -3.13
N THR A 143 14.15 3.56 -2.20
CA THR A 143 13.75 3.39 -0.82
C THR A 143 13.22 4.71 -0.20
N GLY A 144 12.04 4.63 0.41
CA GLY A 144 11.44 5.80 1.01
C GLY A 144 9.97 5.90 0.65
N GLN A 145 9.60 5.20 -0.40
CA GLN A 145 8.22 5.19 -0.88
C GLN A 145 7.46 3.94 -0.44
N CYS A 146 7.80 3.47 0.74
CA CYS A 146 7.16 2.32 1.32
C CYS A 146 5.70 2.66 1.61
N GLY A 147 4.81 1.96 0.96
CA GLY A 147 3.41 2.24 1.08
C GLY A 147 2.89 2.83 -0.20
N GLY A 148 3.75 2.87 -1.22
CA GLY A 148 3.36 3.37 -2.53
C GLY A 148 2.31 2.49 -3.18
N VAL A 149 1.31 3.11 -3.74
CA VAL A 149 0.17 2.42 -4.32
C VAL A 149 0.52 1.81 -5.67
N LEU A 150 0.49 0.52 -5.72
CA LEU A 150 0.75 -0.21 -6.94
C LEU A 150 -0.59 -0.50 -7.56
N CYS A 151 -0.89 0.15 -8.64
CA CYS A 151 -2.18 0.03 -9.26
C CYS A 151 -2.10 0.03 -10.77
N ALA A 152 -3.23 -0.08 -11.39
CA ALA A 152 -3.41 -0.06 -12.80
C ALA A 152 -4.79 0.51 -13.04
N THR A 153 -5.17 0.66 -14.28
CA THR A 153 -6.45 1.24 -14.61
C THR A 153 -7.63 0.36 -14.11
N GLY A 154 -8.22 0.78 -13.00
CA GLY A 154 -9.35 0.10 -12.43
C GLY A 154 -8.95 -1.12 -11.61
N LYS A 155 -7.67 -1.17 -11.24
CA LYS A 155 -7.13 -2.30 -10.50
C LYS A 155 -6.07 -1.83 -9.51
N ILE A 156 -6.27 -2.07 -8.26
CA ILE A 156 -5.22 -1.82 -7.28
C ILE A 156 -4.71 -3.17 -6.82
N PHE A 157 -3.41 -3.33 -6.86
CA PHE A 157 -2.78 -4.59 -6.52
C PHE A 157 -2.34 -4.58 -5.07
N GLY A 158 -1.69 -3.52 -4.69
CA GLY A 158 -1.22 -3.42 -3.34
C GLY A 158 -0.33 -2.25 -3.16
N ILE A 159 0.59 -2.38 -2.25
CA ILE A 159 1.51 -1.30 -1.94
C ILE A 159 2.93 -1.82 -1.94
N HIS A 160 3.85 -1.00 -2.43
CA HIS A 160 5.25 -1.37 -2.42
C HIS A 160 5.76 -1.25 -1.01
N VAL A 161 6.34 -2.29 -0.49
CA VAL A 161 6.79 -2.25 0.86
C VAL A 161 8.31 -2.17 0.96
N GLY A 162 9.01 -2.99 0.21
CA GLY A 162 10.44 -2.98 0.29
C GLY A 162 11.05 -3.52 -0.95
N GLY A 163 12.06 -2.88 -1.42
CA GLY A 163 12.69 -3.31 -2.62
C GLY A 163 14.17 -3.20 -2.50
N ASN A 164 14.87 -4.15 -3.01
CA ASN A 164 16.29 -4.16 -2.93
C ASN A 164 16.88 -4.25 -4.31
N GLY A 165 17.83 -3.39 -4.57
CA GLY A 165 18.50 -3.36 -5.84
C GLY A 165 17.58 -3.02 -6.98
N ARG A 166 17.30 -4.00 -7.79
CA ARG A 166 16.49 -3.83 -8.97
C ARG A 166 15.17 -4.56 -8.87
N GLN A 167 14.83 -5.03 -7.70
CA GLN A 167 13.56 -5.73 -7.56
C GLN A 167 12.66 -5.01 -6.59
N GLY A 168 11.45 -4.84 -6.98
CA GLY A 168 10.47 -4.23 -6.14
C GLY A 168 9.54 -5.25 -5.57
N PHE A 169 9.50 -5.34 -4.27
CA PHE A 169 8.64 -6.28 -3.62
C PHE A 169 7.51 -5.54 -2.95
N SER A 170 6.34 -5.81 -3.39
CA SER A 170 5.19 -5.17 -2.88
C SER A 170 4.28 -6.21 -2.24
N ALA A 171 3.34 -5.78 -1.46
CA ALA A 171 2.43 -6.70 -0.82
C ALA A 171 1.04 -6.45 -1.36
N GLN A 172 0.30 -7.52 -1.59
CA GLN A 172 -1.04 -7.40 -2.13
C GLN A 172 -2.06 -7.27 -1.01
N LEU A 173 -2.92 -6.32 -1.15
CA LEU A 173 -3.99 -6.17 -0.21
C LEU A 173 -5.22 -6.87 -0.70
N LYS A 174 -5.30 -8.16 -0.41
CA LYS A 174 -6.42 -8.98 -0.82
C LYS A 174 -7.73 -8.39 -0.35
N LYS A 175 -8.67 -8.35 -1.24
CA LYS A 175 -9.94 -7.71 -1.01
C LYS A 175 -10.77 -8.51 -0.04
N GLN A 176 -10.41 -9.79 0.10
CA GLN A 176 -11.06 -10.71 1.00
C GLN A 176 -10.82 -10.35 2.48
N TYR A 177 -9.93 -9.41 2.74
CA TYR A 177 -9.68 -8.95 4.09
C TYR A 177 -10.61 -7.80 4.45
N PHE A 178 -11.12 -7.14 3.44
CA PHE A 178 -11.92 -5.93 3.63
C PHE A 178 -13.40 -6.16 3.31
N VAL A 179 -13.66 -7.08 2.41
CA VAL A 179 -15.01 -7.37 2.02
C VAL A 179 -15.73 -8.19 3.12
N GLU A 180 -17.02 -8.29 3.00
CA GLU A 180 -17.88 -8.97 3.96
C GLU A 180 -17.77 -10.49 3.78
N LYS A 181 -17.03 -10.89 2.78
CA LYS A 181 -16.78 -12.27 2.48
C LYS A 181 -15.41 -12.66 2.95
N GLN A 182 -15.30 -13.81 3.51
CA GLN A 182 -14.03 -14.35 3.89
C GLN A 182 -13.84 -15.62 3.11
#